data_7EN2
#
_entry.id   7EN2
#
loop_
_entity.id
_entity.type
_entity.pdbx_description
1 polymer 'Dihydroaeruginoic acid synthetase'
2 non-polymer "4'-PHOSPHOPANTETHEINE"
3 non-polymer 'ADENOSINE MONOPHOSPHATE'
#
_entity_poly.entity_id   1
_entity_poly.type   'polypeptide(L)'
_entity_poly.pdbx_seq_one_letter_code
;MDLPPDSRTALRDWLTEQLADLLGEPLADVRALADDDDLLGCGLDSIRLMYLQERLRARGSTLDFAQLAQRPCLGAWLDL
LACADRLSAPATVALPTAQDRDQPFELSSVQQAYWLGRGAGEVLGNVSCHAFLEFRTRDVDPQRLAAAAECVRQRHPMLR
ARFLDGRQQILPTPPLSCFDLQDWRTLQVDEAERDWQALRDWRAHECLAVERGQVFLLGLVRMPGGEDRLWLSLDLLAAD
VESLRLLLAELGVAYLAPERLAEPPALHFADYLAHRAAQRAEAAARARDYWLERLPRLPDAPALPLACAPESIRQPRTRR
LAFQLSAGESRRLERLAAQHGVTLSSVFGCAFALVLARWSESAEFLLNVPLFDRHADDPRIGEVIADFTTLLLLECRMQA
GVSFAEAVKSFQRNLHGAIDHAAFPALEVLREARRQGQPRSAPVVFASNLGEEGFVPAAFRDAFGDLHDMLSQTPQVWLD
HQLYRVGDGILLAWDSVVGLFPEGLPETMFEAYVGLLQRLCDSAWGQPADLPLPWAQQARRALLNGQPACATARTLHRDF
FLRAAEAPDADALLYRDQRVTRGELAERALRIAGGLREAGVRPGDAVEVSLPRGPQQVAAVFGVLAAGACYVPLDIDQPP
ARRRLIEEAAGVCLAITEEDDPQALPPRLDVQRLLRGPALAAPVPLAPQASAYVIYTSGSTGVPKGVEVSHAAAINTIDA
LLDLLRVNASDRLLAVSALDFDLSVFDLFGGLGAGASLVLPAQEQARDAAAWAEAIQRHAVSLWNSAPALLEMALSLPAS
QADYRSLRAVLLSGDWVALDLPGRLRPRCAEGCRLHVLGGATEAGIWSNLQSVDTVPPHWRSIPYGRPLPGQAYRVVDTH
GRDVPDLVVGELWIGGASLARGYRNDPELSARRFVHDAQGRWYRTGDRGRYWGDGTLEFLGRVDQQVKVRGQRIELGEVE
AALCAQAGVESACAAVLGGGVASLGAVLVPRLAPRAEGSMDLPAAQPFAGLAEAEAVLTREILGALLEAPLELDDGLRRR
WLDWLADSAASALPSLDEALRRLGWQAAGLTAMGNALRGLLAGEQAPAALLLDPWLAPQAVAARLPDGREALARLLEALP
TPAAGERLRVAVLDTRAGLWLDQGMASLLRPGLELTLFERSRVLLDAAATRLPERIVVQALDDGLLPAEHLGRYDRVISF
AALHAYEASREGLALAAALLRPQGRLLLVDLLCESPLALLGAALLDDRPLRLAELPSLLADLAAAGLAPRCLWRSERIAL
VEALAPGLGLDAAALQAGLEQRLPQAMRPERLWCLPSLPLNGNGKVDRRRLAESMTRALGECRHEPSAEEPLEAHEQALA
ECWEAVLKRPVRRREASFFSLGGDSLLATRLLAGIRERFGVRLGMADFYRQPTLAGLARHLQVQTVEIEETQLEEGVLHH
HHHHLPSWSHPQFEK
;
_entity_poly.pdbx_strand_id   A,B
#
# COMPACT_ATOMS: atom_id res chain seq x y z
N ALA A 98 47.11 -38.42 -30.14
CA ALA A 98 46.85 -38.65 -28.71
C ALA A 98 47.46 -37.57 -27.81
N GLN A 99 46.62 -36.83 -27.08
CA GLN A 99 47.05 -36.24 -25.79
C GLN A 99 46.93 -37.41 -24.80
N ASP A 100 47.93 -38.31 -24.86
CA ASP A 100 47.74 -39.71 -24.49
C ASP A 100 47.19 -39.94 -23.09
N ARG A 101 46.44 -41.03 -22.95
CA ARG A 101 45.44 -41.28 -21.89
C ARG A 101 45.96 -41.16 -20.46
N ASP A 102 47.27 -41.25 -20.32
CA ASP A 102 48.06 -41.31 -19.09
C ASP A 102 48.96 -40.08 -18.90
N GLN A 103 49.10 -39.23 -19.91
CA GLN A 103 49.85 -37.96 -19.80
C GLN A 103 49.14 -36.96 -18.87
N PRO A 104 49.88 -36.03 -18.27
CA PRO A 104 49.31 -34.79 -17.72
C PRO A 104 48.73 -33.92 -18.84
N PHE A 105 47.55 -33.33 -18.62
CA PHE A 105 46.90 -32.43 -19.58
C PHE A 105 46.14 -31.29 -18.90
N GLU A 106 45.96 -30.21 -19.62
CA GLU A 106 45.38 -28.97 -19.10
C GLU A 106 43.96 -29.17 -18.57
N LEU A 107 43.57 -28.35 -17.59
CA LEU A 107 42.17 -28.24 -17.17
C LEU A 107 41.33 -27.57 -18.26
N SER A 108 40.21 -28.18 -18.61
CA SER A 108 39.13 -27.51 -19.35
C SER A 108 38.72 -26.27 -18.57
N SER A 109 38.29 -25.23 -19.29
CA SER A 109 37.97 -23.90 -18.75
C SER A 109 37.40 -23.95 -17.34
N VAL A 110 36.15 -24.34 -17.17
CA VAL A 110 35.47 -24.33 -15.87
C VAL A 110 36.13 -25.23 -14.82
N GLN A 111 36.83 -26.28 -15.23
CA GLN A 111 37.60 -27.08 -14.29
C GLN A 111 38.67 -26.25 -13.58
N GLN A 112 39.31 -25.31 -14.30
CA GLN A 112 40.22 -24.35 -13.67
C GLN A 112 39.49 -23.54 -12.62
N ALA A 113 38.29 -23.07 -12.92
CA ALA A 113 37.54 -22.19 -12.04
C ALA A 113 37.32 -22.85 -10.68
N TYR A 114 36.73 -24.05 -10.65
CA TYR A 114 36.58 -24.73 -9.37
C TYR A 114 37.87 -25.31 -8.81
N TRP A 115 38.86 -25.66 -9.65
CA TRP A 115 40.18 -26.08 -9.15
C TRP A 115 40.77 -24.95 -8.31
N LEU A 116 40.78 -23.73 -8.83
CA LEU A 116 41.24 -22.55 -8.12
C LEU A 116 40.32 -22.21 -6.95
N GLY A 117 39.08 -22.67 -7.00
CA GLY A 117 38.14 -22.64 -5.90
C GLY A 117 38.55 -23.42 -4.65
N ARG A 118 39.52 -24.33 -4.73
CA ARG A 118 40.16 -24.91 -3.53
C ARG A 118 41.11 -23.96 -2.81
N GLY A 119 41.59 -22.90 -3.46
CA GLY A 119 42.56 -21.97 -2.88
C GLY A 119 42.02 -21.33 -1.60
N ALA A 120 42.76 -21.39 -0.50
CA ALA A 120 42.24 -20.95 0.81
C ALA A 120 41.94 -19.45 0.86
N GLY A 121 42.70 -18.66 0.10
CA GLY A 121 42.49 -17.22 -0.06
C GLY A 121 41.65 -16.82 -1.27
N GLU A 122 41.31 -17.76 -2.15
CA GLU A 122 40.36 -17.48 -3.23
C GLU A 122 39.02 -17.01 -2.64
N VAL A 123 38.32 -16.10 -3.34
CA VAL A 123 37.05 -15.53 -2.90
C VAL A 123 36.03 -16.65 -2.68
N LEU A 124 35.62 -16.84 -1.43
CA LEU A 124 34.73 -17.93 -1.03
C LEU A 124 35.21 -19.29 -1.55
N GLY A 125 36.52 -19.49 -1.54
CA GLY A 125 37.18 -20.69 -2.02
C GLY A 125 37.25 -21.74 -0.92
N ASN A 126 38.43 -22.34 -0.74
CA ASN A 126 38.72 -23.38 0.24
C ASN A 126 37.86 -24.65 0.14
N VAL A 127 37.13 -24.89 -0.95
CA VAL A 127 36.20 -26.03 -1.05
C VAL A 127 36.21 -26.71 -2.41
N SER A 128 35.82 -27.98 -2.38
CA SER A 128 35.86 -28.94 -3.48
C SER A 128 35.23 -28.51 -4.81
N CYS A 129 34.01 -27.98 -4.79
CA CYS A 129 33.08 -28.09 -5.92
C CYS A 129 32.53 -29.52 -6.11
N HIS A 130 32.40 -30.31 -5.03
CA HIS A 130 31.75 -31.60 -5.13
C HIS A 130 30.26 -31.52 -4.88
N ALA A 131 29.55 -32.34 -5.64
CA ALA A 131 28.24 -32.83 -5.28
C ALA A 131 28.41 -33.94 -4.25
N PHE A 132 27.62 -33.91 -3.20
CA PHE A 132 27.38 -35.04 -2.33
C PHE A 132 25.93 -35.45 -2.53
N LEU A 133 25.68 -36.69 -2.86
CA LEU A 133 24.33 -37.26 -2.90
C LEU A 133 24.14 -38.17 -1.72
N GLU A 134 23.00 -38.11 -1.06
CA GLU A 134 22.54 -39.09 -0.09
C GLU A 134 21.31 -39.75 -0.69
N PHE A 135 21.39 -41.06 -0.91
CA PHE A 135 20.23 -41.90 -1.13
C PHE A 135 19.85 -42.60 0.15
N ARG A 136 18.63 -43.12 0.18
CA ARG A 136 18.22 -44.15 1.11
C ARG A 136 17.82 -45.37 0.28
N THR A 137 18.10 -46.55 0.79
CA THR A 137 17.55 -47.81 0.30
C THR A 137 17.54 -48.80 1.46
N ARG A 138 16.92 -49.97 1.31
CA ARG A 138 16.75 -50.91 2.41
C ARG A 138 18.04 -51.68 2.70
N ASP A 139 18.27 -52.75 1.94
CA ASP A 139 19.38 -53.67 2.16
C ASP A 139 20.05 -54.00 0.83
N VAL A 140 21.25 -53.47 0.62
CA VAL A 140 21.99 -53.56 -0.63
C VAL A 140 23.43 -53.98 -0.39
N ASP A 141 23.93 -54.86 -1.24
CA ASP A 141 25.18 -55.57 -0.96
C ASP A 141 26.39 -54.64 -1.00
N PRO A 142 27.10 -54.43 0.11
CA PRO A 142 28.33 -53.66 0.09
C PRO A 142 29.39 -54.22 -0.85
N GLN A 143 29.44 -55.54 -1.09
CA GLN A 143 30.42 -56.10 -2.01
C GLN A 143 30.12 -55.70 -3.46
N ARG A 144 28.87 -55.79 -3.93
CA ARG A 144 28.46 -55.21 -5.21
C ARG A 144 28.80 -53.73 -5.29
N LEU A 145 28.59 -52.95 -4.22
CA LEU A 145 28.87 -51.51 -4.23
C LEU A 145 30.36 -51.20 -4.30
N ALA A 146 31.18 -51.84 -3.47
CA ALA A 146 32.63 -51.76 -3.55
C ALA A 146 33.12 -52.11 -4.96
N ALA A 147 32.63 -53.23 -5.51
CA ALA A 147 32.98 -53.67 -6.84
C ALA A 147 32.49 -52.69 -7.90
N ALA A 148 31.30 -52.14 -7.78
CA ALA A 148 30.76 -51.19 -8.73
C ALA A 148 31.58 -49.89 -8.77
N ALA A 149 31.95 -49.33 -7.61
CA ALA A 149 32.68 -48.07 -7.54
C ALA A 149 34.03 -48.15 -8.25
N GLU A 150 34.77 -49.18 -7.90
CA GLU A 150 36.06 -49.42 -8.51
C GLU A 150 35.94 -50.01 -9.92
N CYS A 151 34.80 -50.61 -10.30
CA CYS A 151 34.52 -50.86 -11.71
C CYS A 151 34.45 -49.53 -12.47
N VAL A 152 33.60 -48.59 -12.05
CA VAL A 152 33.39 -47.38 -12.86
C VAL A 152 34.65 -46.53 -12.89
N ARG A 153 35.44 -46.48 -11.79
CA ARG A 153 36.78 -45.92 -11.88
C ARG A 153 37.63 -46.59 -12.95
N GLN A 154 37.67 -47.91 -13.04
CA GLN A 154 38.50 -48.60 -14.04
C GLN A 154 37.93 -48.51 -15.47
N ARG A 155 36.63 -48.27 -15.61
CA ARG A 155 35.94 -48.04 -16.89
C ARG A 155 36.08 -46.63 -17.42
N HIS A 156 36.16 -45.65 -16.52
CA HIS A 156 36.07 -44.25 -16.88
C HIS A 156 37.25 -43.51 -16.27
N PRO A 157 38.32 -43.28 -17.06
CA PRO A 157 39.58 -42.66 -16.62
C PRO A 157 39.40 -41.34 -15.88
N MET A 158 38.37 -40.58 -16.21
CA MET A 158 38.12 -39.29 -15.59
C MET A 158 37.77 -39.39 -14.10
N LEU A 159 37.15 -40.48 -13.68
CA LEU A 159 36.84 -40.76 -12.28
C LEU A 159 38.08 -41.12 -11.46
N ARG A 160 39.23 -41.35 -12.10
CA ARG A 160 40.52 -41.62 -11.47
C ARG A 160 41.58 -40.58 -11.81
N ALA A 161 41.14 -39.41 -12.27
CA ALA A 161 41.99 -38.27 -12.57
C ALA A 161 42.60 -37.64 -11.30
N ARG A 162 43.92 -37.48 -11.28
CA ARG A 162 44.68 -36.72 -10.27
C ARG A 162 44.79 -35.26 -10.71
N PHE A 163 44.63 -34.34 -9.78
CA PHE A 163 44.65 -32.90 -10.05
C PHE A 163 45.79 -32.27 -9.27
N LEU A 164 46.73 -31.65 -9.97
CA LEU A 164 47.83 -30.88 -9.40
C LEU A 164 48.16 -29.72 -10.34
N ASP A 165 48.74 -28.65 -9.84
CA ASP A 165 49.36 -27.59 -10.67
C ASP A 165 48.48 -26.98 -11.78
N GLY A 166 47.16 -26.93 -11.60
CA GLY A 166 46.23 -26.44 -12.62
C GLY A 166 46.09 -27.36 -13.83
N ARG A 167 46.41 -28.65 -13.67
CA ARG A 167 46.30 -29.71 -14.67
C ARG A 167 45.80 -31.01 -14.07
N GLN A 168 45.34 -31.90 -14.94
CA GLN A 168 44.84 -33.22 -14.59
C GLN A 168 45.70 -34.30 -15.25
N GLN A 169 46.16 -35.28 -14.47
CA GLN A 169 46.95 -36.43 -14.93
C GLN A 169 46.26 -37.67 -14.38
N ILE A 170 46.02 -38.71 -15.18
CA ILE A 170 45.14 -39.80 -14.74
C ILE A 170 45.93 -40.97 -14.17
N LEU A 171 45.56 -41.37 -12.96
CA LEU A 171 46.10 -42.55 -12.30
C LEU A 171 45.52 -43.81 -12.96
N PRO A 172 46.33 -44.79 -13.40
CA PRO A 172 45.81 -46.04 -13.94
C PRO A 172 44.95 -46.79 -12.90
N THR A 173 45.35 -46.73 -11.63
CA THR A 173 44.48 -46.99 -10.48
C THR A 173 44.94 -46.12 -9.28
N PRO A 174 44.07 -45.28 -8.70
CA PRO A 174 44.44 -44.38 -7.61
C PRO A 174 44.90 -45.08 -6.32
N PRO A 175 45.71 -44.42 -5.49
CA PRO A 175 46.19 -44.97 -4.21
C PRO A 175 45.12 -45.03 -3.12
N LEU A 176 43.96 -44.40 -3.33
CA LEU A 176 42.96 -44.13 -2.30
C LEU A 176 41.61 -44.77 -2.65
N SER A 177 40.99 -45.50 -1.71
CA SER A 177 39.79 -46.32 -1.96
C SER A 177 38.56 -45.52 -2.35
N CYS A 178 37.77 -46.05 -3.27
CA CYS A 178 36.64 -45.36 -3.89
C CYS A 178 35.30 -45.55 -3.18
N PHE A 179 35.23 -46.45 -2.20
CA PHE A 179 34.00 -46.75 -1.47
C PHE A 179 34.23 -46.63 0.04
N ASP A 180 33.51 -45.73 0.67
CA ASP A 180 33.50 -45.57 2.12
C ASP A 180 32.34 -46.37 2.73
N LEU A 181 32.57 -47.67 2.90
CA LEU A 181 31.62 -48.50 3.63
C LEU A 181 31.69 -48.19 5.11
N GLN A 182 30.55 -47.79 5.64
CA GLN A 182 30.25 -47.65 7.05
C GLN A 182 29.14 -48.63 7.43
N ASP A 183 29.51 -49.91 7.55
CA ASP A 183 28.62 -51.01 7.89
C ASP A 183 28.18 -50.94 9.36
N TRP A 184 27.28 -50.00 9.65
CA TRP A 184 26.81 -49.70 11.00
C TRP A 184 25.53 -50.46 11.36
N ARG A 185 25.21 -51.57 10.68
CA ARG A 185 24.16 -52.51 11.14
C ARG A 185 24.44 -53.06 12.54
N THR A 186 25.69 -52.96 12.97
CA THR A 186 26.19 -53.26 14.31
C THR A 186 25.74 -52.26 15.39
N LEU A 187 25.58 -50.98 15.08
CA LEU A 187 25.22 -49.94 16.05
C LEU A 187 23.77 -50.07 16.55
N GLN A 188 23.45 -49.25 17.54
CA GLN A 188 22.08 -48.83 17.85
C GLN A 188 21.67 -47.64 16.96
N VAL A 189 20.37 -47.50 16.65
CA VAL A 189 19.85 -46.57 15.63
C VAL A 189 20.13 -45.09 15.90
N ASP A 190 19.90 -44.61 17.11
CA ASP A 190 19.99 -43.19 17.43
C ASP A 190 21.44 -42.75 17.60
N GLU A 191 22.29 -43.63 18.10
CA GLU A 191 23.73 -43.40 18.04
C GLU A 191 24.19 -43.32 16.58
N ALA A 192 23.78 -44.28 15.76
CA ALA A 192 24.11 -44.28 14.34
C ALA A 192 23.61 -43.01 13.64
N GLU A 193 22.44 -42.49 14.00
CA GLU A 193 21.93 -41.25 13.42
C GLU A 193 22.79 -40.06 13.80
N ARG A 194 23.06 -39.89 15.09
CA ARG A 194 23.86 -38.78 15.58
C ARG A 194 25.27 -38.85 15.01
N ASP A 195 25.87 -40.03 14.96
CA ASP A 195 27.15 -40.26 14.30
C ASP A 195 27.07 -40.13 12.78
N TRP A 196 25.93 -40.43 12.17
CA TRP A 196 25.72 -40.16 10.76
C TRP A 196 25.71 -38.66 10.53
N GLN A 197 25.16 -37.86 11.44
CA GLN A 197 25.23 -36.41 11.28
C GLN A 197 26.68 -35.91 11.27
N ALA A 198 27.55 -36.49 12.11
CA ALA A 198 28.96 -36.15 12.06
C ALA A 198 29.59 -36.53 10.72
N LEU A 199 29.27 -37.70 10.19
CA LEU A 199 29.83 -38.17 8.92
C LEU A 199 29.27 -37.37 7.74
N ARG A 200 27.97 -37.11 7.77
CA ARG A 200 27.21 -36.38 6.78
C ARG A 200 27.80 -35.00 6.59
N ASP A 201 27.83 -34.19 7.64
CA ASP A 201 28.38 -32.84 7.55
C ASP A 201 29.79 -32.87 6.96
N TRP A 202 30.69 -33.66 7.55
CA TRP A 202 32.04 -33.81 7.06
C TRP A 202 32.10 -34.19 5.57
N ARG A 203 31.57 -35.36 5.18
CA ARG A 203 31.61 -35.86 3.79
C ARG A 203 30.94 -34.90 2.82
N ALA A 204 29.81 -34.32 3.20
CA ALA A 204 29.06 -33.42 2.34
C ALA A 204 29.72 -32.06 2.17
N HIS A 205 30.46 -31.57 3.18
CA HIS A 205 31.27 -30.35 3.04
C HIS A 205 32.70 -30.62 2.54
N GLU A 206 33.12 -31.89 2.44
CA GLU A 206 34.52 -32.30 2.31
C GLU A 206 35.25 -31.80 1.05
N CYS A 207 36.45 -31.26 1.23
CA CYS A 207 37.39 -31.10 0.13
C CYS A 207 37.94 -32.48 -0.29
N LEU A 208 37.34 -33.10 -1.31
CA LEU A 208 37.71 -34.45 -1.78
C LEU A 208 39.15 -34.51 -2.31
N ALA A 209 39.87 -35.61 -2.10
CA ALA A 209 41.31 -35.73 -2.38
C ALA A 209 41.65 -35.95 -3.87
N VAL A 210 41.26 -34.99 -4.69
CA VAL A 210 41.48 -34.99 -6.14
C VAL A 210 42.95 -35.04 -6.53
N GLU A 211 43.87 -34.65 -5.67
CA GLU A 211 45.30 -34.82 -5.92
C GLU A 211 45.69 -36.29 -5.93
N ARG A 212 44.98 -37.12 -5.17
CA ARG A 212 45.20 -38.56 -5.04
C ARG A 212 44.23 -39.38 -5.88
N GLY A 213 43.67 -38.78 -6.93
CA GLY A 213 42.72 -39.41 -7.85
C GLY A 213 41.28 -39.49 -7.33
N GLN A 214 41.03 -39.10 -6.08
CA GLN A 214 39.71 -39.18 -5.45
C GLN A 214 38.86 -37.96 -5.81
N VAL A 215 38.46 -37.87 -7.07
CA VAL A 215 37.30 -37.09 -7.49
C VAL A 215 36.01 -37.77 -7.07
N PHE A 216 35.90 -39.07 -7.30
CA PHE A 216 34.72 -39.85 -6.98
C PHE A 216 34.95 -40.63 -5.70
N LEU A 217 33.98 -40.56 -4.80
CA LEU A 217 33.94 -41.30 -3.56
C LEU A 217 32.49 -41.70 -3.28
N LEU A 218 32.15 -42.94 -3.59
CA LEU A 218 30.92 -43.56 -3.12
C LEU A 218 31.08 -43.90 -1.63
N GLY A 219 29.98 -44.16 -0.96
CA GLY A 219 30.00 -44.72 0.37
C GLY A 219 28.63 -45.25 0.74
N LEU A 220 28.54 -45.83 1.93
CA LEU A 220 27.29 -46.35 2.46
C LEU A 220 27.35 -46.40 3.97
N VAL A 221 26.56 -45.60 4.69
CA VAL A 221 26.25 -45.97 6.07
C VAL A 221 25.09 -46.94 6.11
N ARG A 222 25.35 -48.18 6.50
CA ARG A 222 24.30 -49.18 6.74
C ARG A 222 23.67 -48.91 8.09
N MET A 223 22.64 -48.09 8.15
CA MET A 223 21.97 -47.75 9.40
C MET A 223 21.26 -48.98 9.98
N PRO A 224 21.39 -49.25 11.29
CA PRO A 224 20.85 -50.45 11.92
C PRO A 224 19.32 -50.46 12.01
N GLY A 225 18.66 -49.39 11.58
CA GLY A 225 17.24 -49.39 11.23
C GLY A 225 16.91 -50.15 9.93
N GLY A 226 17.88 -50.91 9.39
CA GLY A 226 17.80 -51.65 8.13
C GLY A 226 17.80 -50.75 6.90
N GLU A 227 18.37 -49.55 7.02
CA GLU A 227 18.41 -48.56 5.96
C GLU A 227 19.86 -48.30 5.53
N ASP A 228 20.16 -48.66 4.31
CA ASP A 228 21.43 -48.42 3.68
C ASP A 228 21.43 -47.03 3.03
N ARG A 229 22.05 -46.06 3.71
CA ARG A 229 22.23 -44.70 3.18
C ARG A 229 23.41 -44.67 2.24
N LEU A 230 23.18 -45.25 1.07
CA LEU A 230 24.06 -45.19 -0.07
C LEU A 230 24.32 -43.73 -0.42
N TRP A 231 25.56 -43.27 -0.45
CA TRP A 231 25.89 -41.86 -0.70
C TRP A 231 27.07 -41.71 -1.66
N LEU A 232 27.21 -40.53 -2.26
CA LEU A 232 28.09 -40.31 -3.40
C LEU A 232 28.65 -38.88 -3.39
N SER A 233 29.87 -38.71 -2.93
CA SER A 233 30.66 -37.51 -3.13
C SER A 233 31.40 -37.53 -4.47
N LEU A 234 30.97 -36.74 -5.45
CA LEU A 234 31.70 -36.51 -6.70
C LEU A 234 32.16 -35.07 -6.81
N ASP A 235 33.47 -34.87 -6.86
CA ASP A 235 34.02 -33.60 -7.28
C ASP A 235 33.69 -33.35 -8.74
N LEU A 236 32.97 -32.26 -8.98
CA LEU A 236 32.56 -31.88 -10.32
C LEU A 236 33.75 -31.51 -11.20
N LEU A 237 34.95 -31.36 -10.62
CA LEU A 237 36.18 -31.37 -11.39
C LEU A 237 36.24 -32.52 -12.38
N ALA A 238 35.85 -33.72 -11.96
CA ALA A 238 35.83 -34.82 -12.90
C ALA A 238 34.70 -34.69 -13.89
N ALA A 239 33.55 -34.23 -13.42
CA ALA A 239 32.33 -34.38 -14.16
C ALA A 239 31.35 -33.22 -14.02
N ASP A 240 30.83 -32.92 -15.18
CA ASP A 240 29.58 -32.28 -15.51
C ASP A 240 28.46 -33.00 -14.72
N VAL A 241 27.45 -32.28 -14.23
CA VAL A 241 26.39 -32.88 -13.40
C VAL A 241 25.51 -33.82 -14.23
N GLU A 242 25.37 -33.57 -15.53
CA GLU A 242 24.81 -34.56 -16.42
C GLU A 242 25.77 -35.77 -16.50
N SER A 243 27.07 -35.52 -16.60
CA SER A 243 28.02 -36.61 -16.43
C SER A 243 27.95 -37.26 -15.03
N LEU A 244 27.46 -36.61 -13.96
CA LEU A 244 27.15 -37.27 -12.69
C LEU A 244 25.97 -38.20 -12.86
N ARG A 245 24.90 -37.83 -13.56
CA ARG A 245 23.88 -38.85 -13.85
C ARG A 245 24.40 -39.94 -14.78
N LEU A 246 25.36 -39.70 -15.66
CA LEU A 246 26.06 -40.80 -16.32
C LEU A 246 26.82 -41.69 -15.33
N LEU A 247 27.51 -41.13 -14.34
CA LEU A 247 28.11 -41.92 -13.27
C LEU A 247 27.05 -42.78 -12.57
N LEU A 248 25.88 -42.21 -12.25
CA LEU A 248 24.78 -42.97 -11.66
C LEU A 248 24.29 -44.06 -12.62
N ALA A 249 24.19 -43.79 -13.92
CA ALA A 249 23.78 -44.79 -14.89
C ALA A 249 24.73 -45.99 -14.85
N GLU A 250 26.03 -45.72 -14.95
CA GLU A 250 27.06 -46.73 -14.89
C GLU A 250 27.07 -47.47 -13.54
N LEU A 251 26.97 -46.78 -12.40
CA LEU A 251 26.90 -47.41 -11.09
C LEU A 251 25.66 -48.29 -10.92
N GLY A 252 24.49 -47.82 -11.36
CA GLY A 252 23.26 -48.58 -11.28
C GLY A 252 23.42 -49.90 -12.01
N VAL A 253 23.94 -49.86 -13.25
CA VAL A 253 24.25 -51.09 -13.98
C VAL A 253 25.34 -51.90 -13.28
N ALA A 254 26.45 -51.31 -12.86
CA ALA A 254 27.56 -52.04 -12.26
C ALA A 254 27.19 -52.73 -10.93
N TYR A 255 26.23 -52.19 -10.19
CA TYR A 255 25.63 -52.87 -9.05
C TYR A 255 24.67 -53.98 -9.50
N LEU A 256 23.72 -53.68 -10.38
CA LEU A 256 22.69 -54.62 -10.80
C LEU A 256 23.28 -55.82 -11.56
N ALA A 257 24.04 -55.55 -12.62
CA ALA A 257 24.60 -56.55 -13.52
C ALA A 257 25.84 -55.99 -14.21
N PRO A 258 27.07 -56.26 -13.70
CA PRO A 258 28.28 -55.82 -14.38
C PRO A 258 28.41 -56.42 -15.78
N GLU A 259 27.75 -57.55 -16.01
CA GLU A 259 27.59 -58.19 -17.32
C GLU A 259 26.94 -57.27 -18.37
N ARG A 260 26.07 -56.34 -17.96
CA ARG A 260 25.33 -55.42 -18.85
C ARG A 260 26.05 -54.10 -19.14
N LEU A 261 27.23 -53.87 -18.56
CA LEU A 261 28.07 -52.71 -18.84
C LEU A 261 28.55 -52.74 -20.30
N ALA A 262 27.92 -51.92 -21.13
CA ALA A 262 27.87 -52.16 -22.58
C ALA A 262 29.21 -51.96 -23.30
N GLU A 263 29.97 -50.92 -22.96
CA GLU A 263 31.22 -50.54 -23.62
C GLU A 263 32.11 -49.71 -22.69
N PRO A 264 33.46 -49.81 -22.75
CA PRO A 264 34.38 -48.78 -22.26
C PRO A 264 34.34 -47.56 -23.19
N PRO A 265 33.71 -46.43 -22.84
CA PRO A 265 33.44 -45.34 -23.79
C PRO A 265 34.75 -44.63 -24.13
N ALA A 266 35.27 -44.92 -25.32
CA ALA A 266 36.71 -44.85 -25.57
C ALA A 266 37.30 -43.46 -25.83
N LEU A 267 36.53 -42.43 -26.23
CA LEU A 267 37.10 -41.11 -26.47
C LEU A 267 37.56 -40.47 -25.15
N HIS A 268 38.87 -40.44 -24.99
CA HIS A 268 39.52 -39.92 -23.80
C HIS A 268 39.24 -38.43 -23.62
N PHE A 269 38.99 -38.01 -22.38
CA PHE A 269 38.57 -36.64 -22.12
C PHE A 269 39.62 -35.62 -22.59
N ALA A 270 40.90 -35.92 -22.45
CA ALA A 270 41.94 -35.03 -22.93
C ALA A 270 41.91 -34.91 -24.46
N ASP A 271 41.65 -36.00 -25.18
CA ASP A 271 41.53 -35.97 -26.64
C ASP A 271 40.30 -35.18 -27.08
N TYR A 272 39.21 -35.29 -26.34
CA TYR A 272 38.06 -34.40 -26.48
C TYR A 272 38.43 -32.94 -26.20
N LEU A 273 39.27 -32.62 -25.21
CA LEU A 273 39.64 -31.23 -24.95
C LEU A 273 40.57 -30.70 -26.03
N ALA A 274 41.58 -31.49 -26.41
CA ALA A 274 42.48 -31.19 -27.51
C ALA A 274 41.70 -30.95 -28.83
N HIS A 275 40.58 -31.65 -29.02
CA HIS A 275 39.58 -31.34 -30.02
C HIS A 275 38.81 -30.08 -29.66
N ARG A 276 37.80 -30.19 -28.82
CA ARG A 276 36.68 -29.26 -28.62
C ARG A 276 37.14 -27.86 -28.25
N ALA A 277 38.14 -27.69 -27.40
CA ALA A 277 38.65 -26.37 -27.01
C ALA A 277 39.29 -25.65 -28.21
N ALA A 278 40.17 -26.35 -28.94
CA ALA A 278 40.80 -25.82 -30.15
C ALA A 278 39.79 -25.65 -31.30
N GLN A 279 38.87 -26.59 -31.47
CA GLN A 279 37.75 -26.50 -32.40
C GLN A 279 36.92 -25.23 -32.14
N ARG A 280 36.53 -24.97 -30.90
CA ARG A 280 35.80 -23.75 -30.55
C ARG A 280 36.66 -22.49 -30.50
N ALA A 281 37.98 -22.55 -30.62
CA ALA A 281 38.84 -21.39 -30.35
C ALA A 281 38.56 -20.18 -31.26
N GLU A 282 38.19 -20.37 -32.52
CA GLU A 282 37.71 -19.25 -33.35
C GLU A 282 36.46 -18.59 -32.75
N ALA A 283 35.53 -19.41 -32.27
CA ALA A 283 34.31 -18.95 -31.61
C ALA A 283 34.60 -18.35 -30.23
N ALA A 284 35.62 -18.84 -29.54
CA ALA A 284 36.14 -18.22 -28.33
C ALA A 284 36.60 -16.79 -28.63
N ALA A 285 37.44 -16.57 -29.65
CA ALA A 285 37.87 -15.21 -29.99
C ALA A 285 36.70 -14.34 -30.47
N ARG A 286 35.89 -14.88 -31.38
CA ARG A 286 34.73 -14.22 -31.97
C ARG A 286 33.67 -13.84 -30.93
N ALA A 287 33.53 -14.60 -29.85
CA ALA A 287 32.73 -14.22 -28.69
C ALA A 287 33.48 -13.29 -27.73
N ARG A 288 34.80 -13.50 -27.54
CA ARG A 288 35.65 -12.65 -26.70
C ARG A 288 35.54 -11.21 -27.16
N ASP A 289 35.44 -10.94 -28.45
CA ASP A 289 35.07 -9.66 -29.02
C ASP A 289 33.78 -9.09 -28.39
N TYR A 290 32.67 -9.83 -28.47
CA TYR A 290 31.39 -9.45 -27.86
C TYR A 290 31.54 -9.15 -26.36
N TRP A 291 32.19 -10.03 -25.62
CA TRP A 291 32.39 -9.84 -24.18
C TRP A 291 33.27 -8.64 -23.88
N LEU A 292 34.46 -8.55 -24.47
CA LEU A 292 35.39 -7.44 -24.34
C LEU A 292 34.67 -6.12 -24.56
N GLU A 293 33.97 -6.01 -25.68
CA GLU A 293 33.24 -4.81 -26.07
C GLU A 293 32.07 -4.49 -25.11
N ARG A 294 31.70 -5.43 -24.24
CA ARG A 294 30.66 -5.30 -23.21
C ARG A 294 31.18 -5.25 -21.78
N LEU A 295 32.46 -5.48 -21.48
CA LEU A 295 32.90 -5.61 -20.09
C LEU A 295 32.50 -4.46 -19.15
N PRO A 296 32.45 -3.19 -19.57
CA PRO A 296 31.91 -2.11 -18.72
C PRO A 296 30.39 -2.19 -18.54
N ARG A 297 29.71 -2.80 -19.52
CA ARG A 297 28.26 -2.78 -19.76
C ARG A 297 27.56 -4.07 -19.31
N LEU A 298 28.33 -5.14 -19.08
CA LEU A 298 27.91 -6.27 -18.24
C LEU A 298 27.42 -5.74 -16.89
N PRO A 299 26.40 -6.35 -16.28
CA PRO A 299 25.94 -5.95 -14.97
C PRO A 299 26.88 -6.48 -13.87
N ASP A 300 26.55 -6.21 -12.62
CA ASP A 300 27.32 -6.67 -11.45
C ASP A 300 26.97 -8.13 -11.07
N ALA A 301 27.58 -8.65 -10.02
CA ALA A 301 27.04 -9.76 -9.23
C ALA A 301 25.62 -9.43 -8.71
N PRO A 302 24.74 -10.42 -8.48
CA PRO A 302 23.42 -10.17 -7.93
C PRO A 302 23.60 -9.62 -6.52
N ALA A 303 23.21 -8.38 -6.29
CA ALA A 303 23.52 -7.65 -5.08
C ALA A 303 22.62 -8.07 -3.91
N LEU A 304 22.57 -9.36 -3.60
CA LEU A 304 21.80 -9.91 -2.49
C LEU A 304 22.38 -9.40 -1.17
N PRO A 305 21.63 -9.47 -0.06
CA PRO A 305 22.11 -9.04 1.25
C PRO A 305 23.09 -10.05 1.83
N LEU A 306 24.07 -9.60 2.60
CA LEU A 306 25.12 -10.45 3.16
C LEU A 306 25.31 -10.13 4.65
N ALA A 307 25.43 -11.14 5.51
CA ALA A 307 25.92 -11.00 6.88
C ALA A 307 27.44 -11.23 6.98
N CYS A 308 28.07 -11.78 5.94
CA CYS A 308 29.51 -11.74 5.76
C CYS A 308 29.83 -11.49 4.28
N ALA A 309 30.74 -10.58 3.99
CA ALA A 309 31.24 -10.41 2.63
C ALA A 309 31.90 -11.72 2.13
N PRO A 310 31.89 -12.02 0.82
CA PRO A 310 32.15 -13.38 0.34
C PRO A 310 33.59 -13.87 0.54
N GLU A 311 34.55 -12.97 0.55
CA GLU A 311 35.94 -13.34 0.83
C GLU A 311 36.19 -13.61 2.33
N SER A 312 35.32 -13.15 3.21
CA SER A 312 35.55 -13.04 4.65
C SER A 312 35.05 -14.21 5.49
N ILE A 313 34.77 -15.37 4.88
CA ILE A 313 34.60 -16.65 5.58
C ILE A 313 35.55 -17.69 5.02
N ARG A 314 36.33 -18.35 5.87
CA ARG A 314 37.38 -19.27 5.43
C ARG A 314 36.89 -20.63 4.93
N GLN A 315 35.66 -21.01 5.20
CA GLN A 315 35.06 -22.18 4.58
C GLN A 315 33.57 -21.94 4.32
N PRO A 316 33.13 -21.91 3.06
CA PRO A 316 31.72 -21.92 2.73
C PRO A 316 31.10 -23.28 3.04
N ARG A 317 30.57 -23.43 4.25
CA ARG A 317 29.69 -24.54 4.58
C ARG A 317 28.42 -24.38 3.74
N THR A 318 28.20 -25.18 2.70
CA THR A 318 26.96 -25.10 1.94
C THR A 318 25.80 -25.55 2.82
N ARG A 319 24.68 -24.83 2.84
CA ARG A 319 23.37 -25.37 3.25
C ARG A 319 22.52 -25.53 2.01
N ARG A 320 22.03 -26.75 1.75
CA ARG A 320 20.95 -26.94 0.79
C ARG A 320 19.65 -26.42 1.36
N LEU A 321 18.86 -25.77 0.54
CA LEU A 321 17.41 -25.65 0.69
C LEU A 321 16.75 -26.41 -0.43
N ALA A 322 15.64 -27.08 -0.15
CA ALA A 322 15.04 -28.08 -1.01
C ALA A 322 13.53 -27.93 -1.14
N PHE A 323 12.98 -28.12 -2.33
CA PHE A 323 11.54 -28.28 -2.54
C PHE A 323 11.27 -29.20 -3.72
N GLN A 324 10.68 -30.37 -3.49
CA GLN A 324 10.13 -31.20 -4.54
C GLN A 324 8.81 -30.58 -5.01
N LEU A 325 8.84 -29.86 -6.13
CA LEU A 325 7.61 -29.62 -6.88
C LEU A 325 6.99 -30.95 -7.23
N SER A 326 5.69 -31.04 -7.01
CA SER A 326 4.92 -32.20 -7.37
C SER A 326 5.01 -32.54 -8.84
N ALA A 327 4.70 -33.79 -9.15
CA ALA A 327 4.49 -34.20 -10.53
C ALA A 327 3.50 -33.27 -11.23
N GLY A 328 2.40 -32.88 -10.56
CA GLY A 328 1.38 -32.01 -11.14
C GLY A 328 1.84 -30.56 -11.32
N GLU A 329 2.51 -29.96 -10.34
CA GLU A 329 3.12 -28.64 -10.51
C GLU A 329 4.09 -28.66 -11.68
N SER A 330 4.96 -29.68 -11.75
CA SER A 330 5.84 -29.85 -12.88
C SER A 330 5.07 -29.86 -14.19
N ARG A 331 4.01 -30.67 -14.31
CA ARG A 331 3.19 -30.69 -15.53
C ARG A 331 2.68 -29.31 -15.88
N ARG A 332 2.15 -28.56 -14.91
CA ARG A 332 1.63 -27.22 -15.17
C ARG A 332 2.71 -26.26 -15.62
N LEU A 333 3.89 -26.28 -15.00
CA LEU A 333 5.03 -25.53 -15.52
C LEU A 333 5.34 -25.95 -16.94
N GLU A 334 5.39 -27.25 -17.23
CA GLU A 334 5.77 -27.75 -18.55
C GLU A 334 4.76 -27.39 -19.63
N ARG A 335 3.46 -27.55 -19.36
CA ARG A 335 2.42 -27.11 -20.29
C ARG A 335 2.57 -25.62 -20.56
N LEU A 336 2.69 -24.81 -19.52
CA LEU A 336 2.81 -23.37 -19.69
C LEU A 336 4.12 -23.00 -20.41
N ALA A 337 5.21 -23.73 -20.15
CA ALA A 337 6.48 -23.56 -20.84
C ALA A 337 6.33 -23.79 -22.35
N ALA A 338 5.70 -24.90 -22.73
CA ALA A 338 5.40 -25.20 -24.11
C ALA A 338 4.42 -24.18 -24.71
N GLN A 339 3.38 -23.79 -23.99
CA GLN A 339 2.40 -22.81 -24.46
C GLN A 339 3.02 -21.42 -24.68
N HIS A 340 4.08 -21.09 -23.95
CA HIS A 340 4.89 -19.88 -24.19
C HIS A 340 6.12 -20.12 -25.06
N GLY A 341 6.34 -21.33 -25.57
CA GLY A 341 7.41 -21.65 -26.52
C GLY A 341 8.82 -21.64 -25.91
N VAL A 342 8.93 -21.78 -24.59
CA VAL A 342 10.18 -21.65 -23.84
C VAL A 342 10.58 -22.94 -23.14
N THR A 343 11.88 -23.21 -23.04
CA THR A 343 12.37 -24.42 -22.37
C THR A 343 12.03 -24.34 -20.89
N LEU A 344 11.77 -25.46 -20.24
CA LEU A 344 11.47 -25.49 -18.81
C LEU A 344 12.61 -24.90 -17.97
N SER A 345 13.85 -25.15 -18.37
CA SER A 345 15.02 -24.51 -17.78
C SER A 345 14.99 -22.99 -17.91
N SER A 346 14.51 -22.45 -19.03
CA SER A 346 14.33 -21.01 -19.20
C SER A 346 13.32 -20.46 -18.22
N VAL A 347 12.33 -21.26 -17.83
CA VAL A 347 11.25 -20.83 -16.95
C VAL A 347 11.76 -20.73 -15.54
N PHE A 348 12.34 -21.80 -15.03
CA PHE A 348 12.97 -21.79 -13.72
C PHE A 348 14.10 -20.77 -13.65
N GLY A 349 14.80 -20.53 -14.75
CA GLY A 349 15.88 -19.55 -14.82
C GLY A 349 15.33 -18.14 -14.75
N CYS A 350 14.35 -17.82 -15.59
CA CYS A 350 13.64 -16.55 -15.53
C CYS A 350 13.10 -16.29 -14.14
N ALA A 351 12.36 -17.24 -13.59
CA ALA A 351 11.80 -17.10 -12.26
C ALA A 351 12.89 -16.86 -11.23
N PHE A 352 14.01 -17.58 -11.32
CA PHE A 352 15.10 -17.34 -10.39
C PHE A 352 15.66 -15.95 -10.57
N ALA A 353 15.90 -15.52 -11.80
CA ALA A 353 16.36 -14.19 -12.08
C ALA A 353 15.39 -13.13 -11.57
N LEU A 354 14.09 -13.36 -11.61
CA LEU A 354 13.13 -12.46 -10.97
C LEU A 354 13.28 -12.44 -9.45
N VAL A 355 13.47 -13.59 -8.81
CA VAL A 355 13.68 -13.59 -7.37
C VAL A 355 14.97 -12.89 -7.02
N LEU A 356 16.06 -13.28 -7.64
CA LEU A 356 17.34 -12.65 -7.44
C LEU A 356 17.26 -11.17 -7.71
N ALA A 357 16.59 -10.74 -8.76
CA ALA A 357 16.37 -9.33 -9.01
C ALA A 357 15.65 -8.71 -7.84
N ARG A 358 14.53 -9.28 -7.41
CA ARG A 358 13.74 -8.70 -6.34
C ARG A 358 14.53 -8.65 -5.05
N TRP A 359 15.43 -9.59 -4.81
CA TRP A 359 16.30 -9.57 -3.66
C TRP A 359 17.63 -8.86 -3.85
N SER A 360 17.95 -8.41 -5.04
CA SER A 360 19.17 -7.67 -5.31
C SER A 360 18.96 -6.19 -5.13
N GLU A 361 20.00 -5.44 -4.75
CA GLU A 361 19.95 -3.99 -4.92
C GLU A 361 19.72 -3.57 -6.38
N SER A 362 20.14 -4.37 -7.34
CA SER A 362 20.00 -4.11 -8.77
C SER A 362 19.17 -5.18 -9.47
N ALA A 363 18.21 -4.80 -10.30
CA ALA A 363 17.47 -5.74 -11.12
C ALA A 363 18.25 -6.27 -12.34
N GLU A 364 19.48 -5.83 -12.56
CA GLU A 364 20.39 -6.38 -13.57
C GLU A 364 21.64 -7.00 -12.93
N PHE A 365 21.97 -8.24 -13.26
CA PHE A 365 23.13 -8.94 -12.71
C PHE A 365 23.49 -10.18 -13.51
N LEU A 366 24.73 -10.61 -13.30
CA LEU A 366 25.30 -11.84 -13.79
C LEU A 366 24.83 -13.02 -12.95
N LEU A 367 24.36 -14.11 -13.55
CA LEU A 367 24.32 -15.41 -12.90
C LEU A 367 24.87 -16.48 -13.83
N ASN A 368 25.59 -17.44 -13.29
CA ASN A 368 26.25 -18.43 -14.10
C ASN A 368 25.30 -19.55 -14.44
N VAL A 369 25.30 -19.99 -15.68
CA VAL A 369 24.59 -21.17 -16.13
C VAL A 369 25.61 -22.18 -16.63
N PRO A 370 25.72 -23.37 -16.04
CA PRO A 370 26.47 -24.44 -16.66
C PRO A 370 25.69 -24.97 -17.86
N LEU A 371 26.34 -25.02 -19.01
CA LEU A 371 25.85 -25.65 -20.23
C LEU A 371 26.55 -26.98 -20.37
N PHE A 372 25.78 -28.05 -20.32
CA PHE A 372 26.30 -29.41 -20.33
C PHE A 372 26.50 -29.86 -21.77
N ASP A 373 27.55 -29.30 -22.39
CA ASP A 373 27.86 -29.37 -23.81
C ASP A 373 28.08 -30.82 -24.30
N ARG A 374 27.46 -31.17 -25.43
CA ARG A 374 27.59 -32.48 -26.09
C ARG A 374 27.96 -32.37 -27.56
N HIS A 375 28.43 -31.23 -28.03
CA HIS A 375 28.73 -31.00 -29.45
C HIS A 375 30.13 -31.47 -29.86
N ALA A 376 30.48 -32.69 -29.47
CA ALA A 376 31.47 -33.52 -30.16
C ALA A 376 30.74 -34.70 -30.82
N ASP A 377 31.18 -35.10 -32.01
CA ASP A 377 30.36 -35.90 -32.94
C ASP A 377 30.10 -37.35 -32.50
N ASP A 378 30.89 -37.88 -31.57
CA ASP A 378 30.74 -39.22 -31.00
C ASP A 378 29.41 -39.36 -30.21
N PRO A 379 28.49 -40.29 -30.56
CA PRO A 379 27.30 -40.55 -29.76
C PRO A 379 27.57 -40.96 -28.31
N ARG A 380 28.74 -41.53 -28.01
CA ARG A 380 29.17 -41.84 -26.65
C ARG A 380 29.59 -40.60 -25.86
N ILE A 381 29.63 -39.41 -26.44
CA ILE A 381 29.87 -38.21 -25.62
C ILE A 381 28.71 -37.97 -24.66
N GLY A 382 27.50 -38.46 -24.98
CA GLY A 382 26.42 -38.64 -24.01
C GLY A 382 26.58 -39.85 -23.08
N GLU A 383 27.78 -40.39 -22.90
CA GLU A 383 28.04 -41.66 -22.21
C GLU A 383 29.38 -41.68 -21.46
N VAL A 384 30.37 -40.88 -21.88
CA VAL A 384 31.62 -40.64 -21.17
C VAL A 384 31.38 -39.80 -19.90
N ILE A 385 31.99 -40.18 -18.79
CA ILE A 385 31.63 -39.65 -17.45
C ILE A 385 32.43 -38.40 -17.08
N ALA A 386 32.58 -37.45 -18.01
CA ALA A 386 33.58 -36.40 -17.91
C ALA A 386 33.02 -34.97 -17.89
N ASP A 387 33.82 -33.99 -17.44
CA ASP A 387 33.35 -32.63 -17.28
C ASP A 387 33.27 -31.84 -18.60
N PHE A 388 32.29 -32.20 -19.40
CA PHE A 388 31.94 -31.49 -20.60
C PHE A 388 31.19 -30.18 -20.35
N THR A 389 31.06 -29.72 -19.11
CA THR A 389 30.42 -28.43 -18.86
C THR A 389 31.24 -27.32 -19.50
N THR A 390 30.57 -26.37 -20.13
CA THR A 390 31.12 -25.02 -20.25
C THR A 390 30.25 -24.09 -19.43
N LEU A 391 30.84 -23.08 -18.81
CA LEU A 391 30.09 -22.16 -17.96
C LEU A 391 29.75 -20.90 -18.73
N LEU A 392 28.48 -20.49 -18.71
CA LEU A 392 27.96 -19.33 -19.41
C LEU A 392 27.65 -18.22 -18.40
N LEU A 393 28.21 -17.04 -18.63
CA LEU A 393 27.98 -15.86 -17.82
C LEU A 393 26.70 -15.14 -18.28
N LEU A 394 25.53 -15.59 -17.84
CA LEU A 394 24.28 -14.98 -18.24
C LEU A 394 24.07 -13.64 -17.53
N GLU A 395 24.26 -12.55 -18.26
CA GLU A 395 23.93 -11.18 -17.91
C GLU A 395 22.42 -10.91 -17.99
N CYS A 396 21.63 -11.42 -17.03
CA CYS A 396 20.19 -11.22 -17.00
C CYS A 396 19.80 -9.82 -16.50
N ARG A 397 18.69 -9.31 -17.02
CA ARG A 397 18.24 -7.93 -16.84
C ARG A 397 16.73 -7.93 -16.71
N MET A 398 16.20 -7.77 -15.51
CA MET A 398 14.86 -8.25 -15.16
C MET A 398 13.90 -7.10 -14.82
N GLN A 399 13.25 -6.53 -15.83
CA GLN A 399 12.35 -5.38 -15.64
C GLN A 399 11.21 -5.69 -14.67
N ALA A 400 10.69 -4.69 -13.98
CA ALA A 400 9.35 -4.76 -13.40
C ALA A 400 8.25 -4.61 -14.45
N GLY A 401 6.99 -4.78 -14.03
CA GLY A 401 5.79 -4.40 -14.77
C GLY A 401 5.43 -5.27 -15.97
N VAL A 402 6.43 -5.85 -16.64
CA VAL A 402 6.23 -6.89 -17.64
C VAL A 402 5.50 -8.09 -17.05
N SER A 403 4.73 -8.80 -17.87
CA SER A 403 4.20 -10.09 -17.46
C SER A 403 5.33 -11.11 -17.31
N PHE A 404 5.09 -12.20 -16.58
CA PHE A 404 6.07 -13.27 -16.56
C PHE A 404 6.31 -13.85 -17.96
N ALA A 405 5.27 -13.93 -18.79
CA ALA A 405 5.41 -14.45 -20.15
C ALA A 405 6.43 -13.64 -20.96
N GLU A 406 6.42 -12.32 -20.85
CA GLU A 406 7.44 -11.48 -21.46
C GLU A 406 8.80 -11.71 -20.81
N ALA A 407 8.86 -11.74 -19.47
CA ALA A 407 10.12 -11.91 -18.77
C ALA A 407 10.79 -13.23 -19.13
N VAL A 408 10.04 -14.32 -19.33
CA VAL A 408 10.61 -15.60 -19.72
C VAL A 408 10.98 -15.63 -21.17
N LYS A 409 10.17 -15.10 -22.09
CA LYS A 409 10.57 -15.01 -23.51
C LYS A 409 11.85 -14.19 -23.64
N SER A 410 11.93 -13.08 -22.91
CA SER A 410 13.12 -12.23 -22.78
C SER A 410 14.32 -12.99 -22.20
N PHE A 411 14.15 -13.63 -21.05
CA PHE A 411 15.21 -14.44 -20.44
C PHE A 411 15.66 -15.56 -21.38
N GLN A 412 14.74 -16.21 -22.10
CA GLN A 412 15.11 -17.23 -23.05
C GLN A 412 15.93 -16.65 -24.20
N ARG A 413 15.54 -15.52 -24.79
CA ARG A 413 16.37 -14.88 -25.81
C ARG A 413 17.77 -14.57 -25.26
N ASN A 414 17.84 -14.05 -24.04
CA ASN A 414 19.10 -13.69 -23.42
C ASN A 414 19.98 -14.94 -23.18
N LEU A 415 19.37 -16.02 -22.69
CA LEU A 415 20.02 -17.32 -22.51
C LEU A 415 20.48 -17.91 -23.86
N HIS A 416 19.58 -18.08 -24.82
CA HIS A 416 19.89 -18.64 -26.14
C HIS A 416 20.88 -17.79 -26.94
N GLY A 417 20.85 -16.47 -26.80
CA GLY A 417 21.81 -15.56 -27.42
C GLY A 417 23.18 -15.66 -26.76
N ALA A 418 23.24 -15.57 -25.43
CA ALA A 418 24.51 -15.69 -24.73
C ALA A 418 25.11 -17.11 -24.86
N ILE A 419 24.30 -18.15 -25.10
CA ILE A 419 24.77 -19.48 -25.49
C ILE A 419 25.65 -19.41 -26.74
N ASP A 420 25.34 -18.58 -27.73
CA ASP A 420 26.21 -18.41 -28.89
C ASP A 420 27.59 -17.89 -28.44
N HIS A 421 27.58 -16.89 -27.57
CA HIS A 421 28.77 -16.27 -26.99
C HIS A 421 29.44 -17.11 -25.90
N ALA A 422 28.87 -18.23 -25.48
CA ALA A 422 29.44 -19.10 -24.45
C ALA A 422 30.73 -19.81 -24.89
N ALA A 423 31.06 -19.81 -26.18
CA ALA A 423 32.33 -20.35 -26.69
C ALA A 423 33.56 -19.59 -26.17
N PHE A 424 33.39 -18.37 -25.66
CA PHE A 424 34.32 -17.79 -24.69
C PHE A 424 33.73 -18.04 -23.29
N PRO A 425 34.44 -18.74 -22.41
CA PRO A 425 33.85 -19.26 -21.19
C PRO A 425 33.77 -18.17 -20.12
N ALA A 426 32.78 -18.29 -19.22
CA ALA A 426 32.53 -17.34 -18.14
C ALA A 426 33.81 -17.02 -17.38
N LEU A 427 34.59 -18.05 -17.10
CA LEU A 427 35.88 -17.95 -16.45
C LEU A 427 36.77 -16.90 -17.13
N GLU A 428 36.93 -17.02 -18.43
CA GLU A 428 37.83 -16.14 -19.17
C GLU A 428 37.23 -14.76 -19.37
N VAL A 429 35.90 -14.64 -19.40
CA VAL A 429 35.22 -13.34 -19.32
C VAL A 429 35.55 -12.66 -18.00
N LEU A 430 35.41 -13.34 -16.87
CA LEU A 430 35.68 -12.72 -15.57
C LEU A 430 37.16 -12.39 -15.39
N ARG A 431 38.05 -13.24 -15.90
CA ARG A 431 39.46 -12.88 -16.02
C ARG A 431 39.64 -11.65 -16.88
N GLU A 432 38.97 -11.56 -18.02
CA GLU A 432 39.03 -10.38 -18.86
C GLU A 432 38.52 -9.13 -18.13
N ALA A 433 37.47 -9.23 -17.32
CA ALA A 433 37.02 -8.13 -16.49
C ALA A 433 38.08 -7.74 -15.46
N ARG A 434 38.73 -8.71 -14.81
CA ARG A 434 39.87 -8.47 -13.91
C ARG A 434 41.08 -7.88 -14.62
N ARG A 435 41.34 -8.25 -15.87
CA ARG A 435 42.33 -7.63 -16.75
C ARG A 435 41.97 -6.22 -17.16
N GLN A 436 40.68 -5.91 -17.29
CA GLN A 436 40.17 -4.54 -17.40
C GLN A 436 40.14 -3.81 -16.03
N GLY A 437 40.49 -4.47 -14.93
CA GLY A 437 40.49 -3.90 -13.58
C GLY A 437 39.11 -3.72 -12.95
N GLN A 438 38.07 -4.38 -13.48
CA GLN A 438 36.69 -4.42 -12.94
C GLN A 438 36.40 -5.83 -12.38
N PRO A 439 36.37 -6.01 -11.05
CA PRO A 439 36.14 -7.31 -10.40
C PRO A 439 34.67 -7.82 -10.45
N ARG A 440 34.05 -7.88 -11.63
CA ARG A 440 32.76 -8.56 -11.80
C ARG A 440 32.87 -10.04 -11.47
N SER A 441 31.75 -10.64 -11.07
CA SER A 441 31.61 -12.09 -10.94
C SER A 441 30.14 -12.50 -11.03
N ALA A 442 29.90 -13.79 -11.29
CA ALA A 442 28.59 -14.40 -11.12
C ALA A 442 28.66 -15.40 -9.97
N PRO A 443 28.59 -14.94 -8.71
CA PRO A 443 28.70 -15.81 -7.56
C PRO A 443 27.36 -16.47 -7.20
N VAL A 444 26.46 -16.58 -8.17
CA VAL A 444 25.19 -17.29 -8.05
C VAL A 444 25.00 -18.09 -9.32
N VAL A 445 24.52 -19.34 -9.18
CA VAL A 445 24.49 -20.31 -10.27
C VAL A 445 23.10 -20.85 -10.45
N PHE A 446 22.74 -21.08 -11.70
CA PHE A 446 21.51 -21.70 -12.11
C PHE A 446 21.77 -22.95 -12.94
N ALA A 447 21.88 -24.09 -12.27
CA ALA A 447 22.18 -25.38 -12.87
C ALA A 447 20.92 -26.19 -13.18
N SER A 448 20.35 -25.98 -14.36
CA SER A 448 19.10 -26.62 -14.80
C SER A 448 19.33 -27.98 -15.44
N ASN A 449 19.59 -29.02 -14.64
CA ASN A 449 19.63 -30.41 -15.11
C ASN A 449 18.22 -30.95 -15.37
N LEU A 450 17.61 -30.46 -16.44
CA LEU A 450 16.20 -30.73 -16.74
C LEU A 450 16.00 -31.51 -18.03
N GLY A 451 16.92 -32.43 -18.34
CA GLY A 451 16.61 -33.55 -19.24
C GLY A 451 15.39 -34.34 -18.75
N GLU A 452 14.69 -35.00 -19.64
CA GLU A 452 13.34 -35.51 -19.41
C GLU A 452 13.31 -36.86 -18.67
N GLU A 453 14.44 -37.55 -18.57
CA GLU A 453 14.53 -38.95 -18.13
C GLU A 453 14.36 -39.18 -16.61
N GLY A 454 14.45 -38.14 -15.79
CA GLY A 454 14.75 -38.29 -14.37
C GLY A 454 16.23 -38.04 -14.11
N PHE A 455 16.55 -37.30 -13.05
CA PHE A 455 17.93 -36.86 -12.82
C PHE A 455 18.77 -38.06 -12.45
N VAL A 456 18.43 -38.70 -11.36
CA VAL A 456 18.89 -40.06 -11.10
C VAL A 456 18.33 -40.92 -12.23
N PRO A 457 19.18 -41.57 -13.05
CA PRO A 457 18.74 -42.36 -14.18
C PRO A 457 18.06 -43.63 -13.68
N ALA A 458 17.21 -44.22 -14.52
CA ALA A 458 16.29 -45.27 -14.10
C ALA A 458 16.98 -46.48 -13.44
N ALA A 459 18.11 -46.95 -13.99
CA ALA A 459 18.85 -48.07 -13.42
C ALA A 459 19.23 -47.85 -11.95
N PHE A 460 19.74 -46.67 -11.63
CA PHE A 460 20.14 -46.34 -10.26
C PHE A 460 18.92 -46.13 -9.34
N ARG A 461 17.85 -45.51 -9.84
CA ARG A 461 16.59 -45.38 -9.09
C ARG A 461 16.09 -46.75 -8.68
N ASP A 462 16.09 -47.69 -9.61
CA ASP A 462 15.69 -49.06 -9.37
C ASP A 462 16.64 -49.73 -8.38
N ALA A 463 17.94 -49.59 -8.55
CA ALA A 463 18.90 -50.28 -7.70
C ALA A 463 18.76 -49.90 -6.22
N PHE A 464 18.58 -48.61 -5.92
CA PHE A 464 18.62 -48.12 -4.54
C PHE A 464 17.35 -47.36 -4.19
N GLY A 465 17.18 -46.20 -4.78
CA GLY A 465 16.07 -45.29 -4.58
C GLY A 465 16.32 -44.01 -5.38
N ASP A 466 15.32 -43.16 -5.49
CA ASP A 466 15.54 -41.82 -6.01
C ASP A 466 16.31 -40.96 -4.98
N LEU A 467 16.85 -39.83 -5.41
CA LEU A 467 17.70 -38.97 -4.57
C LEU A 467 16.97 -38.58 -3.27
N HIS A 468 17.56 -38.82 -2.11
CA HIS A 468 16.90 -38.46 -0.86
C HIS A 468 17.29 -37.05 -0.43
N ASP A 469 18.58 -36.76 -0.40
CA ASP A 469 19.13 -35.45 -0.09
C ASP A 469 20.43 -35.25 -0.83
N MET A 470 20.94 -34.04 -0.91
CA MET A 470 22.18 -33.75 -1.62
C MET A 470 22.77 -32.43 -1.14
N LEU A 471 24.02 -32.15 -1.46
CA LEU A 471 24.63 -30.86 -1.25
C LEU A 471 25.60 -30.54 -2.37
N SER A 472 25.75 -29.28 -2.75
CA SER A 472 26.78 -28.85 -3.67
C SER A 472 27.73 -27.88 -3.01
N GLN A 473 29.00 -28.24 -2.97
CA GLN A 473 30.06 -27.44 -2.39
C GLN A 473 30.75 -26.54 -3.41
N THR A 474 30.00 -25.94 -4.32
CA THR A 474 30.58 -25.08 -5.36
C THR A 474 31.27 -23.85 -4.77
N PRO A 475 32.57 -23.63 -5.03
CA PRO A 475 33.35 -22.51 -4.53
C PRO A 475 33.00 -21.22 -5.27
N GLN A 476 33.38 -20.08 -4.72
CA GLN A 476 33.11 -18.74 -5.27
C GLN A 476 31.63 -18.44 -5.50
N VAL A 477 30.72 -19.33 -5.07
CA VAL A 477 29.28 -19.25 -5.33
C VAL A 477 28.55 -19.21 -4.00
N TRP A 478 27.87 -18.11 -3.75
CA TRP A 478 27.03 -17.87 -2.58
C TRP A 478 25.84 -18.80 -2.56
N LEU A 479 25.31 -19.06 -3.75
CA LEU A 479 24.02 -19.69 -3.93
C LEU A 479 24.03 -20.48 -5.21
N ASP A 480 24.25 -21.77 -5.06
CA ASP A 480 24.29 -22.70 -6.16
C ASP A 480 22.89 -23.28 -6.31
N HIS A 481 22.03 -22.63 -7.07
CA HIS A 481 20.70 -23.17 -7.36
C HIS A 481 20.79 -24.21 -8.46
N GLN A 482 20.44 -25.45 -8.16
CA GLN A 482 20.29 -26.51 -9.14
C GLN A 482 18.85 -26.98 -9.24
N LEU A 483 18.53 -27.70 -10.30
CA LEU A 483 17.26 -28.37 -10.51
C LEU A 483 17.47 -29.79 -10.96
N TYR A 484 16.62 -30.67 -10.47
CA TYR A 484 16.68 -32.08 -10.77
C TYR A 484 15.29 -32.63 -10.96
N ARG A 485 15.04 -33.40 -12.01
CA ARG A 485 13.84 -34.25 -12.07
C ARG A 485 13.93 -35.27 -10.95
N VAL A 486 12.93 -35.37 -10.09
CA VAL A 486 12.86 -36.38 -9.03
C VAL A 486 11.47 -36.98 -9.07
N GLY A 487 11.40 -38.30 -9.27
CA GLY A 487 10.24 -38.94 -9.90
C GLY A 487 9.95 -38.28 -11.25
N ASP A 488 8.66 -38.15 -11.57
CA ASP A 488 8.17 -37.22 -12.58
C ASP A 488 7.81 -35.84 -11.97
N GLY A 489 8.22 -35.56 -10.73
CA GLY A 489 8.27 -34.22 -10.14
C GLY A 489 9.64 -33.56 -10.31
N ILE A 490 9.84 -32.38 -9.72
CA ILE A 490 11.09 -31.62 -9.87
C ILE A 490 11.56 -31.10 -8.54
N LEU A 491 12.78 -31.47 -8.16
CA LEU A 491 13.47 -30.91 -7.02
C LEU A 491 14.09 -29.59 -7.42
N LEU A 492 13.74 -28.56 -6.66
CA LEU A 492 14.42 -27.28 -6.61
C LEU A 492 15.43 -27.31 -5.46
N ALA A 493 16.69 -27.17 -5.77
CA ALA A 493 17.74 -27.07 -4.79
C ALA A 493 18.35 -25.68 -4.84
N TRP A 494 18.53 -25.07 -3.68
CA TRP A 494 19.28 -23.85 -3.48
C TRP A 494 20.42 -24.16 -2.52
N ASP A 495 21.58 -24.47 -3.06
CA ASP A 495 22.76 -24.73 -2.26
C ASP A 495 23.42 -23.40 -1.89
N SER A 496 22.77 -22.74 -0.95
CA SER A 496 23.25 -21.53 -0.29
C SER A 496 24.53 -21.80 0.50
N VAL A 497 25.17 -20.74 0.96
CA VAL A 497 26.25 -20.82 1.91
C VAL A 497 25.78 -20.30 3.25
N VAL A 498 26.04 -21.06 4.31
CA VAL A 498 25.73 -20.67 5.69
C VAL A 498 26.46 -19.39 6.05
N GLY A 499 25.83 -18.48 6.78
CA GLY A 499 26.46 -17.29 7.37
C GLY A 499 26.83 -16.18 6.39
N LEU A 500 27.00 -16.50 5.11
CA LEU A 500 27.21 -15.53 4.04
C LEU A 500 26.01 -14.60 3.93
N PHE A 501 24.82 -15.18 3.79
CA PHE A 501 23.56 -14.47 3.85
C PHE A 501 23.13 -14.18 5.29
N PRO A 502 22.25 -13.21 5.53
CA PRO A 502 21.54 -13.09 6.78
C PRO A 502 20.79 -14.38 7.10
N GLU A 503 20.78 -14.80 8.36
CA GLU A 503 20.08 -16.04 8.72
C GLU A 503 18.58 -15.91 8.42
N GLY A 504 17.99 -16.97 7.91
CA GLY A 504 16.63 -16.98 7.40
C GLY A 504 16.45 -16.37 6.02
N LEU A 505 17.43 -15.64 5.45
CA LEU A 505 17.21 -15.02 4.16
C LEU A 505 17.08 -16.04 3.05
N PRO A 506 18.00 -16.99 2.81
CA PRO A 506 17.85 -17.89 1.68
C PRO A 506 16.63 -18.76 1.86
N GLU A 507 16.25 -19.07 3.10
CA GLU A 507 15.00 -19.73 3.40
C GLU A 507 13.83 -18.88 2.93
N THR A 508 13.80 -17.60 3.26
CA THR A 508 12.68 -16.73 2.91
C THR A 508 12.63 -16.42 1.43
N MET A 509 13.77 -16.10 0.87
CA MET A 509 13.96 -15.84 -0.54
C MET A 509 13.67 -17.07 -1.37
N PHE A 510 13.95 -18.26 -0.86
CA PHE A 510 13.56 -19.50 -1.50
C PHE A 510 12.07 -19.79 -1.33
N GLU A 511 11.48 -19.60 -0.15
CA GLU A 511 10.05 -19.80 0.03
C GLU A 511 9.27 -18.87 -0.89
N ALA A 512 9.79 -17.66 -1.14
CA ALA A 512 9.26 -16.77 -2.17
C ALA A 512 9.55 -17.25 -3.60
N TYR A 513 10.68 -17.89 -3.85
CA TYR A 513 10.94 -18.51 -5.14
C TYR A 513 10.01 -19.66 -5.44
N VAL A 514 9.78 -20.54 -4.49
CA VAL A 514 8.88 -21.68 -4.63
C VAL A 514 7.47 -21.15 -4.82
N GLY A 515 7.05 -20.22 -3.97
CA GLY A 515 5.78 -19.52 -4.10
C GLY A 515 5.59 -18.96 -5.50
N LEU A 516 6.59 -18.30 -6.07
CA LEU A 516 6.54 -17.86 -7.45
C LEU A 516 6.43 -19.03 -8.41
N LEU A 517 7.27 -20.05 -8.33
CA LEU A 517 7.24 -21.13 -9.32
C LEU A 517 5.93 -21.87 -9.33
N GLN A 518 5.26 -22.01 -8.19
CA GLN A 518 3.92 -22.48 -8.34
C GLN A 518 2.80 -21.47 -8.48
N ARG A 519 3.06 -20.18 -8.26
CA ARG A 519 2.22 -19.12 -8.83
C ARG A 519 2.31 -19.21 -10.36
N LEU A 520 3.44 -19.64 -10.93
CA LEU A 520 3.58 -19.94 -12.36
C LEU A 520 2.91 -21.27 -12.74
N CYS A 521 2.76 -22.23 -11.85
CA CYS A 521 1.92 -23.39 -12.16
C CYS A 521 0.45 -22.98 -12.23
N ASP A 522 0.04 -22.09 -11.33
CA ASP A 522 -1.34 -21.98 -10.87
C ASP A 522 -2.01 -20.67 -11.25
N SER A 523 -1.38 -19.89 -12.11
CA SER A 523 -1.89 -18.64 -12.65
C SER A 523 -1.13 -18.31 -13.93
N ALA A 524 -1.84 -18.01 -15.02
CA ALA A 524 -1.25 -17.90 -16.34
C ALA A 524 -0.25 -16.73 -16.41
N TRP A 525 0.72 -16.84 -17.30
CA TRP A 525 1.90 -15.98 -17.25
C TRP A 525 1.71 -14.57 -17.78
N GLY A 526 0.54 -14.22 -18.32
CA GLY A 526 0.12 -12.83 -18.54
C GLY A 526 -0.05 -12.03 -17.25
N GLN A 527 -0.05 -12.67 -16.08
CA GLN A 527 0.12 -12.01 -14.79
C GLN A 527 1.46 -11.27 -14.73
N PRO A 528 1.62 -10.25 -13.87
CA PRO A 528 2.87 -9.54 -13.70
C PRO A 528 4.00 -10.48 -13.30
N ALA A 529 5.17 -10.31 -13.89
CA ALA A 529 6.40 -10.97 -13.46
C ALA A 529 6.69 -10.68 -11.99
N ASP A 530 6.37 -9.47 -11.54
CA ASP A 530 6.51 -9.00 -10.17
C ASP A 530 5.99 -10.01 -9.15
N LEU A 531 6.91 -10.45 -8.30
CA LEU A 531 6.63 -11.21 -7.08
C LEU A 531 5.84 -10.40 -6.05
N PRO A 532 5.09 -11.07 -5.17
CA PRO A 532 4.81 -10.52 -3.86
C PRO A 532 6.09 -10.45 -3.03
N LEU A 533 6.14 -9.58 -2.04
CA LEU A 533 7.05 -9.82 -0.93
C LEU A 533 6.61 -11.08 -0.18
N PRO A 534 7.49 -11.74 0.59
CA PRO A 534 7.04 -12.75 1.52
C PRO A 534 6.05 -12.11 2.48
N TRP A 535 4.85 -12.65 2.62
CA TRP A 535 3.79 -11.90 3.26
C TRP A 535 4.13 -11.46 4.67
N ALA A 536 4.79 -12.29 5.45
CA ALA A 536 5.21 -11.96 6.81
C ALA A 536 6.07 -10.69 6.87
N GLN A 537 6.93 -10.47 5.88
CA GLN A 537 7.68 -9.22 5.76
C GLN A 537 6.73 -8.06 5.48
N GLN A 538 5.91 -8.17 4.44
CA GLN A 538 5.01 -7.08 4.09
C GLN A 538 3.99 -6.77 5.18
N ALA A 539 3.54 -7.75 5.93
CA ALA A 539 2.68 -7.56 7.07
C ALA A 539 3.40 -6.78 8.16
N ARG A 540 4.64 -7.14 8.52
CA ARG A 540 5.44 -6.33 9.44
C ARG A 540 5.54 -4.89 8.98
N ARG A 541 5.74 -4.69 7.69
CA ARG A 541 5.91 -3.34 7.14
C ARG A 541 4.61 -2.56 7.08
N ALA A 542 3.50 -3.20 6.80
CA ALA A 542 2.20 -2.59 6.99
C ALA A 542 1.97 -2.20 8.45
N LEU A 543 2.42 -2.95 9.46
CA LEU A 543 2.32 -2.46 10.84
C LEU A 543 3.16 -1.21 11.07
N LEU A 544 4.40 -1.20 10.60
CA LEU A 544 5.33 -0.09 10.80
C LEU A 544 4.78 1.19 10.19
N ASN A 545 4.37 1.10 8.95
CA ASN A 545 3.73 2.16 8.20
C ASN A 545 2.31 2.47 8.66
N GLY A 546 1.70 1.64 9.47
CA GLY A 546 0.33 1.83 9.89
C GLY A 546 0.21 2.69 11.12
N GLN A 547 1.28 2.98 11.87
CA GLN A 547 1.14 3.56 13.20
C GLN A 547 0.29 4.84 13.14
N PRO A 548 -0.70 4.99 14.01
CA PRO A 548 -1.74 5.98 13.83
C PRO A 548 -1.18 7.38 13.87
N ALA A 549 -1.78 8.31 13.14
CA ALA A 549 -1.44 9.71 13.26
C ALA A 549 -1.84 10.25 14.65
N CYS A 550 -0.88 10.33 15.57
CA CYS A 550 -1.05 11.08 16.83
C CYS A 550 -1.26 12.59 16.64
N ALA A 551 -1.18 13.06 15.39
CA ALA A 551 -1.51 14.41 14.98
C ALA A 551 -2.88 14.84 15.48
N THR A 552 -2.88 15.73 16.47
CA THR A 552 -4.00 16.63 16.74
C THR A 552 -3.90 17.78 15.73
N ALA A 553 -4.18 17.45 14.46
CA ALA A 553 -3.80 18.25 13.30
C ALA A 553 -4.31 19.69 13.40
N ARG A 554 -3.37 20.64 13.47
CA ARG A 554 -3.61 22.06 13.74
C ARG A 554 -2.55 22.90 13.07
N THR A 555 -2.81 24.20 12.91
CA THR A 555 -1.74 25.10 12.45
C THR A 555 -0.58 25.07 13.43
N LEU A 556 0.63 25.19 12.91
CA LEU A 556 1.86 24.84 13.60
C LEU A 556 2.11 25.71 14.82
N HIS A 557 1.60 26.93 14.81
CA HIS A 557 1.69 27.84 15.93
C HIS A 557 0.60 27.63 16.99
N ARG A 558 -0.43 26.80 16.78
CA ARG A 558 -1.67 26.90 17.58
C ARG A 558 -1.41 26.67 19.06
N ASP A 559 -0.59 25.67 19.37
CA ASP A 559 -0.19 25.42 20.73
C ASP A 559 0.46 26.64 21.37
N PHE A 560 1.42 27.26 20.70
CA PHE A 560 2.23 28.26 21.36
C PHE A 560 1.39 29.47 21.78
N PHE A 561 0.51 29.95 20.91
CA PHE A 561 -0.34 31.07 21.25
C PHE A 561 -1.36 30.72 22.34
N LEU A 562 -1.70 29.45 22.51
CA LEU A 562 -2.42 28.98 23.71
C LEU A 562 -1.52 28.89 24.94
N ARG A 563 -0.35 28.27 24.86
CA ARG A 563 0.62 28.25 25.98
C ARG A 563 0.93 29.65 26.49
N ALA A 564 0.97 30.62 25.58
CA ALA A 564 1.17 32.01 25.93
C ALA A 564 0.00 32.61 26.69
N ALA A 565 -1.22 32.43 26.20
CA ALA A 565 -2.42 32.85 26.92
C ALA A 565 -2.56 32.17 28.29
N GLU A 566 -2.12 30.91 28.42
CA GLU A 566 -2.20 30.16 29.67
C GLU A 566 -1.22 30.66 30.73
N ALA A 567 0.02 30.94 30.35
CA ALA A 567 1.05 31.37 31.29
C ALA A 567 1.93 32.41 30.61
N PRO A 568 1.50 33.67 30.58
CA PRO A 568 2.22 34.70 29.84
C PRO A 568 3.60 34.99 30.42
N ASP A 569 3.78 34.85 31.73
CA ASP A 569 5.06 35.10 32.40
C ASP A 569 6.05 33.93 32.31
N ALA A 570 5.60 32.72 31.96
CA ALA A 570 6.48 31.56 31.87
C ALA A 570 7.59 31.78 30.83
N ASP A 571 8.81 31.33 31.10
CA ASP A 571 9.95 31.57 30.22
C ASP A 571 9.78 30.79 28.91
N ALA A 572 9.89 31.48 27.79
CA ALA A 572 9.79 30.90 26.46
C ALA A 572 11.13 30.83 25.76
N LEU A 573 11.95 31.86 25.84
CA LEU A 573 13.26 31.87 25.22
C LEU A 573 14.26 32.42 26.22
N LEU A 574 15.47 31.88 26.26
CA LEU A 574 16.57 32.46 27.03
C LEU A 574 17.73 32.71 26.08
N TYR A 575 18.40 33.83 26.26
CA TYR A 575 19.46 34.34 25.40
C TYR A 575 20.73 34.58 26.23
N ARG A 576 21.67 35.42 25.75
CA ARG A 576 22.99 35.57 26.40
C ARG A 576 22.89 35.91 27.88
N ASP A 577 21.88 36.68 28.26
CA ASP A 577 21.43 36.88 29.64
C ASP A 577 19.92 37.05 29.67
N GLN A 578 19.40 37.96 28.85
CA GLN A 578 17.97 38.25 28.78
C GLN A 578 17.14 37.03 28.36
N ARG A 579 15.90 37.01 28.85
CA ARG A 579 14.89 36.01 28.54
C ARG A 579 13.57 36.64 28.17
N VAL A 580 12.83 35.93 27.36
CA VAL A 580 11.54 36.32 26.84
C VAL A 580 10.50 35.37 27.37
N THR A 581 9.46 35.89 28.00
CA THR A 581 8.35 35.05 28.46
C THR A 581 7.44 34.65 27.32
N ARG A 582 6.57 33.65 27.50
CA ARG A 582 5.66 33.22 26.43
C ARG A 582 4.80 34.38 26.00
N GLY A 583 4.24 35.11 26.95
CA GLY A 583 3.44 36.29 26.68
C GLY A 583 4.23 37.32 25.89
N GLU A 584 5.47 37.59 26.27
CA GLU A 584 6.29 38.53 25.51
C GLU A 584 6.54 38.02 24.10
N LEU A 585 6.97 36.77 23.92
CA LEU A 585 7.20 36.22 22.60
C LEU A 585 5.91 36.26 21.77
N ALA A 586 4.80 35.88 22.36
CA ALA A 586 3.53 35.88 21.68
C ALA A 586 3.16 37.30 21.28
N GLU A 587 3.20 38.27 22.18
CA GLU A 587 2.78 39.64 21.85
C GLU A 587 3.70 40.24 20.77
N ARG A 588 5.01 40.00 20.89
CA ARG A 588 6.01 40.35 19.87
C ARG A 588 5.68 39.70 18.52
N ALA A 589 5.46 38.40 18.49
CA ALA A 589 5.08 37.68 17.28
C ALA A 589 3.77 38.22 16.70
N LEU A 590 2.76 38.48 17.50
CA LEU A 590 1.50 39.06 17.01
C LEU A 590 1.67 40.50 16.52
N ARG A 591 2.57 41.30 17.11
CA ARG A 591 2.94 42.61 16.55
C ARG A 591 3.60 42.45 15.20
N ILE A 592 4.52 41.49 15.06
CA ILE A 592 5.12 41.20 13.75
C ILE A 592 4.05 40.74 12.79
N ALA A 593 3.16 39.84 13.21
CA ALA A 593 2.08 39.36 12.39
C ALA A 593 1.20 40.50 11.87
N GLY A 594 0.85 41.46 12.73
CA GLY A 594 0.09 42.63 12.32
C GLY A 594 0.90 43.50 11.39
N GLY A 595 2.17 43.72 11.71
CA GLY A 595 3.14 44.31 10.79
C GLY A 595 3.16 43.63 9.44
N LEU A 596 2.98 42.31 9.36
CA LEU A 596 2.99 41.59 8.11
C LEU A 596 1.70 41.76 7.32
N ARG A 597 0.54 41.71 7.98
CA ARG A 597 -0.72 42.04 7.29
C ARG A 597 -0.71 43.48 6.79
N GLU A 598 -0.18 44.41 7.59
CA GLU A 598 0.08 45.78 7.18
C GLU A 598 1.01 45.81 5.95
N ALA A 599 2.05 44.99 5.94
CA ALA A 599 2.96 44.85 4.80
C ALA A 599 2.36 44.07 3.61
N GLY A 600 1.07 43.74 3.62
CA GLY A 600 0.37 43.12 2.50
C GLY A 600 0.61 41.62 2.36
N VAL A 601 1.34 41.01 3.29
CA VAL A 601 1.41 39.55 3.40
C VAL A 601 0.06 39.04 3.89
N ARG A 602 -0.37 37.90 3.35
CA ARG A 602 -1.63 37.25 3.69
C ARG A 602 -1.43 35.74 3.66
N PRO A 603 -2.35 34.95 4.24
CA PRO A 603 -2.14 33.53 4.48
C PRO A 603 -1.58 32.76 3.30
N GLY A 604 -0.72 31.79 3.58
CA GLY A 604 0.01 30.92 2.66
C GLY A 604 0.97 31.60 1.69
N ASP A 605 0.97 32.93 1.56
CA ASP A 605 2.05 33.63 0.87
C ASP A 605 3.35 33.61 1.70
N ALA A 606 4.51 33.67 1.04
CA ALA A 606 5.78 33.29 1.67
C ALA A 606 6.64 34.45 2.13
N VAL A 607 7.30 34.32 3.26
CA VAL A 607 8.07 35.38 3.88
C VAL A 607 9.48 34.92 4.19
N GLU A 608 10.49 35.50 3.59
CA GLU A 608 11.87 35.25 4.02
C GLU A 608 12.06 35.73 5.45
N VAL A 609 12.79 34.98 6.25
CA VAL A 609 13.22 35.44 7.57
C VAL A 609 14.72 35.31 7.63
N SER A 610 15.43 36.41 7.84
CA SER A 610 16.87 36.52 7.64
C SER A 610 17.46 37.29 8.78
N LEU A 611 17.37 36.68 9.96
CA LEU A 611 17.68 37.32 11.23
C LEU A 611 18.78 36.55 11.96
N PRO A 612 19.71 37.23 12.64
CA PRO A 612 20.65 36.56 13.52
C PRO A 612 19.89 35.88 14.66
N ARG A 613 20.40 34.73 15.08
CA ARG A 613 19.74 33.86 16.06
C ARG A 613 19.57 34.60 17.39
N GLY A 614 18.36 34.56 17.92
CA GLY A 614 17.96 35.32 19.10
C GLY A 614 16.46 35.56 19.12
N PRO A 615 15.92 36.16 20.18
CA PRO A 615 14.48 36.12 20.38
C PRO A 615 13.67 36.82 19.31
N GLN A 616 14.18 37.89 18.70
CA GLN A 616 13.55 38.50 17.52
C GLN A 616 13.46 37.53 16.33
N GLN A 617 14.41 36.61 16.14
CA GLN A 617 14.31 35.59 15.10
C GLN A 617 13.14 34.65 15.35
N VAL A 618 13.00 34.18 16.58
CA VAL A 618 11.88 33.29 16.95
C VAL A 618 10.57 34.04 16.82
N ALA A 619 10.50 35.25 17.37
CA ALA A 619 9.31 36.09 17.29
C ALA A 619 8.92 36.35 15.85
N ALA A 620 9.88 36.52 14.95
CA ALA A 620 9.57 36.67 13.54
C ALA A 620 8.91 35.44 12.95
N VAL A 621 9.39 34.22 13.19
CA VAL A 621 8.73 33.07 12.57
C VAL A 621 7.36 32.79 13.16
N PHE A 622 7.20 32.91 14.48
CA PHE A 622 5.87 32.85 15.06
C PHE A 622 4.98 33.96 14.53
N GLY A 623 5.52 35.15 14.31
CA GLY A 623 4.78 36.23 13.70
C GLY A 623 4.38 35.93 12.26
N VAL A 624 5.26 35.32 11.47
CA VAL A 624 4.94 34.97 10.09
C VAL A 624 3.83 33.92 10.06
N LEU A 625 3.98 32.86 10.84
CA LEU A 625 2.95 31.83 10.92
C LEU A 625 1.66 32.41 11.51
N ALA A 626 1.72 33.32 12.47
CA ALA A 626 0.55 33.98 13.02
C ALA A 626 -0.12 34.90 12.00
N ALA A 627 0.63 35.50 11.09
CA ALA A 627 0.10 36.13 9.88
C ALA A 627 -0.36 35.10 8.83
N GLY A 628 -0.42 33.83 9.21
CA GLY A 628 -0.77 32.70 8.36
C GLY A 628 0.20 32.44 7.21
N ALA A 629 1.30 33.16 7.15
CA ALA A 629 2.23 33.12 6.04
C ALA A 629 3.27 32.03 6.22
N CYS A 630 3.93 31.71 5.13
CA CYS A 630 4.82 30.57 5.04
C CYS A 630 6.28 31.02 5.18
N TYR A 631 6.93 30.81 6.31
CA TYR A 631 8.26 31.38 6.54
C TYR A 631 9.36 30.67 5.76
N VAL A 632 10.28 31.40 5.17
CA VAL A 632 11.36 30.89 4.34
C VAL A 632 12.63 31.25 5.07
N PRO A 633 13.00 30.53 6.12
CA PRO A 633 14.11 30.93 6.94
C PRO A 633 15.39 30.83 6.14
N LEU A 634 16.24 31.82 6.33
CA LEU A 634 17.64 31.80 5.93
C LEU A 634 18.42 32.30 7.15
N ASP A 635 19.64 31.87 7.38
CA ASP A 635 20.51 32.65 8.24
C ASP A 635 20.76 34.02 7.59
N ILE A 636 20.92 35.07 8.39
CA ILE A 636 21.50 36.30 7.86
C ILE A 636 22.91 36.05 7.30
N ASP A 637 23.61 35.05 7.82
CA ASP A 637 24.88 34.56 7.28
C ASP A 637 24.77 33.79 5.95
N GLN A 638 23.55 33.53 5.46
CA GLN A 638 23.34 32.95 4.13
C GLN A 638 23.77 33.98 3.06
N PRO A 639 24.67 33.66 2.12
CA PRO A 639 25.33 34.68 1.30
C PRO A 639 24.37 35.36 0.32
N PRO A 640 24.45 36.68 0.14
CA PRO A 640 23.54 37.42 -0.72
C PRO A 640 23.43 36.93 -2.17
N ALA A 641 24.51 36.44 -2.76
CA ALA A 641 24.45 35.84 -4.09
C ALA A 641 23.41 34.74 -4.20
N ARG A 642 23.44 33.79 -3.27
CA ARG A 642 22.48 32.67 -3.19
C ARG A 642 21.14 33.12 -2.66
N ARG A 643 21.11 34.06 -1.72
CA ARG A 643 19.86 34.66 -1.21
C ARG A 643 18.96 35.13 -2.33
N ARG A 644 19.50 35.81 -3.34
CA ARG A 644 18.70 36.23 -4.50
C ARG A 644 18.06 35.07 -5.22
N LEU A 645 18.84 34.03 -5.53
CA LEU A 645 18.32 32.81 -6.13
C LEU A 645 17.22 32.19 -5.27
N ILE A 646 17.33 32.27 -3.94
CA ILE A 646 16.28 31.77 -3.04
C ILE A 646 15.07 32.69 -3.00
N GLU A 647 15.21 34.02 -2.91
CA GLU A 647 14.08 34.95 -2.95
C GLU A 647 13.26 34.72 -4.23
N GLU A 648 13.95 34.52 -5.34
CA GLU A 648 13.38 34.12 -6.62
C GLU A 648 12.72 32.74 -6.55
N ALA A 649 13.46 31.70 -6.18
CA ALA A 649 12.94 30.34 -6.17
C ALA A 649 11.89 30.06 -5.07
N ALA A 650 11.73 30.95 -4.10
CA ALA A 650 10.66 30.91 -3.11
C ALA A 650 9.44 31.73 -3.54
N GLY A 651 9.52 32.50 -4.62
CA GLY A 651 8.49 33.44 -5.03
C GLY A 651 8.13 34.43 -3.91
N VAL A 652 9.13 34.85 -3.14
CA VAL A 652 8.91 35.35 -1.79
C VAL A 652 8.23 36.71 -1.76
N CYS A 653 7.23 36.86 -0.90
CA CYS A 653 6.40 38.05 -0.78
C CYS A 653 7.12 39.22 -0.10
N LEU A 654 8.00 38.91 0.85
CA LEU A 654 8.62 39.85 1.78
C LEU A 654 9.88 39.22 2.37
N ALA A 655 10.80 40.00 2.95
CA ALA A 655 11.94 39.45 3.69
C ALA A 655 12.16 40.17 5.02
N ILE A 656 11.80 39.55 6.14
CA ILE A 656 12.08 40.07 7.47
C ILE A 656 13.57 40.00 7.71
N THR A 657 14.20 41.12 8.03
CA THR A 657 15.66 41.27 8.13
C THR A 657 15.99 42.26 9.25
N GLU A 658 17.26 42.56 9.51
CA GLU A 658 17.62 43.80 10.21
C GLU A 658 17.48 45.04 9.32
N GLU A 659 17.76 44.90 8.02
CA GLU A 659 17.52 45.94 7.02
C GLU A 659 16.02 46.18 6.81
N ASP A 660 15.63 47.45 6.67
CA ASP A 660 14.39 47.81 6.00
C ASP A 660 14.73 48.41 4.63
N ASP A 661 14.23 47.82 3.57
CA ASP A 661 14.23 48.34 2.22
C ASP A 661 13.09 47.73 1.39
N PRO A 662 11.95 48.43 1.27
CA PRO A 662 10.83 47.96 0.45
C PRO A 662 11.12 47.95 -1.05
N GLN A 663 12.30 48.43 -1.47
CA GLN A 663 12.76 48.49 -2.86
C GLN A 663 13.84 47.43 -3.16
N ALA A 664 14.20 46.58 -2.18
CA ALA A 664 14.97 45.36 -2.40
C ALA A 664 14.20 44.34 -3.28
N LEU A 665 14.81 43.17 -3.54
CA LEU A 665 14.28 42.19 -4.51
C LEU A 665 12.83 41.76 -4.17
N PRO A 666 12.53 41.25 -2.95
CA PRO A 666 11.24 41.38 -2.31
C PRO A 666 11.26 42.67 -1.46
N PRO A 667 10.13 43.21 -1.03
CA PRO A 667 10.15 44.23 0.02
C PRO A 667 10.82 43.66 1.28
N ARG A 668 11.93 44.25 1.70
CA ARG A 668 12.69 43.75 2.85
C ARG A 668 12.35 44.60 4.05
N LEU A 669 11.92 44.02 5.17
CA LEU A 669 11.42 44.80 6.30
C LEU A 669 12.21 44.52 7.56
N ASP A 670 12.48 45.58 8.31
CA ASP A 670 13.17 45.48 9.59
C ASP A 670 12.27 44.83 10.63
N VAL A 671 12.72 43.73 11.24
CA VAL A 671 12.02 43.10 12.35
C VAL A 671 11.71 44.06 13.49
N GLN A 672 12.61 44.97 13.87
CA GLN A 672 12.34 45.89 14.95
C GLN A 672 11.22 46.84 14.55
N ARG A 673 11.22 47.41 13.34
CA ARG A 673 10.09 48.20 12.85
C ARG A 673 8.81 47.39 12.83
N LEU A 674 8.84 46.11 12.44
CA LEU A 674 7.67 45.24 12.50
C LEU A 674 7.19 45.03 13.94
N LEU A 675 8.08 44.96 14.92
CA LEU A 675 7.73 44.94 16.34
C LEU A 675 7.11 46.25 16.81
N ARG A 676 7.29 47.39 16.12
CA ARG A 676 6.51 48.62 16.39
C ARG A 676 5.11 48.59 15.76
N GLY A 677 4.76 47.50 15.07
CA GLY A 677 3.44 47.33 14.44
C GLY A 677 2.28 47.12 15.44
N PRO A 678 1.05 47.07 14.92
CA PRO A 678 -0.13 46.71 15.70
C PRO A 678 -0.12 45.23 16.05
N ALA A 679 -0.47 44.86 17.27
CA ALA A 679 -0.72 43.47 17.60
C ALA A 679 -2.00 42.97 16.90
N LEU A 680 -1.98 41.80 16.28
CA LEU A 680 -3.23 41.09 16.00
C LEU A 680 -3.89 40.65 17.31
N ALA A 681 -5.22 40.62 17.37
CA ALA A 681 -5.96 40.16 18.54
C ALA A 681 -5.67 38.68 18.90
N ALA A 682 -5.43 37.87 17.88
CA ALA A 682 -5.00 36.48 17.88
C ALA A 682 -4.43 36.19 16.48
N PRO A 683 -3.76 35.06 16.24
CA PRO A 683 -3.32 34.71 14.90
C PRO A 683 -4.43 34.71 13.85
N VAL A 684 -4.08 34.96 12.58
CA VAL A 684 -4.98 34.67 11.47
C VAL A 684 -5.22 33.15 11.48
N PRO A 685 -6.47 32.67 11.58
CA PRO A 685 -6.73 31.25 11.65
C PRO A 685 -6.35 30.58 10.33
N LEU A 686 -5.83 29.37 10.41
CA LEU A 686 -5.60 28.56 9.21
C LEU A 686 -5.83 27.09 9.49
N ALA A 687 -6.24 26.38 8.46
CA ALA A 687 -6.26 24.93 8.49
C ALA A 687 -4.82 24.40 8.48
N PRO A 688 -4.57 23.18 8.95
CA PRO A 688 -3.24 22.62 8.97
C PRO A 688 -2.62 22.53 7.59
N GLN A 689 -3.42 22.37 6.55
CA GLN A 689 -2.90 22.08 5.21
C GLN A 689 -2.09 23.22 4.61
N ALA A 690 -2.23 24.45 5.11
CA ALA A 690 -1.46 25.58 4.61
C ALA A 690 0.03 25.41 4.85
N SER A 691 0.83 26.03 4.00
CA SER A 691 2.28 26.00 4.10
C SER A 691 2.74 26.70 5.34
N ALA A 692 3.43 26.00 6.23
CA ALA A 692 4.05 26.57 7.40
C ALA A 692 5.39 27.23 7.05
N TYR A 693 6.25 26.53 6.32
CA TYR A 693 7.56 27.05 5.95
C TYR A 693 8.09 26.47 4.66
N VAL A 694 9.09 27.12 4.08
CA VAL A 694 9.93 26.54 3.04
C VAL A 694 11.36 26.53 3.48
N ILE A 695 11.98 25.39 3.69
CA ILE A 695 13.38 25.31 4.15
C ILE A 695 14.29 24.86 3.01
N TYR A 696 15.41 25.55 2.82
CA TYR A 696 16.29 25.40 1.66
C TYR A 696 17.57 24.60 1.93
N THR A 697 17.89 23.67 1.03
CA THR A 697 19.21 23.00 0.98
C THR A 697 20.28 23.93 0.40
N SER A 698 21.55 23.59 0.56
CA SER A 698 22.71 24.39 0.16
C SER A 698 22.85 24.55 -1.36
N GLY A 699 23.25 25.74 -1.80
CA GLY A 699 23.57 26.04 -3.21
C GLY A 699 24.80 25.32 -3.76
N SER A 700 25.58 24.67 -2.89
CA SER A 700 26.60 23.71 -3.33
C SER A 700 26.01 22.48 -4.05
N THR A 701 24.71 22.24 -3.92
CA THR A 701 23.97 21.26 -4.74
C THR A 701 23.65 21.75 -6.16
N GLY A 702 23.86 23.04 -6.46
CA GLY A 702 23.45 23.69 -7.70
C GLY A 702 22.34 24.73 -7.47
N VAL A 703 21.40 24.85 -8.40
CA VAL A 703 20.24 25.74 -8.27
C VAL A 703 19.52 25.48 -6.95
N PRO A 704 19.37 26.48 -6.05
CA PRO A 704 18.80 26.25 -4.74
C PRO A 704 17.39 25.69 -4.81
N LYS A 705 17.08 24.85 -3.83
CA LYS A 705 15.79 24.19 -3.75
C LYS A 705 15.33 24.16 -2.31
N GLY A 706 14.03 24.29 -2.08
CA GLY A 706 13.50 24.41 -0.73
C GLY A 706 12.13 23.80 -0.61
N VAL A 707 11.85 23.30 0.58
CA VAL A 707 10.85 22.28 0.79
C VAL A 707 9.69 22.89 1.52
N GLU A 708 8.52 22.94 0.91
CA GLU A 708 7.37 23.61 1.48
C GLU A 708 6.60 22.66 2.38
N VAL A 709 6.72 22.84 3.67
CA VAL A 709 6.14 21.95 4.67
C VAL A 709 4.85 22.56 5.18
N SER A 710 3.71 21.88 5.00
CA SER A 710 2.45 22.32 5.59
C SER A 710 2.50 22.22 7.11
N HIS A 711 1.64 22.96 7.80
CA HIS A 711 1.55 22.78 9.25
C HIS A 711 1.18 21.34 9.55
N ALA A 712 0.27 20.74 8.78
CA ALA A 712 -0.13 19.35 8.92
C ALA A 712 1.09 18.43 8.91
N ALA A 713 1.95 18.59 7.91
CA ALA A 713 3.16 17.81 7.78
C ALA A 713 4.07 17.96 8.99
N ALA A 714 4.42 19.17 9.38
CA ALA A 714 5.28 19.36 10.53
C ALA A 714 4.63 18.91 11.83
N ILE A 715 3.36 19.22 12.04
CA ILE A 715 2.69 18.97 13.31
C ILE A 715 2.39 17.49 13.51
N ASN A 716 2.25 16.72 12.44
CA ASN A 716 2.21 15.27 12.57
C ASN A 716 3.52 14.75 13.15
N THR A 717 4.66 15.09 12.56
CA THR A 717 5.94 14.80 13.19
C THR A 717 5.99 15.29 14.63
N ILE A 718 5.69 16.56 14.88
CA ILE A 718 5.88 17.13 16.20
C ILE A 718 5.02 16.44 17.21
N ASP A 719 3.72 16.25 17.00
CA ASP A 719 2.89 15.51 17.95
C ASP A 719 3.38 14.08 18.16
N ALA A 720 3.81 13.43 17.09
CA ALA A 720 4.35 12.09 17.19
C ALA A 720 5.56 12.07 18.12
N LEU A 721 6.43 13.06 18.01
CA LEU A 721 7.63 13.13 18.82
C LEU A 721 7.41 13.71 20.24
N LEU A 722 6.54 14.69 20.40
CA LEU A 722 6.13 15.15 21.72
C LEU A 722 5.56 14.00 22.53
N ASP A 723 4.76 13.13 21.91
CA ASP A 723 4.24 11.94 22.56
C ASP A 723 5.32 10.96 23.01
N LEU A 724 6.54 11.03 22.48
CA LEU A 724 7.66 10.17 22.85
C LEU A 724 8.60 10.81 23.86
N LEU A 725 8.90 12.08 23.69
CA LEU A 725 9.69 12.86 24.65
C LEU A 725 8.91 13.26 25.91
N ARG A 726 7.58 13.19 25.89
CA ARG A 726 6.71 13.70 26.96
C ARG A 726 7.08 15.14 27.34
N VAL A 727 7.33 15.99 26.34
CA VAL A 727 7.83 17.35 26.56
C VAL A 727 6.83 18.11 27.43
N ASN A 728 7.33 18.75 28.47
CA ASN A 728 6.50 19.41 29.47
C ASN A 728 7.08 20.78 29.79
N ALA A 729 6.33 21.61 30.52
CA ALA A 729 6.68 23.00 30.79
C ALA A 729 8.05 23.21 31.46
N SER A 730 8.53 22.24 32.24
CA SER A 730 9.84 22.32 32.88
C SER A 730 10.97 22.10 31.89
N ASP A 731 10.72 21.44 30.76
CA ASP A 731 11.75 21.21 29.78
C ASP A 731 12.31 22.51 29.20
N ARG A 732 13.57 22.46 28.79
CA ARG A 732 14.17 23.50 27.99
C ARG A 732 15.01 22.91 26.89
N LEU A 733 14.96 23.46 25.68
CA LEU A 733 15.61 22.91 24.48
C LEU A 733 16.76 23.81 24.02
N LEU A 734 17.98 23.31 23.86
CA LEU A 734 19.03 24.13 23.25
C LEU A 734 18.87 24.11 21.73
N ALA A 735 18.42 25.22 21.16
CA ALA A 735 18.10 25.34 19.75
C ALA A 735 19.35 25.50 18.89
N VAL A 736 20.26 24.52 18.93
CA VAL A 736 21.45 24.54 18.07
C VAL A 736 21.11 24.48 16.58
N SER A 737 19.87 24.20 16.22
CA SER A 737 19.36 24.43 14.88
C SER A 737 19.57 25.88 14.45
N ALA A 738 20.22 26.09 13.31
CA ALA A 738 19.99 27.30 12.56
C ALA A 738 18.51 27.36 12.17
N LEU A 739 17.92 28.53 12.07
CA LEU A 739 16.52 28.63 11.67
C LEU A 739 16.25 27.99 10.29
N ASP A 740 17.23 28.05 9.39
CA ASP A 740 17.13 27.48 8.03
C ASP A 740 17.43 25.99 7.95
N PHE A 741 17.53 25.34 9.10
CA PHE A 741 17.58 23.91 9.25
C PHE A 741 16.33 23.47 9.98
N ASP A 742 15.63 22.49 9.43
CA ASP A 742 14.30 22.13 9.90
C ASP A 742 14.23 21.60 11.32
N LEU A 743 15.33 21.20 11.93
CA LEU A 743 15.32 20.89 13.36
C LEU A 743 14.83 22.07 14.19
N SER A 744 15.02 23.30 13.71
CA SER A 744 14.50 24.49 14.38
C SER A 744 12.99 24.38 14.52
N VAL A 745 12.32 23.75 13.57
CA VAL A 745 10.87 23.62 13.52
C VAL A 745 10.36 22.83 14.72
N PHE A 746 11.09 21.80 15.16
CA PHE A 746 10.75 21.15 16.42
C PHE A 746 11.08 22.03 17.60
N ASP A 747 12.25 22.68 17.62
CA ASP A 747 12.58 23.58 18.72
C ASP A 747 11.42 24.55 18.96
N LEU A 748 11.06 25.27 17.91
CA LEU A 748 10.03 26.27 17.89
C LEU A 748 8.69 25.66 18.26
N PHE A 749 8.12 24.88 17.37
CA PHE A 749 6.70 24.59 17.45
C PHE A 749 6.41 23.37 18.34
N GLY A 750 7.40 22.52 18.57
CA GLY A 750 7.34 21.44 19.54
C GLY A 750 7.68 21.95 20.93
N GLY A 751 8.85 22.54 21.12
CA GLY A 751 9.28 23.00 22.43
C GLY A 751 8.33 24.02 23.02
N LEU A 752 8.14 25.15 22.33
CA LEU A 752 7.20 26.15 22.81
C LEU A 752 5.75 25.66 22.74
N GLY A 753 5.42 24.74 21.84
CA GLY A 753 4.09 24.15 21.79
C GLY A 753 3.73 23.40 23.07
N ALA A 754 4.68 22.63 23.61
CA ALA A 754 4.60 22.04 24.95
C ALA A 754 4.98 23.01 26.08
N GLY A 755 5.24 24.27 25.74
CA GLY A 755 5.60 25.30 26.69
C GLY A 755 6.99 25.14 27.31
N ALA A 756 7.86 24.32 26.75
CA ALA A 756 9.26 24.23 27.14
C ALA A 756 10.04 25.46 26.67
N SER A 757 10.83 26.07 27.54
CA SER A 757 11.62 27.25 27.15
C SER A 757 12.73 26.85 26.20
N LEU A 758 12.81 27.45 25.02
CA LEU A 758 14.02 27.29 24.24
C LEU A 758 15.14 28.04 24.92
N VAL A 759 16.34 27.54 24.77
CA VAL A 759 17.54 28.26 25.11
C VAL A 759 18.24 28.46 23.79
N LEU A 760 18.49 29.71 23.46
CA LEU A 760 18.95 30.08 22.14
C LEU A 760 20.44 30.31 22.18
N PRO A 761 21.20 29.65 21.30
CA PRO A 761 22.49 30.19 20.90
C PRO A 761 22.29 31.59 20.30
N ALA A 762 23.15 32.53 20.64
CA ALA A 762 23.29 33.75 19.86
C ALA A 762 24.10 33.52 18.58
N GLN A 763 24.08 34.43 17.61
CA GLN A 763 24.61 34.15 16.27
C GLN A 763 26.09 33.75 16.25
N GLU A 764 26.93 34.35 17.09
CA GLU A 764 28.35 33.99 17.19
C GLU A 764 28.56 32.59 17.79
N GLN A 765 27.54 32.07 18.47
CA GLN A 765 27.48 30.76 19.13
C GLN A 765 26.84 29.70 18.22
N ALA A 766 26.53 30.04 16.98
CA ALA A 766 25.88 29.14 16.03
C ALA A 766 26.63 27.82 15.83
N ARG A 767 27.94 27.80 16.04
CA ARG A 767 28.78 26.62 16.22
C ARG A 767 29.82 26.86 17.31
N ASP A 768 29.37 26.91 18.56
CA ASP A 768 30.25 27.01 19.72
C ASP A 768 29.82 26.10 20.88
N ALA A 769 30.53 25.00 21.06
CA ALA A 769 30.29 24.10 22.16
C ALA A 769 30.43 24.76 23.54
N ALA A 770 31.31 25.77 23.71
CA ALA A 770 31.49 26.39 25.01
C ALA A 770 30.21 27.13 25.42
N ALA A 771 29.72 28.03 24.56
CA ALA A 771 28.44 28.69 24.79
C ALA A 771 27.30 27.68 24.95
N TRP A 772 27.25 26.62 24.13
CA TRP A 772 26.24 25.58 24.29
C TRP A 772 26.30 24.93 25.67
N ALA A 773 27.48 24.60 26.16
CA ALA A 773 27.66 24.00 27.46
C ALA A 773 27.31 24.94 28.61
N GLU A 774 27.75 26.19 28.53
CA GLU A 774 27.38 27.21 29.51
C GLU A 774 25.87 27.36 29.54
N ALA A 775 25.24 27.54 28.39
CA ALA A 775 23.79 27.67 28.30
C ALA A 775 23.06 26.43 28.84
N ILE A 776 23.51 25.23 28.48
CA ILE A 776 22.97 23.98 28.99
C ILE A 776 23.02 23.97 30.51
N GLN A 777 24.20 24.19 31.08
CA GLN A 777 24.41 24.15 32.52
C GLN A 777 23.55 25.23 33.20
N ARG A 778 23.69 26.47 32.76
CA ARG A 778 23.03 27.64 33.34
C ARG A 778 21.52 27.51 33.34
N HIS A 779 20.93 27.27 32.17
CA HIS A 779 19.49 27.19 32.02
C HIS A 779 18.94 25.79 32.31
N ALA A 780 19.79 24.85 32.70
CA ALA A 780 19.43 23.47 32.96
C ALA A 780 18.72 22.80 31.78
N VAL A 781 19.25 22.93 30.56
CA VAL A 781 18.62 22.41 29.34
C VAL A 781 18.37 20.92 29.50
N SER A 782 17.13 20.51 29.28
CA SER A 782 16.69 19.14 29.42
C SER A 782 16.58 18.42 28.08
N LEU A 783 16.57 19.13 26.96
CA LEU A 783 16.44 18.54 25.63
C LEU A 783 17.47 19.12 24.67
N TRP A 784 18.02 18.27 23.84
CA TRP A 784 18.94 18.66 22.81
C TRP A 784 18.39 18.18 21.48
N ASN A 785 18.66 18.90 20.41
CA ASN A 785 18.12 18.62 19.10
C ASN A 785 19.09 19.10 18.01
N SER A 786 19.73 18.20 17.26
CA SER A 786 20.74 18.64 16.30
C SER A 786 21.03 17.63 15.21
N ALA A 787 21.79 18.04 14.19
CA ALA A 787 22.60 17.06 13.47
C ALA A 787 23.66 16.50 14.42
N PRO A 788 23.99 15.20 14.38
CA PRO A 788 24.90 14.61 15.34
C PRO A 788 26.27 15.23 15.30
N ALA A 789 26.74 15.69 14.14
CA ALA A 789 28.01 16.38 14.03
C ALA A 789 28.07 17.65 14.90
N LEU A 790 26.94 18.21 15.35
CA LEU A 790 26.94 19.24 16.39
C LEU A 790 27.13 18.63 17.78
N LEU A 791 26.45 17.55 18.12
CA LEU A 791 26.69 16.93 19.43
C LEU A 791 28.08 16.31 19.51
N GLU A 792 28.64 15.77 18.42
CA GLU A 792 30.04 15.32 18.39
C GLU A 792 30.98 16.47 18.79
N MET A 793 30.66 17.70 18.40
CA MET A 793 31.36 18.89 18.88
C MET A 793 31.03 19.18 20.34
N ALA A 794 29.77 19.21 20.74
CA ALA A 794 29.38 19.40 22.14
C ALA A 794 30.06 18.42 23.10
N LEU A 795 30.27 17.18 22.68
CA LEU A 795 30.94 16.13 23.44
C LEU A 795 32.43 16.03 23.19
N SER A 796 32.98 16.78 22.23
CA SER A 796 34.43 16.97 22.12
C SER A 796 34.99 17.79 23.28
N LEU A 797 34.15 18.56 23.97
CA LEU A 797 34.53 19.17 25.23
C LEU A 797 34.57 18.10 26.35
N PRO A 798 35.57 18.12 27.24
CA PRO A 798 35.60 17.31 28.45
C PRO A 798 34.37 17.51 29.33
N ALA A 799 33.93 16.46 30.02
CA ALA A 799 32.77 16.53 30.92
C ALA A 799 32.95 17.52 32.07
N SER A 800 34.18 17.78 32.46
CA SER A 800 34.54 18.79 33.46
C SER A 800 34.29 20.21 32.96
N GLN A 801 34.60 20.45 31.69
CA GLN A 801 34.41 21.71 30.98
C GLN A 801 32.96 21.91 30.53
N ALA A 802 32.22 20.82 30.31
CA ALA A 802 30.92 20.82 29.65
C ALA A 802 29.97 19.79 30.28
N ASP A 803 29.38 20.19 31.41
CA ASP A 803 28.50 19.37 32.23
C ASP A 803 27.05 19.39 31.73
N TYR A 804 26.57 18.27 31.19
CA TYR A 804 25.25 18.14 30.57
C TYR A 804 24.22 17.41 31.45
N ARG A 805 24.45 17.21 32.74
CA ARG A 805 23.61 16.28 33.52
C ARG A 805 22.13 16.65 33.58
N SER A 806 21.74 17.90 33.38
CA SER A 806 20.31 18.25 33.32
C SER A 806 19.60 17.68 32.09
N LEU A 807 20.35 17.32 31.05
CA LEU A 807 19.86 16.91 29.75
C LEU A 807 19.12 15.58 29.86
N ARG A 808 17.79 15.64 29.84
CA ARG A 808 16.82 14.56 30.08
C ARG A 808 16.62 13.66 28.87
N ALA A 809 16.77 14.18 27.67
CA ALA A 809 16.72 13.42 26.44
C ALA A 809 17.46 14.14 25.32
N VAL A 810 17.79 13.42 24.24
CA VAL A 810 18.50 13.97 23.09
C VAL A 810 17.88 13.49 21.80
N LEU A 811 17.73 14.37 20.83
CA LEU A 811 17.35 14.05 19.46
C LEU A 811 18.54 14.30 18.56
N LEU A 812 18.96 13.32 17.77
CA LEU A 812 20.03 13.50 16.79
C LEU A 812 19.57 13.07 15.41
N SER A 813 19.99 13.78 14.39
CA SER A 813 19.17 13.82 13.18
C SER A 813 19.97 14.03 11.92
N GLY A 814 19.39 13.76 10.76
CA GLY A 814 19.86 14.35 9.51
C GLY A 814 21.15 13.78 8.95
N ASP A 815 21.93 13.05 9.73
CA ASP A 815 23.29 12.64 9.39
C ASP A 815 23.67 11.42 10.23
N TRP A 816 24.72 10.72 9.82
CA TRP A 816 25.16 9.48 10.45
C TRP A 816 25.52 9.69 11.91
N VAL A 817 24.68 9.21 12.81
CA VAL A 817 25.03 9.17 14.22
C VAL A 817 26.00 8.02 14.42
N ALA A 818 27.22 8.30 14.87
CA ALA A 818 28.22 7.28 15.12
C ALA A 818 27.81 6.35 16.29
N LEU A 819 28.19 5.07 16.22
CA LEU A 819 27.71 4.04 17.15
C LEU A 819 28.25 4.22 18.59
N ASP A 820 29.38 4.86 18.78
CA ASP A 820 29.90 5.14 20.11
C ASP A 820 29.19 6.30 20.79
N LEU A 821 28.55 7.19 20.03
CA LEU A 821 28.02 8.44 20.56
C LEU A 821 27.02 8.24 21.71
N PRO A 822 26.03 7.34 21.65
CA PRO A 822 25.20 7.01 22.82
C PRO A 822 26.03 6.57 24.01
N GLY A 823 27.11 5.82 23.79
CA GLY A 823 28.04 5.44 24.83
C GLY A 823 28.75 6.65 25.43
N ARG A 824 29.22 7.59 24.61
CA ARG A 824 29.86 8.82 25.08
C ARG A 824 28.88 9.71 25.84
N LEU A 825 27.64 9.72 25.38
CA LEU A 825 26.58 10.58 25.88
C LEU A 825 26.04 10.09 27.22
N ARG A 826 25.80 8.80 27.38
CA ARG A 826 25.21 8.20 28.59
C ARG A 826 25.77 8.73 29.92
N PRO A 827 27.08 8.85 30.14
CA PRO A 827 27.60 9.42 31.39
C PRO A 827 27.41 10.93 31.55
N ARG A 828 27.28 11.66 30.44
CA ARG A 828 27.28 13.14 30.41
C ARG A 828 25.92 13.73 30.72
N CYS A 829 24.86 13.08 30.26
CA CYS A 829 23.47 13.52 30.36
C CYS A 829 22.84 13.04 31.68
N ALA A 830 21.52 13.19 31.84
CA ALA A 830 20.81 12.61 32.98
C ALA A 830 20.81 11.07 32.90
N GLU A 831 20.56 10.41 34.02
CA GLU A 831 20.06 9.03 33.98
C GLU A 831 18.66 9.02 33.31
N GLY A 832 18.27 7.90 32.70
CA GLY A 832 17.24 7.89 31.67
C GLY A 832 17.74 8.58 30.40
N CYS A 833 18.91 8.15 29.91
CA CYS A 833 19.72 8.90 28.93
C CYS A 833 18.97 9.31 27.66
N ARG A 834 18.10 8.43 27.14
CA ARG A 834 17.08 8.73 26.11
C ARG A 834 17.65 9.48 24.92
N LEU A 835 18.73 8.96 24.34
CA LEU A 835 19.04 9.37 22.98
C LEU A 835 17.96 8.83 22.06
N HIS A 836 17.53 9.62 21.10
CA HIS A 836 16.77 9.18 19.96
C HIS A 836 17.48 9.60 18.69
N VAL A 837 17.48 8.77 17.68
CA VAL A 837 18.05 9.08 16.39
C VAL A 837 16.99 9.04 15.35
N LEU A 838 16.89 10.11 14.58
CA LEU A 838 15.73 10.40 13.77
C LEU A 838 16.13 10.62 12.33
N GLY A 839 15.42 9.96 11.44
CA GLY A 839 15.77 9.90 10.03
C GLY A 839 14.99 10.89 9.19
N GLY A 840 15.29 10.90 7.90
CA GLY A 840 14.38 11.40 6.87
C GLY A 840 14.57 12.86 6.47
N ALA A 841 14.30 13.16 5.22
CA ALA A 841 14.65 14.45 4.65
C ALA A 841 13.75 15.58 5.14
N THR A 842 13.97 16.82 4.73
CA THR A 842 13.11 17.96 5.11
C THR A 842 11.70 17.78 4.60
N GLU A 843 11.59 16.98 3.58
CA GLU A 843 10.40 16.57 2.92
C GLU A 843 9.53 15.67 3.80
N ALA A 844 10.03 15.20 4.94
CA ALA A 844 9.22 14.61 6.00
C ALA A 844 8.70 15.64 7.00
N GLY A 845 8.87 16.92 6.71
CA GLY A 845 9.00 17.88 7.77
C GLY A 845 10.32 17.59 8.47
N ILE A 846 10.31 17.56 9.79
CA ILE A 846 11.57 17.44 10.50
C ILE A 846 12.14 16.03 10.44
N TRP A 847 11.31 14.98 10.47
CA TRP A 847 11.77 13.61 10.61
C TRP A 847 10.75 12.58 10.18
N SER A 848 11.19 11.34 10.03
CA SER A 848 10.27 10.21 9.93
C SER A 848 10.56 9.02 10.82
N ASN A 849 11.49 9.06 11.77
CA ASN A 849 11.83 7.89 12.60
C ASN A 849 12.20 8.26 14.00
N LEU A 850 12.09 7.30 14.90
CA LEU A 850 12.70 7.41 16.19
C LEU A 850 13.32 6.07 16.49
N GLN A 851 14.62 5.93 16.27
CA GLN A 851 15.38 4.89 16.92
C GLN A 851 15.74 5.38 18.31
N SER A 852 15.01 4.98 19.36
CA SER A 852 15.56 5.14 20.70
C SER A 852 16.86 4.38 20.81
N VAL A 853 17.81 4.90 21.57
CA VAL A 853 19.09 4.23 21.83
C VAL A 853 19.42 4.33 23.31
N ASP A 854 18.77 3.49 24.10
CA ASP A 854 19.21 3.15 25.45
C ASP A 854 20.61 2.52 25.43
N THR A 855 20.86 1.57 24.53
CA THR A 855 22.14 0.87 24.38
C THR A 855 22.29 0.31 22.97
N VAL A 856 23.53 0.23 22.49
CA VAL A 856 23.84 -0.21 21.13
C VAL A 856 24.08 -1.71 21.10
N PRO A 857 23.26 -2.50 20.39
CA PRO A 857 23.52 -3.91 20.21
C PRO A 857 24.65 -4.13 19.22
N PRO A 858 25.40 -5.24 19.34
CA PRO A 858 26.64 -5.41 18.62
C PRO A 858 26.46 -5.65 17.11
N HIS A 859 25.25 -5.92 16.62
CA HIS A 859 25.01 -6.15 15.20
C HIS A 859 24.72 -4.88 14.39
N TRP A 860 24.61 -3.70 15.02
CA TRP A 860 24.50 -2.45 14.27
C TRP A 860 25.81 -2.06 13.57
N ARG A 861 25.71 -1.50 12.37
CA ARG A 861 26.85 -1.00 11.55
C ARG A 861 26.80 0.51 11.32
N SER A 862 25.67 1.08 11.68
CA SER A 862 25.31 2.48 11.79
C SER A 862 24.09 2.50 12.70
N ILE A 863 23.77 3.61 13.36
CA ILE A 863 22.51 3.64 14.11
C ILE A 863 21.38 3.72 13.07
N PRO A 864 20.42 2.78 13.07
CA PRO A 864 19.44 2.68 12.02
C PRO A 864 18.33 3.72 12.20
N TYR A 865 17.60 4.02 11.14
CA TYR A 865 16.32 4.66 11.31
C TYR A 865 15.40 3.68 12.04
N GLY A 866 14.80 4.12 13.14
CA GLY A 866 13.91 3.23 13.87
C GLY A 866 12.59 2.97 13.17
N ARG A 867 11.61 2.51 13.96
CA ARG A 867 10.22 2.46 13.52
C ARG A 867 9.84 3.81 12.92
N PRO A 868 9.21 3.85 11.75
CA PRO A 868 8.62 5.07 11.24
C PRO A 868 7.76 5.76 12.29
N LEU A 869 7.88 7.08 12.40
CA LEU A 869 7.14 7.85 13.41
C LEU A 869 5.62 7.69 13.24
N PRO A 870 4.84 7.84 14.32
CA PRO A 870 3.40 7.88 14.26
C PRO A 870 2.88 8.75 13.13
N GLY A 871 1.88 8.27 12.41
CA GLY A 871 1.28 8.94 11.28
C GLY A 871 2.09 8.90 9.99
N GLN A 872 3.24 8.25 9.95
CA GLN A 872 4.07 8.22 8.76
C GLN A 872 4.84 6.93 8.64
N ALA A 873 5.51 6.80 7.51
CA ALA A 873 5.83 5.51 6.97
C ALA A 873 7.07 5.55 6.12
N TYR A 874 7.68 4.40 5.90
CA TYR A 874 8.74 4.22 4.93
C TYR A 874 8.45 3.04 4.04
N ARG A 875 8.92 3.12 2.82
CA ARG A 875 9.11 1.96 1.96
C ARG A 875 10.56 1.93 1.58
N VAL A 876 11.11 0.75 1.41
CA VAL A 876 12.36 0.58 0.70
C VAL A 876 12.00 0.03 -0.65
N VAL A 877 12.51 0.59 -1.72
CA VAL A 877 11.99 0.30 -3.05
C VAL A 877 13.04 0.10 -4.11
N ASP A 878 12.67 -0.66 -5.11
CA ASP A 878 13.46 -0.92 -6.31
C ASP A 878 13.53 0.34 -7.18
N THR A 879 14.34 0.33 -8.22
CA THR A 879 14.33 1.40 -9.24
C THR A 879 12.95 1.57 -9.87
N HIS A 880 12.19 0.48 -9.99
CA HIS A 880 10.81 0.46 -10.45
C HIS A 880 9.77 0.82 -9.38
N GLY A 881 10.18 1.26 -8.19
CA GLY A 881 9.27 1.67 -7.12
C GLY A 881 8.57 0.52 -6.37
N ARG A 882 8.52 -0.69 -6.91
CA ARG A 882 8.05 -1.89 -6.20
C ARG A 882 8.85 -2.09 -4.92
N ASP A 883 8.21 -2.46 -3.82
CA ASP A 883 8.88 -2.56 -2.53
C ASP A 883 9.84 -3.72 -2.51
N VAL A 884 11.05 -3.55 -2.00
CA VAL A 884 12.03 -4.64 -1.93
C VAL A 884 11.99 -5.37 -0.60
N PRO A 885 12.34 -6.65 -0.58
CA PRO A 885 12.21 -7.51 0.59
C PRO A 885 13.04 -7.03 1.77
N ASP A 886 12.81 -7.60 2.94
CA ASP A 886 13.65 -7.30 4.09
C ASP A 886 15.09 -7.67 3.77
N LEU A 887 16.01 -6.91 4.34
CA LEU A 887 17.44 -6.92 4.16
C LEU A 887 17.91 -6.50 2.77
N VAL A 888 17.04 -6.42 1.78
CA VAL A 888 17.43 -5.99 0.44
C VAL A 888 17.56 -4.50 0.41
N VAL A 889 18.73 -4.02 0.03
CA VAL A 889 19.01 -2.60 -0.07
C VAL A 889 18.20 -1.98 -1.20
N GLY A 890 17.52 -0.88 -0.95
CA GLY A 890 16.87 -0.12 -2.02
C GLY A 890 16.75 1.35 -1.65
N GLU A 891 16.15 2.12 -2.53
CA GLU A 891 15.87 3.52 -2.25
C GLU A 891 14.83 3.66 -1.16
N LEU A 892 15.04 4.56 -0.20
CA LEU A 892 14.05 4.84 0.82
C LEU A 892 13.07 5.87 0.32
N TRP A 893 11.79 5.58 0.42
CA TRP A 893 10.71 6.52 0.23
C TRP A 893 10.07 6.76 1.57
N ILE A 894 9.82 8.00 1.93
CA ILE A 894 9.00 8.37 3.09
C ILE A 894 7.58 8.60 2.64
N GLY A 895 6.59 8.29 3.46
CA GLY A 895 5.20 8.51 3.13
C GLY A 895 4.39 9.02 4.29
N GLY A 896 3.13 9.27 4.00
CA GLY A 896 2.11 9.53 4.99
C GLY A 896 2.09 10.93 5.55
N ALA A 897 1.40 11.09 6.67
CA ALA A 897 0.86 12.38 7.12
C ALA A 897 1.91 13.40 7.59
N SER A 898 3.20 13.15 7.37
CA SER A 898 4.27 14.11 7.62
C SER A 898 4.87 14.70 6.35
N LEU A 899 4.41 14.33 5.15
CA LEU A 899 5.08 14.80 3.96
C LEU A 899 4.90 16.28 3.71
N ALA A 900 6.00 16.96 3.42
CA ALA A 900 5.98 18.25 2.79
C ALA A 900 5.22 18.22 1.45
N ARG A 901 4.80 19.37 0.96
CA ARG A 901 3.97 19.48 -0.23
C ARG A 901 4.77 19.35 -1.50
N GLY A 902 5.93 19.97 -1.55
CA GLY A 902 6.78 20.00 -2.72
C GLY A 902 7.83 21.09 -2.62
N TYR A 903 8.68 21.17 -3.62
CA TYR A 903 9.76 22.15 -3.73
C TYR A 903 9.29 23.54 -4.13
N ARG A 904 8.27 24.05 -3.44
CA ARG A 904 7.80 25.43 -3.55
C ARG A 904 7.48 25.82 -4.99
N ASN A 905 8.18 26.76 -5.63
CA ASN A 905 7.90 27.15 -7.01
C ASN A 905 8.39 26.13 -8.05
N ASP A 906 8.95 24.99 -7.66
CA ASP A 906 9.33 23.90 -8.57
C ASP A 906 8.33 22.74 -8.50
N PRO A 907 7.36 22.66 -9.42
CA PRO A 907 6.44 21.55 -9.47
C PRO A 907 7.09 20.32 -10.08
N GLU A 908 8.10 20.48 -10.93
CA GLU A 908 8.61 19.40 -11.75
C GLU A 908 9.50 18.49 -10.94
N LEU A 909 10.46 19.04 -10.18
CA LEU A 909 11.18 18.25 -9.21
C LEU A 909 10.21 17.64 -8.22
N SER A 910 9.16 18.35 -7.82
CA SER A 910 8.18 17.76 -6.94
C SER A 910 7.51 16.54 -7.55
N ALA A 911 7.20 16.50 -8.84
CA ALA A 911 6.68 15.28 -9.47
C ALA A 911 7.73 14.19 -9.65
N ARG A 912 9.03 14.48 -9.73
CA ARG A 912 10.07 13.44 -9.77
C ARG A 912 10.36 12.87 -8.38
N ARG A 913 10.55 13.73 -7.39
CA ARG A 913 10.89 13.41 -6.00
C ARG A 913 9.70 13.12 -5.12
N PHE A 914 8.48 13.46 -5.50
CA PHE A 914 7.29 12.95 -4.85
C PHE A 914 6.44 12.20 -5.87
N VAL A 915 5.99 11.00 -5.50
CA VAL A 915 5.37 10.02 -6.36
C VAL A 915 4.15 9.45 -5.65
N HIS A 916 3.25 8.86 -6.41
CA HIS A 916 1.98 8.34 -5.89
C HIS A 916 1.74 6.93 -6.41
N ASP A 917 1.25 6.09 -5.52
CA ASP A 917 1.02 4.66 -5.71
C ASP A 917 -0.34 4.29 -5.13
N ALA A 918 -0.82 3.06 -5.37
CA ALA A 918 -1.92 2.53 -4.57
C ALA A 918 -1.61 2.59 -3.06
N GLN A 919 -0.34 2.45 -2.65
CA GLN A 919 0.12 2.68 -1.28
C GLN A 919 0.10 4.17 -0.86
N GLY A 920 -0.57 5.08 -1.57
CA GLY A 920 -0.62 6.49 -1.20
C GLY A 920 0.54 7.32 -1.73
N ARG A 921 0.88 8.41 -1.05
CA ARG A 921 1.84 9.44 -1.50
C ARG A 921 3.20 9.29 -0.82
N TRP A 922 4.27 9.33 -1.61
CA TRP A 922 5.64 9.04 -1.15
C TRP A 922 6.66 10.05 -1.64
N TYR A 923 7.57 10.46 -0.77
CA TYR A 923 8.72 11.28 -1.08
C TYR A 923 9.93 10.39 -1.25
N ARG A 924 10.48 10.42 -2.45
CA ARG A 924 11.49 9.54 -3.00
C ARG A 924 12.90 9.91 -2.53
N THR A 925 13.20 9.76 -1.24
CA THR A 925 14.34 10.44 -0.60
C THR A 925 15.68 10.35 -1.33
N GLY A 926 15.97 9.27 -2.05
CA GLY A 926 17.32 9.04 -2.56
C GLY A 926 18.30 8.54 -1.49
N ASP A 927 17.88 8.41 -0.23
CA ASP A 927 18.55 7.54 0.72
C ASP A 927 18.52 6.10 0.24
N ARG A 928 19.41 5.30 0.80
CA ARG A 928 19.47 3.87 0.63
C ARG A 928 19.35 3.24 2.00
N GLY A 929 18.84 2.03 2.06
CA GLY A 929 18.58 1.36 3.32
C GLY A 929 17.85 0.06 3.08
N ARG A 930 17.49 -0.61 4.16
CA ARG A 930 16.77 -1.90 4.13
C ARG A 930 15.97 -2.08 5.39
N TYR A 931 14.83 -2.76 5.33
CA TYR A 931 14.16 -3.21 6.54
C TYR A 931 14.85 -4.44 7.05
N TRP A 932 15.36 -4.46 8.27
CA TRP A 932 15.76 -5.70 8.91
C TRP A 932 14.56 -6.60 9.22
N GLY A 933 14.81 -7.85 9.58
CA GLY A 933 13.74 -8.77 9.95
C GLY A 933 12.91 -8.29 11.14
N ASP A 934 13.51 -7.61 12.10
CA ASP A 934 12.82 -6.99 13.23
C ASP A 934 12.06 -5.71 12.86
N GLY A 935 12.01 -5.35 11.58
CA GLY A 935 11.31 -4.19 11.07
C GLY A 935 12.06 -2.86 11.25
N THR A 936 13.22 -2.83 11.89
CA THR A 936 14.03 -1.62 11.96
C THR A 936 14.51 -1.26 10.57
N LEU A 937 14.64 0.02 10.26
CA LEU A 937 15.00 0.48 8.95
C LEU A 937 16.47 0.91 8.93
N GLU A 938 17.37 0.04 8.52
CA GLU A 938 18.77 0.46 8.42
C GLU A 938 18.97 1.46 7.30
N PHE A 939 19.53 2.62 7.62
CA PHE A 939 20.00 3.57 6.62
C PHE A 939 21.40 3.19 6.12
N LEU A 940 21.65 3.39 4.84
CA LEU A 940 22.82 2.92 4.10
C LEU A 940 23.42 3.99 3.18
N GLY A 941 23.42 5.24 3.64
CA GLY A 941 23.93 6.36 2.85
C GLY A 941 22.96 6.76 1.76
N ARG A 942 23.29 7.78 0.98
CA ARG A 942 22.45 8.20 -0.14
C ARG A 942 22.75 7.37 -1.39
N VAL A 943 22.07 7.63 -2.49
CA VAL A 943 22.34 6.95 -3.76
C VAL A 943 23.67 7.45 -4.33
N ASP A 944 23.86 8.76 -4.36
CA ASP A 944 25.20 9.35 -4.30
C ASP A 944 25.82 8.86 -2.98
N GLN A 945 27.11 8.52 -2.92
CA GLN A 945 27.70 7.78 -1.78
C GLN A 945 27.32 6.28 -1.70
N GLN A 946 26.56 5.73 -2.66
CA GLN A 946 26.40 4.28 -2.92
C GLN A 946 26.67 4.03 -4.42
N VAL A 947 27.87 4.41 -4.86
CA VAL A 947 28.22 4.76 -6.25
C VAL A 947 29.42 3.98 -6.76
N LYS A 948 29.53 3.81 -8.08
CA LYS A 948 30.70 3.25 -8.77
C LYS A 948 31.92 4.13 -8.60
N VAL A 949 32.79 3.78 -7.66
CA VAL A 949 34.10 4.42 -7.45
C VAL A 949 35.16 3.64 -8.23
N ARG A 950 35.06 3.77 -9.56
CA ARG A 950 35.86 3.11 -10.59
C ARG A 950 35.79 1.58 -10.62
N GLY A 951 36.23 0.89 -9.58
CA GLY A 951 36.25 -0.57 -9.53
C GLY A 951 34.94 -1.22 -9.09
N GLN A 952 34.11 -0.52 -8.31
CA GLN A 952 33.01 -1.12 -7.55
C GLN A 952 32.04 -0.05 -7.02
N ARG A 953 30.79 -0.42 -6.76
CA ARG A 953 29.82 0.33 -5.94
C ARG A 953 30.23 0.29 -4.46
N ILE A 954 30.46 1.43 -3.81
CA ILE A 954 31.09 1.47 -2.47
C ILE A 954 30.15 1.91 -1.36
N GLU A 955 30.18 1.23 -0.22
CA GLU A 955 29.62 1.74 1.04
C GLU A 955 30.57 2.74 1.69
N LEU A 956 30.48 4.02 1.31
CA LEU A 956 31.32 5.05 1.90
C LEU A 956 31.11 5.15 3.41
N GLY A 957 29.92 4.88 3.96
CA GLY A 957 29.71 4.83 5.41
C GLY A 957 30.51 3.72 6.12
N GLU A 958 30.69 2.57 5.49
CA GLU A 958 31.56 1.52 6.03
C GLU A 958 33.03 1.93 5.98
N VAL A 959 33.49 2.53 4.87
CA VAL A 959 34.84 3.11 4.77
C VAL A 959 35.05 4.11 5.89
N GLU A 960 34.11 5.02 6.12
CA GLU A 960 34.17 5.96 7.22
C GLU A 960 34.32 5.23 8.56
N ALA A 961 33.46 4.25 8.86
CA ALA A 961 33.55 3.53 10.13
C ALA A 961 34.87 2.73 10.26
N ALA A 962 35.34 2.08 9.20
CA ALA A 962 36.60 1.35 9.17
C ALA A 962 37.80 2.28 9.40
N LEU A 963 37.69 3.54 9.03
CA LEU A 963 38.68 4.57 9.35
C LEU A 963 38.50 5.08 10.78
N CYS A 964 37.27 5.28 11.27
CA CYS A 964 37.00 5.62 12.68
C CYS A 964 37.51 4.53 13.64
N ALA A 965 37.54 3.27 13.18
CA ALA A 965 38.03 2.12 13.92
C ALA A 965 39.56 2.08 14.05
N GLN A 966 40.33 2.83 13.25
CA GLN A 966 41.78 2.83 13.39
C GLN A 966 42.24 3.54 14.67
N ALA A 967 43.33 3.05 15.25
CA ALA A 967 43.94 3.69 16.42
C ALA A 967 44.23 5.18 16.17
N GLY A 968 44.06 6.04 17.17
CA GLY A 968 44.31 7.48 17.06
C GLY A 968 43.28 8.27 16.25
N VAL A 969 42.27 7.62 15.64
CA VAL A 969 41.23 8.29 14.86
C VAL A 969 39.97 8.48 15.70
N GLU A 970 39.42 9.68 15.67
CA GLU A 970 38.15 9.99 16.33
C GLU A 970 36.96 9.96 15.36
N SER A 971 37.13 10.35 14.10
CA SER A 971 36.09 10.25 13.06
C SER A 971 36.68 10.31 11.64
N ALA A 972 35.88 10.04 10.61
CA ALA A 972 36.29 10.17 9.22
C ALA A 972 35.12 10.43 8.25
N CYS A 973 35.44 10.93 7.07
CA CYS A 973 34.58 11.13 5.89
C CYS A 973 35.15 10.35 4.72
N ALA A 974 34.32 9.84 3.81
CA ALA A 974 34.78 9.31 2.52
C ALA A 974 33.94 9.86 1.37
N ALA A 975 34.52 9.93 0.16
CA ALA A 975 33.99 10.69 -0.96
C ALA A 975 34.46 10.20 -2.33
N VAL A 976 33.77 10.63 -3.40
CA VAL A 976 34.20 10.43 -4.78
C VAL A 976 34.66 11.74 -5.36
N LEU A 977 35.91 11.76 -5.85
CA LEU A 977 36.57 12.97 -6.32
C LEU A 977 36.34 13.21 -7.81
N GLY A 978 36.33 14.48 -8.19
CA GLY A 978 36.24 14.90 -9.58
C GLY A 978 37.49 14.57 -10.38
N GLY A 979 37.45 14.89 -11.67
CA GLY A 979 38.45 14.43 -12.64
C GLY A 979 38.18 13.02 -13.15
N GLY A 980 38.84 12.63 -14.23
CA GLY A 980 38.62 11.37 -14.94
C GLY A 980 38.83 10.11 -14.11
N VAL A 981 39.56 10.21 -13.01
CA VAL A 981 39.78 9.11 -12.07
C VAL A 981 38.49 8.65 -11.39
N ALA A 982 37.57 9.57 -11.04
CA ALA A 982 36.48 9.28 -10.11
C ALA A 982 36.98 8.60 -8.82
N SER A 983 38.10 9.11 -8.27
CA SER A 983 38.83 8.48 -7.18
C SER A 983 38.01 8.37 -5.89
N LEU A 984 38.20 7.30 -5.11
CA LEU A 984 37.89 7.40 -3.69
C LEU A 984 38.89 8.36 -3.07
N GLY A 985 38.41 9.33 -2.31
CA GLY A 985 39.21 10.07 -1.34
C GLY A 985 38.52 10.07 0.01
N ALA A 986 39.27 9.90 1.09
CA ALA A 986 38.71 9.91 2.44
C ALA A 986 39.50 10.80 3.40
N VAL A 987 38.81 11.46 4.32
CA VAL A 987 39.34 12.42 5.29
C VAL A 987 39.20 11.85 6.68
N LEU A 988 40.29 11.75 7.42
CA LEU A 988 40.27 11.36 8.82
C LEU A 988 40.25 12.57 9.76
N VAL A 989 40.00 12.34 11.04
CA VAL A 989 40.25 13.29 12.14
C VAL A 989 40.94 12.56 13.30
N PRO A 990 42.07 13.06 13.81
CA PRO A 990 42.75 12.45 14.93
C PRO A 990 42.10 12.81 16.26
N ARG A 991 42.17 11.89 17.22
CA ARG A 991 41.94 12.23 18.63
C ARG A 991 43.15 12.90 19.26
N LEU A 992 42.93 13.55 20.39
CA LEU A 992 43.96 14.33 21.09
C LEU A 992 44.45 13.71 22.39
N ALA A 993 43.70 12.78 22.98
CA ALA A 993 43.88 12.30 24.36
C ALA A 993 44.03 13.46 25.36
N PRO A 994 42.97 14.24 25.63
CA PRO A 994 43.04 15.44 26.46
C PRO A 994 43.66 15.15 27.84
N ARG A 995 44.67 15.92 28.23
CA ARG A 995 45.41 15.68 29.48
C ARG A 995 46.07 16.93 30.03
N ALA A 996 45.83 17.21 31.31
CA ALA A 996 46.21 18.42 32.02
C ALA A 996 47.69 18.47 32.42
N GLU A 997 48.59 18.09 31.52
CA GLU A 997 50.05 18.06 31.73
C GLU A 997 50.70 19.46 31.57
N GLY A 998 49.91 20.52 31.72
CA GLY A 998 50.10 21.90 31.24
C GLY A 998 51.13 22.78 31.96
N SER A 999 52.33 22.27 32.24
CA SER A 999 53.38 22.97 32.99
C SER A 999 53.79 24.33 32.40
N MET A 1000 53.80 25.39 33.21
CA MET A 1000 54.39 26.69 32.87
C MET A 1000 55.01 27.41 34.07
N ASP A 1001 56.20 27.96 33.87
CA ASP A 1001 57.01 28.70 34.84
C ASP A 1001 57.81 29.84 34.17
N LEU A 1002 57.19 30.43 33.13
CA LEU A 1002 57.79 31.27 32.09
C LEU A 1002 58.80 32.32 32.61
N PRO A 1003 60.05 32.26 32.14
CA PRO A 1003 61.00 33.38 32.13
C PRO A 1003 60.48 34.60 31.37
N ALA A 1004 60.02 35.61 32.11
CA ALA A 1004 59.44 36.85 31.58
C ALA A 1004 60.39 38.08 31.69
N ALA A 1005 61.69 37.84 31.89
CA ALA A 1005 62.71 38.88 32.11
C ALA A 1005 63.21 39.59 30.83
N GLN A 1006 63.41 38.86 29.71
CA GLN A 1006 63.79 39.48 28.42
C GLN A 1006 62.72 40.43 27.86
N PRO A 1007 61.41 40.14 28.04
CA PRO A 1007 60.36 41.12 27.91
C PRO A 1007 60.55 42.35 28.80
N PHE A 1008 60.22 43.52 28.26
CA PHE A 1008 60.00 44.74 29.01
C PHE A 1008 59.03 45.65 28.25
N ALA A 1009 58.32 46.52 28.95
CA ALA A 1009 57.40 47.48 28.35
C ALA A 1009 58.09 48.42 27.34
N GLY A 1010 59.40 48.63 27.44
CA GLY A 1010 60.18 49.35 26.44
C GLY A 1010 60.17 48.71 25.04
N LEU A 1011 59.96 47.38 24.92
CA LEU A 1011 59.70 46.75 23.63
C LEU A 1011 58.33 47.17 23.07
N ALA A 1012 57.29 47.23 23.90
CA ALA A 1012 55.99 47.74 23.48
C ALA A 1012 56.07 49.25 23.15
N GLU A 1013 56.73 50.07 23.97
CA GLU A 1013 56.97 51.49 23.67
C GLU A 1013 57.75 51.66 22.37
N ALA A 1014 58.77 50.83 22.15
CA ALA A 1014 59.54 50.82 20.93
C ALA A 1014 58.62 50.52 19.74
N GLU A 1015 57.75 49.51 19.86
CA GLU A 1015 56.79 49.23 18.80
C GLU A 1015 55.77 50.35 18.62
N ALA A 1016 55.35 51.02 19.69
CA ALA A 1016 54.41 52.13 19.66
C ALA A 1016 55.00 53.37 18.99
N VAL A 1017 56.29 53.61 19.13
CA VAL A 1017 57.03 54.63 18.41
C VAL A 1017 57.25 54.23 16.95
N LEU A 1018 57.53 52.96 16.67
CA LEU A 1018 57.46 52.44 15.32
C LEU A 1018 56.04 52.61 14.73
N THR A 1019 55.00 52.51 15.55
CA THR A 1019 53.64 52.83 15.15
C THR A 1019 53.59 54.32 14.80
N ARG A 1020 54.10 55.23 15.65
CA ARG A 1020 54.26 56.67 15.35
C ARG A 1020 54.95 56.91 14.00
N GLU A 1021 56.03 56.22 13.71
CA GLU A 1021 56.74 56.33 12.43
C GLU A 1021 55.96 55.79 11.22
N ILE A 1022 55.30 54.64 11.30
CA ILE A 1022 54.55 54.08 10.15
C ILE A 1022 53.16 54.70 10.01
N LEU A 1023 52.52 55.12 11.09
CA LEU A 1023 51.42 56.10 11.03
C LEU A 1023 51.90 57.35 10.31
N GLY A 1024 53.02 57.94 10.74
CA GLY A 1024 53.64 59.09 10.07
C GLY A 1024 54.02 58.84 8.61
N ALA A 1025 54.11 57.57 8.18
CA ALA A 1025 54.18 57.22 6.78
C ALA A 1025 52.79 57.16 6.12
N LEU A 1026 51.89 56.26 6.53
CA LEU A 1026 50.64 56.09 5.79
C LEU A 1026 49.64 57.24 5.99
N LEU A 1027 49.62 57.95 7.11
CA LEU A 1027 48.71 59.09 7.31
C LEU A 1027 49.00 60.29 6.40
N GLU A 1028 50.08 60.26 5.62
CA GLU A 1028 50.33 61.18 4.49
C GLU A 1028 49.62 60.75 3.19
N ALA A 1029 49.17 59.50 3.11
CA ALA A 1029 48.46 58.88 1.99
C ALA A 1029 47.42 57.80 2.43
N PRO A 1030 46.57 58.02 3.43
CA PRO A 1030 45.66 56.98 3.94
C PRO A 1030 44.40 56.84 3.08
N LEU A 1031 44.25 57.69 2.06
CA LEU A 1031 43.13 57.75 1.11
C LEU A 1031 42.96 56.46 0.29
N GLU A 1032 44.04 55.67 0.20
CA GLU A 1032 44.06 54.39 -0.52
C GLU A 1032 43.51 53.22 0.32
N LEU A 1033 43.34 53.39 1.64
CA LEU A 1033 42.54 52.49 2.50
C LEU A 1033 41.04 52.58 2.16
N ASP A 1034 40.23 51.66 2.69
CA ASP A 1034 38.80 51.91 2.90
C ASP A 1034 38.59 52.93 4.03
N ASP A 1035 37.38 53.50 4.12
CA ASP A 1035 37.08 54.54 5.11
C ASP A 1035 37.03 54.00 6.56
N GLY A 1036 36.55 52.77 6.76
CA GLY A 1036 36.54 52.12 8.07
C GLY A 1036 37.94 51.98 8.65
N LEU A 1037 38.90 51.51 7.86
CA LEU A 1037 40.31 51.49 8.25
C LEU A 1037 40.94 52.86 8.27
N ARG A 1038 40.63 53.80 7.37
CA ARG A 1038 41.21 55.16 7.44
C ARG A 1038 40.87 55.85 8.77
N ARG A 1039 39.62 55.76 9.23
CA ARG A 1039 39.26 56.19 10.58
C ARG A 1039 40.02 55.40 11.63
N ARG A 1040 40.09 54.08 11.52
CA ARG A 1040 40.84 53.28 12.49
C ARG A 1040 42.33 53.62 12.48
N TRP A 1041 42.97 54.02 11.38
CA TRP A 1041 44.36 54.51 11.39
C TRP A 1041 44.50 55.81 12.20
N LEU A 1042 43.50 56.72 12.19
CA LEU A 1042 43.49 57.87 13.11
C LEU A 1042 43.30 57.38 14.55
N ASP A 1043 42.46 56.38 14.78
CA ASP A 1043 42.34 55.75 16.08
C ASP A 1043 43.62 54.97 16.46
N TRP A 1044 44.41 54.47 15.52
CA TRP A 1044 45.67 53.78 15.78
C TRP A 1044 46.76 54.78 16.12
N LEU A 1045 46.73 55.99 15.56
CA LEU A 1045 47.43 57.13 16.14
C LEU A 1045 46.95 57.39 17.56
N ALA A 1046 45.65 57.53 17.79
CA ALA A 1046 45.11 57.79 19.12
C ALA A 1046 45.51 56.71 20.16
N ASP A 1047 45.57 55.44 19.74
CA ASP A 1047 45.87 54.25 20.53
C ASP A 1047 47.36 53.91 20.59
N SER A 1048 48.24 54.78 20.08
CA SER A 1048 49.69 54.61 20.13
C SER A 1048 50.41 55.96 20.21
N ALA A 1049 51.70 56.00 19.86
CA ALA A 1049 52.39 57.20 19.44
C ALA A 1049 52.32 58.37 20.45
N ALA A 1050 52.54 59.60 19.97
CA ALA A 1050 52.50 60.84 20.78
C ALA A 1050 51.16 61.08 21.50
N SER A 1051 50.09 60.38 21.10
CA SER A 1051 48.83 60.30 21.83
C SER A 1051 48.99 59.46 23.10
N ALA A 1052 48.86 58.13 23.01
CA ALA A 1052 48.75 57.24 24.16
C ALA A 1052 50.09 56.69 24.67
N LEU A 1053 51.15 56.66 23.85
CA LEU A 1053 52.40 55.94 24.14
C LEU A 1053 53.65 56.75 23.71
N PRO A 1054 53.84 57.97 24.24
CA PRO A 1054 54.98 58.82 23.86
C PRO A 1054 56.32 58.22 24.33
N SER A 1055 57.27 58.03 23.41
CA SER A 1055 58.60 57.47 23.71
C SER A 1055 59.63 57.83 22.62
N LEU A 1056 60.91 57.61 22.90
CA LEU A 1056 62.03 58.01 22.04
C LEU A 1056 62.19 57.13 20.79
N ASP A 1057 62.83 57.67 19.74
CA ASP A 1057 63.38 56.93 18.59
C ASP A 1057 64.40 55.83 18.98
N GLU A 1058 64.76 55.74 20.26
CA GLU A 1058 65.37 54.58 20.90
C GLU A 1058 64.65 53.28 20.54
N ALA A 1059 63.37 53.38 20.25
CA ALA A 1059 62.57 52.38 19.58
C ALA A 1059 63.30 51.66 18.45
N LEU A 1060 63.80 52.41 17.47
CA LEU A 1060 64.42 51.85 16.27
C LEU A 1060 65.76 51.19 16.60
N ARG A 1061 66.41 51.64 17.68
CA ARG A 1061 67.58 51.00 18.29
C ARG A 1061 67.23 49.71 19.05
N ARG A 1062 66.02 49.58 19.60
CA ARG A 1062 65.50 48.33 20.21
C ARG A 1062 65.08 47.29 19.16
N LEU A 1063 64.33 47.72 18.17
CA LEU A 1063 63.52 46.86 17.30
C LEU A 1063 64.31 45.97 16.35
N GLY A 1064 65.57 46.28 16.06
CA GLY A 1064 66.41 45.56 15.10
C GLY A 1064 66.24 45.99 13.64
N TRP A 1065 65.10 46.62 13.30
CA TRP A 1065 64.95 47.43 12.09
C TRP A 1065 65.16 48.90 12.44
N GLN A 1066 66.08 49.55 11.73
CA GLN A 1066 66.29 51.00 11.78
C GLN A 1066 65.24 51.73 10.93
N ALA A 1067 65.25 53.06 10.96
CA ALA A 1067 64.41 53.91 10.11
C ALA A 1067 64.52 53.57 8.60
N ALA A 1068 65.58 52.89 8.15
CA ALA A 1068 65.69 52.36 6.78
C ALA A 1068 64.76 51.15 6.52
N GLY A 1069 64.69 50.18 7.43
CA GLY A 1069 63.68 49.12 7.38
C GLY A 1069 62.26 49.67 7.43
N LEU A 1070 62.01 50.60 8.36
CA LEU A 1070 60.73 51.32 8.47
C LEU A 1070 60.39 52.14 7.23
N THR A 1071 61.36 52.69 6.52
CA THR A 1071 61.15 53.34 5.23
C THR A 1071 60.66 52.32 4.19
N ALA A 1072 61.25 51.12 4.14
CA ALA A 1072 60.75 50.04 3.30
C ALA A 1072 59.30 49.64 3.67
N MET A 1073 58.97 49.55 4.97
CA MET A 1073 57.59 49.33 5.45
C MET A 1073 56.64 50.42 4.93
N GLY A 1074 56.92 51.69 5.24
CA GLY A 1074 56.05 52.81 4.89
C GLY A 1074 55.84 52.94 3.39
N ASN A 1075 56.92 52.85 2.61
CA ASN A 1075 56.84 52.93 1.14
C ASN A 1075 56.11 51.73 0.53
N ALA A 1076 56.41 50.50 0.95
CA ALA A 1076 55.74 49.31 0.45
C ALA A 1076 54.24 49.32 0.79
N LEU A 1077 53.88 49.72 2.00
CA LEU A 1077 52.48 49.84 2.42
C LEU A 1077 51.70 50.86 1.58
N ARG A 1078 52.30 52.00 1.23
CA ARG A 1078 51.65 52.91 0.27
C ARG A 1078 51.48 52.26 -1.10
N GLY A 1079 52.51 51.61 -1.63
CA GLY A 1079 52.46 50.91 -2.93
C GLY A 1079 51.41 49.82 -3.01
N LEU A 1080 51.24 49.08 -1.91
CA LEU A 1080 50.23 48.05 -1.72
C LEU A 1080 48.81 48.63 -1.87
N LEU A 1081 48.53 49.65 -1.06
CA LEU A 1081 47.18 50.21 -0.94
C LEU A 1081 46.77 51.06 -2.15
N ALA A 1082 47.71 51.76 -2.79
CA ALA A 1082 47.43 52.47 -4.03
C ALA A 1082 46.86 51.52 -5.11
N GLY A 1083 47.41 50.31 -5.19
CA GLY A 1083 46.96 49.26 -6.11
C GLY A 1083 45.77 48.44 -5.59
N GLU A 1084 45.26 48.71 -4.40
CA GLU A 1084 44.21 47.93 -3.71
C GLU A 1084 44.58 46.43 -3.56
N GLN A 1085 45.88 46.11 -3.44
CA GLN A 1085 46.39 44.73 -3.42
C GLN A 1085 46.23 43.99 -2.07
N ALA A 1086 45.51 44.58 -1.12
CA ALA A 1086 45.12 43.92 0.11
C ALA A 1086 44.08 42.79 -0.14
N PRO A 1087 44.06 41.72 0.67
CA PRO A 1087 45.04 41.43 1.71
C PRO A 1087 46.36 40.88 1.16
N ALA A 1088 46.36 40.13 0.06
CA ALA A 1088 47.46 39.23 -0.31
C ALA A 1088 48.86 39.88 -0.35
N ALA A 1089 48.98 41.11 -0.86
CA ALA A 1089 50.26 41.79 -0.91
C ALA A 1089 50.83 42.17 0.47
N LEU A 1090 50.00 42.21 1.52
CA LEU A 1090 50.44 42.35 2.92
C LEU A 1090 51.26 41.12 3.33
N LEU A 1091 50.82 39.94 2.89
CA LEU A 1091 51.44 38.66 3.22
C LEU A 1091 52.67 38.41 2.34
N LEU A 1092 52.62 38.80 1.07
CA LEU A 1092 53.73 38.71 0.12
C LEU A 1092 54.84 39.78 0.32
N ASP A 1093 55.20 40.09 1.57
CA ASP A 1093 56.16 41.14 1.93
C ASP A 1093 56.77 40.94 3.34
N PRO A 1094 58.11 40.80 3.49
CA PRO A 1094 58.72 40.64 4.81
C PRO A 1094 58.54 41.86 5.72
N TRP A 1095 58.37 43.05 5.15
CA TRP A 1095 58.22 44.28 5.91
C TRP A 1095 56.80 44.49 6.44
N LEU A 1096 55.82 43.69 6.01
CA LEU A 1096 54.41 43.92 6.34
C LEU A 1096 53.66 42.69 6.84
N ALA A 1097 54.02 41.48 6.39
CA ALA A 1097 53.25 40.29 6.73
C ALA A 1097 53.21 40.10 8.27
N PRO A 1098 52.07 39.81 8.91
CA PRO A 1098 51.89 39.92 10.35
C PRO A 1098 52.94 39.16 11.17
N GLN A 1099 53.22 37.93 10.77
CA GLN A 1099 54.30 37.14 11.36
C GLN A 1099 55.71 37.60 10.95
N ALA A 1100 55.94 38.08 9.72
CA ALA A 1100 57.26 38.54 9.30
C ALA A 1100 57.69 39.84 10.01
N VAL A 1101 56.75 40.76 10.26
CA VAL A 1101 56.99 41.89 11.17
C VAL A 1101 57.19 41.40 12.60
N ALA A 1102 56.39 40.44 13.06
CA ALA A 1102 56.60 39.86 14.38
C ALA A 1102 58.01 39.27 14.54
N ALA A 1103 58.53 38.62 13.50
CA ALA A 1103 59.87 38.03 13.42
C ALA A 1103 61.05 39.00 13.60
N ARG A 1104 60.81 40.28 13.88
CA ARG A 1104 61.83 41.17 14.43
C ARG A 1104 61.29 42.12 15.51
N LEU A 1105 60.16 42.77 15.29
CA LEU A 1105 59.78 43.94 16.09
C LEU A 1105 59.35 43.65 17.55
N PRO A 1106 58.37 42.78 17.85
CA PRO A 1106 58.04 42.33 19.22
C PRO A 1106 59.05 41.32 19.79
N ASP A 1107 60.32 41.36 19.37
CA ASP A 1107 61.36 40.34 19.65
C ASP A 1107 60.98 38.91 19.19
N GLY A 1108 60.15 38.80 18.17
CA GLY A 1108 59.93 37.51 17.52
C GLY A 1108 61.15 37.00 16.74
N ARG A 1109 62.23 37.78 16.58
CA ARG A 1109 63.50 37.21 16.07
C ARG A 1109 64.13 36.31 17.11
N GLU A 1110 64.16 36.77 18.35
CA GLU A 1110 64.68 36.00 19.46
C GLU A 1110 63.81 34.78 19.71
N ALA A 1111 62.50 34.92 19.58
CA ALA A 1111 61.61 33.78 19.56
C ALA A 1111 61.93 32.83 18.38
N LEU A 1112 62.05 33.34 17.15
CA LEU A 1112 62.42 32.57 15.96
C LEU A 1112 63.74 31.83 16.15
N ALA A 1113 64.75 32.45 16.75
CA ALA A 1113 66.06 31.84 17.01
C ALA A 1113 65.97 30.67 18.00
N ARG A 1114 65.22 30.82 19.09
CA ARG A 1114 64.97 29.69 20.01
C ARG A 1114 64.13 28.59 19.36
N LEU A 1115 63.15 28.97 18.55
CA LEU A 1115 62.27 28.07 17.81
C LEU A 1115 62.98 27.38 16.62
N LEU A 1116 64.03 28.00 16.10
CA LEU A 1116 65.01 27.47 15.15
C LEU A 1116 65.90 26.43 15.82
N GLU A 1117 66.22 26.61 17.11
CA GLU A 1117 66.74 25.56 17.97
C GLU A 1117 65.63 24.65 18.52
N ALA A 1118 65.92 23.82 19.52
CA ALA A 1118 65.21 22.56 19.80
C ALA A 1118 65.24 21.59 18.60
N LEU A 1119 66.24 21.73 17.72
CA LEU A 1119 66.50 20.87 16.56
C LEU A 1119 67.91 20.23 16.63
N PRO A 1120 68.19 19.27 17.53
CA PRO A 1120 69.51 18.63 17.71
C PRO A 1120 70.10 17.87 16.52
N THR A 1121 69.47 17.92 15.35
CA THR A 1121 69.67 17.03 14.19
C THR A 1121 71.09 16.80 13.66
N PRO A 1122 71.99 17.79 13.49
CA PRO A 1122 73.33 17.52 12.99
C PRO A 1122 74.26 16.96 14.07
N ALA A 1123 73.98 17.27 15.33
CA ALA A 1123 74.66 16.75 16.51
C ALA A 1123 74.24 15.31 16.84
N ALA A 1124 72.95 15.02 16.68
CA ALA A 1124 72.40 13.67 16.74
C ALA A 1124 72.80 12.80 15.54
N GLY A 1125 73.28 13.39 14.44
CA GLY A 1125 73.61 12.68 13.20
C GLY A 1125 72.40 12.00 12.59
N GLU A 1126 71.22 12.56 12.82
CA GLU A 1126 69.94 11.87 12.77
C GLU A 1126 68.91 12.65 11.98
N ARG A 1127 68.12 11.89 11.21
CA ARG A 1127 67.04 12.37 10.36
C ARG A 1127 65.90 12.99 11.18
N LEU A 1128 66.01 14.27 11.55
CA LEU A 1128 64.98 14.98 12.30
C LEU A 1128 64.05 15.69 11.33
N ARG A 1129 62.79 15.28 11.32
CA ARG A 1129 61.78 15.69 10.34
C ARG A 1129 60.91 16.79 10.95
N VAL A 1130 60.72 17.88 10.24
CA VAL A 1130 60.07 19.08 10.76
C VAL A 1130 59.05 19.56 9.75
N ALA A 1131 57.86 19.94 10.19
CA ALA A 1131 56.92 20.70 9.35
C ALA A 1131 56.76 22.12 9.89
N VAL A 1132 56.50 23.09 9.02
CA VAL A 1132 55.96 24.40 9.43
C VAL A 1132 54.50 24.46 9.02
N LEU A 1133 53.59 24.78 9.92
CA LEU A 1133 52.17 25.00 9.59
C LEU A 1133 51.84 26.46 9.33
N ASP A 1134 52.49 27.37 10.03
CA ASP A 1134 52.20 28.79 9.93
C ASP A 1134 52.91 29.44 8.73
N THR A 1135 53.19 28.72 7.63
CA THR A 1135 54.13 29.23 6.63
C THR A 1135 53.65 30.51 5.97
N ARG A 1136 52.46 30.50 5.36
CA ARG A 1136 51.95 31.56 4.46
C ARG A 1136 52.99 31.85 3.39
N ALA A 1137 53.32 33.11 3.13
CA ALA A 1137 54.42 33.47 2.23
C ALA A 1137 55.82 33.14 2.79
N GLY A 1138 55.92 32.67 4.04
CA GLY A 1138 57.15 32.18 4.65
C GLY A 1138 58.13 33.25 5.11
N LEU A 1139 57.88 34.53 4.87
CA LEU A 1139 58.87 35.62 4.98
C LEU A 1139 59.30 35.96 6.42
N TRP A 1140 58.84 35.19 7.39
CA TRP A 1140 59.39 35.10 8.72
C TRP A 1140 60.53 34.08 8.82
N LEU A 1141 60.40 32.87 8.27
CA LEU A 1141 61.48 31.87 8.20
C LEU A 1141 62.71 32.39 7.47
N ASP A 1142 62.54 33.27 6.48
CA ASP A 1142 63.63 33.98 5.81
C ASP A 1142 64.64 34.56 6.81
N GLN A 1143 64.13 35.03 7.95
CA GLN A 1143 64.86 35.76 8.97
C GLN A 1143 65.64 34.85 9.92
N GLY A 1144 65.43 33.53 9.87
CA GLY A 1144 66.26 32.51 10.52
C GLY A 1144 66.91 31.52 9.55
N MET A 1145 66.72 31.73 8.25
CA MET A 1145 66.84 30.68 7.23
C MET A 1145 68.19 29.97 7.26
N ALA A 1146 69.27 30.75 7.28
CA ALA A 1146 70.66 30.34 7.31
C ALA A 1146 71.07 29.40 8.48
N SER A 1147 70.22 29.18 9.48
CA SER A 1147 70.42 28.12 10.49
C SER A 1147 69.15 27.38 10.91
N LEU A 1148 67.99 27.74 10.32
CA LEU A 1148 66.87 26.79 10.23
C LEU A 1148 67.32 25.58 9.40
N LEU A 1149 68.07 25.83 8.33
CA LEU A 1149 68.81 24.79 7.60
C LEU A 1149 69.90 24.18 8.50
N ARG A 1150 69.90 22.85 8.60
CA ARG A 1150 70.87 22.05 9.36
C ARG A 1150 71.11 20.69 8.68
N PRO A 1151 72.31 20.10 8.78
CA PRO A 1151 72.52 18.70 8.39
C PRO A 1151 71.65 17.73 9.22
N GLY A 1152 71.28 16.61 8.64
CA GLY A 1152 70.31 15.65 9.20
C GLY A 1152 68.85 16.11 9.11
N LEU A 1153 68.60 17.41 8.96
CA LEU A 1153 67.25 17.96 8.92
C LEU A 1153 66.46 17.47 7.71
N GLU A 1154 65.19 17.16 7.93
CA GLU A 1154 64.17 17.12 6.89
C GLU A 1154 63.14 18.20 7.24
N LEU A 1155 62.80 19.10 6.32
CA LEU A 1155 61.89 20.20 6.58
C LEU A 1155 60.86 20.33 5.46
N THR A 1156 59.60 20.50 5.84
CA THR A 1156 58.48 20.74 4.92
C THR A 1156 57.59 21.92 5.33
N LEU A 1157 57.13 22.72 4.37
CA LEU A 1157 56.36 23.94 4.61
C LEU A 1157 54.90 23.79 4.18
N PHE A 1158 53.98 24.06 5.10
CA PHE A 1158 52.54 23.93 4.95
C PHE A 1158 51.80 25.24 5.22
N GLU A 1159 50.70 25.42 4.49
CA GLU A 1159 49.62 26.36 4.77
C GLU A 1159 48.39 26.02 3.90
N ARG A 1160 47.21 26.54 4.24
CA ARG A 1160 45.91 26.47 3.54
C ARG A 1160 45.88 27.24 2.20
N SER A 1161 46.98 27.30 1.44
CA SER A 1161 47.10 28.02 0.17
C SER A 1161 48.06 27.35 -0.81
N ARG A 1162 47.79 27.46 -2.12
CA ARG A 1162 48.77 27.19 -3.18
C ARG A 1162 49.66 28.39 -3.49
N VAL A 1163 49.07 29.57 -3.71
CA VAL A 1163 49.80 30.79 -4.10
C VAL A 1163 50.85 31.19 -3.07
N LEU A 1164 50.49 31.25 -1.78
CA LEU A 1164 51.45 31.70 -0.78
C LEU A 1164 52.57 30.68 -0.56
N LEU A 1165 52.32 29.39 -0.78
CA LEU A 1165 53.39 28.39 -0.74
C LEU A 1165 54.26 28.37 -2.00
N ASP A 1166 53.71 28.61 -3.20
CA ASP A 1166 54.54 28.88 -4.38
C ASP A 1166 55.44 30.09 -4.15
N ALA A 1167 54.89 31.14 -3.52
CA ALA A 1167 55.66 32.28 -3.09
C ALA A 1167 56.76 31.86 -2.11
N ALA A 1168 56.44 31.14 -1.03
CA ALA A 1168 57.40 30.67 -0.04
C ALA A 1168 58.49 29.80 -0.68
N ALA A 1169 58.13 28.81 -1.49
CA ALA A 1169 59.05 27.92 -2.19
C ALA A 1169 60.01 28.66 -3.12
N THR A 1170 59.57 29.81 -3.64
CA THR A 1170 60.41 30.71 -4.41
C THR A 1170 61.45 31.41 -3.53
N ARG A 1171 60.97 32.12 -2.50
CA ARG A 1171 61.80 33.10 -1.74
C ARG A 1171 62.50 32.53 -0.51
N LEU A 1172 62.12 31.33 -0.11
CA LEU A 1172 62.86 30.44 0.77
C LEU A 1172 63.53 29.33 -0.10
N PRO A 1173 64.66 28.74 0.32
CA PRO A 1173 65.44 27.88 -0.54
C PRO A 1173 64.73 26.58 -0.92
N GLU A 1174 64.78 26.25 -2.20
CA GLU A 1174 64.04 25.16 -2.85
C GLU A 1174 64.42 23.74 -2.39
N ARG A 1175 65.52 23.57 -1.66
CA ARG A 1175 65.88 22.33 -0.97
C ARG A 1175 64.98 22.01 0.23
N ILE A 1176 64.12 22.93 0.64
CA ILE A 1176 63.07 22.69 1.63
C ILE A 1176 61.83 22.22 0.87
N VAL A 1177 61.21 21.11 1.28
CA VAL A 1177 60.01 20.56 0.61
C VAL A 1177 58.79 21.44 0.94
N VAL A 1178 57.84 21.58 0.02
CA VAL A 1178 56.67 22.46 0.20
C VAL A 1178 55.39 21.70 -0.13
N GLN A 1179 54.41 21.79 0.79
CA GLN A 1179 53.19 20.97 0.81
C GLN A 1179 51.99 21.77 1.32
N ALA A 1180 51.10 22.21 0.44
CA ALA A 1180 49.88 22.87 0.87
C ALA A 1180 48.97 21.94 1.67
N LEU A 1181 48.25 22.51 2.63
CA LEU A 1181 47.00 21.96 3.13
C LEU A 1181 45.97 22.27 2.04
N ASP A 1182 46.06 21.55 0.93
CA ASP A 1182 45.50 21.96 -0.34
C ASP A 1182 43.97 22.07 -0.24
N ASP A 1183 43.43 23.24 -0.62
CA ASP A 1183 42.05 23.64 -0.35
C ASP A 1183 41.60 23.41 1.12
N GLY A 1184 42.49 23.73 2.06
CA GLY A 1184 42.27 23.67 3.51
C GLY A 1184 42.52 22.32 4.16
N LEU A 1185 43.09 21.34 3.44
CA LEU A 1185 43.04 19.92 3.79
C LEU A 1185 44.41 19.21 3.68
N LEU A 1186 44.82 18.47 4.72
CA LEU A 1186 46.09 17.72 4.73
C LEU A 1186 45.99 16.43 3.90
N PRO A 1187 46.93 16.12 2.99
CA PRO A 1187 47.17 14.77 2.46
C PRO A 1187 47.69 13.85 3.58
N ALA A 1188 46.95 12.78 3.88
CA ALA A 1188 47.15 11.94 5.06
C ALA A 1188 48.45 11.14 5.04
N GLU A 1189 49.06 11.01 3.87
CA GLU A 1189 50.34 10.34 3.66
C GLU A 1189 51.50 11.02 4.43
N HIS A 1190 51.30 12.25 4.91
CA HIS A 1190 52.20 12.97 5.82
C HIS A 1190 52.04 12.62 7.31
N LEU A 1191 50.98 11.96 7.73
CA LEU A 1191 50.69 11.77 9.15
C LEU A 1191 51.73 10.88 9.84
N GLY A 1192 52.09 11.24 11.06
CA GLY A 1192 53.18 10.59 11.78
C GLY A 1192 54.58 10.91 11.22
N ARG A 1193 54.72 11.78 10.21
CA ARG A 1193 56.01 11.96 9.52
C ARG A 1193 56.99 12.85 10.28
N TYR A 1194 56.55 13.93 10.90
CA TYR A 1194 57.50 14.98 11.31
C TYR A 1194 57.82 14.95 12.81
N ASP A 1195 59.04 14.59 13.20
CA ASP A 1195 59.52 14.64 14.59
C ASP A 1195 59.28 15.96 15.34
N ARG A 1196 59.13 17.06 14.60
CA ARG A 1196 58.75 18.37 15.10
C ARG A 1196 57.72 18.99 14.18
N VAL A 1197 56.92 19.90 14.71
CA VAL A 1197 56.04 20.76 13.91
C VAL A 1197 56.08 22.17 14.47
N ILE A 1198 56.08 23.18 13.59
CA ILE A 1198 56.31 24.58 13.92
C ILE A 1198 55.06 25.43 13.70
N SER A 1199 54.71 26.26 14.69
CA SER A 1199 53.82 27.42 14.55
C SER A 1199 54.54 28.69 15.01
N PHE A 1200 54.22 29.82 14.37
CA PHE A 1200 54.96 31.05 14.48
C PHE A 1200 54.10 32.29 14.18
N ALA A 1201 53.75 33.01 15.23
CA ALA A 1201 53.11 34.33 15.16
C ALA A 1201 51.81 34.34 14.32
N ALA A 1202 51.18 33.18 14.15
CA ALA A 1202 49.96 32.99 13.41
C ALA A 1202 49.02 31.94 14.05
N LEU A 1203 49.24 31.53 15.30
CA LEU A 1203 48.29 30.61 15.95
C LEU A 1203 46.92 31.30 16.17
N HIS A 1204 46.91 32.60 16.48
CA HIS A 1204 45.71 33.44 16.45
C HIS A 1204 45.00 33.38 15.10
N ALA A 1205 45.76 33.22 14.02
CA ALA A 1205 45.26 33.18 12.67
C ALA A 1205 44.71 31.80 12.26
N TYR A 1206 44.59 30.86 13.20
CA TYR A 1206 43.70 29.71 13.06
C TYR A 1206 42.33 30.07 13.65
N GLU A 1207 41.30 29.37 13.24
CA GLU A 1207 39.92 29.71 13.63
C GLU A 1207 39.63 29.32 15.08
N ALA A 1208 40.39 28.35 15.58
CA ALA A 1208 40.72 28.15 16.98
C ALA A 1208 42.15 27.59 17.05
N SER A 1209 42.84 27.78 18.17
CA SER A 1209 44.07 27.02 18.45
C SER A 1209 43.84 25.50 18.28
N ARG A 1210 42.65 25.01 18.68
CA ARG A 1210 42.12 23.65 18.46
C ARG A 1210 42.14 23.18 17.00
N GLU A 1211 42.14 24.06 16.03
CA GLU A 1211 42.42 23.69 14.64
C GLU A 1211 43.90 23.35 14.48
N GLY A 1212 44.79 24.33 14.65
CA GLY A 1212 46.22 24.15 14.38
C GLY A 1212 46.87 23.09 15.26
N LEU A 1213 46.61 23.12 16.56
CA LEU A 1213 47.16 22.16 17.53
C LEU A 1213 46.81 20.72 17.13
N ALA A 1214 45.59 20.48 16.67
CA ALA A 1214 45.13 19.13 16.30
C ALA A 1214 45.66 18.67 14.94
N LEU A 1215 45.88 19.60 14.01
CA LEU A 1215 46.63 19.30 12.79
C LEU A 1215 48.07 18.92 13.16
N ALA A 1216 48.73 19.73 13.98
CA ALA A 1216 50.11 19.51 14.40
C ALA A 1216 50.28 18.16 15.10
N ALA A 1217 49.39 17.83 16.04
CA ALA A 1217 49.51 16.64 16.88
C ALA A 1217 49.69 15.35 16.08
N ALA A 1218 48.97 15.20 14.96
CA ALA A 1218 49.04 14.00 14.13
C ALA A 1218 49.99 14.13 12.93
N LEU A 1219 50.30 15.36 12.49
CA LEU A 1219 51.37 15.60 11.52
C LEU A 1219 52.75 15.33 12.13
N LEU A 1220 52.88 15.65 13.42
CA LEU A 1220 53.96 15.18 14.25
C LEU A 1220 54.12 13.65 14.14
N ARG A 1221 55.35 13.19 14.17
CA ARG A 1221 55.69 11.80 14.50
C ARG A 1221 55.23 11.52 15.93
N PRO A 1222 54.73 10.32 16.27
CA PRO A 1222 54.22 10.04 17.61
C PRO A 1222 55.26 10.36 18.71
N GLN A 1223 54.87 11.08 19.76
CA GLN A 1223 55.76 11.65 20.78
C GLN A 1223 56.83 12.66 20.28
N GLY A 1224 56.70 13.17 19.07
CA GLY A 1224 57.47 14.33 18.60
C GLY A 1224 57.17 15.61 19.41
N ARG A 1225 57.87 16.71 19.11
CA ARG A 1225 57.70 17.98 19.83
C ARG A 1225 57.05 19.06 18.97
N LEU A 1226 55.90 19.59 19.39
CA LEU A 1226 55.44 20.89 18.91
C LEU A 1226 56.47 21.95 19.28
N LEU A 1227 56.79 22.83 18.34
CA LEU A 1227 57.51 24.07 18.53
C LEU A 1227 56.55 25.21 18.16
N LEU A 1228 56.31 26.14 19.06
CA LEU A 1228 55.29 27.17 18.89
C LEU A 1228 55.79 28.54 19.35
N VAL A 1229 55.47 29.60 18.60
CA VAL A 1229 55.36 30.95 19.18
C VAL A 1229 54.09 31.65 18.68
N ASP A 1230 53.54 32.57 19.46
CA ASP A 1230 52.54 33.50 18.94
C ASP A 1230 52.56 34.89 19.56
N LEU A 1231 52.09 35.88 18.80
CA LEU A 1231 51.61 37.15 19.31
C LEU A 1231 50.50 36.89 20.34
N LEU A 1232 50.68 37.33 21.59
CA LEU A 1232 49.65 37.25 22.64
C LEU A 1232 49.09 38.66 22.91
N CYS A 1233 50.00 39.61 23.16
CA CYS A 1233 49.76 41.01 22.88
C CYS A 1233 49.60 41.15 21.36
N GLU A 1234 48.58 41.86 20.88
CA GLU A 1234 48.68 42.39 19.51
C GLU A 1234 49.66 43.55 19.53
N SER A 1235 50.84 43.37 18.92
CA SER A 1235 51.88 44.38 18.84
C SER A 1235 51.32 45.75 18.42
N PRO A 1236 51.83 46.87 18.96
CA PRO A 1236 51.47 48.20 18.47
C PRO A 1236 51.74 48.37 16.97
N LEU A 1237 52.77 47.72 16.43
CA LEU A 1237 52.92 47.66 14.98
C LEU A 1237 51.87 46.75 14.36
N ALA A 1238 51.56 45.58 14.93
CA ALA A 1238 50.48 44.74 14.41
C ALA A 1238 49.09 45.42 14.44
N LEU A 1239 48.88 46.45 15.28
CA LEU A 1239 47.73 47.34 15.17
C LEU A 1239 47.65 47.99 13.78
N LEU A 1240 48.78 48.12 13.07
CA LEU A 1240 48.85 48.34 11.63
C LEU A 1240 48.98 47.00 10.86
N GLY A 1241 50.11 46.30 11.01
CA GLY A 1241 50.58 45.15 10.21
C GLY A 1241 49.76 43.86 10.29
N ALA A 1242 48.74 43.77 11.14
CA ALA A 1242 47.74 42.70 11.14
C ALA A 1242 46.34 43.24 10.88
N ALA A 1243 45.95 44.33 11.55
CA ALA A 1243 44.61 44.91 11.38
C ALA A 1243 44.38 45.55 10.01
N LEU A 1244 45.42 45.77 9.18
CA LEU A 1244 45.28 46.06 7.75
C LEU A 1244 44.43 45.03 6.98
N LEU A 1245 44.36 43.79 7.47
CA LEU A 1245 43.44 42.77 6.94
C LEU A 1245 41.96 43.09 7.21
N ASP A 1246 41.70 43.96 8.18
CA ASP A 1246 40.46 44.15 8.91
C ASP A 1246 39.81 42.83 9.35
N ASP A 1247 40.64 41.87 9.74
CA ASP A 1247 40.20 40.72 10.49
C ASP A 1247 40.21 41.04 12.00
N ARG A 1248 39.50 40.24 12.78
CA ARG A 1248 39.23 40.47 14.20
C ARG A 1248 40.48 40.28 15.06
N PRO A 1249 40.80 41.19 16.00
CA PRO A 1249 41.85 40.99 17.01
C PRO A 1249 41.52 39.88 18.01
N LEU A 1250 40.24 39.54 18.12
CA LEU A 1250 39.66 38.51 18.99
C LEU A 1250 40.28 37.11 18.74
N ARG A 1251 40.91 36.95 17.57
CA ARG A 1251 41.87 35.89 17.25
C ARG A 1251 42.94 35.63 18.32
N LEU A 1252 43.51 36.66 18.94
CA LEU A 1252 44.72 36.48 19.76
C LEU A 1252 44.43 35.77 21.08
N ALA A 1253 45.41 34.99 21.54
CA ALA A 1253 45.34 34.20 22.77
C ALA A 1253 45.99 34.90 23.99
N GLU A 1254 45.65 34.43 25.19
CA GLU A 1254 46.48 34.57 26.39
C GLU A 1254 47.26 33.26 26.62
N LEU A 1255 48.40 33.32 27.29
CA LEU A 1255 49.25 32.13 27.51
C LEU A 1255 48.55 31.01 28.32
N PRO A 1256 47.87 31.27 29.45
CA PRO A 1256 47.12 30.23 30.16
C PRO A 1256 46.01 29.60 29.32
N SER A 1257 45.34 30.40 28.49
CA SER A 1257 44.35 29.91 27.52
C SER A 1257 44.97 28.94 26.51
N LEU A 1258 46.10 29.34 25.90
CA LEU A 1258 46.88 28.47 25.04
C LEU A 1258 47.32 27.18 25.76
N LEU A 1259 47.86 27.24 26.97
CA LEU A 1259 48.26 26.05 27.71
C LEU A 1259 47.07 25.11 27.97
N ALA A 1260 45.89 25.66 28.24
CA ALA A 1260 44.66 24.87 28.34
C ALA A 1260 44.27 24.24 27.00
N ASP A 1261 44.33 24.99 25.91
CA ASP A 1261 44.08 24.45 24.57
C ASP A 1261 45.08 23.35 24.20
N LEU A 1262 46.33 23.53 24.57
CA LEU A 1262 47.44 22.63 24.29
C LEU A 1262 47.30 21.37 25.15
N ALA A 1263 46.84 21.50 26.41
CA ALA A 1263 46.43 20.38 27.25
C ALA A 1263 45.20 19.65 26.70
N ALA A 1264 44.24 20.37 26.12
CA ALA A 1264 43.14 19.76 25.38
C ALA A 1264 43.61 19.02 24.13
N ALA A 1265 44.65 19.54 23.46
CA ALA A 1265 45.36 18.85 22.40
C ALA A 1265 46.21 17.67 22.91
N GLY A 1266 46.20 17.40 24.21
CA GLY A 1266 46.95 16.37 24.87
C GLY A 1266 48.46 16.57 24.85
N LEU A 1267 48.99 17.66 24.29
CA LEU A 1267 50.42 17.90 24.29
C LEU A 1267 50.85 18.31 25.71
N ALA A 1268 52.06 17.99 26.15
CA ALA A 1268 52.61 18.41 27.44
C ALA A 1268 53.64 19.53 27.22
N PRO A 1269 53.35 20.78 27.57
CA PRO A 1269 54.16 21.95 27.25
C PRO A 1269 55.23 22.33 28.27
N ARG A 1270 56.16 23.16 27.80
CA ARG A 1270 56.92 24.14 28.60
C ARG A 1270 56.85 25.45 27.82
N CYS A 1271 56.39 26.52 28.46
CA CYS A 1271 56.53 27.89 27.95
C CYS A 1271 57.84 28.48 28.49
N LEU A 1272 58.58 29.14 27.61
CA LEU A 1272 60.03 29.24 27.74
C LEU A 1272 60.59 30.65 27.69
N TRP A 1273 60.09 31.54 26.81
CA TRP A 1273 60.66 32.88 26.59
C TRP A 1273 59.77 33.79 25.74
N ARG A 1274 60.13 35.08 25.69
CA ARG A 1274 59.46 36.24 25.04
C ARG A 1274 57.99 36.51 25.34
N SER A 1275 57.34 35.65 26.13
CA SER A 1275 56.19 36.00 26.96
C SER A 1275 55.02 36.66 26.21
N GLU A 1276 54.28 37.53 26.88
CA GLU A 1276 53.20 38.34 26.31
C GLU A 1276 53.54 39.01 24.96
N ARG A 1277 54.80 39.40 24.69
CA ARG A 1277 55.19 39.90 23.37
C ARG A 1277 55.02 38.81 22.32
N ILE A 1278 55.75 37.71 22.51
CA ILE A 1278 55.76 36.52 21.68
C ILE A 1278 56.09 35.30 22.56
N ALA A 1279 55.12 34.49 22.95
CA ALA A 1279 55.43 33.38 23.86
C ALA A 1279 55.94 32.16 23.10
N LEU A 1280 57.20 31.82 23.32
CA LEU A 1280 57.81 30.53 22.95
C LEU A 1280 57.29 29.41 23.82
N VAL A 1281 56.85 28.34 23.18
CA VAL A 1281 56.38 27.10 23.78
C VAL A 1281 56.95 25.92 23.01
N GLU A 1282 57.33 24.87 23.71
CA GLU A 1282 57.50 23.54 23.10
C GLU A 1282 56.62 22.55 23.83
N ALA A 1283 56.13 21.51 23.16
CA ALA A 1283 55.32 20.51 23.82
C ALA A 1283 55.48 19.10 23.24
N LEU A 1284 55.56 18.11 24.13
CA LEU A 1284 55.56 16.69 23.78
C LEU A 1284 54.15 16.25 23.36
N ALA A 1285 54.02 15.65 22.19
CA ALA A 1285 52.80 14.99 21.75
C ALA A 1285 52.59 13.64 22.47
N PRO A 1286 51.36 13.10 22.52
CA PRO A 1286 51.12 11.74 22.99
C PRO A 1286 51.58 10.67 22.00
N GLY A 1287 51.51 9.41 22.40
CA GLY A 1287 51.47 8.28 21.48
C GLY A 1287 50.09 8.14 20.83
N LEU A 1288 49.87 8.83 19.70
CA LEU A 1288 48.60 8.75 18.96
C LEU A 1288 48.28 7.31 18.47
N GLY A 1289 49.30 6.48 18.20
CA GLY A 1289 49.12 5.24 17.46
C GLY A 1289 48.75 5.49 15.99
N LEU A 1290 49.13 6.64 15.44
CA LEU A 1290 48.71 7.11 14.11
C LEU A 1290 49.88 7.64 13.30
N ASP A 1291 50.06 7.04 12.12
CA ASP A 1291 51.02 7.38 11.05
C ASP A 1291 50.40 6.96 9.72
N ALA A 1292 50.82 7.52 8.59
CA ALA A 1292 50.37 7.12 7.26
C ALA A 1292 50.41 5.59 7.00
N ALA A 1293 51.39 4.87 7.54
CA ALA A 1293 51.45 3.40 7.48
C ALA A 1293 50.38 2.71 8.36
N ALA A 1294 50.10 3.26 9.54
CA ALA A 1294 49.02 2.77 10.40
C ALA A 1294 47.65 2.98 9.76
N LEU A 1295 47.44 4.09 9.06
CA LEU A 1295 46.22 4.31 8.29
C LEU A 1295 46.11 3.36 7.11
N GLN A 1296 47.19 3.15 6.36
CA GLN A 1296 47.26 2.12 5.32
C GLN A 1296 46.91 0.72 5.87
N ALA A 1297 47.45 0.36 7.02
CA ALA A 1297 47.06 -0.87 7.72
C ALA A 1297 45.56 -0.86 8.08
N GLY A 1298 45.03 0.28 8.52
CA GLY A 1298 43.59 0.50 8.74
C GLY A 1298 42.71 0.25 7.53
N LEU A 1299 43.27 0.27 6.31
CA LEU A 1299 42.63 -0.26 5.11
C LEU A 1299 42.82 -1.77 4.99
N GLU A 1300 44.06 -2.24 5.02
CA GLU A 1300 44.40 -3.67 4.89
C GLU A 1300 43.66 -4.56 5.90
N GLN A 1301 43.31 -4.01 7.06
CA GLN A 1301 42.59 -4.68 8.14
C GLN A 1301 41.11 -4.95 7.84
N ARG A 1302 40.45 -4.13 7.00
CA ARG A 1302 38.97 -4.03 6.92
C ARG A 1302 38.40 -3.77 5.51
N LEU A 1303 39.23 -3.39 4.54
CA LEU A 1303 38.81 -2.82 3.27
C LEU A 1303 39.56 -3.46 2.09
N PRO A 1304 38.89 -4.18 1.17
CA PRO A 1304 39.48 -4.62 -0.10
C PRO A 1304 39.68 -3.48 -1.11
N GLN A 1305 40.24 -3.82 -2.27
CA GLN A 1305 40.92 -2.88 -3.17
C GLN A 1305 40.10 -1.64 -3.59
N ALA A 1306 38.90 -1.79 -4.13
CA ALA A 1306 38.11 -0.67 -4.63
C ALA A 1306 37.53 0.23 -3.52
N MET A 1307 37.56 -0.23 -2.26
CA MET A 1307 37.28 0.58 -1.06
C MET A 1307 38.55 0.94 -0.26
N ARG A 1308 39.73 0.93 -0.90
CA ARG A 1308 40.85 1.76 -0.45
C ARG A 1308 40.51 3.22 -0.82
N PRO A 1309 40.71 4.19 0.08
CA PRO A 1309 40.95 5.57 -0.33
C PRO A 1309 42.24 5.65 -1.15
N GLU A 1310 42.06 5.61 -2.47
CA GLU A 1310 43.15 5.47 -3.44
C GLU A 1310 44.08 6.70 -3.47
N ARG A 1311 43.61 7.79 -2.86
CA ARG A 1311 44.34 8.89 -2.21
C ARG A 1311 43.65 9.22 -0.88
N LEU A 1312 44.37 9.75 0.11
CA LEU A 1312 43.83 9.95 1.46
C LEU A 1312 44.17 11.33 2.03
N TRP A 1313 43.35 11.82 2.95
CA TRP A 1313 43.44 13.14 3.56
C TRP A 1313 43.02 13.14 5.04
N CYS A 1314 43.26 14.23 5.76
CA CYS A 1314 42.90 14.36 7.18
C CYS A 1314 42.70 15.83 7.59
N LEU A 1315 41.99 16.07 8.69
CA LEU A 1315 41.69 17.38 9.26
C LEU A 1315 41.80 17.39 10.78
N PRO A 1316 41.99 18.56 11.39
CA PRO A 1316 41.86 18.70 12.85
C PRO A 1316 40.44 18.45 13.35
N SER A 1317 39.45 18.73 12.51
CA SER A 1317 38.01 18.65 12.75
C SER A 1317 37.29 18.76 11.40
N LEU A 1318 36.28 17.92 11.13
CA LEU A 1318 35.53 17.99 9.86
C LEU A 1318 34.76 19.31 9.69
N PRO A 1319 34.63 19.86 8.47
CA PRO A 1319 33.80 21.02 8.22
C PRO A 1319 32.32 20.70 8.40
N LEU A 1320 31.55 21.69 8.83
CA LEU A 1320 30.11 21.56 8.99
C LEU A 1320 29.33 22.42 8.00
N ASN A 1321 28.40 21.78 7.31
CA ASN A 1321 27.46 22.41 6.38
C ASN A 1321 26.55 23.38 7.14
N GLY A 1322 25.91 24.31 6.45
CA GLY A 1322 25.00 25.29 7.04
C GLY A 1322 23.95 24.65 7.96
N ASN A 1323 23.20 23.69 7.44
CA ASN A 1323 22.24 22.89 8.19
C ASN A 1323 22.91 21.70 8.91
N GLY A 1324 24.05 21.96 9.57
CA GLY A 1324 24.61 21.18 10.68
C GLY A 1324 25.30 19.87 10.33
N LYS A 1325 25.11 19.35 9.11
CA LYS A 1325 25.73 18.11 8.63
C LYS A 1325 27.25 18.20 8.63
N VAL A 1326 27.94 17.08 8.61
CA VAL A 1326 29.29 16.99 8.03
C VAL A 1326 29.24 17.43 6.57
N ASP A 1327 30.10 18.34 6.14
CA ASP A 1327 30.00 18.97 4.83
C ASP A 1327 30.59 18.12 3.69
N ARG A 1328 29.98 16.96 3.43
CA ARG A 1328 30.47 16.00 2.43
C ARG A 1328 30.58 16.60 1.02
N ARG A 1329 29.80 17.62 0.70
CA ARG A 1329 29.98 18.49 -0.47
C ARG A 1329 31.36 19.13 -0.48
N ARG A 1330 31.65 19.99 0.49
CA ARG A 1330 32.94 20.68 0.62
C ARG A 1330 34.13 19.71 0.72
N LEU A 1331 33.97 18.63 1.48
CA LEU A 1331 35.00 17.61 1.62
C LEU A 1331 35.36 16.99 0.28
N ALA A 1332 34.39 16.44 -0.43
CA ALA A 1332 34.62 15.85 -1.73
C ALA A 1332 35.32 16.84 -2.68
N GLU A 1333 34.90 18.09 -2.69
CA GLU A 1333 35.42 19.09 -3.62
C GLU A 1333 36.81 19.60 -3.23
N SER A 1334 37.13 19.66 -1.94
CA SER A 1334 38.49 19.97 -1.49
C SER A 1334 39.47 18.88 -1.87
N MET A 1335 39.16 17.62 -1.55
CA MET A 1335 39.97 16.48 -2.00
C MET A 1335 40.13 16.47 -3.52
N THR A 1336 39.07 16.78 -4.26
CA THR A 1336 39.11 16.93 -5.72
C THR A 1336 40.17 17.92 -6.16
N ARG A 1337 40.20 19.11 -5.57
CA ARG A 1337 41.20 20.12 -5.88
C ARG A 1337 42.60 19.72 -5.42
N ALA A 1338 42.70 18.92 -4.36
CA ALA A 1338 43.96 18.39 -3.85
C ALA A 1338 44.56 17.24 -4.67
N LEU A 1339 43.89 16.77 -5.73
CA LEU A 1339 44.52 15.94 -6.76
C LEU A 1339 45.35 16.77 -7.75
N GLY A 1340 44.69 17.64 -8.53
CA GLY A 1340 45.29 18.41 -9.63
C GLY A 1340 45.61 17.59 -10.88
N ALA A 1348 55.19 3.51 -15.97
CA ALA A 1348 55.57 3.84 -14.61
C ALA A 1348 57.06 3.54 -14.32
N GLU A 1349 57.50 3.81 -13.09
CA GLU A 1349 58.90 3.73 -12.66
C GLU A 1349 59.48 2.30 -12.65
N GLU A 1350 60.78 2.23 -12.90
CA GLU A 1350 61.68 1.07 -13.03
C GLU A 1350 61.78 0.13 -11.81
N PRO A 1351 62.24 -1.13 -11.96
CA PRO A 1351 62.60 -2.00 -10.84
C PRO A 1351 63.93 -1.56 -10.20
N LEU A 1352 63.93 -1.14 -8.94
CA LEU A 1352 65.13 -0.74 -8.19
C LEU A 1352 65.48 -1.74 -7.07
N GLU A 1353 64.48 -2.32 -6.40
CA GLU A 1353 64.67 -3.22 -5.27
C GLU A 1353 65.00 -4.65 -5.73
N ALA A 1354 65.81 -5.39 -4.99
CA ALA A 1354 66.16 -6.77 -5.35
C ALA A 1354 64.91 -7.67 -5.45
N HIS A 1355 63.96 -7.47 -4.52
CA HIS A 1355 62.64 -8.11 -4.55
C HIS A 1355 61.85 -7.68 -5.77
N GLU A 1356 61.91 -6.40 -6.20
CA GLU A 1356 61.27 -5.97 -7.45
C GLU A 1356 61.89 -6.68 -8.66
N GLN A 1357 63.22 -6.81 -8.75
CA GLN A 1357 63.85 -7.57 -9.83
C GLN A 1357 63.46 -9.04 -9.78
N ALA A 1358 63.47 -9.67 -8.61
CA ALA A 1358 63.06 -11.07 -8.44
C ALA A 1358 61.60 -11.29 -8.86
N LEU A 1359 60.70 -10.38 -8.49
CA LEU A 1359 59.34 -10.41 -9.00
C LEU A 1359 59.30 -10.20 -10.50
N ALA A 1360 60.09 -9.31 -11.08
CA ALA A 1360 60.11 -9.13 -12.54
C ALA A 1360 60.61 -10.36 -13.28
N GLU A 1361 61.58 -11.10 -12.72
CA GLU A 1361 62.02 -12.40 -13.25
C GLU A 1361 60.86 -13.38 -13.28
N CYS A 1362 60.16 -13.50 -12.15
CA CYS A 1362 59.02 -14.40 -11.99
C CYS A 1362 57.80 -13.98 -12.84
N TRP A 1363 57.26 -12.78 -12.63
CA TRP A 1363 56.08 -12.23 -13.30
C TRP A 1363 56.27 -12.27 -14.82
N GLU A 1364 57.41 -11.82 -15.33
CA GLU A 1364 57.64 -11.84 -16.78
C GLU A 1364 57.69 -13.27 -17.32
N ALA A 1365 58.38 -14.20 -16.65
CA ALA A 1365 58.36 -15.60 -17.04
C ALA A 1365 56.95 -16.21 -17.02
N VAL A 1366 56.05 -15.72 -16.16
CA VAL A 1366 54.64 -16.13 -16.15
C VAL A 1366 53.86 -15.51 -17.30
N LEU A 1367 54.00 -14.20 -17.49
CA LEU A 1367 53.11 -13.41 -18.35
C LEU A 1367 53.59 -13.33 -19.82
N LYS A 1368 54.87 -13.62 -20.07
CA LYS A 1368 55.57 -13.51 -21.38
C LYS A 1368 55.61 -12.09 -21.98
N ARG A 1369 55.45 -11.07 -21.13
CA ARG A 1369 55.29 -9.65 -21.51
C ARG A 1369 56.10 -8.73 -20.58
N PRO A 1370 56.58 -7.56 -21.04
CA PRO A 1370 57.56 -6.74 -20.32
C PRO A 1370 57.08 -6.19 -18.95
N VAL A 1371 57.67 -6.71 -17.88
CA VAL A 1371 57.51 -6.20 -16.50
C VAL A 1371 58.67 -5.26 -16.16
N ARG A 1372 58.80 -4.17 -16.93
CA ARG A 1372 59.88 -3.15 -16.79
C ARG A 1372 59.61 -2.15 -15.65
N ARG A 1373 58.68 -2.46 -14.75
CA ARG A 1373 58.01 -1.47 -13.89
C ARG A 1373 57.79 -1.99 -12.48
N ARG A 1374 58.18 -1.23 -11.45
CA ARG A 1374 57.86 -1.58 -10.06
C ARG A 1374 56.38 -1.38 -9.70
N GLU A 1375 55.69 -0.49 -10.40
CA GLU A 1375 54.25 -0.27 -10.23
C GLU A 1375 53.37 -1.16 -11.14
N ALA A 1376 53.94 -2.24 -11.71
CA ALA A 1376 53.19 -3.23 -12.47
C ALA A 1376 52.05 -3.85 -11.63
N SER A 1377 50.86 -4.07 -12.20
CA SER A 1377 49.72 -4.63 -11.47
C SER A 1377 49.28 -5.95 -12.07
N PHE A 1378 49.32 -7.03 -11.29
CA PHE A 1378 49.09 -8.37 -11.82
C PHE A 1378 47.72 -8.50 -12.45
N PHE A 1379 46.71 -7.89 -11.83
CA PHE A 1379 45.34 -7.83 -12.33
C PHE A 1379 45.27 -7.37 -13.79
N SER A 1380 45.79 -6.18 -14.10
CA SER A 1380 45.76 -5.59 -15.44
C SER A 1380 46.74 -6.23 -16.42
N LEU A 1381 47.83 -6.81 -15.93
CA LEU A 1381 48.81 -7.49 -16.77
C LEU A 1381 48.32 -8.86 -17.26
N GLY A 1382 47.60 -9.61 -16.44
CA GLY A 1382 47.08 -10.94 -16.77
C GLY A 1382 46.48 -11.63 -15.55
N GLY A 1383 45.52 -10.98 -14.87
CA GLY A 1383 45.19 -11.19 -13.45
C GLY A 1383 44.78 -12.58 -12.96
N ASP A 1384 44.59 -13.53 -13.87
CA ASP A 1384 44.03 -14.85 -13.68
C ASP A 1384 44.64 -15.63 -12.50
N SER A 1385 43.78 -16.22 -11.70
CA SER A 1385 44.12 -17.16 -10.63
C SER A 1385 44.85 -18.41 -11.14
N LEU A 1386 44.61 -18.86 -12.39
CA LEU A 1386 45.47 -19.87 -13.03
C LEU A 1386 46.90 -19.36 -13.16
N LEU A 1387 47.11 -18.16 -13.69
CA LEU A 1387 48.43 -17.59 -13.83
C LEU A 1387 49.05 -17.29 -12.45
N ALA A 1388 48.24 -16.93 -11.46
CA ALA A 1388 48.68 -16.88 -10.07
C ALA A 1388 49.20 -18.21 -9.53
N THR A 1389 48.80 -19.37 -10.07
CA THR A 1389 49.49 -20.64 -9.71
C THR A 1389 50.93 -20.70 -10.27
N ARG A 1390 51.15 -20.26 -11.51
CA ARG A 1390 52.49 -20.24 -12.12
C ARG A 1390 53.39 -19.24 -11.42
N LEU A 1391 52.83 -18.10 -11.00
CA LEU A 1391 53.50 -17.10 -10.17
C LEU A 1391 53.82 -17.65 -8.77
N LEU A 1392 52.84 -18.28 -8.11
CA LEU A 1392 53.00 -18.91 -6.80
C LEU A 1392 54.14 -19.93 -6.84
N ALA A 1393 54.13 -20.85 -7.81
CA ALA A 1393 55.22 -21.82 -7.98
C ALA A 1393 56.58 -21.14 -8.21
N GLY A 1394 56.67 -20.18 -9.13
CA GLY A 1394 57.91 -19.46 -9.41
C GLY A 1394 58.50 -18.80 -8.18
N ILE A 1395 57.68 -18.13 -7.35
CA ILE A 1395 58.16 -17.46 -6.13
C ILE A 1395 58.44 -18.47 -4.99
N ARG A 1396 57.63 -19.53 -4.89
CA ARG A 1396 57.89 -20.66 -3.98
C ARG A 1396 59.25 -21.30 -4.29
N GLU A 1397 59.66 -21.36 -5.56
CA GLU A 1397 61.02 -21.75 -5.96
C GLU A 1397 62.06 -20.65 -5.72
N ARG A 1398 61.73 -19.38 -6.03
CA ARG A 1398 62.66 -18.24 -5.96
C ARG A 1398 63.18 -17.96 -4.55
N PHE A 1399 62.31 -18.07 -3.55
CA PHE A 1399 62.63 -17.76 -2.14
C PHE A 1399 62.33 -18.89 -1.14
N GLY A 1400 61.76 -20.02 -1.56
CA GLY A 1400 61.33 -21.07 -0.60
C GLY A 1400 60.18 -20.67 0.33
N VAL A 1401 59.54 -19.53 0.06
CA VAL A 1401 58.41 -18.97 0.81
C VAL A 1401 57.08 -19.65 0.46
N ARG A 1402 56.19 -19.74 1.44
CA ARG A 1402 54.80 -20.18 1.26
C ARG A 1402 53.92 -19.01 0.82
N LEU A 1403 54.14 -18.53 -0.41
CA LEU A 1403 53.21 -17.60 -1.05
C LEU A 1403 51.86 -18.27 -1.30
N GLY A 1404 50.78 -17.49 -1.32
CA GLY A 1404 49.45 -17.91 -1.79
C GLY A 1404 48.56 -16.71 -2.14
N MET A 1405 47.39 -16.99 -2.72
CA MET A 1405 46.50 -15.92 -3.18
C MET A 1405 45.92 -15.08 -2.03
N ALA A 1406 45.83 -15.64 -0.82
CA ALA A 1406 45.43 -14.90 0.38
C ALA A 1406 46.36 -13.70 0.66
N ASP A 1407 47.65 -13.90 0.45
CA ASP A 1407 48.68 -12.87 0.59
C ASP A 1407 48.70 -11.95 -0.63
N PHE A 1408 48.68 -12.54 -1.83
CA PHE A 1408 48.90 -11.84 -3.09
C PHE A 1408 47.75 -10.92 -3.50
N TYR A 1409 46.50 -11.38 -3.45
CA TYR A 1409 45.38 -10.61 -4.03
C TYR A 1409 44.88 -9.46 -3.17
N ARG A 1410 45.35 -9.31 -1.93
CA ARG A 1410 45.23 -8.05 -1.19
C ARG A 1410 46.40 -7.09 -1.45
N GLN A 1411 47.45 -7.50 -2.15
CA GLN A 1411 48.68 -6.72 -2.43
C GLN A 1411 49.16 -6.85 -3.91
N PRO A 1412 48.27 -6.73 -4.93
CA PRO A 1412 48.47 -7.29 -6.28
C PRO A 1412 49.40 -6.53 -7.22
N THR A 1413 50.11 -5.51 -6.75
CA THR A 1413 51.10 -4.74 -7.55
C THR A 1413 52.52 -5.08 -7.11
N LEU A 1414 53.46 -5.11 -8.05
CA LEU A 1414 54.79 -5.66 -7.86
C LEU A 1414 55.53 -5.02 -6.66
N ALA A 1415 55.51 -3.71 -6.54
CA ALA A 1415 56.02 -2.97 -5.38
C ALA A 1415 55.27 -3.24 -4.05
N GLY A 1416 53.97 -3.59 -4.08
CA GLY A 1416 53.23 -4.04 -2.90
C GLY A 1416 53.60 -5.46 -2.49
N LEU A 1417 53.77 -6.35 -3.46
CA LEU A 1417 54.14 -7.74 -3.25
C LEU A 1417 55.60 -7.91 -2.79
N ALA A 1418 56.50 -7.03 -3.22
CA ALA A 1418 57.90 -7.04 -2.77
C ALA A 1418 58.02 -7.01 -1.24
N ARG A 1419 57.08 -6.35 -0.55
CA ARG A 1419 56.98 -6.32 0.91
C ARG A 1419 56.76 -7.71 1.54
N HIS A 1420 56.12 -8.62 0.81
CA HIS A 1420 55.88 -9.99 1.25
C HIS A 1420 57.13 -10.87 1.06
N LEU A 1421 57.88 -10.64 -0.01
CA LEU A 1421 59.17 -11.30 -0.21
C LEU A 1421 60.16 -10.86 0.87
N GLN A 1422 60.21 -9.57 1.22
CA GLN A 1422 61.04 -9.06 2.32
C GLN A 1422 60.89 -9.86 3.63
N VAL A 1423 59.68 -10.29 4.01
CA VAL A 1423 59.46 -10.97 5.29
C VAL A 1423 59.76 -12.48 5.27
N GLN A 1424 60.10 -13.07 4.12
CA GLN A 1424 60.66 -14.44 4.00
C GLN A 1424 59.92 -15.51 4.84
N THR A 1425 58.59 -15.58 4.68
CA THR A 1425 57.67 -16.40 5.48
C THR A 1425 56.64 -17.13 4.63
N SER B 7 -11.19 38.67 -45.06
CA SER B 7 -9.76 38.69 -44.71
C SER B 7 -9.56 38.07 -43.33
N ARG B 8 -8.71 37.04 -43.21
CA ARG B 8 -8.41 36.37 -41.92
C ARG B 8 -7.82 37.32 -40.86
N THR B 9 -6.96 38.27 -41.23
CA THR B 9 -6.34 39.19 -40.26
C THR B 9 -7.32 40.21 -39.68
N ALA B 10 -8.29 40.69 -40.46
CA ALA B 10 -9.38 41.53 -39.94
C ALA B 10 -10.28 40.75 -38.97
N LEU B 11 -10.57 39.49 -39.29
CA LEU B 11 -11.27 38.59 -38.38
C LEU B 11 -10.46 38.35 -37.09
N ARG B 12 -9.14 38.16 -37.17
CA ARG B 12 -8.25 38.16 -36.00
C ARG B 12 -8.35 39.48 -35.23
N ASP B 13 -8.38 40.62 -35.88
CA ASP B 13 -8.54 41.90 -35.19
C ASP B 13 -9.86 41.97 -34.42
N TRP B 14 -10.95 41.42 -34.94
CA TRP B 14 -12.21 41.39 -34.21
C TRP B 14 -12.13 40.44 -33.00
N LEU B 15 -11.52 39.26 -33.12
CA LEU B 15 -11.23 38.42 -31.95
C LEU B 15 -10.27 39.11 -30.99
N THR B 16 -9.32 39.89 -31.48
CA THR B 16 -8.37 40.65 -30.66
C THR B 16 -9.11 41.69 -29.83
N GLU B 17 -9.99 42.47 -30.46
CA GLU B 17 -10.90 43.37 -29.77
C GLU B 17 -11.72 42.62 -28.71
N GLN B 18 -12.35 41.50 -29.08
CA GLN B 18 -13.17 40.79 -28.12
C GLN B 18 -12.36 40.29 -26.94
N LEU B 19 -11.19 39.70 -27.16
CA LEU B 19 -10.38 39.15 -26.07
C LEU B 19 -9.73 40.26 -25.25
N ALA B 20 -9.33 41.37 -25.85
CA ALA B 20 -8.91 42.53 -25.07
C ALA B 20 -10.03 43.00 -24.13
N ASP B 21 -11.25 43.16 -24.65
CA ASP B 21 -12.39 43.57 -23.85
C ASP B 21 -12.76 42.55 -22.75
N LEU B 22 -12.84 41.26 -23.09
CA LEU B 22 -13.26 40.19 -22.18
C LEU B 22 -12.23 39.89 -21.09
N LEU B 23 -10.95 39.78 -21.44
CA LEU B 23 -9.88 39.46 -20.51
C LEU B 23 -9.47 40.67 -19.63
N GLY B 24 -9.83 41.89 -20.05
CA GLY B 24 -9.41 43.15 -19.44
C GLY B 24 -8.03 43.65 -19.89
N GLU B 25 -7.54 43.19 -21.04
CA GLU B 25 -6.20 43.49 -21.57
C GLU B 25 -6.20 44.62 -22.61
N PRO B 26 -5.02 45.20 -22.94
CA PRO B 26 -4.85 45.94 -24.19
C PRO B 26 -4.93 45.02 -25.41
N LEU B 27 -5.41 45.52 -26.55
CA LEU B 27 -5.36 44.78 -27.82
C LEU B 27 -3.94 44.38 -28.19
N ALA B 28 -2.96 45.22 -27.85
CA ALA B 28 -1.55 44.94 -28.06
C ALA B 28 -1.13 43.66 -27.33
N ASP B 29 -1.58 43.43 -26.11
CA ASP B 29 -1.29 42.19 -25.37
C ASP B 29 -1.95 40.96 -26.01
N VAL B 30 -3.06 41.12 -26.72
CA VAL B 30 -3.71 40.02 -27.45
C VAL B 30 -3.09 39.81 -28.84
N ARG B 31 -2.61 40.89 -29.47
CA ARG B 31 -1.68 40.82 -30.62
C ARG B 31 -0.32 40.24 -30.27
N ALA B 32 0.06 40.20 -28.99
CA ALA B 32 1.26 39.53 -28.51
C ALA B 32 1.17 38.00 -28.55
N LEU B 33 -0.04 37.43 -28.70
CA LEU B 33 -0.23 35.99 -28.89
C LEU B 33 0.18 35.57 -30.31
N ALA B 34 0.74 34.37 -30.45
CA ALA B 34 0.67 33.65 -31.73
C ALA B 34 -0.76 33.13 -31.96
N ASP B 35 -1.15 32.85 -33.21
CA ASP B 35 -2.51 32.37 -33.48
C ASP B 35 -2.83 31.06 -32.75
N ASP B 36 -1.86 30.14 -32.68
CA ASP B 36 -2.01 28.86 -31.99
C ASP B 36 -1.89 28.93 -30.46
N ASP B 37 -1.66 30.10 -29.87
CA ASP B 37 -1.49 30.21 -28.41
C ASP B 37 -2.79 29.94 -27.63
N ASP B 38 -2.64 29.21 -26.52
CA ASP B 38 -3.76 28.73 -25.72
C ASP B 38 -4.31 29.84 -24.82
N LEU B 39 -5.55 30.23 -25.06
CA LEU B 39 -6.19 31.32 -24.32
C LEU B 39 -6.51 30.96 -22.88
N LEU B 40 -6.76 29.69 -22.58
CA LEU B 40 -6.87 29.22 -21.20
C LEU B 40 -5.46 29.14 -20.58
N GLY B 41 -4.44 28.96 -21.43
CA GLY B 41 -3.05 29.29 -21.12
C GLY B 41 -2.81 30.77 -20.78
N CYS B 42 -3.67 31.68 -21.25
CA CYS B 42 -3.49 33.13 -21.20
C CYS B 42 -4.63 33.85 -20.45
N GLY B 43 -5.25 33.18 -19.49
CA GLY B 43 -6.20 33.82 -18.56
C GLY B 43 -7.65 33.91 -19.04
N LEU B 44 -8.04 33.26 -20.13
CA LEU B 44 -9.45 33.06 -20.48
C LEU B 44 -10.10 31.94 -19.65
N ASP B 45 -11.42 31.96 -19.56
CA ASP B 45 -12.23 30.92 -18.95
C ASP B 45 -13.64 30.91 -19.57
N SER B 46 -14.55 30.10 -19.05
CA SER B 46 -15.89 29.93 -19.60
C SER B 46 -16.80 31.11 -19.34
N ILE B 47 -16.68 31.82 -18.21
CA ILE B 47 -17.46 33.02 -17.92
C ILE B 47 -17.21 34.04 -19.02
N ARG B 48 -15.95 34.17 -19.47
CA ARG B 48 -15.64 34.98 -20.66
C ARG B 48 -16.02 34.29 -21.98
N LEU B 49 -15.76 33.01 -22.17
CA LEU B 49 -15.95 32.35 -23.48
C LEU B 49 -17.43 32.21 -23.86
N MET B 50 -18.35 32.19 -22.90
CA MET B 50 -19.79 32.37 -23.15
C MET B 50 -20.12 33.74 -23.73
N TYR B 51 -19.61 34.82 -23.11
CA TYR B 51 -19.80 36.14 -23.66
C TYR B 51 -19.24 36.23 -25.09
N LEU B 52 -18.07 35.66 -25.35
CA LEU B 52 -17.52 35.61 -26.69
C LEU B 52 -18.46 34.88 -27.65
N GLN B 53 -18.99 33.73 -27.23
CA GLN B 53 -19.91 32.96 -28.05
C GLN B 53 -21.18 33.77 -28.39
N GLU B 54 -21.69 34.58 -27.45
CA GLU B 54 -22.79 35.50 -27.74
C GLU B 54 -22.35 36.55 -28.77
N ARG B 55 -21.23 37.24 -28.54
CA ARG B 55 -20.73 38.28 -29.44
C ARG B 55 -20.49 37.75 -30.85
N LEU B 56 -19.99 36.54 -30.98
CA LEU B 56 -19.85 35.82 -32.24
C LEU B 56 -21.22 35.58 -32.90
N ARG B 57 -22.20 35.08 -32.14
CA ARG B 57 -23.56 34.88 -32.65
C ARG B 57 -24.24 36.21 -33.01
N ALA B 58 -23.99 37.30 -32.28
CA ALA B 58 -24.45 38.64 -32.61
C ALA B 58 -23.79 39.18 -33.89
N ARG B 59 -22.50 38.87 -34.11
CA ARG B 59 -21.77 39.12 -35.37
C ARG B 59 -22.31 38.30 -36.55
N GLY B 60 -23.22 37.36 -36.29
CA GLY B 60 -23.76 36.38 -37.24
C GLY B 60 -22.96 35.08 -37.29
N SER B 61 -21.71 35.11 -36.81
CA SER B 61 -20.80 33.98 -36.62
C SER B 61 -21.25 32.98 -35.54
N THR B 62 -22.43 32.39 -35.71
CA THR B 62 -22.97 31.30 -34.90
C THR B 62 -22.00 30.13 -34.74
N LEU B 63 -21.61 29.87 -33.49
CA LEU B 63 -20.88 28.68 -33.03
C LEU B 63 -21.43 28.31 -31.63
N ASP B 64 -21.39 27.04 -31.26
CA ASP B 64 -21.63 26.63 -29.86
C ASP B 64 -20.32 26.66 -29.05
N PHE B 65 -20.43 26.77 -27.73
CA PHE B 65 -19.30 26.98 -26.84
C PHE B 65 -18.16 25.97 -27.10
N ALA B 66 -18.44 24.67 -27.17
CA ALA B 66 -17.40 23.66 -27.42
C ALA B 66 -16.73 23.82 -28.77
N GLN B 67 -17.43 24.33 -29.79
CA GLN B 67 -16.88 24.44 -31.13
C GLN B 67 -15.69 25.41 -31.14
N LEU B 68 -15.73 26.40 -30.25
CA LEU B 68 -14.58 27.21 -29.84
C LEU B 68 -13.68 26.45 -28.87
N ALA B 69 -14.24 26.04 -27.74
CA ALA B 69 -13.46 25.69 -26.55
C ALA B 69 -12.75 24.33 -26.62
N GLN B 70 -13.04 23.51 -27.63
CA GLN B 70 -12.33 22.27 -27.92
C GLN B 70 -10.87 22.49 -28.34
N ARG B 71 -10.57 23.57 -29.06
CA ARG B 71 -9.24 23.96 -29.57
C ARG B 71 -9.04 25.43 -29.22
N PRO B 72 -8.58 25.76 -28.01
CA PRO B 72 -8.77 27.06 -27.38
C PRO B 72 -7.75 28.12 -27.83
N CYS B 73 -7.51 28.23 -29.13
CA CYS B 73 -6.55 29.16 -29.70
C CYS B 73 -7.13 29.83 -30.93
N LEU B 74 -6.68 31.04 -31.21
CA LEU B 74 -7.17 31.85 -32.32
C LEU B 74 -7.12 31.07 -33.63
N GLY B 75 -6.08 30.29 -33.88
CA GLY B 75 -5.91 29.52 -35.11
C GLY B 75 -7.11 28.64 -35.42
N ALA B 76 -7.59 27.86 -34.46
CA ALA B 76 -8.76 27.02 -34.65
C ALA B 76 -10.05 27.85 -34.78
N TRP B 77 -10.18 28.92 -34.01
CA TRP B 77 -11.36 29.79 -34.07
C TRP B 77 -11.44 30.46 -35.43
N LEU B 78 -10.37 31.12 -35.85
CA LEU B 78 -10.19 31.71 -37.17
C LEU B 78 -10.50 30.68 -38.26
N ASP B 79 -9.95 29.47 -38.18
CA ASP B 79 -10.17 28.47 -39.22
C ASP B 79 -11.63 28.00 -39.28
N LEU B 80 -12.30 27.73 -38.15
CA LEU B 80 -13.72 27.38 -38.13
C LEU B 80 -14.62 28.56 -38.53
N LEU B 81 -14.25 29.80 -38.19
CA LEU B 81 -14.95 30.98 -38.66
C LEU B 81 -14.79 31.17 -40.17
N ALA B 82 -13.60 30.99 -40.74
CA ALA B 82 -13.40 30.99 -42.19
C ALA B 82 -14.24 29.90 -42.88
N CYS B 83 -14.35 28.70 -42.30
CA CYS B 83 -15.16 27.59 -42.82
C CYS B 83 -16.67 27.75 -42.57
N ALA B 84 -17.08 28.55 -41.60
CA ALA B 84 -18.50 28.80 -41.35
C ALA B 84 -19.18 30.19 -41.49
N ASP B 85 -18.43 31.26 -41.78
CA ASP B 85 -18.97 32.55 -42.19
C ASP B 85 -19.26 32.59 -43.69
N SER B 88 -21.55 33.85 -40.10
CA SER B 88 -22.25 32.59 -40.30
C SER B 88 -23.76 32.81 -40.50
N ALA B 89 -24.57 31.78 -40.28
CA ALA B 89 -26.03 31.92 -40.24
C ALA B 89 -26.43 32.92 -39.13
N PRO B 90 -27.00 34.09 -39.47
CA PRO B 90 -27.42 35.12 -38.53
C PRO B 90 -28.79 34.81 -37.94
N ALA B 91 -28.97 33.57 -37.44
CA ALA B 91 -30.21 33.01 -36.93
C ALA B 91 -30.64 33.59 -35.56
N THR B 92 -30.20 34.80 -35.22
CA THR B 92 -30.69 35.57 -34.08
C THR B 92 -32.13 36.07 -34.30
N VAL B 93 -32.96 36.03 -33.25
CA VAL B 93 -34.41 36.35 -33.30
C VAL B 93 -34.73 37.61 -32.48
N ALA B 94 -35.66 38.44 -32.97
CA ALA B 94 -36.24 39.58 -32.24
C ALA B 94 -37.21 39.09 -31.15
N LEU B 95 -36.99 39.48 -29.89
CA LEU B 95 -37.74 38.92 -28.76
C LEU B 95 -39.27 39.16 -28.85
N PRO B 96 -40.11 38.30 -28.24
CA PRO B 96 -41.58 38.43 -28.22
C PRO B 96 -42.09 39.73 -27.55
N THR B 97 -42.05 40.85 -28.28
CA THR B 97 -42.40 42.22 -27.85
C THR B 97 -41.72 42.62 -26.53
N ALA B 98 -42.49 42.73 -25.44
CA ALA B 98 -42.01 42.85 -24.08
C ALA B 98 -43.06 42.31 -23.11
N GLN B 99 -42.68 41.60 -22.05
CA GLN B 99 -43.59 41.24 -20.96
C GLN B 99 -43.69 42.37 -19.93
N ASP B 100 -44.87 42.48 -19.32
CA ASP B 100 -45.19 43.53 -18.38
C ASP B 100 -44.43 43.34 -17.06
N ARG B 101 -43.70 44.40 -16.67
CA ARG B 101 -42.59 44.38 -15.69
C ARG B 101 -43.02 44.19 -14.22
N ASP B 102 -44.21 43.66 -13.98
CA ASP B 102 -44.71 43.28 -12.65
C ASP B 102 -45.68 42.09 -12.67
N GLN B 103 -46.05 41.58 -13.84
CA GLN B 103 -46.99 40.47 -13.97
C GLN B 103 -46.33 39.09 -13.79
N PRO B 104 -47.11 38.01 -13.61
CA PRO B 104 -46.56 36.67 -13.54
C PRO B 104 -45.97 36.20 -14.86
N PHE B 105 -44.96 35.35 -14.78
CA PHE B 105 -44.33 34.65 -15.90
C PHE B 105 -43.57 33.43 -15.38
N GLU B 106 -43.17 32.57 -16.29
CA GLU B 106 -42.59 31.27 -15.95
C GLU B 106 -41.25 31.38 -15.21
N LEU B 107 -40.90 30.35 -14.44
CA LEU B 107 -39.59 30.24 -13.82
C LEU B 107 -38.53 29.88 -14.87
N SER B 108 -37.33 30.45 -14.76
CA SER B 108 -36.14 29.89 -15.43
C SER B 108 -35.97 28.43 -15.04
N SER B 109 -35.47 27.59 -15.95
CA SER B 109 -35.25 26.16 -15.72
C SER B 109 -34.68 25.85 -14.34
N VAL B 110 -33.54 26.44 -14.03
CA VAL B 110 -32.83 26.34 -12.76
C VAL B 110 -33.64 26.83 -11.57
N GLN B 111 -34.38 27.93 -11.72
CA GLN B 111 -35.29 28.38 -10.68
C GLN B 111 -36.40 27.37 -10.41
N GLN B 112 -36.86 26.61 -11.41
CA GLN B 112 -37.87 25.58 -11.18
C GLN B 112 -37.34 24.53 -10.20
N ALA B 113 -36.08 24.12 -10.35
CA ALA B 113 -35.49 23.14 -9.43
C ALA B 113 -35.51 23.69 -8.01
N TYR B 114 -35.04 24.92 -7.86
CA TYR B 114 -34.96 25.60 -6.58
C TYR B 114 -36.34 25.79 -5.96
N TRP B 115 -37.36 26.07 -6.77
CA TRP B 115 -38.73 26.22 -6.35
C TRP B 115 -39.27 24.89 -5.81
N LEU B 116 -39.14 23.83 -6.58
CA LEU B 116 -39.59 22.51 -6.15
C LEU B 116 -38.89 22.06 -4.87
N GLY B 117 -37.63 22.43 -4.73
CA GLY B 117 -36.81 22.11 -3.59
C GLY B 117 -37.36 22.57 -2.24
N ARG B 118 -38.19 23.61 -2.21
CA ARG B 118 -38.71 24.16 -0.94
C ARG B 118 -39.75 23.27 -0.28
N GLY B 119 -40.42 22.43 -1.06
CA GLY B 119 -41.45 21.52 -0.56
C GLY B 119 -40.85 20.38 0.21
N ALA B 120 -41.47 19.99 1.34
CA ALA B 120 -41.02 18.86 2.14
C ALA B 120 -41.20 17.52 1.43
N GLY B 121 -42.18 17.42 0.53
CA GLY B 121 -42.43 16.21 -0.24
C GLY B 121 -41.32 15.88 -1.25
N GLU B 122 -40.58 16.89 -1.71
CA GLU B 122 -39.47 16.69 -2.63
C GLU B 122 -38.34 15.84 -2.04
N VAL B 123 -37.62 15.14 -2.91
CA VAL B 123 -36.38 14.41 -2.60
C VAL B 123 -35.38 15.39 -2.01
N LEU B 124 -35.12 15.24 -0.70
CA LEU B 124 -34.20 16.10 0.05
C LEU B 124 -34.57 17.59 -0.08
N GLY B 125 -35.86 17.88 -0.01
CA GLY B 125 -36.39 19.22 -0.18
C GLY B 125 -36.41 20.01 1.11
N ASN B 126 -37.54 20.64 1.38
CA ASN B 126 -37.82 21.41 2.59
C ASN B 126 -36.90 22.62 2.83
N VAL B 127 -36.05 23.01 1.87
CA VAL B 127 -35.10 24.11 2.07
C VAL B 127 -35.00 25.06 0.91
N SER B 128 -34.75 26.31 1.30
CA SER B 128 -34.22 27.35 0.48
C SER B 128 -33.02 26.90 -0.34
N CYS B 129 -32.91 27.47 -1.52
CA CYS B 129 -31.69 27.57 -2.27
C CYS B 129 -30.93 28.81 -1.77
N HIS B 130 -30.75 28.99 -0.44
CA HIS B 130 -30.24 30.25 0.07
C HIS B 130 -28.78 30.25 0.42
N ALA B 131 -28.07 31.21 -0.16
CA ALA B 131 -26.84 31.69 0.39
C ALA B 131 -27.12 32.38 1.71
N PHE B 132 -26.34 32.05 2.73
CA PHE B 132 -26.13 32.94 3.85
C PHE B 132 -24.70 33.41 3.76
N LEU B 133 -24.44 34.70 3.70
CA LEU B 133 -23.09 35.26 3.73
C LEU B 133 -22.89 36.03 5.00
N GLU B 134 -21.68 36.11 5.51
CA GLU B 134 -21.39 36.83 6.74
C GLU B 134 -20.02 37.49 6.66
N PHE B 135 -19.90 38.66 7.28
CA PHE B 135 -18.76 39.55 7.17
C PHE B 135 -18.52 40.22 8.51
N ARG B 136 -17.30 40.67 8.81
CA ARG B 136 -16.98 41.31 10.09
C ARG B 136 -16.35 42.68 9.88
N THR B 137 -16.75 43.64 10.70
CA THR B 137 -16.18 44.98 10.83
C THR B 137 -16.60 45.55 12.19
N ARG B 138 -15.88 46.53 12.74
CA ARG B 138 -16.21 47.07 14.07
C ARG B 138 -17.57 47.72 14.10
N ASP B 139 -17.77 48.69 13.20
CA ASP B 139 -19.01 49.42 13.11
C ASP B 139 -19.40 49.67 11.66
N VAL B 140 -20.65 49.42 11.34
CA VAL B 140 -21.29 49.90 10.12
C VAL B 140 -22.68 50.47 10.43
N ASP B 141 -23.01 51.56 9.73
CA ASP B 141 -24.18 52.38 9.95
C ASP B 141 -25.49 51.60 9.66
N PRO B 142 -26.30 51.32 10.70
CA PRO B 142 -27.53 50.58 10.53
C PRO B 142 -28.60 51.30 9.70
N GLN B 143 -28.59 52.63 9.67
CA GLN B 143 -29.53 53.36 8.83
C GLN B 143 -29.11 53.29 7.36
N ARG B 144 -27.83 53.55 7.05
CA ARG B 144 -27.33 53.36 5.69
C ARG B 144 -27.51 51.93 5.23
N LEU B 145 -27.39 50.94 6.11
CA LEU B 145 -27.76 49.57 5.78
C LEU B 145 -29.25 49.41 5.50
N ALA B 146 -30.13 49.82 6.40
CA ALA B 146 -31.57 49.70 6.19
C ALA B 146 -32.02 50.37 4.87
N ALA B 147 -31.49 51.56 4.60
CA ALA B 147 -31.72 52.27 3.36
C ALA B 147 -31.18 51.50 2.17
N ALA B 148 -29.92 51.06 2.22
CA ALA B 148 -29.26 50.37 1.14
C ALA B 148 -30.03 49.11 0.71
N ALA B 149 -30.49 48.33 1.69
CA ALA B 149 -31.30 47.15 1.45
C ALA B 149 -32.55 47.51 0.64
N GLU B 150 -33.29 48.53 1.05
CA GLU B 150 -34.50 48.93 0.34
C GLU B 150 -34.22 49.63 -1.00
N CYS B 151 -33.03 50.23 -1.18
CA CYS B 151 -32.58 50.70 -2.49
C CYS B 151 -32.41 49.53 -3.43
N VAL B 152 -31.69 48.48 -3.03
CA VAL B 152 -31.44 47.35 -3.94
C VAL B 152 -32.74 46.63 -4.29
N ARG B 153 -33.69 46.49 -3.37
CA ARG B 153 -34.99 45.89 -3.73
C ARG B 153 -35.73 46.66 -4.81
N GLN B 154 -35.89 47.97 -4.67
CA GLN B 154 -36.63 48.76 -5.66
C GLN B 154 -35.80 49.06 -6.93
N ARG B 155 -34.46 49.00 -6.85
CA ARG B 155 -33.58 49.02 -8.02
C ARG B 155 -33.72 47.78 -8.89
N HIS B 156 -33.71 46.60 -8.27
CA HIS B 156 -33.51 45.34 -8.99
C HIS B 156 -34.77 44.45 -8.92
N PRO B 157 -35.39 44.09 -10.06
CA PRO B 157 -36.68 43.40 -10.04
C PRO B 157 -36.63 42.12 -9.23
N MET B 158 -35.58 41.32 -9.44
CA MET B 158 -35.51 40.00 -8.83
C MET B 158 -35.44 40.02 -7.32
N LEU B 159 -34.96 41.09 -6.70
CA LEU B 159 -34.92 41.20 -5.24
C LEU B 159 -36.28 41.47 -4.60
N ARG B 160 -37.31 41.65 -5.43
CA ARG B 160 -38.73 41.78 -5.09
C ARG B 160 -39.61 40.87 -5.95
N ALA B 161 -39.03 39.80 -6.49
CA ALA B 161 -39.76 38.72 -7.14
C ALA B 161 -40.45 37.81 -6.11
N ARG B 162 -41.69 37.38 -6.40
CA ARG B 162 -42.53 36.47 -5.62
C ARG B 162 -42.70 35.18 -6.39
N PHE B 163 -42.63 34.06 -5.68
CA PHE B 163 -42.62 32.73 -6.26
C PHE B 163 -43.84 31.97 -5.78
N LEU B 164 -44.65 31.51 -6.73
CA LEU B 164 -45.86 30.72 -6.49
C LEU B 164 -45.98 29.69 -7.61
N ASP B 165 -46.39 28.46 -7.30
CA ASP B 165 -46.93 27.47 -8.25
C ASP B 165 -46.24 27.40 -9.63
N GLY B 166 -44.92 27.33 -9.68
CA GLY B 166 -44.19 27.20 -10.94
C GLY B 166 -44.05 28.48 -11.76
N ARG B 167 -44.37 29.64 -11.17
CA ARG B 167 -44.25 30.96 -11.77
C ARG B 167 -43.70 32.00 -10.81
N GLN B 168 -43.20 33.09 -11.39
CA GLN B 168 -42.68 34.25 -10.68
C GLN B 168 -43.34 35.52 -11.15
N GLN B 169 -43.64 36.40 -10.19
CA GLN B 169 -44.37 37.63 -10.37
C GLN B 169 -43.64 38.69 -9.56
N ILE B 170 -43.48 39.92 -10.05
CA ILE B 170 -42.55 40.85 -9.42
C ILE B 170 -43.32 41.99 -8.77
N LEU B 171 -43.15 42.08 -7.46
CA LEU B 171 -43.84 43.06 -6.65
C LEU B 171 -43.28 44.45 -6.93
N PRO B 172 -44.11 45.49 -7.13
CA PRO B 172 -43.63 46.86 -7.21
C PRO B 172 -42.92 47.30 -5.92
N THR B 173 -43.31 46.76 -4.77
CA THR B 173 -42.57 46.80 -3.50
C THR B 173 -42.99 45.64 -2.59
N PRO B 174 -42.08 44.87 -1.98
CA PRO B 174 -42.43 43.72 -1.15
C PRO B 174 -43.27 44.05 0.08
N PRO B 175 -44.11 43.12 0.55
CA PRO B 175 -44.87 43.27 1.79
C PRO B 175 -44.02 43.09 3.06
N LEU B 176 -42.82 42.54 2.93
CA LEU B 176 -42.07 41.94 4.04
C LEU B 176 -40.68 42.56 4.23
N SER B 177 -40.21 42.60 5.47
CA SER B 177 -39.05 43.35 5.94
C SER B 177 -37.75 42.99 5.22
N CYS B 178 -36.97 43.98 4.83
CA CYS B 178 -35.75 43.75 4.05
C CYS B 178 -34.50 43.44 4.87
N PHE B 179 -34.44 43.95 6.10
CA PHE B 179 -33.20 43.97 6.87
C PHE B 179 -33.43 43.68 8.35
N ASP B 180 -32.67 42.73 8.87
CA ASP B 180 -32.74 42.24 10.24
C ASP B 180 -31.64 42.86 11.11
N LEU B 181 -31.87 44.09 11.52
CA LEU B 181 -31.03 44.78 12.48
C LEU B 181 -31.18 44.21 13.89
N GLN B 182 -30.25 43.35 14.28
CA GLN B 182 -30.01 42.88 15.64
C GLN B 182 -28.97 43.78 16.31
N ASP B 183 -29.37 45.00 16.66
CA ASP B 183 -28.53 45.83 17.50
C ASP B 183 -28.45 45.24 18.91
N TRP B 184 -27.31 44.63 19.21
CA TRP B 184 -27.00 43.92 20.44
C TRP B 184 -25.81 44.55 21.16
N ARG B 185 -25.42 45.79 20.82
CA ARG B 185 -24.26 46.46 21.42
C ARG B 185 -24.28 46.48 22.95
N THR B 186 -25.46 46.34 23.55
CA THR B 186 -25.71 46.32 24.99
C THR B 186 -25.55 44.95 25.68
N LEU B 187 -25.57 43.83 24.95
CA LEU B 187 -25.58 42.49 25.54
C LEU B 187 -24.24 42.09 26.18
N GLN B 188 -24.20 41.01 26.97
CA GLN B 188 -22.95 40.42 27.46
C GLN B 188 -22.27 39.61 26.35
N VAL B 189 -20.95 39.72 26.16
CA VAL B 189 -20.27 39.27 24.92
C VAL B 189 -20.39 37.78 24.63
N ASP B 190 -20.23 36.93 25.63
CA ASP B 190 -20.35 35.47 25.48
C ASP B 190 -21.80 35.06 25.22
N GLU B 191 -22.74 35.67 25.92
CA GLU B 191 -24.16 35.42 25.70
C GLU B 191 -24.59 35.88 24.31
N ALA B 192 -24.16 37.08 23.89
CA ALA B 192 -24.36 37.55 22.53
C ALA B 192 -23.74 36.61 21.51
N GLU B 193 -22.56 36.04 21.77
CA GLU B 193 -21.93 35.10 20.85
C GLU B 193 -22.77 33.83 20.65
N ARG B 194 -23.29 33.25 21.73
CA ARG B 194 -24.18 32.09 21.64
C ARG B 194 -25.53 32.46 21.04
N ASP B 195 -26.11 33.61 21.41
CA ASP B 195 -27.31 34.15 20.79
C ASP B 195 -27.11 34.39 19.30
N TRP B 196 -25.93 34.85 18.90
CA TRP B 196 -25.56 34.98 17.50
C TRP B 196 -25.52 33.61 16.87
N GLN B 197 -24.91 32.63 17.51
CA GLN B 197 -24.83 31.32 16.88
C GLN B 197 -26.24 30.74 16.70
N ALA B 198 -27.16 31.00 17.63
CA ALA B 198 -28.57 30.67 17.42
C ALA B 198 -29.18 31.45 16.25
N LEU B 199 -28.95 32.75 16.14
CA LEU B 199 -29.41 33.55 15.01
C LEU B 199 -28.85 33.01 13.68
N ARG B 200 -27.58 32.62 13.67
CA ARG B 200 -26.90 31.97 12.55
C ARG B 200 -27.55 30.64 12.25
N ASP B 201 -27.60 29.72 13.21
CA ASP B 201 -28.21 28.40 13.08
C ASP B 201 -29.66 28.47 12.60
N TRP B 202 -30.40 29.49 13.04
CA TRP B 202 -31.72 29.77 12.52
C TRP B 202 -31.61 30.32 11.09
N ARG B 203 -31.09 31.52 10.87
CA ARG B 203 -31.31 32.26 9.63
C ARG B 203 -30.40 31.82 8.49
N ALA B 204 -29.26 31.21 8.79
CA ALA B 204 -28.48 30.48 7.80
C ALA B 204 -29.07 29.13 7.44
N HIS B 205 -30.06 28.63 8.16
CA HIS B 205 -30.82 27.45 7.74
C HIS B 205 -32.26 27.75 7.32
N GLU B 206 -32.78 28.94 7.61
CA GLU B 206 -34.16 29.33 7.36
C GLU B 206 -34.52 29.42 5.87
N CYS B 207 -35.63 28.80 5.49
CA CYS B 207 -36.27 29.01 4.21
C CYS B 207 -36.93 30.40 4.14
N LEU B 208 -36.46 31.28 3.26
CA LEU B 208 -36.99 32.64 3.14
C LEU B 208 -38.38 32.66 2.47
N ALA B 209 -39.21 33.65 2.81
CA ALA B 209 -40.58 33.77 2.36
C ALA B 209 -40.69 34.32 0.93
N VAL B 210 -40.21 33.54 -0.04
CA VAL B 210 -40.34 33.84 -1.47
C VAL B 210 -41.79 33.88 -1.95
N GLU B 211 -42.69 33.18 -1.28
CA GLU B 211 -44.14 33.25 -1.49
C GLU B 211 -44.72 34.60 -1.05
N ARG B 212 -43.95 35.37 -0.26
CA ARG B 212 -44.21 36.76 0.15
C ARG B 212 -43.21 37.75 -0.46
N GLY B 213 -42.52 37.34 -1.53
CA GLY B 213 -41.54 38.16 -2.24
C GLY B 213 -40.22 38.42 -1.51
N GLN B 214 -40.06 37.95 -0.28
CA GLN B 214 -38.79 37.99 0.44
C GLN B 214 -37.89 36.85 -0.08
N VAL B 215 -37.19 37.12 -1.17
CA VAL B 215 -36.03 36.34 -1.62
C VAL B 215 -34.75 36.71 -0.89
N PHE B 216 -34.70 37.92 -0.36
CA PHE B 216 -33.52 38.54 0.20
C PHE B 216 -33.91 39.07 1.56
N LEU B 217 -33.02 38.89 2.51
CA LEU B 217 -33.09 39.47 3.82
C LEU B 217 -31.66 39.70 4.27
N LEU B 218 -31.25 40.95 4.27
CA LEU B 218 -30.03 41.37 4.91
C LEU B 218 -30.18 41.21 6.42
N GLY B 219 -29.09 41.18 7.17
CA GLY B 219 -29.16 41.31 8.61
C GLY B 219 -27.84 41.75 9.20
N LEU B 220 -27.88 42.22 10.42
CA LEU B 220 -26.71 42.68 11.13
C LEU B 220 -26.89 42.41 12.60
N VAL B 221 -26.01 41.59 13.18
CA VAL B 221 -25.81 41.63 14.62
C VAL B 221 -24.71 42.64 14.93
N ARG B 222 -25.08 43.69 15.64
CA ARG B 222 -24.14 44.63 16.22
C ARG B 222 -23.66 44.04 17.54
N MET B 223 -22.57 43.28 17.52
CA MET B 223 -22.10 42.62 18.74
C MET B 223 -21.66 43.63 19.80
N PRO B 224 -21.90 43.35 21.08
CA PRO B 224 -21.35 44.14 22.19
C PRO B 224 -19.82 44.09 22.26
N GLY B 225 -19.19 43.12 21.59
CA GLY B 225 -17.76 43.13 21.28
C GLY B 225 -17.31 44.23 20.31
N GLY B 226 -18.16 45.22 20.00
CA GLY B 226 -17.89 46.29 19.05
C GLY B 226 -17.63 45.68 17.68
N GLU B 227 -18.55 44.84 17.21
CA GLU B 227 -18.36 44.08 15.98
C GLU B 227 -19.69 43.90 15.27
N ASP B 228 -19.87 44.72 14.26
CA ASP B 228 -21.02 44.68 13.37
C ASP B 228 -20.83 43.55 12.34
N ARG B 229 -21.38 42.37 12.66
CA ARG B 229 -21.39 41.18 11.80
C ARG B 229 -22.50 41.29 10.77
N LEU B 230 -22.22 42.04 9.72
CA LEU B 230 -23.10 42.14 8.57
C LEU B 230 -23.29 40.74 7.98
N TRP B 231 -24.51 40.35 7.68
CA TRP B 231 -24.82 39.08 7.05
C TRP B 231 -26.00 39.21 6.09
N LEU B 232 -26.15 38.21 5.25
CA LEU B 232 -27.02 38.29 4.10
C LEU B 232 -27.62 36.92 3.82
N SER B 233 -28.91 36.76 4.03
CA SER B 233 -29.66 35.65 3.47
C SER B 233 -30.18 36.04 2.10
N LEU B 234 -29.91 35.21 1.10
CA LEU B 234 -30.46 35.37 -0.23
C LEU B 234 -30.81 34.01 -0.78
N ASP B 235 -32.08 33.76 -1.07
CA ASP B 235 -32.51 32.63 -1.87
C ASP B 235 -32.17 32.89 -3.34
N LEU B 236 -31.35 32.04 -3.93
CA LEU B 236 -30.91 32.20 -5.31
C LEU B 236 -32.00 31.86 -6.32
N LEU B 237 -33.24 31.60 -5.87
CA LEU B 237 -34.39 31.83 -6.72
C LEU B 237 -34.34 33.23 -7.31
N ALA B 238 -33.86 34.20 -6.55
CA ALA B 238 -33.60 35.51 -7.09
C ALA B 238 -32.43 35.56 -8.08
N ALA B 239 -31.32 34.90 -7.80
CA ALA B 239 -30.05 35.33 -8.32
C ALA B 239 -29.09 34.21 -8.73
N ASP B 240 -28.34 34.46 -9.80
CA ASP B 240 -27.08 33.80 -10.07
C ASP B 240 -26.14 34.12 -8.88
N VAL B 241 -25.18 33.27 -8.54
CA VAL B 241 -24.18 33.65 -7.54
C VAL B 241 -23.40 34.84 -8.04
N GLU B 242 -23.22 34.98 -9.35
CA GLU B 242 -22.66 36.21 -9.86
C GLU B 242 -23.61 37.38 -9.62
N SER B 243 -24.92 37.19 -9.75
CA SER B 243 -25.87 38.20 -9.35
C SER B 243 -25.86 38.47 -7.85
N LEU B 244 -25.49 37.51 -7.01
CA LEU B 244 -25.19 37.77 -5.61
C LEU B 244 -23.94 38.64 -5.50
N ARG B 245 -22.91 38.42 -6.31
CA ARG B 245 -21.80 39.37 -6.39
C ARG B 245 -22.30 40.75 -6.80
N LEU B 246 -23.28 40.86 -7.70
CA LEU B 246 -23.83 42.16 -8.06
C LEU B 246 -24.60 42.77 -6.88
N LEU B 247 -25.39 41.99 -6.15
CA LEU B 247 -26.04 42.46 -4.94
C LEU B 247 -25.01 42.99 -3.94
N LEU B 248 -23.89 42.32 -3.75
CA LEU B 248 -22.82 42.82 -2.91
C LEU B 248 -22.25 44.13 -3.48
N ALA B 249 -22.03 44.23 -4.79
CA ALA B 249 -21.56 45.48 -5.38
C ALA B 249 -22.54 46.63 -5.10
N GLU B 250 -23.82 46.40 -5.35
CA GLU B 250 -24.87 47.36 -5.15
C GLU B 250 -25.03 47.71 -3.66
N LEU B 251 -25.04 46.74 -2.74
CA LEU B 251 -25.05 47.03 -1.30
C LEU B 251 -23.80 47.77 -0.85
N GLY B 252 -22.63 47.48 -1.43
CA GLY B 252 -21.42 48.19 -1.10
C GLY B 252 -21.52 49.66 -1.50
N VAL B 253 -21.89 49.91 -2.76
CA VAL B 253 -22.10 51.25 -3.28
C VAL B 253 -23.21 51.94 -2.49
N ALA B 254 -24.36 51.31 -2.30
CA ALA B 254 -25.48 51.85 -1.54
C ALA B 254 -25.12 52.16 -0.09
N TYR B 255 -24.34 51.33 0.59
CA TYR B 255 -23.87 51.66 1.92
C TYR B 255 -22.98 52.90 1.91
N LEU B 256 -22.04 53.01 0.98
CA LEU B 256 -21.08 54.13 0.95
C LEU B 256 -21.68 55.44 0.43
N ALA B 257 -22.40 55.37 -0.69
CA ALA B 257 -23.01 56.49 -1.40
C ALA B 257 -24.18 55.98 -2.28
N PRO B 258 -25.44 56.08 -1.80
CA PRO B 258 -26.64 55.83 -2.59
C PRO B 258 -26.74 56.66 -3.88
N GLU B 259 -26.04 57.79 -3.94
CA GLU B 259 -25.82 58.55 -5.18
C GLU B 259 -25.20 57.68 -6.28
N ARG B 260 -24.14 56.93 -5.95
CA ARG B 260 -23.33 56.24 -6.96
C ARG B 260 -23.97 54.98 -7.52
N LEU B 261 -25.18 54.62 -7.08
CA LEU B 261 -26.03 53.59 -7.66
C LEU B 261 -26.52 54.03 -9.06
N ALA B 262 -25.80 53.65 -10.12
CA ALA B 262 -25.84 54.32 -11.42
C ALA B 262 -27.23 54.49 -12.07
N GLU B 263 -27.84 53.38 -12.51
CA GLU B 263 -29.16 53.35 -13.11
C GLU B 263 -29.89 52.08 -12.63
N PRO B 264 -31.19 52.13 -12.29
CA PRO B 264 -31.97 50.92 -12.08
C PRO B 264 -31.98 50.11 -13.40
N PRO B 265 -31.41 48.91 -13.43
CA PRO B 265 -31.09 48.16 -14.65
C PRO B 265 -32.21 47.98 -15.69
N ALA B 266 -31.84 47.85 -16.97
CA ALA B 266 -32.77 48.00 -18.08
C ALA B 266 -33.53 46.72 -18.45
N LEU B 267 -32.90 45.69 -18.98
CA LEU B 267 -33.63 44.52 -19.50
C LEU B 267 -34.42 43.81 -18.38
N HIS B 268 -35.73 43.61 -18.57
CA HIS B 268 -36.56 42.85 -17.64
C HIS B 268 -36.22 41.37 -17.66
N PHE B 269 -36.30 40.68 -16.53
CA PHE B 269 -35.92 39.27 -16.52
C PHE B 269 -36.81 38.38 -17.40
N ALA B 270 -38.12 38.60 -17.44
CA ALA B 270 -38.98 37.88 -18.36
C ALA B 270 -38.65 38.21 -19.82
N ASP B 271 -38.25 39.46 -20.11
CA ASP B 271 -37.76 39.80 -21.45
C ASP B 271 -36.47 39.04 -21.78
N TYR B 272 -35.56 38.90 -20.81
CA TYR B 272 -34.40 38.04 -20.99
C TYR B 272 -34.82 36.60 -21.27
N LEU B 273 -35.78 36.03 -20.53
CA LEU B 273 -36.21 34.65 -20.75
C LEU B 273 -36.82 34.49 -22.15
N ALA B 274 -37.74 35.36 -22.53
CA ALA B 274 -38.38 35.35 -23.85
C ALA B 274 -37.39 35.57 -25.01
N HIS B 275 -36.38 36.42 -24.81
CA HIS B 275 -35.19 36.51 -25.68
C HIS B 275 -34.51 35.14 -25.76
N ARG B 276 -34.05 34.66 -24.61
CA ARG B 276 -33.11 33.55 -24.56
C ARG B 276 -33.71 32.29 -25.15
N ALA B 277 -34.96 31.96 -24.81
CA ALA B 277 -35.68 30.81 -25.34
C ALA B 277 -35.69 30.83 -26.87
N ALA B 278 -36.12 31.96 -27.43
CA ALA B 278 -36.23 32.14 -28.87
C ALA B 278 -34.86 32.06 -29.57
N GLN B 279 -33.81 32.59 -28.95
CA GLN B 279 -32.44 32.47 -29.47
C GLN B 279 -31.98 31.01 -29.50
N ARG B 280 -32.21 30.26 -28.42
CA ARG B 280 -31.71 28.89 -28.26
C ARG B 280 -32.63 27.83 -28.85
N ALA B 281 -33.72 28.18 -29.51
CA ALA B 281 -34.81 27.24 -29.84
C ALA B 281 -34.36 25.96 -30.57
N GLU B 282 -33.49 26.05 -31.58
CA GLU B 282 -32.96 24.86 -32.25
C GLU B 282 -31.92 24.15 -31.37
N ALA B 283 -31.06 24.90 -30.67
CA ALA B 283 -30.07 24.33 -29.77
C ALA B 283 -30.73 23.57 -28.61
N ALA B 284 -31.88 24.03 -28.11
CA ALA B 284 -32.68 23.36 -27.10
C ALA B 284 -33.22 22.06 -27.65
N ALA B 285 -33.77 22.05 -28.86
CA ALA B 285 -34.23 20.82 -29.50
C ALA B 285 -33.07 19.84 -29.74
N ARG B 286 -31.96 20.33 -30.26
CA ARG B 286 -30.73 19.58 -30.57
C ARG B 286 -30.09 19.00 -29.31
N ALA B 287 -30.05 19.79 -28.24
CA ALA B 287 -29.63 19.31 -26.94
C ALA B 287 -30.61 18.29 -26.37
N ARG B 288 -31.92 18.56 -26.43
CA ARG B 288 -32.92 17.60 -25.99
C ARG B 288 -32.76 16.28 -26.70
N ASP B 289 -32.44 16.29 -27.99
CA ASP B 289 -32.08 15.09 -28.72
C ASP B 289 -30.83 14.41 -28.14
N TYR B 290 -29.75 15.16 -27.91
CA TYR B 290 -28.56 14.62 -27.26
C TYR B 290 -28.89 13.95 -25.93
N TRP B 291 -29.80 14.50 -25.14
CA TRP B 291 -30.21 13.91 -23.88
C TRP B 291 -31.21 12.76 -24.06
N LEU B 292 -32.13 12.84 -25.02
CA LEU B 292 -33.05 11.75 -25.37
C LEU B 292 -32.26 10.51 -25.78
N GLU B 293 -31.17 10.67 -26.53
CA GLU B 293 -30.25 9.59 -26.88
C GLU B 293 -29.56 8.97 -25.66
N ARG B 294 -29.69 9.59 -24.48
CA ARG B 294 -28.84 9.36 -23.32
C ARG B 294 -29.57 9.18 -22.00
N LEU B 295 -30.87 9.37 -21.90
CA LEU B 295 -31.64 9.01 -20.70
C LEU B 295 -31.32 7.62 -20.12
N PRO B 296 -31.17 6.55 -20.94
CA PRO B 296 -30.80 5.23 -20.44
C PRO B 296 -29.28 5.03 -20.32
N ARG B 297 -28.47 6.01 -20.73
CA ARG B 297 -27.00 6.00 -20.74
C ARG B 297 -26.35 7.15 -19.95
N LEU B 298 -27.13 7.95 -19.24
CA LEU B 298 -26.63 8.84 -18.20
C LEU B 298 -25.94 7.96 -17.18
N PRO B 299 -24.76 8.33 -16.67
CA PRO B 299 -24.32 7.72 -15.44
C PRO B 299 -25.29 8.12 -14.33
N ASP B 300 -25.24 7.43 -13.21
CA ASP B 300 -26.14 7.72 -12.10
C ASP B 300 -25.69 8.96 -11.34
N ALA B 301 -26.40 9.32 -10.27
CA ALA B 301 -25.85 10.16 -9.22
C ALA B 301 -24.54 9.56 -8.69
N PRO B 302 -23.66 10.35 -8.05
CA PRO B 302 -22.44 9.82 -7.48
C PRO B 302 -22.76 8.76 -6.43
N ALA B 303 -22.04 7.65 -6.43
CA ALA B 303 -22.32 6.55 -5.53
C ALA B 303 -21.59 6.74 -4.19
N LEU B 304 -21.76 7.92 -3.58
CA LEU B 304 -21.04 8.30 -2.37
C LEU B 304 -21.50 7.48 -1.16
N PRO B 305 -20.70 7.44 -0.10
CA PRO B 305 -21.11 6.87 1.17
C PRO B 305 -22.18 7.74 1.80
N LEU B 306 -23.15 7.15 2.47
CA LEU B 306 -24.20 7.87 3.19
C LEU B 306 -24.44 7.19 4.54
N ALA B 307 -24.74 7.94 5.58
CA ALA B 307 -25.25 7.39 6.82
C ALA B 307 -26.76 7.13 6.77
N CYS B 308 -27.45 7.70 5.78
CA CYS B 308 -28.90 7.69 5.63
C CYS B 308 -29.30 7.75 4.15
N ALA B 309 -30.46 7.23 3.77
CA ALA B 309 -31.05 7.53 2.47
C ALA B 309 -31.39 9.03 2.36
N PRO B 310 -31.25 9.67 1.20
CA PRO B 310 -31.49 11.11 1.08
C PRO B 310 -32.90 11.53 1.50
N GLU B 311 -33.94 10.84 1.07
CA GLU B 311 -35.33 11.20 1.39
C GLU B 311 -35.69 11.05 2.86
N SER B 312 -34.87 10.35 3.64
CA SER B 312 -35.15 10.09 5.06
C SER B 312 -34.78 11.25 5.98
N ILE B 313 -33.95 12.20 5.53
CA ILE B 313 -33.58 13.42 6.27
C ILE B 313 -34.44 14.61 5.84
N ARG B 314 -35.75 14.50 6.04
CA ARG B 314 -36.77 15.43 5.51
C ARG B 314 -36.55 16.91 5.81
N GLN B 315 -35.69 17.29 6.75
CA GLN B 315 -35.42 18.69 7.09
C GLN B 315 -33.90 18.96 7.11
N PRO B 316 -33.25 19.08 5.94
CA PRO B 316 -31.80 19.13 5.88
C PRO B 316 -31.26 20.45 6.41
N ARG B 317 -30.08 20.40 7.02
CA ARG B 317 -29.24 21.57 7.29
C ARG B 317 -27.94 21.35 6.57
N THR B 318 -27.39 22.34 5.94
CA THR B 318 -26.02 22.28 5.42
C THR B 318 -25.02 22.52 6.52
N ARG B 319 -23.93 21.76 6.50
CA ARG B 319 -22.67 22.07 7.20
C ARG B 319 -21.72 22.65 6.15
N ARG B 320 -21.18 23.85 6.34
CA ARG B 320 -20.07 24.29 5.49
C ARG B 320 -18.78 23.61 5.94
N LEU B 321 -18.11 22.98 5.01
CA LEU B 321 -16.68 22.70 5.09
C LEU B 321 -16.00 23.57 4.07
N ALA B 322 -14.99 24.32 4.47
CA ALA B 322 -14.29 25.19 3.55
C ALA B 322 -12.84 25.41 3.96
N PHE B 323 -11.97 25.68 3.00
CA PHE B 323 -10.57 26.00 3.27
C PHE B 323 -10.07 27.05 2.30
N GLN B 324 -9.41 28.07 2.83
CA GLN B 324 -8.84 29.15 2.04
C GLN B 324 -7.49 28.70 1.46
N LEU B 325 -7.46 28.34 0.18
CA LEU B 325 -6.22 28.38 -0.56
C LEU B 325 -5.68 29.78 -0.57
N SER B 326 -4.39 29.92 -0.31
CA SER B 326 -3.73 31.21 -0.37
C SER B 326 -3.67 31.79 -1.76
N ALA B 327 -3.37 33.08 -1.81
CA ALA B 327 -3.02 33.74 -3.06
C ALA B 327 -1.91 33.01 -3.81
N GLY B 328 -0.83 32.63 -3.13
CA GLY B 328 0.27 31.90 -3.76
C GLY B 328 -0.15 30.53 -4.29
N GLU B 329 -0.94 29.78 -3.53
CA GLU B 329 -1.53 28.54 -4.03
C GLU B 329 -2.40 28.80 -5.25
N SER B 330 -3.20 29.86 -5.22
CA SER B 330 -4.03 30.20 -6.36
C SER B 330 -3.17 30.57 -7.56
N ARG B 331 -2.12 31.38 -7.42
CA ARG B 331 -1.20 31.69 -8.52
C ARG B 331 -0.56 30.43 -9.08
N ARG B 332 -0.19 29.49 -8.22
CA ARG B 332 0.41 28.22 -8.68
C ARG B 332 -0.61 27.40 -9.46
N LEU B 333 -1.84 27.27 -8.96
CA LEU B 333 -2.88 26.60 -9.73
C LEU B 333 -3.20 27.33 -11.02
N GLU B 334 -3.17 28.65 -11.06
CA GLU B 334 -3.42 29.39 -12.28
C GLU B 334 -2.32 29.17 -13.31
N ARG B 335 -1.05 29.25 -12.90
CA ARG B 335 0.09 28.93 -13.78
C ARG B 335 -0.05 27.52 -14.32
N LEU B 336 -0.40 26.57 -13.49
CA LEU B 336 -0.50 25.18 -13.91
C LEU B 336 -1.76 24.94 -14.74
N ALA B 337 -2.86 25.62 -14.44
CA ALA B 337 -4.06 25.63 -15.27
C ALA B 337 -3.72 26.13 -16.67
N ALA B 338 -2.94 27.21 -16.72
CA ALA B 338 -2.45 27.75 -17.95
C ALA B 338 -1.55 26.76 -18.69
N GLN B 339 -0.48 26.27 -18.06
CA GLN B 339 0.47 25.32 -18.65
C GLN B 339 -0.21 24.06 -19.18
N HIS B 340 -1.25 23.60 -18.51
CA HIS B 340 -1.99 22.40 -18.91
C HIS B 340 -3.22 22.71 -19.76
N GLY B 341 -3.41 23.96 -20.18
CA GLY B 341 -4.39 24.34 -21.20
C GLY B 341 -5.84 24.31 -20.74
N VAL B 342 -6.08 24.67 -19.48
CA VAL B 342 -7.40 24.51 -18.85
C VAL B 342 -7.82 25.70 -18.02
N THR B 343 -9.13 25.88 -17.90
CA THR B 343 -9.74 26.85 -17.01
C THR B 343 -9.50 26.46 -15.58
N LEU B 344 -9.39 27.46 -14.71
CA LEU B 344 -9.25 27.19 -13.29
C LEU B 344 -10.51 26.53 -12.71
N SER B 345 -11.69 26.84 -13.25
CA SER B 345 -12.91 26.06 -13.02
C SER B 345 -12.66 24.59 -13.30
N SER B 346 -12.13 24.23 -14.46
CA SER B 346 -11.84 22.85 -14.77
C SER B 346 -10.85 22.22 -13.81
N VAL B 347 -9.89 22.96 -13.25
CA VAL B 347 -8.95 22.37 -12.29
C VAL B 347 -9.69 21.94 -11.05
N PHE B 348 -10.37 22.85 -10.38
CA PHE B 348 -11.12 22.50 -9.20
C PHE B 348 -12.21 21.47 -9.49
N GLY B 349 -12.76 21.48 -10.69
CA GLY B 349 -13.82 20.58 -11.10
C GLY B 349 -13.32 19.19 -11.42
N CYS B 350 -12.20 19.06 -12.11
CA CYS B 350 -11.53 17.79 -12.30
C CYS B 350 -11.10 17.21 -10.98
N ALA B 351 -10.47 18.01 -10.12
CA ALA B 351 -10.09 17.55 -8.80
C ALA B 351 -11.30 17.16 -7.96
N PHE B 352 -12.44 17.84 -8.13
CA PHE B 352 -13.63 17.45 -7.41
C PHE B 352 -14.15 16.13 -7.94
N ALA B 353 -14.31 16.04 -9.27
CA ALA B 353 -14.73 14.84 -9.92
C ALA B 353 -13.78 13.68 -9.65
N LEU B 354 -12.50 13.91 -9.39
CA LEU B 354 -11.60 12.86 -8.95
C LEU B 354 -11.92 12.42 -7.53
N VAL B 355 -12.18 13.32 -6.60
CA VAL B 355 -12.60 12.89 -5.26
C VAL B 355 -13.96 12.21 -5.31
N LEU B 356 -14.90 12.70 -6.09
CA LEU B 356 -16.15 12.01 -6.27
C LEU B 356 -15.96 10.69 -6.99
N ALA B 357 -15.02 10.55 -7.92
CA ALA B 357 -14.70 9.24 -8.48
C ALA B 357 -14.13 8.30 -7.42
N ARG B 358 -13.31 8.82 -6.51
CA ARG B 358 -12.64 8.01 -5.50
C ARG B 358 -13.55 7.64 -4.35
N TRP B 359 -14.52 8.47 -4.01
CA TRP B 359 -15.52 8.14 -3.00
C TRP B 359 -16.81 7.58 -3.56
N SER B 360 -17.11 7.76 -4.85
CA SER B 360 -18.14 6.94 -5.47
C SER B 360 -17.68 5.51 -5.52
N GLU B 361 -18.63 4.59 -5.33
CA GLU B 361 -18.44 3.19 -5.64
C GLU B 361 -17.98 2.95 -7.09
N SER B 362 -18.27 3.86 -8.03
CA SER B 362 -17.92 3.74 -9.45
C SER B 362 -17.55 5.08 -10.10
N ALA B 363 -16.69 5.06 -11.11
CA ALA B 363 -16.01 6.23 -11.68
C ALA B 363 -16.87 7.10 -12.59
N GLU B 364 -18.06 6.63 -12.98
CA GLU B 364 -18.98 7.40 -13.82
C GLU B 364 -20.16 7.92 -12.99
N PHE B 365 -20.47 9.21 -13.09
CA PHE B 365 -21.57 9.84 -12.35
C PHE B 365 -21.97 11.17 -12.97
N LEU B 366 -23.11 11.69 -12.55
CA LEU B 366 -23.56 13.06 -12.79
C LEU B 366 -23.09 13.96 -11.67
N LEU B 367 -22.70 15.18 -12.00
CA LEU B 367 -22.75 16.29 -11.08
C LEU B 367 -23.38 17.48 -11.80
N ASN B 368 -23.98 18.35 -11.01
CA ASN B 368 -24.63 19.54 -11.51
C ASN B 368 -23.64 20.69 -11.53
N VAL B 369 -23.79 21.56 -12.50
CA VAL B 369 -22.86 22.65 -12.80
C VAL B 369 -23.70 23.86 -13.14
N PRO B 370 -24.08 24.67 -12.15
CA PRO B 370 -24.68 25.94 -12.44
C PRO B 370 -23.74 26.81 -13.28
N LEU B 371 -24.23 27.25 -14.42
CA LEU B 371 -23.49 27.94 -15.45
C LEU B 371 -24.12 29.31 -15.70
N PHE B 372 -23.26 30.29 -15.94
CA PHE B 372 -23.57 31.69 -16.11
C PHE B 372 -24.21 31.97 -17.48
N ASP B 373 -25.53 31.86 -17.61
CA ASP B 373 -26.21 32.03 -18.89
C ASP B 373 -26.43 33.51 -19.25
N ARG B 374 -25.33 34.23 -19.47
CA ARG B 374 -25.27 35.69 -19.64
C ARG B 374 -25.10 36.14 -21.10
N HIS B 375 -25.66 35.35 -21.99
CA HIS B 375 -25.73 35.58 -23.43
C HIS B 375 -26.80 36.64 -23.76
N ALA B 376 -26.56 37.88 -23.34
CA ALA B 376 -27.46 39.01 -23.52
C ALA B 376 -26.70 40.34 -23.61
N ASP B 377 -27.31 41.29 -24.32
CA ASP B 377 -26.60 42.42 -24.92
C ASP B 377 -26.77 43.74 -24.20
N ASP B 378 -27.75 43.85 -23.29
CA ASP B 378 -27.87 45.02 -22.42
C ASP B 378 -26.62 45.13 -21.53
N PRO B 379 -25.88 46.26 -21.52
CA PRO B 379 -24.74 46.43 -20.63
C PRO B 379 -25.09 46.42 -19.14
N ARG B 380 -26.38 46.43 -18.78
CA ARG B 380 -26.85 46.22 -17.41
C ARG B 380 -27.25 44.78 -17.11
N ILE B 381 -27.15 43.86 -18.07
CA ILE B 381 -26.90 42.46 -17.75
C ILE B 381 -25.44 42.47 -17.26
N GLY B 382 -25.21 42.00 -16.04
CA GLY B 382 -24.06 42.47 -15.25
C GLY B 382 -24.39 43.63 -14.30
N GLU B 383 -25.68 43.87 -14.06
CA GLU B 383 -26.20 44.75 -13.01
C GLU B 383 -27.61 44.30 -12.55
N VAL B 384 -28.42 43.68 -13.41
CA VAL B 384 -29.64 42.96 -13.03
C VAL B 384 -29.29 41.80 -12.09
N ILE B 385 -30.00 41.67 -10.98
CA ILE B 385 -29.68 40.70 -9.91
C ILE B 385 -30.29 39.32 -10.16
N ALA B 386 -30.85 39.08 -11.33
CA ALA B 386 -31.69 37.91 -11.54
C ALA B 386 -30.94 36.57 -11.64
N ASP B 387 -31.68 35.46 -11.65
CA ASP B 387 -31.08 34.14 -11.74
C ASP B 387 -30.82 33.67 -13.17
N PHE B 388 -29.97 34.43 -13.85
CA PHE B 388 -29.45 34.08 -15.16
C PHE B 388 -28.52 32.86 -15.16
N THR B 389 -28.44 32.11 -14.07
CA THR B 389 -27.90 30.77 -14.17
C THR B 389 -28.72 29.97 -15.18
N THR B 390 -28.09 29.03 -15.85
CA THR B 390 -28.76 27.84 -16.36
C THR B 390 -27.97 26.67 -15.81
N LEU B 391 -28.63 25.56 -15.55
CA LEU B 391 -28.03 24.46 -14.83
C LEU B 391 -27.54 23.45 -15.85
N LEU B 392 -26.26 23.11 -15.79
CA LEU B 392 -25.65 22.15 -16.69
C LEU B 392 -25.44 20.84 -15.94
N LEU B 393 -26.02 19.78 -16.47
CA LEU B 393 -25.76 18.43 -16.04
C LEU B 393 -24.46 17.95 -16.67
N LEU B 394 -23.47 17.68 -15.86
CA LEU B 394 -22.21 17.13 -16.33
C LEU B 394 -22.22 15.62 -16.11
N GLU B 395 -22.47 14.84 -17.15
CA GLU B 395 -21.97 13.46 -17.12
C GLU B 395 -20.46 13.55 -16.95
N CYS B 396 -19.85 12.69 -16.15
CA CYS B 396 -18.42 12.45 -16.27
C CYS B 396 -18.12 10.99 -16.00
N ARG B 397 -17.02 10.54 -16.58
CA ARG B 397 -16.62 9.13 -16.71
C ARG B 397 -15.14 9.02 -16.38
N MET B 398 -14.80 9.46 -15.17
CA MET B 398 -13.46 9.88 -14.78
C MET B 398 -12.46 8.73 -14.91
N GLN B 399 -11.64 8.76 -15.95
CA GLN B 399 -10.67 7.71 -16.21
C GLN B 399 -9.74 7.54 -14.98
N ALA B 400 -9.47 6.30 -14.58
CA ALA B 400 -8.40 6.02 -13.62
C ALA B 400 -7.04 5.94 -14.34
N GLY B 401 -5.94 6.23 -13.67
CA GLY B 401 -4.59 6.05 -14.20
C GLY B 401 -4.15 7.06 -15.27
N VAL B 402 -5.01 7.98 -15.68
CA VAL B 402 -4.56 9.18 -16.39
C VAL B 402 -3.71 10.01 -15.45
N SER B 403 -2.71 10.68 -15.99
CA SER B 403 -2.10 11.77 -15.23
C SER B 403 -3.12 12.87 -14.97
N PHE B 404 -2.91 13.73 -13.98
CA PHE B 404 -3.87 14.79 -13.71
C PHE B 404 -4.02 15.72 -14.91
N ALA B 405 -2.94 16.03 -15.62
CA ALA B 405 -3.01 16.86 -16.82
C ALA B 405 -4.01 16.29 -17.81
N GLU B 406 -3.92 14.99 -18.06
CA GLU B 406 -4.87 14.30 -18.93
C GLU B 406 -6.27 14.30 -18.33
N ALA B 407 -6.40 14.04 -17.03
CA ALA B 407 -7.70 14.03 -16.36
C ALA B 407 -8.38 15.39 -16.44
N VAL B 408 -7.69 16.50 -16.17
CA VAL B 408 -8.30 17.82 -16.28
C VAL B 408 -8.59 18.18 -17.73
N LYS B 409 -7.76 17.76 -18.69
CA LYS B 409 -8.10 17.93 -20.11
C LYS B 409 -9.33 17.13 -20.49
N SER B 410 -9.48 15.90 -20.02
CA SER B 410 -10.71 15.12 -20.23
C SER B 410 -11.89 15.82 -19.59
N PHE B 411 -11.81 16.09 -18.28
CA PHE B 411 -12.87 16.76 -17.53
C PHE B 411 -13.30 18.04 -18.23
N GLN B 412 -12.34 18.84 -18.63
CA GLN B 412 -12.60 20.07 -19.35
C GLN B 412 -13.25 19.82 -20.71
N ARG B 413 -12.70 18.99 -21.60
CA ARG B 413 -13.30 18.80 -22.94
C ARG B 413 -14.71 18.26 -22.80
N ASN B 414 -14.90 17.38 -21.83
CA ASN B 414 -16.19 16.84 -21.47
C ASN B 414 -17.15 17.95 -21.01
N LEU B 415 -16.72 18.81 -20.08
CA LEU B 415 -17.46 20.00 -19.66
C LEU B 415 -17.77 20.95 -20.81
N HIS B 416 -16.77 21.38 -21.56
CA HIS B 416 -16.93 22.31 -22.66
C HIS B 416 -17.92 21.77 -23.69
N GLY B 417 -17.79 20.50 -24.07
CA GLY B 417 -18.78 19.79 -24.87
C GLY B 417 -20.18 19.98 -24.31
N ALA B 418 -20.37 19.67 -23.03
CA ALA B 418 -21.68 19.67 -22.41
C ALA B 418 -22.31 21.07 -22.28
N ILE B 419 -21.55 22.16 -22.35
CA ILE B 419 -22.13 23.51 -22.38
C ILE B 419 -23.05 23.67 -23.60
N ASP B 420 -22.70 23.11 -24.75
CA ASP B 420 -23.62 23.05 -25.91
C ASP B 420 -24.94 22.35 -25.55
N HIS B 421 -24.86 21.30 -24.75
CA HIS B 421 -26.02 20.50 -24.36
C HIS B 421 -26.80 21.10 -23.18
N ALA B 422 -26.28 22.11 -22.50
CA ALA B 422 -27.00 22.90 -21.49
C ALA B 422 -28.25 23.61 -22.05
N ALA B 423 -28.32 23.79 -23.36
CA ALA B 423 -29.44 24.44 -24.03
C ALA B 423 -30.77 23.74 -23.80
N PHE B 424 -30.78 22.41 -23.62
CA PHE B 424 -31.89 21.74 -22.95
C PHE B 424 -31.47 21.54 -21.50
N PRO B 425 -32.15 22.17 -20.54
CA PRO B 425 -31.55 22.41 -19.23
C PRO B 425 -31.49 21.14 -18.39
N ALA B 426 -30.49 21.04 -17.51
CA ALA B 426 -30.26 19.88 -16.66
C ALA B 426 -31.53 19.30 -16.06
N LEU B 427 -32.31 20.11 -15.35
CA LEU B 427 -33.53 19.65 -14.68
C LEU B 427 -34.51 18.98 -15.65
N GLU B 428 -34.64 19.51 -16.85
CA GLU B 428 -35.51 18.92 -17.84
C GLU B 428 -34.94 17.62 -18.41
N VAL B 429 -33.63 17.42 -18.38
CA VAL B 429 -33.02 16.10 -18.60
C VAL B 429 -33.42 15.14 -17.51
N LEU B 430 -33.29 15.57 -16.26
CA LEU B 430 -33.58 14.71 -15.11
C LEU B 430 -35.03 14.28 -15.16
N ARG B 431 -35.94 15.20 -15.48
CA ARG B 431 -37.34 14.92 -15.80
C ARG B 431 -37.49 13.97 -16.97
N GLU B 432 -36.78 14.19 -18.08
CA GLU B 432 -36.79 13.27 -19.20
C GLU B 432 -36.32 11.86 -18.80
N ALA B 433 -35.39 11.75 -17.86
CA ALA B 433 -34.97 10.49 -17.28
C ALA B 433 -36.08 9.88 -16.42
N ARG B 434 -36.81 10.68 -15.61
CA ARG B 434 -38.04 10.19 -14.97
C ARG B 434 -39.01 9.66 -16.06
N ARG B 435 -39.10 10.34 -17.21
CA ARG B 435 -39.86 9.94 -18.42
C ARG B 435 -39.27 8.75 -19.19
N GLN B 436 -38.32 8.03 -18.61
CA GLN B 436 -37.94 6.67 -18.99
C GLN B 436 -37.73 5.75 -17.77
N GLY B 437 -38.34 6.09 -16.63
CA GLY B 437 -38.28 5.31 -15.40
C GLY B 437 -36.98 5.46 -14.59
N GLN B 438 -36.14 6.44 -14.91
CA GLN B 438 -34.80 6.63 -14.32
C GLN B 438 -34.81 7.77 -13.30
N PRO B 439 -34.44 7.53 -12.04
CA PRO B 439 -34.25 8.59 -11.05
C PRO B 439 -32.90 9.32 -11.17
N ARG B 440 -32.08 8.97 -12.19
CA ARG B 440 -30.68 9.42 -12.34
C ARG B 440 -30.64 10.93 -12.32
N SER B 441 -29.92 11.47 -11.35
CA SER B 441 -29.99 12.87 -10.90
C SER B 441 -28.65 13.30 -10.30
N ALA B 442 -28.46 14.59 -10.05
CA ALA B 442 -27.14 15.15 -9.74
C ALA B 442 -27.16 15.90 -8.40
N PRO B 443 -27.28 15.19 -7.28
CA PRO B 443 -27.35 15.79 -5.96
C PRO B 443 -26.00 16.28 -5.43
N VAL B 444 -25.03 16.48 -6.31
CA VAL B 444 -23.70 16.97 -6.02
C VAL B 444 -23.41 18.06 -7.03
N VAL B 445 -23.02 19.23 -6.57
CA VAL B 445 -23.04 20.41 -7.42
C VAL B 445 -21.71 21.10 -7.36
N PHE B 446 -21.23 21.54 -8.50
CA PHE B 446 -19.94 22.17 -8.67
C PHE B 446 -20.13 23.56 -9.26
N ALA B 447 -19.66 24.60 -8.58
CA ALA B 447 -20.00 25.97 -8.90
C ALA B 447 -18.77 26.86 -8.85
N SER B 448 -18.15 27.08 -10.01
CA SER B 448 -16.95 27.91 -10.13
C SER B 448 -17.29 29.40 -10.15
N ASN B 449 -17.62 29.99 -9.01
CA ASN B 449 -17.89 31.42 -8.86
C ASN B 449 -16.59 32.24 -8.73
N LEU B 450 -15.71 32.10 -9.73
CA LEU B 450 -14.32 32.55 -9.69
C LEU B 450 -14.09 34.05 -9.93
N GLY B 451 -15.15 34.88 -9.89
CA GLY B 451 -15.18 36.34 -10.07
C GLY B 451 -13.86 37.05 -9.81
N GLU B 452 -13.15 37.35 -10.89
CA GLU B 452 -11.69 37.45 -10.90
C GLU B 452 -11.13 38.69 -10.20
N GLU B 453 -11.98 39.65 -9.82
CA GLU B 453 -11.65 40.81 -8.98
C GLU B 453 -11.62 40.49 -7.46
N GLY B 454 -11.98 39.27 -7.07
CA GLY B 454 -12.45 38.94 -5.72
C GLY B 454 -13.90 38.51 -5.83
N PHE B 455 -14.41 37.49 -5.15
CA PHE B 455 -15.81 37.14 -5.36
C PHE B 455 -16.69 38.26 -4.82
N VAL B 456 -16.53 38.56 -3.54
CA VAL B 456 -17.05 39.76 -2.91
C VAL B 456 -16.39 40.97 -3.56
N PRO B 457 -17.13 41.87 -4.21
CA PRO B 457 -16.57 42.98 -4.96
C PRO B 457 -16.01 44.08 -4.09
N ALA B 458 -15.16 44.90 -4.70
CA ALA B 458 -14.47 46.02 -4.05
C ALA B 458 -15.41 46.87 -3.20
N ALA B 459 -16.50 47.37 -3.78
CA ALA B 459 -17.43 48.24 -3.06
C ALA B 459 -17.96 47.60 -1.78
N PHE B 460 -18.13 46.29 -1.75
CA PHE B 460 -18.57 45.61 -0.54
C PHE B 460 -17.41 45.45 0.45
N ARG B 461 -16.24 45.00 -0.01
CA ARG B 461 -15.04 44.89 0.83
C ARG B 461 -14.59 46.25 1.39
N ASP B 462 -14.95 47.34 0.72
CA ASP B 462 -14.72 48.71 1.20
C ASP B 462 -15.66 49.05 2.35
N ALA B 463 -16.93 48.68 2.23
CA ALA B 463 -17.96 48.96 3.21
C ALA B 463 -17.90 48.02 4.44
N PHE B 464 -17.48 46.79 4.25
CA PHE B 464 -17.52 45.71 5.25
C PHE B 464 -16.17 45.01 5.36
N GLY B 465 -16.15 43.78 5.87
CA GLY B 465 -15.03 42.88 5.62
C GLY B 465 -15.15 42.21 4.26
N ASP B 466 -14.12 41.48 3.86
CA ASP B 466 -14.29 40.36 2.93
C ASP B 466 -14.97 39.18 3.65
N LEU B 467 -15.44 38.18 2.92
CA LEU B 467 -16.32 37.14 3.47
C LEU B 467 -15.73 36.45 4.69
N HIS B 468 -16.36 36.62 5.84
CA HIS B 468 -15.95 35.95 7.07
C HIS B 468 -16.35 34.49 7.06
N ASP B 469 -17.58 34.20 6.67
CA ASP B 469 -18.13 32.84 6.64
C ASP B 469 -19.37 32.81 5.76
N MET B 470 -19.86 31.63 5.43
CA MET B 470 -20.99 31.46 4.53
C MET B 470 -21.65 30.09 4.68
N LEU B 471 -22.84 29.95 4.14
CA LEU B 471 -23.50 28.69 3.94
C LEU B 471 -24.27 28.68 2.63
N SER B 472 -24.66 27.48 2.24
CA SER B 472 -25.63 27.24 1.20
C SER B 472 -26.59 26.18 1.71
N GLN B 473 -27.72 26.60 2.25
CA GLN B 473 -28.84 25.69 2.19
C GLN B 473 -29.11 25.48 0.71
N THR B 474 -29.27 24.24 0.29
CA THR B 474 -29.60 23.99 -1.10
C THR B 474 -30.38 22.68 -1.23
N PRO B 475 -31.58 22.72 -1.80
CA PRO B 475 -32.46 21.57 -1.83
C PRO B 475 -31.94 20.54 -2.82
N GLN B 476 -32.31 19.28 -2.61
CA GLN B 476 -32.04 18.19 -3.54
C GLN B 476 -30.54 18.02 -3.81
N VAL B 477 -29.68 18.45 -2.88
CA VAL B 477 -28.22 18.45 -3.02
C VAL B 477 -27.55 18.05 -1.74
N TRP B 478 -26.85 16.93 -1.79
CA TRP B 478 -26.04 16.41 -0.71
C TRP B 478 -24.84 17.30 -0.42
N LEU B 479 -24.22 17.82 -1.47
CA LEU B 479 -22.86 18.35 -1.44
C LEU B 479 -22.73 19.46 -2.46
N ASP B 480 -22.98 20.67 -1.99
CA ASP B 480 -22.93 21.85 -2.82
C ASP B 480 -21.50 22.40 -2.79
N HIS B 481 -20.71 22.02 -3.77
CA HIS B 481 -19.37 22.56 -3.90
C HIS B 481 -19.39 23.84 -4.70
N GLN B 482 -18.95 24.92 -4.07
CA GLN B 482 -18.76 26.19 -4.73
C GLN B 482 -17.42 26.79 -4.36
N LEU B 483 -16.99 27.75 -5.16
CA LEU B 483 -15.66 28.32 -5.16
C LEU B 483 -15.75 29.83 -5.20
N TYR B 484 -14.94 30.53 -4.42
CA TYR B 484 -14.94 31.98 -4.38
C TYR B 484 -13.50 32.45 -4.41
N ARG B 485 -13.16 33.54 -5.09
CA ARG B 485 -11.95 34.27 -4.69
C ARG B 485 -12.24 34.88 -3.33
N VAL B 486 -11.31 34.76 -2.39
CA VAL B 486 -11.31 35.53 -1.13
C VAL B 486 -9.88 36.01 -0.93
N GLY B 487 -9.67 37.27 -0.62
CA GLY B 487 -8.41 37.90 -1.03
C GLY B 487 -8.23 37.76 -2.56
N ASP B 488 -7.00 37.69 -3.03
CA ASP B 488 -6.67 37.07 -4.33
C ASP B 488 -6.35 35.58 -4.18
N GLY B 489 -6.60 34.98 -3.02
CA GLY B 489 -6.66 33.54 -2.85
C GLY B 489 -8.02 32.98 -3.26
N ILE B 490 -8.26 31.71 -2.92
CA ILE B 490 -9.52 31.01 -3.20
C ILE B 490 -10.06 30.34 -1.97
N LEU B 491 -11.32 30.57 -1.65
CA LEU B 491 -12.06 29.80 -0.67
C LEU B 491 -12.72 28.64 -1.37
N LEU B 492 -12.22 27.44 -1.12
CA LEU B 492 -12.88 26.20 -1.49
C LEU B 492 -14.01 25.99 -0.50
N ALA B 493 -15.22 25.74 -0.95
CA ALA B 493 -16.27 25.34 -0.04
C ALA B 493 -17.09 24.18 -0.56
N TRP B 494 -17.33 23.25 0.33
CA TRP B 494 -18.33 22.22 0.20
C TRP B 494 -19.38 22.41 1.27
N ASP B 495 -20.58 22.66 0.83
CA ASP B 495 -21.74 22.74 1.67
C ASP B 495 -22.41 21.37 1.63
N SER B 496 -21.86 20.48 2.45
CA SER B 496 -22.37 19.13 2.68
C SER B 496 -23.58 19.16 3.60
N VAL B 497 -24.63 18.41 3.32
CA VAL B 497 -25.74 18.26 4.28
C VAL B 497 -25.28 17.56 5.56
N VAL B 498 -25.69 18.09 6.70
CA VAL B 498 -25.43 17.54 8.03
C VAL B 498 -26.00 16.13 8.10
N GLY B 499 -25.24 15.18 8.64
CA GLY B 499 -25.73 13.83 8.98
C GLY B 499 -26.06 12.91 7.80
N LEU B 500 -26.25 13.43 6.59
CA LEU B 500 -26.48 12.65 5.38
C LEU B 500 -25.31 11.73 5.08
N PHE B 501 -24.10 12.27 5.18
CA PHE B 501 -22.88 11.49 5.07
C PHE B 501 -22.49 10.85 6.40
N PRO B 502 -21.68 9.78 6.37
CA PRO B 502 -21.09 9.23 7.58
C PRO B 502 -20.26 10.31 8.29
N GLU B 503 -20.30 10.35 9.62
CA GLU B 503 -19.74 11.48 10.35
C GLU B 503 -18.21 11.54 10.19
N GLY B 504 -17.68 12.74 9.94
CA GLY B 504 -16.26 12.90 9.58
C GLY B 504 -15.97 12.54 8.13
N LEU B 505 -16.92 12.03 7.34
CA LEU B 505 -16.64 11.67 5.97
C LEU B 505 -16.53 12.86 5.03
N PRO B 506 -17.44 13.84 4.96
CA PRO B 506 -17.25 15.00 4.13
C PRO B 506 -16.01 15.76 4.54
N GLU B 507 -15.72 15.83 5.83
CA GLU B 507 -14.49 16.39 6.36
C GLU B 507 -13.29 15.67 5.78
N THR B 508 -13.24 14.34 5.84
CA THR B 508 -12.11 13.57 5.31
C THR B 508 -12.03 13.67 3.80
N MET B 509 -13.16 13.59 3.13
CA MET B 509 -13.25 13.66 1.68
C MET B 509 -12.83 15.05 1.19
N PHE B 510 -13.13 16.09 1.96
CA PHE B 510 -12.68 17.43 1.71
C PHE B 510 -11.20 17.60 2.03
N GLU B 511 -10.67 17.03 3.11
CA GLU B 511 -9.23 17.05 3.34
C GLU B 511 -8.50 16.34 2.22
N ALA B 512 -9.04 15.28 1.63
CA ALA B 512 -8.47 14.65 0.45
C ALA B 512 -8.61 15.53 -0.80
N TYR B 513 -9.70 16.28 -0.94
CA TYR B 513 -9.86 17.27 -2.01
C TYR B 513 -8.85 18.40 -1.90
N VAL B 514 -8.70 19.00 -0.73
CA VAL B 514 -7.71 20.03 -0.47
C VAL B 514 -6.31 19.47 -0.66
N GLY B 515 -6.04 18.29 -0.13
CA GLY B 515 -4.80 17.56 -0.34
C GLY B 515 -4.51 17.40 -1.82
N LEU B 516 -5.51 17.04 -2.62
CA LEU B 516 -5.37 16.98 -4.05
C LEU B 516 -5.05 18.35 -4.64
N LEU B 517 -5.72 19.42 -4.26
CA LEU B 517 -5.41 20.72 -4.82
C LEU B 517 -4.02 21.22 -4.43
N GLN B 518 -3.52 20.89 -3.26
CA GLN B 518 -2.15 21.24 -2.88
C GLN B 518 -1.13 20.38 -3.61
N ARG B 519 -1.41 19.10 -3.77
CA ARG B 519 -0.78 18.19 -4.73
C ARG B 519 -0.98 18.63 -6.18
N LEU B 520 -1.72 19.70 -6.45
CA LEU B 520 -1.80 20.34 -7.76
C LEU B 520 -1.22 21.74 -7.77
N CYS B 521 -1.11 22.43 -6.63
CA CYS B 521 -0.31 23.63 -6.51
C CYS B 521 1.18 23.32 -6.67
N ASP B 522 1.59 22.20 -6.10
CA ASP B 522 2.97 21.95 -5.73
C ASP B 522 3.53 20.72 -6.41
N SER B 523 2.98 20.36 -7.57
CA SER B 523 3.45 19.22 -8.36
C SER B 523 3.11 19.40 -9.83
N ALA B 524 3.86 18.78 -10.72
CA ALA B 524 3.62 18.85 -12.15
C ALA B 524 2.59 17.80 -12.55
N TRP B 525 1.62 18.18 -13.37
CA TRP B 525 0.41 17.40 -13.52
C TRP B 525 0.54 16.12 -14.33
N GLY B 526 1.74 15.80 -14.83
CA GLY B 526 2.11 14.45 -15.25
C GLY B 526 2.02 13.39 -14.15
N GLN B 527 1.89 13.78 -12.88
CA GLN B 527 1.58 12.85 -11.78
C GLN B 527 0.25 12.10 -12.01
N PRO B 528 0.04 10.91 -11.42
CA PRO B 528 -1.22 10.19 -11.48
C PRO B 528 -2.40 11.00 -10.89
N ALA B 529 -3.50 11.06 -11.63
CA ALA B 529 -4.72 11.75 -11.22
C ALA B 529 -5.35 11.13 -9.97
N ASP B 530 -5.33 9.81 -9.83
CA ASP B 530 -5.86 9.08 -8.68
C ASP B 530 -5.22 9.51 -7.36
N LEU B 531 -6.05 9.94 -6.40
CA LEU B 531 -5.58 10.42 -5.10
C LEU B 531 -4.79 9.36 -4.32
N PRO B 532 -4.00 9.75 -3.32
CA PRO B 532 -3.73 8.84 -2.24
C PRO B 532 -5.03 8.53 -1.50
N LEU B 533 -5.10 7.45 -0.74
CA LEU B 533 -6.07 7.42 0.35
C LEU B 533 -5.72 8.51 1.37
N PRO B 534 -6.69 9.05 2.11
CA PRO B 534 -6.37 9.92 3.23
C PRO B 534 -5.48 9.13 4.17
N TRP B 535 -4.31 9.66 4.54
CA TRP B 535 -3.33 8.79 5.14
C TRP B 535 -3.81 8.10 6.40
N ALA B 536 -4.55 8.76 7.27
CA ALA B 536 -5.05 8.16 8.49
C ALA B 536 -5.83 6.88 8.24
N GLN B 537 -6.62 6.85 7.16
CA GLN B 537 -7.36 5.67 6.74
C GLN B 537 -6.42 4.57 6.30
N GLN B 538 -5.47 4.87 5.42
CA GLN B 538 -4.51 3.87 4.99
C GLN B 538 -3.66 3.37 6.17
N ALA B 539 -3.37 4.22 7.14
CA ALA B 539 -2.64 3.86 8.34
C ALA B 539 -3.40 2.81 9.13
N ARG B 540 -4.66 3.08 9.50
CA ARG B 540 -5.53 2.09 10.14
C ARG B 540 -5.59 0.79 9.36
N ARG B 541 -5.84 0.85 8.06
CA ARG B 541 -6.01 -0.37 7.26
C ARG B 541 -4.71 -1.15 7.11
N ALA B 542 -3.58 -0.49 7.01
CA ALA B 542 -2.29 -1.13 7.08
C ALA B 542 -2.04 -1.79 8.43
N LEU B 543 -2.46 -1.21 9.57
CA LEU B 543 -2.36 -1.91 10.85
C LEU B 543 -3.13 -3.21 10.83
N LEU B 544 -4.34 -3.23 10.28
CA LEU B 544 -5.15 -4.44 10.26
C LEU B 544 -4.57 -5.49 9.32
N ASN B 545 -4.35 -5.14 8.06
CA ASN B 545 -3.73 -6.01 7.08
C ASN B 545 -2.32 -6.44 7.48
N GLY B 546 -1.64 -5.66 8.30
CA GLY B 546 -0.33 -5.97 8.80
C GLY B 546 -0.28 -6.97 9.95
N GLN B 547 -1.40 -7.34 10.57
CA GLN B 547 -1.31 -8.20 11.76
C GLN B 547 -0.61 -9.52 11.43
N PRO B 548 0.41 -9.93 12.21
CA PRO B 548 1.40 -10.87 11.74
C PRO B 548 0.86 -12.29 11.74
N ALA B 549 1.51 -13.21 11.04
CA ALA B 549 1.05 -14.60 10.97
C ALA B 549 1.19 -15.35 12.30
N CYS B 550 0.14 -16.06 12.68
CA CYS B 550 0.18 -17.11 13.69
C CYS B 550 0.76 -18.43 13.16
N ALA B 551 1.10 -18.48 11.86
CA ALA B 551 1.52 -19.69 11.17
C ALA B 551 2.76 -20.32 11.79
N THR B 552 2.58 -21.52 12.34
CA THR B 552 3.67 -22.47 12.52
C THR B 552 3.82 -23.19 11.19
N ALA B 553 4.34 -22.50 10.16
CA ALA B 553 4.16 -22.86 8.75
C ALA B 553 4.62 -24.29 8.46
N ARG B 554 3.67 -25.19 8.20
CA ARG B 554 3.87 -26.64 8.20
C ARG B 554 2.86 -27.36 7.34
N THR B 555 3.16 -28.60 6.98
CA THR B 555 2.23 -29.49 6.30
C THR B 555 0.94 -29.61 7.11
N LEU B 556 -0.21 -29.49 6.46
CA LEU B 556 -1.51 -29.19 7.08
C LEU B 556 -1.90 -30.24 8.12
N HIS B 557 -1.56 -31.48 7.83
CA HIS B 557 -1.85 -32.64 8.63
C HIS B 557 -0.94 -32.82 9.84
N ARG B 558 0.17 -32.08 9.95
CA ARG B 558 1.27 -32.46 10.84
C ARG B 558 0.78 -32.66 12.26
N ASP B 559 0.03 -31.71 12.77
CA ASP B 559 -0.26 -31.71 14.20
C ASP B 559 -1.14 -32.86 14.60
N PHE B 560 -2.02 -33.34 13.73
CA PHE B 560 -2.78 -34.53 14.08
C PHE B 560 -1.86 -35.72 14.28
N PHE B 561 -0.92 -35.97 13.37
CA PHE B 561 0.03 -37.05 13.57
C PHE B 561 0.86 -36.84 14.83
N LEU B 562 1.21 -35.61 15.20
CA LEU B 562 1.77 -35.36 16.52
C LEU B 562 0.80 -35.75 17.65
N ARG B 563 -0.41 -35.19 17.67
CA ARG B 563 -1.42 -35.49 18.69
C ARG B 563 -1.70 -36.97 18.78
N ALA B 564 -1.59 -37.70 17.68
CA ALA B 564 -1.78 -39.13 17.62
C ALA B 564 -0.59 -39.86 18.22
N ALA B 565 0.64 -39.49 17.88
CA ALA B 565 1.82 -40.07 18.53
C ALA B 565 1.87 -39.72 20.04
N GLU B 566 1.24 -38.62 20.45
CA GLU B 566 1.16 -38.18 21.84
C GLU B 566 0.07 -38.89 22.64
N ALA B 567 -1.11 -39.15 22.06
CA ALA B 567 -2.21 -39.83 22.73
C ALA B 567 -3.03 -40.70 21.75
N PRO B 568 -2.54 -41.90 21.39
CA PRO B 568 -3.24 -42.79 20.47
C PRO B 568 -4.63 -43.18 21.00
N ASP B 569 -4.79 -43.15 22.31
CA ASP B 569 -5.98 -43.46 23.11
C ASP B 569 -7.07 -42.38 23.03
N ALA B 570 -6.68 -41.12 22.82
CA ALA B 570 -7.59 -39.99 22.87
C ALA B 570 -8.59 -40.02 21.71
N ASP B 571 -9.75 -39.40 21.89
CA ASP B 571 -10.82 -39.39 20.91
C ASP B 571 -10.47 -38.45 19.74
N ALA B 572 -10.06 -39.00 18.61
CA ALA B 572 -10.04 -38.21 17.38
C ALA B 572 -11.46 -37.85 16.97
N LEU B 573 -12.35 -38.83 16.90
CA LEU B 573 -13.67 -38.67 16.32
C LEU B 573 -14.69 -39.34 17.20
N LEU B 574 -15.93 -38.89 17.08
CA LEU B 574 -17.09 -39.60 17.57
C LEU B 574 -18.08 -39.69 16.42
N TYR B 575 -18.84 -40.78 16.35
CA TYR B 575 -19.65 -41.10 15.17
C TYR B 575 -20.97 -41.76 15.58
N ARG B 576 -21.64 -42.48 14.66
CA ARG B 576 -23.05 -42.92 14.80
C ARG B 576 -23.40 -43.45 16.18
N ASP B 577 -22.56 -44.34 16.68
CA ASP B 577 -22.51 -44.81 18.07
C ASP B 577 -21.06 -45.05 18.50
N GLN B 578 -20.29 -45.70 17.62
CA GLN B 578 -18.85 -45.91 17.80
C GLN B 578 -18.06 -44.60 17.78
N ARG B 579 -16.88 -44.63 18.40
CA ARG B 579 -15.91 -43.53 18.43
C ARG B 579 -14.54 -43.99 17.96
N VAL B 580 -13.72 -43.09 17.43
CA VAL B 580 -12.40 -43.40 16.86
C VAL B 580 -11.32 -42.63 17.56
N THR B 581 -10.30 -43.34 18.00
CA THR B 581 -9.17 -42.72 18.67
C THR B 581 -8.12 -42.22 17.69
N ARG B 582 -7.25 -41.32 18.15
CA ARG B 582 -6.19 -40.75 17.31
C ARG B 582 -5.29 -41.83 16.76
N GLY B 583 -4.96 -42.84 17.56
CA GLY B 583 -4.18 -43.98 17.13
C GLY B 583 -4.89 -44.75 16.03
N GLU B 584 -6.18 -45.03 16.20
CA GLU B 584 -6.96 -45.70 15.16
C GLU B 584 -6.95 -44.91 13.88
N LEU B 585 -7.27 -43.62 13.98
CA LEU B 585 -7.35 -42.76 12.81
C LEU B 585 -5.99 -42.64 12.13
N ALA B 586 -4.92 -42.49 12.89
CA ALA B 586 -3.60 -42.33 12.34
C ALA B 586 -3.20 -43.56 11.55
N GLU B 587 -3.30 -44.75 12.15
CA GLU B 587 -2.99 -45.99 11.45
C GLU B 587 -3.90 -46.19 10.23
N ARG B 588 -5.21 -45.95 10.36
CA ARG B 588 -6.16 -46.07 9.25
C ARG B 588 -5.77 -45.13 8.10
N ALA B 589 -5.50 -43.87 8.41
CA ALA B 589 -5.07 -42.88 7.44
C ALA B 589 -3.75 -43.26 6.78
N LEU B 590 -2.77 -43.71 7.54
CA LEU B 590 -1.48 -44.10 6.99
C LEU B 590 -1.55 -45.40 6.18
N ARG B 591 -2.44 -46.34 6.55
CA ARG B 591 -2.75 -47.49 5.70
C ARG B 591 -3.37 -47.02 4.40
N ILE B 592 -4.28 -46.05 4.43
CA ILE B 592 -4.80 -45.47 3.20
C ILE B 592 -3.67 -44.81 2.44
N ALA B 593 -2.80 -44.03 3.07
CA ALA B 593 -1.67 -43.42 2.39
C ALA B 593 -0.76 -44.46 1.73
N GLY B 594 -0.48 -45.58 2.40
CA GLY B 594 0.41 -46.59 1.82
C GLY B 594 -0.29 -47.35 0.71
N GLY B 595 -1.59 -47.56 0.86
CA GLY B 595 -2.46 -47.93 -0.24
C GLY B 595 -2.39 -46.94 -1.40
N LEU B 596 -2.28 -45.64 -1.14
CA LEU B 596 -2.22 -44.62 -2.18
C LEU B 596 -0.88 -44.55 -2.89
N ARG B 597 0.23 -44.67 -2.17
CA ARG B 597 1.53 -44.86 -2.83
C ARG B 597 1.59 -46.16 -3.58
N GLU B 598 0.99 -47.23 -3.06
CA GLU B 598 0.78 -48.44 -3.84
C GLU B 598 -0.06 -48.17 -5.10
N ALA B 599 -1.07 -47.34 -5.01
CA ALA B 599 -1.83 -46.85 -6.15
C ALA B 599 -1.14 -45.69 -6.92
N GLY B 600 0.15 -45.46 -6.72
CA GLY B 600 0.94 -44.51 -7.49
C GLY B 600 0.70 -43.03 -7.22
N VAL B 601 -0.13 -42.69 -6.24
CA VAL B 601 -0.31 -41.31 -5.77
C VAL B 601 0.92 -40.86 -4.98
N ARG B 602 1.43 -39.67 -5.28
CA ARG B 602 2.74 -39.19 -4.88
C ARG B 602 2.75 -37.66 -4.68
N PRO B 603 3.80 -37.06 -4.10
CA PRO B 603 3.80 -35.66 -3.69
C PRO B 603 3.13 -34.72 -4.69
N GLY B 604 2.05 -34.07 -4.23
CA GLY B 604 1.18 -33.12 -4.91
C GLY B 604 0.45 -33.59 -6.18
N ASP B 605 0.44 -34.88 -6.49
CA ASP B 605 -0.64 -35.46 -7.29
C ASP B 605 -1.94 -35.47 -6.47
N ALA B 606 -3.11 -35.68 -7.08
CA ALA B 606 -4.39 -35.30 -6.47
C ALA B 606 -5.50 -36.33 -6.60
N VAL B 607 -6.34 -36.37 -5.57
CA VAL B 607 -7.25 -37.48 -5.31
C VAL B 607 -8.66 -37.03 -5.00
N GLU B 608 -9.63 -37.46 -5.79
CA GLU B 608 -11.05 -37.26 -5.49
C GLU B 608 -11.38 -38.00 -4.21
N VAL B 609 -12.11 -37.39 -3.29
CA VAL B 609 -12.59 -38.08 -2.10
C VAL B 609 -14.10 -37.97 -2.02
N SER B 610 -14.77 -39.11 -2.14
CA SER B 610 -16.21 -39.20 -2.40
C SER B 610 -16.79 -40.29 -1.56
N LEU B 611 -16.85 -40.00 -0.27
CA LEU B 611 -17.21 -40.99 0.74
C LEU B 611 -18.35 -40.47 1.62
N PRO B 612 -19.16 -41.36 2.19
CA PRO B 612 -20.04 -41.00 3.27
C PRO B 612 -19.26 -40.39 4.44
N ARG B 613 -19.81 -39.34 5.04
CA ARG B 613 -19.29 -38.70 6.24
C ARG B 613 -19.17 -39.72 7.37
N GLY B 614 -18.00 -39.77 8.01
CA GLY B 614 -17.61 -40.82 8.95
C GLY B 614 -16.10 -41.02 9.00
N PRO B 615 -15.59 -41.90 9.86
CA PRO B 615 -14.16 -42.14 10.00
C PRO B 615 -13.50 -42.60 8.72
N GLN B 616 -14.21 -43.29 7.81
CA GLN B 616 -13.64 -43.63 6.51
C GLN B 616 -13.33 -42.38 5.67
N GLN B 617 -14.15 -41.35 5.73
CA GLN B 617 -13.89 -40.09 5.03
C GLN B 617 -12.71 -39.35 5.64
N VAL B 618 -12.64 -39.29 6.97
CA VAL B 618 -11.56 -38.59 7.67
C VAL B 618 -10.24 -39.29 7.39
N ALA B 619 -10.17 -40.60 7.62
CA ALA B 619 -8.97 -41.35 7.33
C ALA B 619 -8.58 -41.24 5.86
N ALA B 620 -9.54 -41.11 4.93
CA ALA B 620 -9.22 -40.92 3.53
C ALA B 620 -8.50 -39.59 3.25
N VAL B 621 -9.02 -38.46 3.71
CA VAL B 621 -8.32 -37.18 3.45
C VAL B 621 -6.98 -37.12 4.16
N PHE B 622 -6.89 -37.53 5.42
CA PHE B 622 -5.58 -37.63 6.06
C PHE B 622 -4.66 -38.59 5.33
N GLY B 623 -5.18 -39.66 4.75
CA GLY B 623 -4.36 -40.61 4.00
C GLY B 623 -3.88 -40.06 2.67
N VAL B 624 -4.68 -39.24 2.00
CA VAL B 624 -4.24 -38.50 0.81
C VAL B 624 -3.17 -37.48 1.19
N LEU B 625 -3.44 -36.69 2.22
CA LEU B 625 -2.49 -35.69 2.69
C LEU B 625 -1.18 -36.33 3.18
N ALA B 626 -1.26 -37.46 3.88
CA ALA B 626 -0.10 -38.20 4.34
C ALA B 626 0.56 -39.01 3.23
N ALA B 627 -0.06 -39.19 2.06
CA ALA B 627 0.64 -39.57 0.85
C ALA B 627 1.39 -38.39 0.22
N GLY B 628 1.37 -37.22 0.87
CA GLY B 628 1.87 -35.96 0.33
C GLY B 628 1.03 -35.43 -0.82
N ALA B 629 -0.15 -35.98 -1.05
CA ALA B 629 -1.01 -35.66 -2.17
C ALA B 629 -2.07 -34.65 -1.74
N CYS B 630 -2.79 -34.15 -2.73
CA CYS B 630 -3.75 -33.08 -2.52
C CYS B 630 -5.18 -33.61 -2.69
N TYR B 631 -6.03 -33.50 -1.67
CA TYR B 631 -7.36 -34.11 -1.72
C TYR B 631 -8.41 -33.21 -2.35
N VAL B 632 -9.33 -33.78 -3.08
CA VAL B 632 -10.32 -33.07 -3.90
C VAL B 632 -11.67 -33.57 -3.45
N PRO B 633 -12.22 -33.03 -2.37
CA PRO B 633 -13.40 -33.60 -1.76
C PRO B 633 -14.61 -33.33 -2.64
N LEU B 634 -15.31 -34.38 -3.04
CA LEU B 634 -16.50 -34.33 -3.89
C LEU B 634 -17.58 -35.17 -3.25
N ASP B 635 -18.04 -34.68 -2.10
CA ASP B 635 -18.99 -35.30 -1.19
C ASP B 635 -20.11 -36.03 -1.95
N ILE B 636 -20.38 -37.28 -1.58
CA ILE B 636 -21.05 -38.24 -2.47
C ILE B 636 -22.52 -37.90 -2.74
N ASP B 637 -23.15 -37.02 -1.96
CA ASP B 637 -24.47 -36.50 -2.30
C ASP B 637 -24.47 -35.76 -3.66
N GLN B 638 -23.33 -35.18 -4.04
CA GLN B 638 -23.18 -34.46 -5.29
C GLN B 638 -23.47 -35.38 -6.50
N PRO B 639 -24.26 -34.91 -7.47
CA PRO B 639 -24.61 -35.71 -8.64
C PRO B 639 -23.41 -36.04 -9.54
N PRO B 640 -23.41 -37.22 -10.19
CA PRO B 640 -22.40 -37.62 -11.15
C PRO B 640 -22.19 -36.63 -12.29
N ALA B 641 -23.22 -35.88 -12.69
CA ALA B 641 -23.09 -34.83 -13.69
C ALA B 641 -22.01 -33.80 -13.32
N ARG B 642 -22.10 -33.20 -12.13
CA ARG B 642 -21.11 -32.22 -11.65
C ARG B 642 -19.74 -32.87 -11.46
N ARG B 643 -19.74 -34.05 -10.85
CA ARG B 643 -18.53 -34.84 -10.64
C ARG B 643 -17.79 -35.03 -11.94
N ARG B 644 -18.46 -35.33 -13.05
CA ARG B 644 -17.82 -35.62 -14.33
C ARG B 644 -17.10 -34.45 -14.95
N LEU B 645 -17.57 -33.24 -14.70
CA LEU B 645 -16.84 -32.03 -15.08
C LEU B 645 -15.49 -32.00 -14.35
N ILE B 646 -15.51 -32.32 -13.06
CA ILE B 646 -14.35 -32.24 -12.16
C ILE B 646 -13.38 -33.39 -12.34
N GLU B 647 -13.89 -34.58 -12.67
CA GLU B 647 -13.11 -35.78 -12.96
C GLU B 647 -11.97 -35.53 -13.95
N GLU B 648 -12.18 -34.66 -14.95
CA GLU B 648 -11.07 -34.16 -15.76
C GLU B 648 -10.49 -32.85 -15.22
N ALA B 649 -11.32 -31.86 -14.90
CA ALA B 649 -10.82 -30.52 -14.61
C ALA B 649 -9.87 -30.47 -13.40
N ALA B 650 -10.06 -31.29 -12.36
CA ALA B 650 -9.14 -31.34 -11.23
C ALA B 650 -7.77 -31.95 -11.56
N GLY B 651 -7.56 -32.48 -12.76
CA GLY B 651 -6.35 -33.26 -13.13
C GLY B 651 -6.17 -34.47 -12.21
N VAL B 652 -7.29 -35.01 -11.73
CA VAL B 652 -7.39 -35.82 -10.54
C VAL B 652 -7.10 -37.29 -10.86
N CYS B 653 -5.89 -37.72 -10.52
CA CYS B 653 -5.32 -38.92 -11.11
C CYS B 653 -5.71 -40.21 -10.37
N LEU B 654 -6.49 -40.09 -9.29
CA LEU B 654 -7.10 -41.20 -8.56
C LEU B 654 -8.40 -40.75 -7.89
N ALA B 655 -9.35 -41.64 -7.65
CA ALA B 655 -10.51 -41.36 -6.82
C ALA B 655 -10.65 -42.34 -5.67
N ILE B 656 -11.06 -41.85 -4.52
CA ILE B 656 -11.47 -42.63 -3.36
C ILE B 656 -12.99 -42.60 -3.30
N THR B 657 -13.60 -43.76 -3.15
CA THR B 657 -15.06 -43.96 -3.10
C THR B 657 -15.32 -45.23 -2.27
N GLU B 658 -16.56 -45.69 -2.14
CA GLU B 658 -16.86 -47.07 -1.67
C GLU B 658 -16.40 -48.17 -2.64
N GLU B 659 -15.81 -47.81 -3.77
CA GLU B 659 -15.80 -48.55 -5.01
C GLU B 659 -14.40 -48.69 -5.59
N ASP B 660 -14.01 -49.92 -5.93
CA ASP B 660 -12.92 -50.12 -6.85
C ASP B 660 -13.45 -50.19 -8.28
N ASP B 661 -12.92 -49.35 -9.14
CA ASP B 661 -13.15 -49.38 -10.57
C ASP B 661 -11.97 -48.66 -11.26
N PRO B 662 -10.88 -49.38 -11.55
CA PRO B 662 -9.75 -48.84 -12.30
C PRO B 662 -10.09 -48.31 -13.70
N GLN B 663 -11.26 -48.63 -14.24
CA GLN B 663 -11.72 -48.16 -15.54
C GLN B 663 -12.48 -46.84 -15.46
N ALA B 664 -12.85 -46.37 -14.26
CA ALA B 664 -13.40 -45.03 -14.08
C ALA B 664 -12.39 -43.94 -14.54
N LEU B 665 -12.87 -42.74 -14.89
CA LEU B 665 -12.04 -41.66 -15.46
C LEU B 665 -10.87 -41.31 -14.53
N PRO B 666 -11.08 -40.85 -13.29
CA PRO B 666 -10.10 -41.11 -12.26
C PRO B 666 -10.21 -42.60 -11.92
N PRO B 667 -9.16 -43.42 -12.04
CA PRO B 667 -9.20 -44.79 -11.56
C PRO B 667 -9.64 -44.77 -10.10
N ARG B 668 -10.69 -45.52 -9.78
CA ARG B 668 -11.47 -45.33 -8.55
C ARG B 668 -11.20 -46.48 -7.59
N LEU B 669 -11.06 -46.15 -6.31
CA LEU B 669 -10.59 -47.05 -5.28
C LEU B 669 -11.50 -47.05 -4.06
N ASP B 670 -11.73 -48.24 -3.55
CA ASP B 670 -12.42 -48.45 -2.30
C ASP B 670 -11.56 -47.96 -1.13
N VAL B 671 -12.12 -47.08 -0.30
CA VAL B 671 -11.53 -46.73 0.98
C VAL B 671 -11.17 -47.96 1.82
N GLN B 672 -11.99 -49.01 1.84
CA GLN B 672 -11.68 -50.18 2.61
C GLN B 672 -10.54 -50.99 2.02
N ARG B 673 -10.46 -51.21 0.70
CA ARG B 673 -9.25 -51.85 0.15
C ARG B 673 -8.00 -51.00 0.35
N LEU B 674 -8.12 -49.67 0.30
CA LEU B 674 -7.02 -48.80 0.68
C LEU B 674 -6.68 -48.97 2.17
N LEU B 675 -7.65 -49.15 3.06
CA LEU B 675 -7.37 -49.46 4.45
C LEU B 675 -6.64 -50.79 4.63
N ARG B 676 -6.76 -51.71 3.69
CA ARG B 676 -5.99 -52.96 3.68
C ARG B 676 -4.56 -52.76 3.15
N GLY B 677 -4.20 -51.55 2.72
CA GLY B 677 -2.84 -51.21 2.31
C GLY B 677 -1.83 -51.27 3.46
N PRO B 678 -0.53 -51.28 3.16
CA PRO B 678 0.52 -51.16 4.17
C PRO B 678 0.46 -49.77 4.82
N ALA B 679 0.86 -49.64 6.08
CA ALA B 679 1.01 -48.31 6.66
C ALA B 679 2.27 -47.63 6.10
N LEU B 680 2.18 -46.36 5.70
CA LEU B 680 3.36 -45.50 5.70
C LEU B 680 3.70 -45.21 7.16
N ALA B 681 4.87 -45.59 7.66
CA ALA B 681 5.13 -45.51 9.11
C ALA B 681 5.08 -44.06 9.64
N ALA B 682 5.35 -43.09 8.78
CA ALA B 682 5.10 -41.67 9.00
C ALA B 682 4.57 -41.04 7.72
N PRO B 683 3.94 -39.85 7.80
CA PRO B 683 3.44 -39.15 6.63
C PRO B 683 4.57 -38.81 5.64
N VAL B 684 4.29 -38.86 4.35
CA VAL B 684 5.23 -38.45 3.30
C VAL B 684 5.65 -37.01 3.52
N PRO B 685 6.94 -36.66 3.41
CA PRO B 685 7.39 -35.31 3.67
C PRO B 685 6.86 -34.33 2.62
N LEU B 686 6.35 -33.20 3.09
CA LEU B 686 5.94 -32.06 2.27
C LEU B 686 6.44 -30.76 2.88
N ALA B 687 6.98 -29.89 2.05
CA ALA B 687 7.07 -28.48 2.40
C ALA B 687 5.68 -27.83 2.22
N PRO B 688 5.33 -26.81 3.01
CA PRO B 688 3.93 -26.42 3.15
C PRO B 688 3.32 -25.77 1.91
N GLN B 689 4.12 -25.24 1.01
CA GLN B 689 3.65 -24.52 -0.16
C GLN B 689 2.99 -25.43 -1.19
N ALA B 690 3.24 -26.74 -1.14
CA ALA B 690 2.57 -27.72 -1.97
C ALA B 690 1.06 -27.74 -1.72
N SER B 691 0.31 -28.28 -2.67
CA SER B 691 -1.15 -28.31 -2.58
C SER B 691 -1.61 -29.24 -1.47
N ALA B 692 -2.58 -28.80 -0.68
CA ALA B 692 -3.20 -29.58 0.38
C ALA B 692 -4.57 -30.08 -0.04
N TYR B 693 -5.46 -29.18 -0.46
CA TYR B 693 -6.75 -29.61 -0.97
C TYR B 693 -7.25 -28.73 -2.09
N VAL B 694 -8.09 -29.29 -2.93
CA VAL B 694 -8.77 -28.59 -3.99
C VAL B 694 -10.25 -28.67 -3.71
N ILE B 695 -10.77 -27.76 -2.92
CA ILE B 695 -12.21 -27.71 -2.74
C ILE B 695 -12.84 -27.15 -3.98
N TYR B 696 -13.91 -27.76 -4.45
CA TYR B 696 -14.58 -27.35 -5.68
C TYR B 696 -15.75 -26.43 -5.39
N THR B 697 -15.76 -25.26 -6.05
CA THR B 697 -16.89 -24.34 -6.02
C THR B 697 -18.12 -24.96 -6.68
N SER B 698 -19.28 -24.36 -6.46
CA SER B 698 -20.57 -24.91 -6.89
C SER B 698 -20.69 -25.03 -8.42
N GLY B 699 -21.56 -25.96 -8.84
CA GLY B 699 -22.08 -26.08 -10.20
C GLY B 699 -22.85 -24.85 -10.71
N SER B 700 -23.19 -23.88 -9.84
CA SER B 700 -23.71 -22.57 -10.24
C SER B 700 -22.81 -21.86 -11.27
N THR B 701 -21.51 -22.12 -11.25
CA THR B 701 -20.50 -21.62 -12.20
C THR B 701 -20.61 -22.23 -13.62
N GLY B 702 -21.43 -23.25 -13.83
CA GLY B 702 -21.52 -23.98 -15.10
C GLY B 702 -20.44 -25.07 -15.23
N VAL B 703 -19.19 -24.65 -15.43
CA VAL B 703 -18.02 -25.51 -15.22
C VAL B 703 -17.42 -25.18 -13.85
N PRO B 704 -17.45 -26.10 -12.87
CA PRO B 704 -16.82 -25.90 -11.58
C PRO B 704 -15.33 -25.59 -11.66
N LYS B 705 -14.84 -24.80 -10.70
CA LYS B 705 -13.42 -24.47 -10.51
C LYS B 705 -12.90 -25.10 -9.22
N GLY B 706 -11.66 -25.55 -9.27
CA GLY B 706 -11.02 -26.18 -8.13
C GLY B 706 -10.15 -25.20 -7.39
N VAL B 707 -10.51 -24.87 -6.18
CA VAL B 707 -9.74 -23.93 -5.37
C VAL B 707 -8.60 -24.65 -4.70
N GLU B 708 -7.44 -24.68 -5.33
CA GLU B 708 -6.27 -25.39 -4.85
C GLU B 708 -5.61 -24.62 -3.72
N VAL B 709 -5.65 -25.09 -2.49
CA VAL B 709 -5.15 -24.40 -1.30
C VAL B 709 -3.88 -25.09 -0.83
N SER B 710 -2.80 -24.36 -0.61
CA SER B 710 -1.58 -24.96 -0.08
C SER B 710 -1.72 -25.27 1.39
N HIS B 711 -0.89 -26.13 1.93
CA HIS B 711 -0.89 -26.35 3.37
C HIS B 711 -0.61 -25.04 4.07
N ALA B 712 0.34 -24.24 3.60
CA ALA B 712 0.70 -22.96 4.20
C ALA B 712 -0.54 -22.07 4.33
N ALA B 713 -1.32 -21.96 3.27
CA ALA B 713 -2.51 -21.14 3.27
C ALA B 713 -3.59 -21.65 4.20
N ALA B 714 -3.85 -22.94 4.15
CA ALA B 714 -4.82 -23.55 5.04
C ALA B 714 -4.39 -23.38 6.50
N ILE B 715 -3.15 -23.75 6.80
CA ILE B 715 -2.65 -23.78 8.15
C ILE B 715 -2.41 -22.39 8.71
N ASN B 716 -2.08 -21.39 7.90
CA ASN B 716 -2.06 -20.01 8.41
C ASN B 716 -3.45 -19.64 8.91
N THR B 717 -4.46 -19.92 8.11
CA THR B 717 -5.85 -19.67 8.47
C THR B 717 -6.24 -20.39 9.74
N ILE B 718 -6.00 -21.70 9.78
CA ILE B 718 -6.30 -22.53 10.93
C ILE B 718 -5.56 -22.03 12.15
N ASP B 719 -4.23 -21.95 12.14
CA ASP B 719 -3.46 -21.47 13.27
C ASP B 719 -3.97 -20.13 13.76
N ALA B 720 -4.13 -19.19 12.83
CA ALA B 720 -4.60 -17.86 13.14
C ALA B 720 -5.95 -17.88 13.86
N LEU B 721 -6.75 -18.91 13.64
CA LEU B 721 -8.00 -19.10 14.37
C LEU B 721 -7.84 -19.98 15.61
N LEU B 722 -6.99 -21.00 15.60
CA LEU B 722 -6.76 -21.85 16.76
C LEU B 722 -6.35 -20.98 17.94
N ASP B 723 -5.48 -20.01 17.69
CA ASP B 723 -4.97 -19.13 18.72
C ASP B 723 -6.06 -18.27 19.38
N LEU B 724 -7.14 -17.95 18.67
CA LEU B 724 -8.28 -17.20 19.19
C LEU B 724 -9.27 -18.13 19.90
N LEU B 725 -9.34 -19.39 19.47
CA LEU B 725 -10.24 -20.39 20.02
C LEU B 725 -9.62 -21.24 21.15
N ARG B 726 -8.30 -21.19 21.36
CA ARG B 726 -7.58 -22.00 22.36
C ARG B 726 -7.97 -23.48 22.33
N VAL B 727 -8.18 -24.02 21.14
CA VAL B 727 -8.72 -25.37 20.95
C VAL B 727 -7.85 -26.40 21.66
N ASN B 728 -8.44 -27.30 22.45
CA ASN B 728 -7.70 -28.12 23.41
C ASN B 728 -8.30 -29.52 23.55
N ALA B 729 -7.74 -30.34 24.44
CA ALA B 729 -8.19 -31.71 24.64
C ALA B 729 -9.65 -31.87 25.07
N SER B 730 -10.23 -30.86 25.74
CA SER B 730 -11.65 -30.88 26.12
C SER B 730 -12.59 -30.53 24.97
N ASP B 731 -12.06 -29.92 23.91
CA ASP B 731 -12.90 -29.49 22.80
C ASP B 731 -13.32 -30.64 21.92
N ARG B 732 -14.51 -30.48 21.35
CA ARG B 732 -15.10 -31.38 20.39
C ARG B 732 -15.83 -30.53 19.37
N LEU B 733 -15.38 -30.58 18.13
CA LEU B 733 -15.98 -29.82 17.03
C LEU B 733 -17.21 -30.58 16.51
N LEU B 734 -18.13 -29.95 15.80
CA LEU B 734 -19.15 -30.70 15.05
C LEU B 734 -19.05 -30.42 13.56
N ALA B 735 -18.75 -31.46 12.78
CA ALA B 735 -18.64 -31.33 11.34
C ALA B 735 -20.02 -31.44 10.68
N VAL B 736 -20.84 -30.41 10.87
CA VAL B 736 -22.02 -30.22 10.01
C VAL B 736 -21.62 -29.88 8.57
N SER B 737 -20.37 -29.44 8.37
CA SER B 737 -19.72 -29.24 7.09
C SER B 737 -19.80 -30.47 6.19
N ALA B 738 -20.37 -30.33 5.01
CA ALA B 738 -20.03 -31.18 3.88
C ALA B 738 -18.52 -31.10 3.62
N LEU B 739 -17.91 -32.14 3.07
CA LEU B 739 -16.45 -32.12 2.88
C LEU B 739 -16.01 -31.24 1.71
N ASP B 740 -16.87 -31.06 0.70
CA ASP B 740 -16.64 -30.16 -0.42
C ASP B 740 -16.88 -28.68 -0.04
N PHE B 741 -16.77 -28.36 1.26
CA PHE B 741 -16.85 -27.02 1.81
C PHE B 741 -15.86 -26.86 2.95
N ASP B 742 -15.05 -25.80 2.92
CA ASP B 742 -13.78 -25.82 3.63
C ASP B 742 -13.88 -25.61 5.13
N LEU B 743 -15.06 -25.37 5.67
CA LEU B 743 -15.21 -25.47 7.11
C LEU B 743 -14.78 -26.85 7.62
N SER B 744 -15.01 -27.89 6.81
CA SER B 744 -14.51 -29.21 7.10
C SER B 744 -12.99 -29.24 7.27
N VAL B 745 -12.25 -28.42 6.54
CA VAL B 745 -10.80 -28.31 6.65
C VAL B 745 -10.43 -27.75 8.02
N PHE B 746 -11.22 -26.85 8.60
CA PHE B 746 -11.03 -26.53 9.99
C PHE B 746 -11.46 -27.68 10.88
N ASP B 747 -12.58 -28.33 10.59
CA ASP B 747 -13.08 -29.41 11.45
C ASP B 747 -12.02 -30.50 11.63
N LEU B 748 -11.41 -30.89 10.51
CA LEU B 748 -10.29 -31.79 10.39
C LEU B 748 -9.07 -31.19 11.08
N PHE B 749 -8.27 -30.44 10.36
CA PHE B 749 -6.92 -30.13 10.79
C PHE B 749 -6.90 -29.12 11.92
N GLY B 750 -7.94 -28.31 12.06
CA GLY B 750 -8.12 -27.50 13.25
C GLY B 750 -8.37 -28.38 14.47
N GLY B 751 -9.47 -29.11 14.48
CA GLY B 751 -9.88 -29.93 15.61
C GLY B 751 -8.84 -30.97 15.96
N LEU B 752 -8.54 -31.83 15.00
CA LEU B 752 -7.64 -32.95 15.18
C LEU B 752 -6.19 -32.52 15.36
N GLY B 753 -5.76 -31.41 14.77
CA GLY B 753 -4.45 -30.85 15.04
C GLY B 753 -4.33 -30.32 16.46
N ALA B 754 -5.39 -29.73 16.99
CA ALA B 754 -5.49 -29.37 18.40
C ALA B 754 -5.83 -30.57 19.30
N GLY B 755 -6.05 -31.75 18.73
CA GLY B 755 -6.44 -32.96 19.43
C GLY B 755 -7.88 -32.97 19.95
N ALA B 756 -8.63 -31.91 19.70
CA ALA B 756 -10.05 -31.84 19.91
C ALA B 756 -10.79 -32.78 18.96
N SER B 757 -11.95 -33.26 19.39
CA SER B 757 -12.57 -34.40 18.73
C SER B 757 -13.60 -33.96 17.71
N LEU B 758 -13.41 -34.33 16.45
CA LEU B 758 -14.31 -34.02 15.37
C LEU B 758 -15.52 -34.96 15.46
N VAL B 759 -16.61 -34.50 16.05
CA VAL B 759 -17.87 -35.23 16.08
C VAL B 759 -18.49 -35.23 14.70
N LEU B 760 -18.88 -36.39 14.22
CA LEU B 760 -19.39 -36.57 12.88
C LEU B 760 -20.88 -36.88 12.88
N PRO B 761 -21.69 -36.08 12.18
CA PRO B 761 -22.93 -36.58 11.62
C PRO B 761 -22.59 -37.68 10.60
N ALA B 762 -23.47 -38.65 10.43
CA ALA B 762 -23.41 -39.59 9.31
C ALA B 762 -23.87 -38.98 7.99
N GLN B 763 -23.69 -39.67 6.85
CA GLN B 763 -24.15 -39.15 5.55
C GLN B 763 -25.67 -38.96 5.51
N GLU B 764 -26.45 -39.92 6.00
CA GLU B 764 -27.90 -39.75 6.14
C GLU B 764 -28.30 -38.70 7.18
N GLN B 765 -27.35 -38.07 7.87
CA GLN B 765 -27.55 -36.96 8.81
C GLN B 765 -27.04 -35.62 8.26
N ALA B 766 -26.86 -35.50 6.94
CA ALA B 766 -26.29 -34.33 6.26
C ALA B 766 -27.04 -33.02 6.47
N ARG B 767 -28.34 -33.07 6.80
CA ARG B 767 -29.13 -31.91 7.25
C ARG B 767 -29.95 -32.23 8.51
N ASP B 768 -29.60 -33.30 9.22
CA ASP B 768 -30.34 -33.77 10.40
C ASP B 768 -29.95 -33.01 11.66
N ALA B 769 -30.56 -31.84 11.83
CA ALA B 769 -30.36 -31.03 13.01
C ALA B 769 -30.68 -31.77 14.30
N ALA B 770 -31.59 -32.75 14.28
CA ALA B 770 -31.92 -33.49 15.49
C ALA B 770 -30.75 -34.41 15.86
N ALA B 771 -30.16 -35.11 14.89
CA ALA B 771 -28.92 -35.84 15.12
C ALA B 771 -27.80 -34.90 15.55
N TRP B 772 -27.70 -33.69 14.99
CA TRP B 772 -26.69 -32.71 15.42
C TRP B 772 -26.92 -32.32 16.87
N ALA B 773 -28.16 -32.06 17.26
CA ALA B 773 -28.51 -31.73 18.62
C ALA B 773 -28.17 -32.87 19.57
N GLU B 774 -28.53 -34.10 19.22
CA GLU B 774 -28.12 -35.27 19.97
C GLU B 774 -26.60 -35.34 20.04
N ALA B 775 -25.90 -35.17 18.93
CA ALA B 775 -24.45 -35.23 18.87
C ALA B 775 -23.81 -34.20 19.79
N ILE B 776 -24.32 -32.97 19.80
CA ILE B 776 -23.84 -31.92 20.70
C ILE B 776 -24.05 -32.34 22.14
N GLN B 777 -25.17 -32.98 22.44
CA GLN B 777 -25.55 -33.36 23.79
C GLN B 777 -24.88 -34.66 24.28
N ARG B 778 -24.60 -35.59 23.38
CA ARG B 778 -24.03 -36.94 23.59
C ARG B 778 -22.51 -36.93 23.52
N HIS B 779 -21.99 -36.52 22.38
CA HIS B 779 -20.58 -36.32 22.10
C HIS B 779 -20.16 -34.87 22.43
N ALA B 780 -20.93 -34.18 23.30
CA ALA B 780 -20.49 -33.03 24.09
C ALA B 780 -19.72 -31.96 23.29
N VAL B 781 -20.27 -31.54 22.16
CA VAL B 781 -19.61 -30.61 21.23
C VAL B 781 -19.37 -29.28 21.91
N SER B 782 -18.17 -28.74 21.81
CA SER B 782 -17.82 -27.40 22.28
C SER B 782 -17.66 -26.39 21.16
N LEU B 783 -17.25 -26.78 19.96
CA LEU B 783 -16.91 -25.83 18.91
C LEU B 783 -17.75 -26.11 17.68
N TRP B 784 -18.95 -25.56 17.70
CA TRP B 784 -19.75 -25.55 16.50
C TRP B 784 -19.03 -24.80 15.39
N ASN B 785 -19.14 -25.28 14.16
CA ASN B 785 -18.61 -24.63 12.98
C ASN B 785 -19.56 -24.87 11.80
N SER B 786 -20.07 -23.83 11.14
CA SER B 786 -20.97 -24.00 10.00
C SER B 786 -21.18 -22.78 9.11
N ALA B 787 -21.81 -22.95 7.94
CA ALA B 787 -22.56 -21.86 7.34
C ALA B 787 -23.75 -21.50 8.23
N PRO B 788 -24.20 -20.24 8.31
CA PRO B 788 -25.22 -19.86 9.27
C PRO B 788 -26.56 -20.54 9.05
N ALA B 789 -26.94 -20.85 7.82
CA ALA B 789 -28.17 -21.60 7.56
C ALA B 789 -28.19 -22.93 8.33
N LEU B 790 -27.05 -23.59 8.50
CA LEU B 790 -26.99 -24.83 9.27
C LEU B 790 -27.15 -24.56 10.76
N LEU B 791 -26.69 -23.44 11.31
CA LEU B 791 -27.01 -23.10 12.69
C LEU B 791 -28.45 -22.59 12.84
N GLU B 792 -29.03 -21.93 11.86
CA GLU B 792 -30.47 -21.68 11.86
C GLU B 792 -31.27 -23.00 11.83
N MET B 793 -30.78 -24.00 11.09
CA MET B 793 -31.32 -25.35 11.10
C MET B 793 -31.25 -25.96 12.50
N ALA B 794 -30.11 -25.87 13.18
CA ALA B 794 -29.95 -26.33 14.55
C ALA B 794 -30.85 -25.57 15.54
N LEU B 795 -30.85 -24.25 15.50
CA LEU B 795 -31.68 -23.43 16.39
C LEU B 795 -33.18 -23.53 16.12
N SER B 796 -33.59 -24.04 14.97
CA SER B 796 -35.01 -24.38 14.70
C SER B 796 -35.58 -25.37 15.73
N LEU B 797 -34.74 -26.09 16.47
CA LEU B 797 -35.15 -27.06 17.46
C LEU B 797 -35.16 -26.44 18.86
N PRO B 798 -36.24 -26.51 19.65
CA PRO B 798 -36.34 -25.93 20.99
C PRO B 798 -35.28 -26.43 21.97
N ALA B 799 -34.88 -25.59 22.92
CA ALA B 799 -33.77 -25.87 23.84
C ALA B 799 -33.97 -27.15 24.66
N SER B 800 -35.20 -27.39 25.09
CA SER B 800 -35.57 -28.61 25.84
C SER B 800 -35.33 -29.88 25.04
N GLN B 801 -35.54 -29.83 23.73
CA GLN B 801 -35.29 -30.93 22.79
C GLN B 801 -33.83 -31.01 22.32
N ALA B 802 -33.10 -29.89 22.40
CA ALA B 802 -31.83 -29.69 21.73
C ALA B 802 -30.92 -28.79 22.58
N ASP B 803 -30.21 -29.39 23.53
CA ASP B 803 -29.36 -28.69 24.48
C ASP B 803 -27.99 -28.37 23.90
N TYR B 804 -27.71 -27.10 23.59
CA TYR B 804 -26.42 -26.70 23.04
C TYR B 804 -25.45 -26.17 24.08
N ARG B 805 -25.76 -26.23 25.38
CA ARG B 805 -25.01 -25.56 26.45
C ARG B 805 -23.57 -26.04 26.65
N SER B 806 -23.13 -26.98 25.85
CA SER B 806 -21.74 -27.40 25.73
C SER B 806 -20.91 -26.55 24.75
N LEU B 807 -21.53 -25.85 23.80
CA LEU B 807 -20.84 -24.99 22.82
C LEU B 807 -20.10 -23.84 23.53
N ARG B 808 -18.79 -23.98 23.60
CA ARG B 808 -17.81 -23.07 24.22
C ARG B 808 -17.48 -21.87 23.32
N ALA B 809 -17.52 -22.06 22.00
CA ALA B 809 -17.41 -21.00 21.02
C ALA B 809 -17.98 -21.48 19.68
N VAL B 810 -18.32 -20.56 18.79
CA VAL B 810 -19.12 -20.89 17.59
C VAL B 810 -18.52 -20.20 16.38
N LEU B 811 -18.35 -20.90 15.26
CA LEU B 811 -17.81 -20.33 14.03
C LEU B 811 -18.87 -20.29 12.95
N LEU B 812 -19.16 -19.12 12.41
CA LEU B 812 -20.16 -18.95 11.36
C LEU B 812 -19.59 -18.24 10.14
N SER B 813 -20.03 -18.66 8.97
CA SER B 813 -19.18 -18.52 7.78
C SER B 813 -19.93 -18.56 6.46
N GLY B 814 -19.30 -18.14 5.36
CA GLY B 814 -19.67 -18.58 4.01
C GLY B 814 -21.01 -18.08 3.43
N ASP B 815 -21.84 -17.44 4.23
CA ASP B 815 -23.14 -16.85 3.86
C ASP B 815 -23.54 -15.87 4.97
N TRP B 816 -24.52 -15.00 4.74
CA TRP B 816 -24.90 -13.94 5.66
C TRP B 816 -25.37 -14.49 7.00
N VAL B 817 -24.74 -14.06 8.08
CA VAL B 817 -25.33 -14.22 9.42
C VAL B 817 -26.46 -13.21 9.56
N ALA B 818 -27.66 -13.65 9.87
CA ALA B 818 -28.73 -12.74 10.27
C ALA B 818 -28.31 -12.03 11.56
N LEU B 819 -28.44 -10.71 11.63
CA LEU B 819 -27.91 -9.90 12.74
C LEU B 819 -28.33 -10.44 14.11
N ASP B 820 -29.57 -10.87 14.22
CA ASP B 820 -30.13 -11.35 15.47
C ASP B 820 -29.56 -12.70 15.89
N LEU B 821 -28.88 -13.45 15.02
CA LEU B 821 -28.48 -14.82 15.29
C LEU B 821 -27.67 -14.98 16.58
N PRO B 822 -26.63 -14.17 16.87
CA PRO B 822 -26.02 -14.13 18.19
C PRO B 822 -27.01 -13.84 19.30
N GLY B 823 -27.90 -12.87 19.08
CA GLY B 823 -29.01 -12.59 19.97
C GLY B 823 -29.87 -13.80 20.29
N ARG B 824 -30.12 -14.67 19.31
CA ARG B 824 -30.86 -15.94 19.51
C ARG B 824 -30.01 -17.01 20.17
N LEU B 825 -28.73 -17.08 19.80
CA LEU B 825 -27.78 -18.13 20.15
C LEU B 825 -27.25 -18.02 21.58
N ARG B 826 -27.10 -16.81 22.11
CA ARG B 826 -26.58 -16.52 23.45
C ARG B 826 -27.19 -17.38 24.58
N PRO B 827 -28.51 -17.62 24.65
CA PRO B 827 -29.09 -18.52 25.64
C PRO B 827 -28.91 -20.02 25.37
N ARG B 828 -28.64 -20.42 24.13
CA ARG B 828 -28.68 -21.82 23.69
C ARG B 828 -27.32 -22.51 23.86
N CYS B 829 -26.25 -21.86 23.41
CA CYS B 829 -24.87 -22.29 23.65
C CYS B 829 -24.43 -22.06 25.11
N ALA B 830 -23.18 -22.38 25.45
CA ALA B 830 -22.71 -22.28 26.84
C ALA B 830 -22.66 -20.82 27.34
N GLU B 831 -22.54 -20.65 28.65
CA GLU B 831 -22.07 -19.39 29.21
C GLU B 831 -20.66 -19.06 28.72
N GLY B 832 -20.37 -17.79 28.49
CA GLY B 832 -19.23 -17.37 27.67
C GLY B 832 -19.44 -17.77 26.20
N CYS B 833 -20.60 -17.42 25.64
CA CYS B 833 -21.13 -17.95 24.39
C CYS B 833 -20.16 -17.86 23.20
N ARG B 834 -19.46 -16.74 23.06
CA ARG B 834 -18.37 -16.53 22.10
C ARG B 834 -18.72 -16.96 20.68
N LEU B 835 -19.69 -16.28 20.08
CA LEU B 835 -19.83 -16.37 18.64
C LEU B 835 -18.63 -15.70 17.96
N HIS B 836 -18.16 -16.30 16.88
CA HIS B 836 -17.30 -15.68 15.91
C HIS B 836 -17.96 -15.81 14.55
N VAL B 837 -18.08 -14.72 13.84
CA VAL B 837 -18.51 -14.71 12.45
C VAL B 837 -17.28 -14.46 11.62
N LEU B 838 -17.11 -15.23 10.56
CA LEU B 838 -15.90 -15.27 9.79
C LEU B 838 -16.22 -15.12 8.31
N GLY B 839 -15.26 -14.64 7.54
CA GLY B 839 -15.52 -14.16 6.19
C GLY B 839 -14.64 -14.80 5.13
N GLY B 840 -14.88 -14.45 3.88
CA GLY B 840 -13.96 -14.75 2.78
C GLY B 840 -14.17 -16.08 2.09
N ALA B 841 -13.70 -16.18 0.84
CA ALA B 841 -13.95 -17.34 0.00
C ALA B 841 -13.04 -18.52 0.35
N THR B 842 -13.10 -19.63 -0.38
CA THR B 842 -12.12 -20.70 -0.24
C THR B 842 -10.77 -20.30 -0.76
N GLU B 843 -10.75 -19.37 -1.70
CA GLU B 843 -9.53 -18.84 -2.30
C GLU B 843 -8.67 -18.09 -1.31
N ALA B 844 -9.12 -17.88 -0.09
CA ALA B 844 -8.33 -17.40 1.01
C ALA B 844 -8.42 -18.31 2.22
N GLY B 845 -8.33 -19.62 1.97
CA GLY B 845 -8.40 -20.62 3.02
C GLY B 845 -9.81 -20.71 3.61
N ILE B 846 -9.91 -21.31 4.78
CA ILE B 846 -11.21 -21.59 5.38
C ILE B 846 -11.97 -20.28 5.65
N TRP B 847 -11.24 -19.24 6.05
CA TRP B 847 -11.75 -17.91 6.26
C TRP B 847 -10.63 -16.89 6.24
N SER B 848 -11.02 -15.62 6.17
CA SER B 848 -10.08 -14.52 6.15
C SER B 848 -10.37 -13.42 7.14
N ASN B 849 -11.42 -13.54 7.93
CA ASN B 849 -11.88 -12.53 8.88
C ASN B 849 -12.44 -13.17 10.11
N LEU B 850 -12.47 -12.44 11.19
CA LEU B 850 -13.21 -12.82 12.36
C LEU B 850 -13.75 -11.57 13.00
N GLN B 851 -15.05 -11.54 13.19
CA GLN B 851 -15.76 -10.65 14.08
C GLN B 851 -16.20 -11.47 15.28
N SER B 852 -15.64 -11.22 16.46
CA SER B 852 -16.21 -11.75 17.69
C SER B 852 -17.52 -11.05 17.96
N VAL B 853 -18.50 -11.77 18.48
CA VAL B 853 -19.75 -11.19 18.92
C VAL B 853 -20.05 -11.65 20.33
N ASP B 854 -20.08 -10.72 21.28
CA ASP B 854 -20.77 -10.90 22.55
C ASP B 854 -22.23 -10.48 22.39
N THR B 855 -22.47 -9.32 21.76
CA THR B 855 -23.79 -8.78 21.44
C THR B 855 -23.70 -7.75 20.30
N VAL B 856 -24.76 -7.58 19.51
CA VAL B 856 -24.72 -6.71 18.34
C VAL B 856 -24.68 -5.25 18.77
N PRO B 857 -23.67 -4.45 18.39
CA PRO B 857 -23.76 -3.01 18.47
C PRO B 857 -24.72 -2.52 17.39
N PRO B 858 -25.63 -1.59 17.73
CA PRO B 858 -26.89 -1.43 17.01
C PRO B 858 -26.75 -1.05 15.55
N HIS B 859 -25.65 -0.40 15.15
CA HIS B 859 -25.51 0.13 13.81
C HIS B 859 -25.15 -0.91 12.74
N TRP B 860 -24.90 -2.17 13.09
CA TRP B 860 -24.63 -3.22 12.11
C TRP B 860 -25.86 -3.50 11.23
N ARG B 861 -25.72 -3.49 9.90
CA ARG B 861 -26.80 -3.87 8.96
C ARG B 861 -26.58 -5.24 8.32
N SER B 862 -25.35 -5.72 8.36
CA SER B 862 -24.94 -7.13 8.26
C SER B 862 -23.89 -7.34 9.35
N ILE B 863 -23.70 -8.57 9.86
CA ILE B 863 -22.57 -8.76 10.78
C ILE B 863 -21.31 -8.62 9.97
N PRO B 864 -20.47 -7.62 10.27
CA PRO B 864 -19.36 -7.26 9.42
C PRO B 864 -18.35 -8.38 9.39
N TYR B 865 -17.55 -8.47 8.33
CA TYR B 865 -16.25 -9.05 8.52
C TYR B 865 -15.52 -8.18 9.55
N GLY B 866 -14.96 -8.76 10.59
CA GLY B 866 -14.22 -7.97 11.57
C GLY B 866 -12.85 -7.58 11.04
N ARG B 867 -11.85 -7.61 11.91
CA ARG B 867 -10.47 -7.55 11.44
C ARG B 867 -10.21 -8.70 10.46
N PRO B 868 -9.37 -8.52 9.44
CA PRO B 868 -8.71 -9.64 8.78
C PRO B 868 -8.00 -10.53 9.79
N LEU B 869 -8.01 -11.84 9.55
CA LEU B 869 -7.35 -12.80 10.42
C LEU B 869 -5.81 -12.67 10.38
N PRO B 870 -5.10 -13.01 11.46
CA PRO B 870 -3.65 -12.91 11.53
C PRO B 870 -2.97 -13.45 10.28
N GLY B 871 -2.03 -12.70 9.73
CA GLY B 871 -1.28 -13.12 8.55
C GLY B 871 -2.03 -13.00 7.23
N GLN B 872 -3.22 -12.43 7.21
CA GLN B 872 -3.95 -12.18 5.96
C GLN B 872 -4.79 -10.92 6.04
N ALA B 873 -5.19 -10.40 4.88
CA ALA B 873 -5.54 -9.00 4.74
C ALA B 873 -6.73 -8.78 3.83
N TYR B 874 -7.37 -7.64 3.98
CA TYR B 874 -8.39 -7.17 3.07
C TYR B 874 -8.07 -5.80 2.54
N ARG B 875 -7.94 -5.69 1.24
CA ARG B 875 -8.10 -4.42 0.54
C ARG B 875 -9.55 -4.34 0.14
N VAL B 876 -10.09 -3.15 0.09
CA VAL B 876 -11.31 -2.91 -0.65
C VAL B 876 -10.88 -2.09 -1.84
N VAL B 877 -11.18 -2.53 -3.05
CA VAL B 877 -10.75 -1.81 -4.24
C VAL B 877 -11.93 -1.30 -5.03
N ASP B 878 -11.68 -0.23 -5.76
CA ASP B 878 -12.49 0.13 -6.88
C ASP B 878 -12.26 -0.87 -8.02
N THR B 879 -13.20 -0.90 -8.95
CA THR B 879 -13.09 -1.46 -10.28
C THR B 879 -11.70 -1.30 -10.93
N HIS B 880 -11.03 -0.16 -10.78
CA HIS B 880 -9.71 0.08 -11.35
C HIS B 880 -8.54 -0.36 -10.46
N GLY B 881 -8.79 -1.15 -9.42
CA GLY B 881 -7.76 -1.81 -8.62
C GLY B 881 -7.11 -0.94 -7.56
N ARG B 882 -7.14 0.38 -7.71
CA ARG B 882 -6.90 1.34 -6.62
C ARG B 882 -7.76 1.02 -5.41
N ASP B 883 -7.22 1.20 -4.23
CA ASP B 883 -7.97 0.99 -2.99
C ASP B 883 -9.02 2.08 -2.81
N VAL B 884 -10.23 1.75 -2.39
CA VAL B 884 -11.23 2.77 -2.03
C VAL B 884 -11.00 3.29 -0.62
N PRO B 885 -11.34 4.53 -0.31
CA PRO B 885 -11.41 5.08 1.03
C PRO B 885 -12.44 4.39 1.91
N ASP B 886 -12.44 4.70 3.19
CA ASP B 886 -13.40 4.12 4.12
C ASP B 886 -14.83 4.51 3.77
N LEU B 887 -15.77 3.64 4.10
CA LEU B 887 -17.20 3.74 3.87
C LEU B 887 -17.61 3.75 2.40
N VAL B 888 -16.68 3.85 1.46
CA VAL B 888 -16.93 3.65 0.05
C VAL B 888 -17.08 2.17 -0.25
N VAL B 889 -18.14 1.75 -0.92
CA VAL B 889 -18.26 0.36 -1.33
C VAL B 889 -17.25 0.06 -2.43
N GLY B 890 -16.55 -1.05 -2.30
CA GLY B 890 -15.74 -1.59 -3.38
C GLY B 890 -15.69 -3.09 -3.32
N GLU B 891 -15.06 -3.68 -4.33
CA GLU B 891 -14.77 -5.10 -4.37
C GLU B 891 -13.81 -5.47 -3.26
N LEU B 892 -13.91 -6.65 -2.67
CA LEU B 892 -12.98 -7.07 -1.62
C LEU B 892 -11.89 -7.91 -2.23
N TRP B 893 -10.65 -7.55 -1.93
CA TRP B 893 -9.47 -8.27 -2.32
C TRP B 893 -8.83 -8.83 -1.07
N ILE B 894 -8.64 -10.15 -1.01
CA ILE B 894 -8.09 -10.84 0.15
C ILE B 894 -6.64 -11.13 -0.11
N GLY B 895 -5.75 -10.96 0.86
CA GLY B 895 -4.32 -11.00 0.63
C GLY B 895 -3.54 -11.81 1.62
N GLY B 896 -2.36 -12.27 1.22
CA GLY B 896 -1.34 -12.75 2.14
C GLY B 896 -1.30 -14.24 2.40
N ALA B 897 -0.90 -14.62 3.61
CA ALA B 897 -0.45 -15.97 3.92
C ALA B 897 -1.56 -17.03 3.97
N SER B 898 -2.77 -16.72 3.53
CA SER B 898 -3.90 -17.65 3.46
C SER B 898 -4.45 -17.90 2.06
N LEU B 899 -3.83 -17.39 1.01
CA LEU B 899 -4.40 -17.52 -0.32
C LEU B 899 -4.22 -18.90 -0.93
N ALA B 900 -5.23 -19.33 -1.65
CA ALA B 900 -5.13 -20.46 -2.53
C ALA B 900 -4.04 -20.25 -3.56
N ARG B 901 -3.48 -21.36 -4.03
CA ARG B 901 -2.57 -21.47 -5.16
C ARG B 901 -3.16 -20.85 -6.41
N GLY B 902 -4.45 -20.99 -6.61
CA GLY B 902 -5.20 -20.57 -7.78
C GLY B 902 -6.30 -21.57 -8.08
N TYR B 903 -6.63 -21.74 -9.35
CA TYR B 903 -7.50 -22.79 -9.80
C TYR B 903 -6.74 -23.96 -10.43
N ARG B 904 -7.09 -25.18 -10.01
CA ARG B 904 -6.31 -26.42 -10.14
C ARG B 904 -5.82 -26.77 -11.54
N ASN B 905 -6.63 -26.51 -12.57
CA ASN B 905 -6.21 -26.45 -13.96
C ASN B 905 -6.96 -25.32 -14.68
N ASP B 906 -6.93 -24.12 -14.09
CA ASP B 906 -7.32 -22.93 -14.84
C ASP B 906 -6.42 -21.76 -14.47
N PRO B 907 -5.15 -21.79 -14.90
CA PRO B 907 -4.26 -20.67 -14.68
C PRO B 907 -4.83 -19.40 -15.35
N GLU B 908 -5.56 -19.57 -16.45
CA GLU B 908 -6.10 -18.48 -17.25
C GLU B 908 -7.19 -17.70 -16.51
N LEU B 909 -8.16 -18.36 -15.91
CA LEU B 909 -9.10 -17.68 -15.01
C LEU B 909 -8.45 -17.27 -13.69
N SER B 910 -7.43 -17.99 -13.23
CA SER B 910 -6.75 -17.59 -12.01
C SER B 910 -6.15 -16.20 -12.18
N ALA B 911 -5.60 -15.85 -13.34
CA ALA B 911 -5.05 -14.50 -13.58
C ALA B 911 -6.10 -13.37 -13.51
N ARG B 912 -7.40 -13.66 -13.63
CA ARG B 912 -8.49 -12.70 -13.40
C ARG B 912 -8.91 -12.64 -11.94
N ARG B 913 -9.06 -13.80 -11.30
CA ARG B 913 -9.53 -13.90 -9.92
C ARG B 913 -8.42 -13.75 -8.89
N PHE B 914 -7.16 -13.75 -9.29
CA PHE B 914 -6.02 -13.40 -8.47
C PHE B 914 -5.20 -12.39 -9.23
N VAL B 915 -4.65 -11.42 -8.51
CA VAL B 915 -3.94 -10.28 -9.06
C VAL B 915 -2.73 -9.99 -8.22
N HIS B 916 -1.79 -9.25 -8.78
CA HIS B 916 -0.54 -8.88 -8.12
C HIS B 916 -0.26 -7.40 -8.29
N ASP B 917 0.00 -6.71 -7.18
CA ASP B 917 0.27 -5.27 -7.11
C ASP B 917 1.60 -5.00 -6.41
N ALA B 918 1.96 -3.73 -6.21
CA ALA B 918 3.01 -3.37 -5.25
C ALA B 918 2.74 -4.00 -3.87
N GLN B 919 1.46 -4.11 -3.48
CA GLN B 919 1.04 -4.81 -2.26
C GLN B 919 1.01 -6.34 -2.40
N GLY B 920 1.65 -6.93 -3.39
CA GLY B 920 1.75 -8.39 -3.48
C GLY B 920 0.48 -9.05 -3.98
N ARG B 921 0.24 -10.29 -3.60
CA ARG B 921 -0.82 -11.13 -4.16
C ARG B 921 -2.16 -10.86 -3.50
N TRP B 922 -3.21 -10.77 -4.31
CA TRP B 922 -4.59 -10.59 -3.85
C TRP B 922 -5.54 -11.51 -4.60
N TYR B 923 -6.42 -12.16 -3.87
CA TYR B 923 -7.58 -12.83 -4.43
C TYR B 923 -8.72 -11.84 -4.56
N ARG B 924 -9.21 -11.67 -5.77
CA ARG B 924 -10.28 -10.77 -6.12
C ARG B 924 -11.62 -11.46 -5.89
N THR B 925 -12.28 -11.23 -4.76
CA THR B 925 -13.46 -12.02 -4.37
C THR B 925 -14.67 -11.83 -5.26
N GLY B 926 -14.80 -10.66 -5.88
CA GLY B 926 -16.08 -10.20 -6.41
C GLY B 926 -17.13 -9.88 -5.34
N ASP B 927 -16.92 -10.18 -4.06
CA ASP B 927 -17.74 -9.63 -2.99
C ASP B 927 -17.61 -8.12 -2.95
N ARG B 928 -18.65 -7.45 -2.48
CA ARG B 928 -18.69 -6.01 -2.31
C ARG B 928 -18.80 -5.68 -0.84
N GLY B 929 -18.08 -4.69 -0.39
CA GLY B 929 -18.02 -4.34 1.03
C GLY B 929 -17.30 -3.02 1.20
N ARG B 930 -17.19 -2.56 2.45
CA ARG B 930 -16.59 -1.26 2.75
C ARG B 930 -15.97 -1.25 4.11
N TYR B 931 -14.84 -0.59 4.23
CA TYR B 931 -14.28 -0.33 5.54
C TYR B 931 -15.14 0.64 6.33
N TRP B 932 -15.03 0.63 7.64
CA TRP B 932 -15.54 1.66 8.53
C TRP B 932 -14.41 2.45 9.18
N GLY B 933 -14.75 3.52 9.89
CA GLY B 933 -13.79 4.36 10.59
C GLY B 933 -12.94 3.63 11.65
N ASP B 934 -13.42 2.53 12.22
CA ASP B 934 -12.62 1.70 13.14
C ASP B 934 -11.93 0.52 12.45
N GLY B 935 -11.89 0.53 11.12
CA GLY B 935 -11.36 -0.56 10.30
C GLY B 935 -12.24 -1.80 10.23
N THR B 936 -13.39 -1.87 10.89
CA THR B 936 -14.34 -2.96 10.67
C THR B 936 -14.73 -3.02 9.21
N LEU B 937 -14.86 -4.20 8.63
CA LEU B 937 -15.11 -4.37 7.22
C LEU B 937 -16.55 -4.84 6.99
N GLU B 938 -17.45 -3.91 6.76
CA GLU B 938 -18.83 -4.26 6.49
C GLU B 938 -18.95 -5.04 5.19
N PHE B 939 -19.75 -6.09 5.22
CA PHE B 939 -20.03 -6.90 4.06
C PHE B 939 -21.32 -6.46 3.38
N LEU B 940 -21.27 -6.34 2.05
CA LEU B 940 -22.33 -5.74 1.24
C LEU B 940 -22.51 -6.52 -0.07
N GLY B 941 -22.67 -7.84 0.05
CA GLY B 941 -23.06 -8.69 -1.04
C GLY B 941 -21.94 -8.93 -2.04
N ARG B 942 -22.26 -8.85 -3.33
CA ARG B 942 -21.37 -9.29 -4.40
C ARG B 942 -21.46 -8.39 -5.62
N VAL B 943 -20.58 -8.55 -6.59
CA VAL B 943 -20.63 -7.85 -7.87
C VAL B 943 -21.78 -8.39 -8.72
N ASP B 944 -21.96 -9.71 -8.73
CA ASP B 944 -23.26 -10.33 -8.96
C ASP B 944 -24.21 -9.95 -7.80
N GLN B 945 -25.52 -10.10 -7.96
CA GLN B 945 -26.54 -9.72 -6.94
C GLN B 945 -26.70 -8.20 -6.70
N GLN B 946 -25.64 -7.44 -6.40
CA GLN B 946 -25.71 -5.98 -6.23
C GLN B 946 -25.73 -5.24 -7.59
N VAL B 947 -26.60 -5.68 -8.51
CA VAL B 947 -26.60 -5.33 -9.94
C VAL B 947 -27.67 -4.28 -10.30
N LYS B 948 -27.55 -3.69 -11.49
CA LYS B 948 -28.62 -2.93 -12.18
C LYS B 948 -29.75 -3.86 -12.67
N VAL B 949 -30.98 -3.37 -12.70
CA VAL B 949 -32.15 -4.02 -13.36
C VAL B 949 -32.95 -2.96 -14.12
N ARG B 950 -32.69 -2.82 -15.43
CA ARG B 950 -33.29 -1.80 -16.34
C ARG B 950 -33.20 -0.34 -15.83
N GLY B 951 -32.18 -0.03 -15.03
CA GLY B 951 -32.10 1.19 -14.24
C GLY B 951 -31.23 1.06 -13.00
N GLN B 952 -31.64 1.68 -11.90
CA GLN B 952 -30.82 1.87 -10.69
C GLN B 952 -30.26 0.56 -10.11
N ARG B 953 -29.11 0.63 -9.43
CA ARG B 953 -28.51 -0.49 -8.69
C ARG B 953 -29.42 -0.97 -7.57
N ILE B 954 -29.59 -2.28 -7.48
CA ILE B 954 -30.45 -2.89 -6.47
C ILE B 954 -29.59 -3.40 -5.32
N GLU B 955 -29.91 -2.98 -4.09
CA GLU B 955 -29.36 -3.56 -2.86
C GLU B 955 -30.22 -4.75 -2.44
N LEU B 956 -30.04 -5.92 -3.06
CA LEU B 956 -30.87 -7.09 -2.74
C LEU B 956 -30.74 -7.51 -1.27
N GLY B 957 -29.65 -7.21 -0.58
CA GLY B 957 -29.55 -7.40 0.87
C GLY B 957 -30.53 -6.52 1.66
N GLU B 958 -30.89 -5.35 1.14
CA GLU B 958 -31.94 -4.48 1.69
C GLU B 958 -33.34 -5.02 1.36
N VAL B 959 -33.51 -5.70 0.21
CA VAL B 959 -34.74 -6.49 -0.05
C VAL B 959 -34.89 -7.59 0.97
N GLU B 960 -33.83 -8.37 1.23
CA GLU B 960 -33.85 -9.35 2.31
C GLU B 960 -34.16 -8.69 3.65
N ALA B 961 -33.46 -7.61 4.01
CA ALA B 961 -33.64 -6.94 5.29
C ALA B 961 -35.06 -6.39 5.48
N ALA B 962 -35.64 -5.75 4.46
CA ALA B 962 -36.97 -5.18 4.49
C ALA B 962 -38.08 -6.23 4.51
N LEU B 963 -37.89 -7.35 3.83
CA LEU B 963 -38.79 -8.49 3.98
C LEU B 963 -38.63 -9.10 5.37
N CYS B 964 -37.42 -9.19 5.92
CA CYS B 964 -37.19 -9.58 7.31
C CYS B 964 -37.68 -8.55 8.35
N ALA B 965 -37.89 -7.30 7.95
CA ALA B 965 -38.54 -6.28 8.78
C ALA B 965 -40.08 -6.39 8.77
N GLN B 966 -40.68 -7.22 7.91
CA GLN B 966 -42.06 -7.67 8.13
C GLN B 966 -42.11 -8.58 9.36
N ALA B 967 -43.02 -8.33 10.30
CA ALA B 967 -43.31 -9.29 11.35
C ALA B 967 -43.81 -10.62 10.75
N GLY B 968 -43.46 -11.76 11.36
CA GLY B 968 -43.82 -13.09 10.84
C GLY B 968 -42.93 -13.64 9.72
N VAL B 969 -41.90 -12.93 9.28
CA VAL B 969 -40.86 -13.46 8.38
C VAL B 969 -39.70 -14.00 9.18
N GLU B 970 -39.21 -15.19 8.82
CA GLU B 970 -38.01 -15.77 9.41
C GLU B 970 -36.74 -15.39 8.62
N SER B 971 -36.83 -15.48 7.30
CA SER B 971 -35.76 -15.13 6.38
C SER B 971 -36.36 -14.72 5.05
N ALA B 972 -35.57 -14.03 4.24
CA ALA B 972 -35.98 -13.62 2.92
C ALA B 972 -34.78 -13.55 1.98
N CYS B 973 -35.04 -13.56 0.70
CA CYS B 973 -34.03 -13.72 -0.34
C CYS B 973 -34.48 -13.03 -1.62
N ALA B 974 -33.57 -12.76 -2.54
CA ALA B 974 -33.92 -12.17 -3.84
C ALA B 974 -32.89 -12.49 -4.94
N ALA B 975 -33.28 -12.30 -6.20
CA ALA B 975 -32.48 -12.65 -7.38
C ALA B 975 -32.81 -11.75 -8.58
N VAL B 976 -32.07 -11.91 -9.67
CA VAL B 976 -32.42 -11.38 -11.00
C VAL B 976 -32.44 -12.52 -12.03
N LEU B 977 -33.44 -12.50 -12.91
CA LEU B 977 -34.00 -13.69 -13.59
C LEU B 977 -33.58 -13.82 -15.07
N GLY B 978 -33.90 -14.96 -15.68
CA GLY B 978 -33.77 -15.20 -17.13
C GLY B 978 -34.87 -14.49 -17.97
N GLY B 979 -34.89 -14.79 -19.27
CA GLY B 979 -35.78 -14.16 -20.24
C GLY B 979 -35.34 -12.76 -20.68
N GLY B 980 -35.91 -12.26 -21.77
CA GLY B 980 -35.52 -10.96 -22.38
C GLY B 980 -35.82 -9.73 -21.52
N VAL B 981 -36.80 -9.85 -20.63
CA VAL B 981 -37.16 -8.83 -19.63
C VAL B 981 -36.11 -8.68 -18.52
N ALA B 982 -35.27 -9.70 -18.28
CA ALA B 982 -34.21 -9.73 -17.24
C ALA B 982 -34.72 -9.32 -15.84
N SER B 983 -35.96 -9.70 -15.49
CA SER B 983 -36.70 -9.16 -14.33
C SER B 983 -35.99 -9.40 -13.00
N LEU B 984 -36.16 -8.50 -12.04
CA LEU B 984 -35.92 -8.83 -10.63
C LEU B 984 -36.94 -9.86 -10.12
N GLY B 985 -36.56 -10.66 -9.12
CA GLY B 985 -37.43 -11.53 -8.34
C GLY B 985 -37.05 -11.55 -6.85
N ALA B 986 -37.99 -11.89 -5.96
CA ALA B 986 -37.78 -11.91 -4.50
C ALA B 986 -38.56 -13.05 -3.82
N VAL B 987 -38.17 -13.48 -2.63
CA VAL B 987 -38.72 -14.63 -1.91
C VAL B 987 -38.80 -14.41 -0.40
N LEU B 988 -39.96 -14.76 0.16
CA LEU B 988 -40.26 -14.77 1.59
C LEU B 988 -40.15 -16.16 2.21
N VAL B 989 -39.93 -16.21 3.52
CA VAL B 989 -40.10 -17.42 4.34
C VAL B 989 -40.75 -17.06 5.69
N PRO B 990 -41.83 -17.74 6.13
CA PRO B 990 -42.49 -17.45 7.40
C PRO B 990 -41.67 -17.92 8.61
N ARG B 991 -41.90 -17.28 9.76
CA ARG B 991 -41.57 -17.84 11.08
C ARG B 991 -42.81 -18.45 11.73
N LEU B 992 -42.61 -19.57 12.43
CA LEU B 992 -43.69 -20.44 12.88
C LEU B 992 -44.02 -20.32 14.39
N ALA B 993 -43.05 -19.93 15.23
CA ALA B 993 -43.21 -19.84 16.68
C ALA B 993 -43.82 -21.13 17.32
N PRO B 994 -43.02 -22.22 17.47
CA PRO B 994 -43.50 -23.52 17.96
C PRO B 994 -44.23 -23.47 19.31
N ARG B 995 -45.20 -24.36 19.55
CA ARG B 995 -46.00 -24.42 20.79
C ARG B 995 -46.61 -25.79 21.06
N ALA B 996 -47.04 -26.03 22.30
CA ALA B 996 -47.49 -27.33 22.81
C ALA B 996 -49.03 -27.50 22.84
N GLU B 997 -49.71 -27.20 21.74
CA GLU B 997 -51.18 -27.24 21.60
C GLU B 997 -51.74 -28.62 21.20
N GLY B 998 -50.90 -29.67 21.22
CA GLY B 998 -51.13 -30.98 20.58
C GLY B 998 -52.12 -31.94 21.24
N SER B 999 -53.01 -31.48 22.13
CA SER B 999 -53.95 -32.33 22.87
C SER B 999 -54.94 -33.07 21.96
N MET B 1000 -55.11 -34.38 22.18
CA MET B 1000 -55.97 -35.25 21.37
C MET B 1000 -56.56 -36.41 22.19
N ASP B 1001 -57.79 -36.77 21.85
CA ASP B 1001 -58.52 -37.96 22.30
C ASP B 1001 -59.31 -38.57 21.12
N LEU B 1002 -58.59 -38.91 20.05
CA LEU B 1002 -59.06 -39.36 18.73
C LEU B 1002 -60.37 -40.18 18.74
N PRO B 1003 -61.39 -39.77 17.98
CA PRO B 1003 -62.47 -40.64 17.50
C PRO B 1003 -61.93 -41.65 16.47
N ALA B 1004 -61.55 -42.84 16.96
CA ALA B 1004 -60.88 -43.89 16.20
C ALA B 1004 -61.82 -44.88 15.46
N ALA B 1005 -63.14 -44.68 15.54
CA ALA B 1005 -64.15 -45.71 15.32
C ALA B 1005 -64.30 -46.31 13.90
N GLN B 1006 -63.69 -45.70 12.88
CA GLN B 1006 -64.14 -45.86 11.49
C GLN B 1006 -63.50 -47.05 10.73
N PRO B 1007 -62.16 -47.26 10.77
CA PRO B 1007 -61.53 -48.33 9.99
C PRO B 1007 -61.84 -49.75 10.49
N PHE B 1008 -61.76 -50.75 9.61
CA PHE B 1008 -61.91 -52.18 9.92
C PHE B 1008 -61.06 -53.03 8.98
N ALA B 1009 -60.73 -54.26 9.39
CA ALA B 1009 -59.70 -55.07 8.72
C ALA B 1009 -60.05 -55.45 7.26
N GLY B 1010 -61.34 -55.51 6.91
CA GLY B 1010 -61.80 -55.66 5.53
C GLY B 1010 -61.30 -54.57 4.58
N LEU B 1011 -60.99 -53.37 5.07
CA LEU B 1011 -60.33 -52.33 4.27
C LEU B 1011 -58.91 -52.75 3.90
N ALA B 1012 -58.12 -53.21 4.88
CA ALA B 1012 -56.77 -53.70 4.62
C ALA B 1012 -56.77 -54.88 3.63
N GLU B 1013 -57.68 -55.86 3.82
CA GLU B 1013 -57.87 -56.95 2.86
C GLU B 1013 -58.19 -56.45 1.46
N ALA B 1014 -59.02 -55.41 1.32
CA ALA B 1014 -59.35 -54.84 0.03
C ALA B 1014 -58.10 -54.36 -0.69
N GLU B 1015 -57.36 -53.46 -0.04
CA GLU B 1015 -56.13 -52.89 -0.59
C GLU B 1015 -55.10 -53.98 -0.90
N ALA B 1016 -55.01 -55.01 -0.06
CA ALA B 1016 -54.06 -56.11 -0.19
C ALA B 1016 -54.42 -57.11 -1.29
N VAL B 1017 -55.67 -57.54 -1.43
CA VAL B 1017 -56.05 -58.41 -2.56
C VAL B 1017 -55.99 -57.62 -3.88
N LEU B 1018 -56.32 -56.32 -3.87
CA LEU B 1018 -56.00 -55.41 -4.98
C LEU B 1018 -54.51 -55.44 -5.30
N THR B 1019 -53.64 -55.31 -4.30
CA THR B 1019 -52.18 -55.40 -4.44
C THR B 1019 -51.72 -56.77 -4.94
N ARG B 1020 -52.36 -57.86 -4.51
CA ARG B 1020 -52.18 -59.22 -5.02
C ARG B 1020 -52.40 -59.24 -6.54
N GLU B 1021 -53.49 -58.65 -7.00
CA GLU B 1021 -53.77 -58.59 -8.43
C GLU B 1021 -52.88 -57.60 -9.18
N ILE B 1022 -52.56 -56.41 -8.66
CA ILE B 1022 -51.71 -55.48 -9.40
C ILE B 1022 -50.27 -56.01 -9.53
N LEU B 1023 -49.71 -56.58 -8.46
CA LEU B 1023 -48.42 -57.24 -8.49
C LEU B 1023 -48.45 -58.43 -9.45
N GLY B 1024 -49.39 -59.34 -9.25
CA GLY B 1024 -49.55 -60.52 -10.10
C GLY B 1024 -49.78 -60.17 -11.58
N ALA B 1025 -50.59 -59.15 -11.88
CA ALA B 1025 -50.91 -58.71 -13.23
C ALA B 1025 -49.71 -58.08 -13.92
N LEU B 1026 -48.90 -57.26 -13.24
CA LEU B 1026 -47.70 -56.74 -13.88
C LEU B 1026 -46.63 -57.83 -14.05
N LEU B 1027 -46.54 -58.78 -13.13
CA LEU B 1027 -45.73 -59.99 -13.25
C LEU B 1027 -46.30 -61.02 -14.26
N GLU B 1028 -47.42 -60.79 -14.92
CA GLU B 1028 -47.76 -61.48 -16.18
C GLU B 1028 -46.87 -60.98 -17.32
N ALA B 1029 -46.54 -59.69 -17.33
CA ALA B 1029 -45.61 -59.07 -18.27
C ALA B 1029 -44.39 -58.51 -17.51
N PRO B 1030 -43.55 -59.38 -16.93
CA PRO B 1030 -42.39 -58.94 -16.15
C PRO B 1030 -41.41 -58.09 -16.98
N LEU B 1031 -41.49 -58.15 -18.32
CA LEU B 1031 -40.81 -57.27 -19.28
C LEU B 1031 -41.03 -55.77 -19.01
N GLU B 1032 -42.18 -55.40 -18.43
CA GLU B 1032 -42.50 -54.02 -18.07
C GLU B 1032 -41.67 -53.47 -16.88
N LEU B 1033 -41.01 -54.36 -16.15
CA LEU B 1033 -40.18 -54.08 -14.97
C LEU B 1033 -38.69 -54.43 -15.24
N ASP B 1034 -37.88 -54.42 -14.19
CA ASP B 1034 -36.54 -55.02 -14.13
C ASP B 1034 -36.41 -55.86 -12.85
N ASP B 1035 -35.38 -56.67 -12.71
CA ASP B 1035 -35.25 -57.65 -11.62
C ASP B 1035 -35.20 -57.01 -10.22
N GLY B 1036 -34.60 -55.81 -10.10
CA GLY B 1036 -34.56 -55.00 -8.88
C GLY B 1036 -35.92 -54.47 -8.44
N LEU B 1037 -36.87 -54.25 -9.35
CA LEU B 1037 -38.29 -54.13 -9.02
C LEU B 1037 -38.94 -55.50 -8.79
N ARG B 1038 -38.75 -56.49 -9.68
CA ARG B 1038 -39.48 -57.76 -9.63
C ARG B 1038 -39.26 -58.54 -8.32
N ARG B 1039 -38.05 -58.59 -7.75
CA ARG B 1039 -37.83 -59.28 -6.47
C ARG B 1039 -38.65 -58.66 -5.34
N ARG B 1040 -38.62 -57.34 -5.20
CA ARG B 1040 -39.45 -56.61 -4.23
C ARG B 1040 -40.94 -56.79 -4.49
N TRP B 1041 -41.39 -56.71 -5.74
CA TRP B 1041 -42.78 -56.98 -6.13
C TRP B 1041 -43.22 -58.40 -5.75
N LEU B 1042 -42.38 -59.42 -5.97
CA LEU B 1042 -42.66 -60.79 -5.52
C LEU B 1042 -42.69 -60.92 -3.99
N ASP B 1043 -41.79 -60.23 -3.30
CA ASP B 1043 -41.76 -60.20 -1.83
C ASP B 1043 -43.01 -59.53 -1.26
N TRP B 1044 -43.46 -58.40 -1.80
CA TRP B 1044 -44.74 -57.79 -1.45
C TRP B 1044 -45.94 -58.65 -1.84
N LEU B 1045 -45.84 -59.43 -2.92
CA LEU B 1045 -46.94 -60.31 -3.34
C LEU B 1045 -47.13 -61.39 -2.29
N ALA B 1046 -46.04 -61.96 -1.76
CA ALA B 1046 -46.08 -62.83 -0.60
C ALA B 1046 -46.51 -62.09 0.68
N ASP B 1047 -45.72 -61.14 1.15
CA ASP B 1047 -45.74 -60.60 2.51
C ASP B 1047 -46.71 -59.43 2.72
N SER B 1048 -47.13 -58.77 1.64
CA SER B 1048 -48.05 -57.62 1.67
C SER B 1048 -49.38 -57.92 0.96
N ALA B 1049 -49.66 -59.19 0.68
CA ALA B 1049 -50.91 -59.62 0.04
C ALA B 1049 -51.26 -61.09 0.32
N ALA B 1050 -50.62 -62.05 -0.36
CA ALA B 1050 -51.07 -63.44 -0.46
C ALA B 1050 -50.98 -64.25 0.83
N SER B 1051 -49.93 -64.06 1.64
CA SER B 1051 -49.85 -64.67 2.98
C SER B 1051 -50.54 -63.81 4.07
N ALA B 1052 -50.52 -62.48 3.93
CA ALA B 1052 -50.87 -61.55 5.00
C ALA B 1052 -52.37 -61.27 5.14
N LEU B 1053 -53.08 -61.05 4.03
CA LEU B 1053 -54.48 -60.66 3.97
C LEU B 1053 -55.25 -61.31 2.78
N PRO B 1054 -55.07 -62.61 2.46
CA PRO B 1054 -55.88 -63.27 1.44
C PRO B 1054 -57.36 -63.34 1.87
N SER B 1055 -58.28 -63.08 0.95
CA SER B 1055 -59.72 -62.98 1.26
C SER B 1055 -60.58 -63.10 0.01
N LEU B 1056 -61.86 -63.42 0.21
CA LEU B 1056 -62.87 -63.51 -0.85
C LEU B 1056 -63.27 -62.09 -1.33
N ASP B 1057 -64.24 -62.00 -2.24
CA ASP B 1057 -64.66 -60.73 -2.83
C ASP B 1057 -65.21 -59.69 -1.83
N GLU B 1058 -65.48 -60.08 -0.58
CA GLU B 1058 -65.79 -59.15 0.51
C GLU B 1058 -64.64 -58.14 0.77
N ALA B 1059 -63.40 -58.54 0.50
CA ALA B 1059 -62.30 -57.59 0.39
C ALA B 1059 -62.58 -56.55 -0.71
N LEU B 1060 -62.73 -57.02 -1.94
CA LEU B 1060 -62.80 -56.19 -3.15
C LEU B 1060 -64.01 -55.24 -3.16
N ARG B 1061 -65.12 -55.65 -2.53
CA ARG B 1061 -66.35 -54.88 -2.38
C ARG B 1061 -66.15 -53.53 -1.69
N ARG B 1062 -65.18 -53.42 -0.77
CA ARG B 1062 -65.05 -52.24 0.11
C ARG B 1062 -64.62 -50.98 -0.64
N LEU B 1063 -64.05 -51.13 -1.84
CA LEU B 1063 -63.51 -50.04 -2.67
C LEU B 1063 -64.51 -49.48 -3.71
N GLY B 1064 -65.62 -50.14 -4.00
CA GLY B 1064 -66.45 -49.86 -5.18
C GLY B 1064 -65.81 -50.31 -6.50
N TRP B 1065 -64.50 -50.12 -6.65
CA TRP B 1065 -63.61 -50.79 -7.61
C TRP B 1065 -63.54 -52.30 -7.30
N GLN B 1066 -64.50 -53.07 -7.84
CA GLN B 1066 -64.53 -54.53 -7.72
C GLN B 1066 -63.36 -55.20 -8.46
N ALA B 1067 -63.34 -56.54 -8.54
CA ALA B 1067 -62.37 -57.31 -9.32
C ALA B 1067 -62.20 -56.82 -10.78
N ALA B 1068 -63.27 -56.29 -11.39
CA ALA B 1068 -63.22 -55.61 -12.68
C ALA B 1068 -62.34 -54.34 -12.65
N GLY B 1069 -62.44 -53.51 -11.61
CA GLY B 1069 -61.54 -52.37 -11.39
C GLY B 1069 -60.09 -52.76 -11.10
N LEU B 1070 -59.86 -53.79 -10.28
CA LEU B 1070 -58.52 -54.37 -10.07
C LEU B 1070 -57.90 -54.80 -11.39
N THR B 1071 -58.68 -55.50 -12.22
CA THR B 1071 -58.23 -56.02 -13.51
C THR B 1071 -57.97 -54.85 -14.46
N ALA B 1072 -58.87 -53.88 -14.55
CA ALA B 1072 -58.67 -52.66 -15.31
C ALA B 1072 -57.38 -51.94 -14.89
N MET B 1073 -57.11 -51.77 -13.60
CA MET B 1073 -55.85 -51.18 -13.12
C MET B 1073 -54.62 -51.98 -13.58
N GLY B 1074 -54.67 -53.33 -13.49
CA GLY B 1074 -53.59 -54.19 -13.96
C GLY B 1074 -53.35 -54.08 -15.46
N ASN B 1075 -54.42 -54.14 -16.26
CA ASN B 1075 -54.39 -53.92 -17.70
C ASN B 1075 -53.88 -52.52 -18.05
N ALA B 1076 -54.34 -51.47 -17.35
CA ALA B 1076 -53.89 -50.10 -17.55
C ALA B 1076 -52.42 -49.94 -17.17
N LEU B 1077 -51.92 -50.64 -16.14
CA LEU B 1077 -50.53 -50.58 -15.75
C LEU B 1077 -49.62 -51.27 -16.76
N ARG B 1078 -49.95 -52.49 -17.19
CA ARG B 1078 -49.25 -53.14 -18.30
C ARG B 1078 -49.28 -52.27 -19.56
N GLY B 1079 -50.42 -51.67 -19.91
CA GLY B 1079 -50.52 -50.74 -21.04
C GLY B 1079 -49.70 -49.46 -20.86
N LEU B 1080 -49.66 -48.90 -19.66
CA LEU B 1080 -48.84 -47.74 -19.30
C LEU B 1080 -47.36 -48.04 -19.54
N LEU B 1081 -46.88 -49.23 -19.17
CA LEU B 1081 -45.46 -49.58 -19.25
C LEU B 1081 -45.07 -50.17 -20.61
N ALA B 1082 -45.98 -50.85 -21.30
CA ALA B 1082 -45.87 -51.15 -22.73
C ALA B 1082 -45.90 -49.88 -23.61
N GLY B 1083 -46.45 -48.78 -23.10
CA GLY B 1083 -46.36 -47.44 -23.68
C GLY B 1083 -45.25 -46.57 -23.07
N GLU B 1084 -44.58 -47.03 -22.02
CA GLU B 1084 -43.61 -46.28 -21.20
C GLU B 1084 -44.10 -44.89 -20.74
N GLN B 1085 -45.40 -44.75 -20.49
CA GLN B 1085 -46.11 -43.53 -20.06
C GLN B 1085 -46.06 -43.28 -18.54
N ALA B 1086 -45.27 -44.06 -17.82
CA ALA B 1086 -44.73 -43.63 -16.54
C ALA B 1086 -43.63 -42.56 -16.77
N PRO B 1087 -43.62 -41.44 -16.02
CA PRO B 1087 -44.56 -41.06 -14.96
C PRO B 1087 -45.80 -40.30 -15.45
N ALA B 1088 -45.75 -39.74 -16.66
CA ALA B 1088 -46.63 -38.63 -17.07
C ALA B 1088 -48.13 -38.94 -17.01
N ALA B 1089 -48.57 -40.11 -17.50
CA ALA B 1089 -49.96 -40.56 -17.38
C ALA B 1089 -50.24 -41.40 -16.11
N LEU B 1090 -49.21 -41.91 -15.43
CA LEU B 1090 -49.37 -42.53 -14.11
C LEU B 1090 -49.91 -41.50 -13.11
N LEU B 1091 -49.26 -40.33 -13.04
CA LEU B 1091 -49.67 -39.13 -12.28
C LEU B 1091 -50.99 -38.46 -12.74
N LEU B 1092 -51.70 -39.05 -13.70
CA LEU B 1092 -52.84 -38.45 -14.42
C LEU B 1092 -54.03 -39.45 -14.53
N ASP B 1093 -54.06 -40.50 -13.70
CA ASP B 1093 -55.10 -41.54 -13.77
C ASP B 1093 -55.47 -42.11 -12.39
N PRO B 1094 -56.76 -42.12 -11.99
CA PRO B 1094 -57.20 -42.76 -10.75
C PRO B 1094 -57.03 -44.30 -10.73
N TRP B 1095 -56.78 -44.95 -11.87
CA TRP B 1095 -56.34 -46.35 -11.85
C TRP B 1095 -54.91 -46.51 -11.32
N LEU B 1096 -54.11 -45.44 -11.20
CA LEU B 1096 -52.67 -45.54 -11.05
C LEU B 1096 -52.06 -44.72 -9.91
N ALA B 1097 -52.28 -43.40 -9.87
CA ALA B 1097 -51.54 -42.49 -8.99
C ALA B 1097 -51.75 -42.76 -7.49
N PRO B 1098 -50.70 -42.82 -6.63
CA PRO B 1098 -50.83 -43.21 -5.23
C PRO B 1098 -51.80 -42.34 -4.40
N GLN B 1099 -51.78 -41.02 -4.59
CA GLN B 1099 -52.70 -40.09 -3.92
C GLN B 1099 -54.13 -40.12 -4.54
N ALA B 1100 -54.29 -40.64 -5.75
CA ALA B 1100 -55.59 -40.84 -6.39
C ALA B 1100 -56.27 -42.13 -5.94
N VAL B 1101 -55.54 -43.26 -5.93
CA VAL B 1101 -56.02 -44.49 -5.30
C VAL B 1101 -56.23 -44.27 -3.79
N ALA B 1102 -55.42 -43.43 -3.14
CA ALA B 1102 -55.66 -43.02 -1.77
C ALA B 1102 -56.95 -42.22 -1.56
N ALA B 1103 -57.58 -41.67 -2.60
CA ALA B 1103 -58.93 -41.11 -2.50
C ALA B 1103 -60.01 -42.14 -2.14
N ARG B 1104 -59.69 -43.45 -2.21
CA ARG B 1104 -60.57 -44.55 -1.83
C ARG B 1104 -59.92 -45.50 -0.83
N LEU B 1105 -58.70 -45.98 -1.09
CA LEU B 1105 -58.15 -47.18 -0.46
C LEU B 1105 -57.97 -47.13 1.06
N PRO B 1106 -57.09 -46.30 1.63
CA PRO B 1106 -56.79 -46.32 3.05
C PRO B 1106 -57.85 -45.54 3.85
N ASP B 1107 -59.09 -46.04 3.87
CA ASP B 1107 -60.27 -45.29 4.35
C ASP B 1107 -60.46 -43.92 3.63
N GLY B 1108 -60.11 -43.89 2.35
CA GLY B 1108 -59.81 -42.68 1.61
C GLY B 1108 -60.99 -41.75 1.34
N ARG B 1109 -62.16 -42.30 0.94
CA ARG B 1109 -63.22 -41.45 0.37
C ARG B 1109 -64.04 -40.75 1.44
N GLU B 1110 -64.34 -41.39 2.55
CA GLU B 1110 -65.08 -40.73 3.65
C GLU B 1110 -64.20 -39.69 4.36
N ALA B 1111 -62.88 -39.92 4.43
CA ALA B 1111 -61.92 -38.90 4.85
C ALA B 1111 -61.93 -37.71 3.87
N LEU B 1112 -61.82 -37.98 2.55
CA LEU B 1112 -61.90 -36.97 1.50
C LEU B 1112 -63.16 -36.13 1.67
N ALA B 1113 -64.31 -36.80 1.78
CA ALA B 1113 -65.61 -36.14 1.86
C ALA B 1113 -65.72 -35.19 3.05
N ARG B 1114 -65.16 -35.54 4.23
CA ARG B 1114 -65.18 -34.63 5.39
C ARG B 1114 -64.16 -33.50 5.33
N LEU B 1115 -63.03 -33.68 4.63
CA LEU B 1115 -62.07 -32.60 4.34
C LEU B 1115 -62.51 -31.72 3.15
N LEU B 1116 -63.41 -32.23 2.32
CA LEU B 1116 -64.06 -31.49 1.24
C LEU B 1116 -65.31 -30.75 1.78
N GLU B 1117 -65.95 -31.31 2.80
CA GLU B 1117 -66.70 -30.57 3.81
C GLU B 1117 -65.71 -29.80 4.72
N ALA B 1118 -66.17 -29.14 5.78
CA ALA B 1118 -65.38 -28.31 6.69
C ALA B 1118 -64.70 -27.09 6.02
N LEU B 1119 -64.87 -26.91 4.70
CA LEU B 1119 -64.80 -25.65 3.98
C LEU B 1119 -66.06 -24.82 4.34
N PRO B 1120 -65.98 -23.72 5.13
CA PRO B 1120 -67.16 -23.07 5.70
C PRO B 1120 -68.09 -22.31 4.74
N THR B 1121 -67.90 -22.42 3.42
CA THR B 1121 -68.67 -21.65 2.43
C THR B 1121 -70.19 -21.83 2.51
N PRO B 1122 -70.80 -23.02 2.76
CA PRO B 1122 -72.25 -23.10 2.95
C PRO B 1122 -72.69 -22.52 4.31
N ALA B 1123 -71.89 -22.67 5.36
CA ALA B 1123 -72.16 -22.03 6.65
C ALA B 1123 -72.13 -20.49 6.53
N ALA B 1124 -71.19 -19.93 5.78
CA ALA B 1124 -71.13 -18.52 5.43
C ALA B 1124 -72.19 -18.08 4.38
N GLY B 1125 -72.70 -19.02 3.58
CA GLY B 1125 -73.50 -18.77 2.38
C GLY B 1125 -72.74 -18.01 1.29
N GLU B 1126 -71.41 -18.02 1.32
CA GLU B 1126 -70.56 -16.96 0.75
C GLU B 1126 -69.13 -17.42 0.43
N ARG B 1127 -68.44 -16.65 -0.42
CA ARG B 1127 -67.06 -16.82 -0.91
C ARG B 1127 -66.09 -17.27 0.19
N LEU B 1128 -65.37 -18.34 -0.11
CA LEU B 1128 -64.27 -18.86 0.70
C LEU B 1128 -63.07 -19.08 -0.21
N ARG B 1129 -61.88 -18.68 0.25
CA ARG B 1129 -60.61 -18.81 -0.47
C ARG B 1129 -59.96 -20.14 -0.11
N VAL B 1130 -59.92 -21.04 -1.07
CA VAL B 1130 -59.40 -22.40 -0.93
C VAL B 1130 -58.18 -22.64 -1.81
N ALA B 1131 -57.12 -23.13 -1.18
CA ALA B 1131 -55.94 -23.61 -1.87
C ALA B 1131 -55.84 -25.11 -1.69
N VAL B 1132 -55.78 -25.87 -2.78
CA VAL B 1132 -55.35 -27.27 -2.69
C VAL B 1132 -53.86 -27.28 -2.91
N LEU B 1133 -53.10 -27.67 -1.91
CA LEU B 1133 -51.64 -27.77 -1.95
C LEU B 1133 -51.10 -28.87 -2.87
N ASP B 1134 -51.85 -29.98 -2.97
CA ASP B 1134 -51.34 -31.29 -3.41
C ASP B 1134 -52.17 -31.87 -4.55
N THR B 1135 -52.46 -31.04 -5.55
CA THR B 1135 -53.38 -31.35 -6.62
C THR B 1135 -52.96 -32.60 -7.40
N ARG B 1136 -51.67 -32.85 -7.62
CA ARG B 1136 -51.18 -33.67 -8.73
C ARG B 1136 -51.90 -33.25 -10.01
N ALA B 1137 -52.63 -34.16 -10.67
CA ALA B 1137 -53.51 -33.85 -11.80
C ALA B 1137 -55.02 -33.75 -11.45
N GLY B 1138 -55.37 -33.46 -10.20
CA GLY B 1138 -56.76 -33.20 -9.73
C GLY B 1138 -57.61 -34.44 -9.46
N LEU B 1139 -56.98 -35.61 -9.48
CA LEU B 1139 -57.61 -36.92 -9.59
C LEU B 1139 -58.53 -37.29 -8.41
N TRP B 1140 -58.15 -36.90 -7.20
CA TRP B 1140 -58.91 -37.15 -5.97
C TRP B 1140 -60.00 -36.07 -5.73
N LEU B 1141 -59.77 -34.82 -6.14
CA LEU B 1141 -60.77 -33.73 -6.15
C LEU B 1141 -61.94 -34.00 -7.09
N ASP B 1142 -61.67 -34.65 -8.22
CA ASP B 1142 -62.68 -35.08 -9.19
C ASP B 1142 -63.73 -36.02 -8.55
N GLN B 1143 -63.36 -36.74 -7.47
CA GLN B 1143 -64.28 -37.54 -6.64
C GLN B 1143 -65.19 -36.71 -5.71
N GLY B 1144 -65.24 -35.39 -5.85
CA GLY B 1144 -66.21 -34.57 -5.10
C GLY B 1144 -66.40 -33.13 -5.60
N MET B 1145 -65.93 -32.78 -6.80
CA MET B 1145 -65.87 -31.39 -7.26
C MET B 1145 -67.22 -30.66 -7.22
N ALA B 1146 -68.34 -31.32 -7.52
CA ALA B 1146 -69.66 -30.73 -7.35
C ALA B 1146 -69.98 -30.37 -5.89
N SER B 1147 -69.66 -31.26 -4.96
CA SER B 1147 -69.75 -31.02 -3.51
C SER B 1147 -68.72 -30.01 -2.99
N LEU B 1148 -67.71 -29.62 -3.79
CA LEU B 1148 -66.73 -28.59 -3.44
C LEU B 1148 -67.15 -27.20 -3.92
N LEU B 1149 -67.76 -27.05 -5.10
CA LEU B 1149 -68.16 -25.77 -5.73
C LEU B 1149 -69.43 -25.18 -5.07
N ARG B 1150 -69.33 -25.06 -3.75
CA ARG B 1150 -70.22 -24.45 -2.75
C ARG B 1150 -70.41 -22.94 -2.96
N PRO B 1151 -71.29 -22.26 -2.18
CA PRO B 1151 -71.66 -20.86 -2.39
C PRO B 1151 -70.48 -19.89 -2.60
N GLY B 1152 -70.34 -19.36 -3.81
CA GLY B 1152 -69.30 -18.39 -4.19
C GLY B 1152 -67.84 -18.85 -4.09
N LEU B 1153 -67.55 -20.14 -3.90
CA LEU B 1153 -66.20 -20.61 -3.54
C LEU B 1153 -65.14 -20.30 -4.61
N GLU B 1154 -63.94 -19.94 -4.14
CA GLU B 1154 -62.73 -19.76 -4.95
C GLU B 1154 -61.74 -20.89 -4.66
N LEU B 1155 -61.40 -21.71 -5.66
CA LEU B 1155 -60.38 -22.74 -5.58
C LEU B 1155 -59.21 -22.40 -6.51
N THR B 1156 -58.01 -22.41 -5.93
CA THR B 1156 -56.74 -22.47 -6.65
C THR B 1156 -56.10 -23.84 -6.46
N LEU B 1157 -55.60 -24.41 -7.56
CA LEU B 1157 -54.89 -25.67 -7.58
C LEU B 1157 -53.38 -25.43 -7.54
N PHE B 1158 -52.73 -25.98 -6.53
CA PHE B 1158 -51.29 -25.97 -6.36
C PHE B 1158 -50.74 -27.40 -6.38
N GLU B 1159 -49.55 -27.52 -6.95
CA GLU B 1159 -48.72 -28.72 -7.00
C GLU B 1159 -47.32 -28.28 -7.42
N ARG B 1160 -46.27 -29.04 -7.08
CA ARG B 1160 -44.89 -28.80 -7.55
C ARG B 1160 -44.67 -29.38 -8.97
N SER B 1161 -45.57 -29.05 -9.89
CA SER B 1161 -45.51 -29.39 -11.33
C SER B 1161 -46.25 -28.34 -12.18
N ARG B 1162 -45.89 -28.23 -13.47
CA ARG B 1162 -46.63 -27.42 -14.46
C ARG B 1162 -47.75 -28.21 -15.12
N VAL B 1163 -47.39 -29.26 -15.85
CA VAL B 1163 -48.32 -29.96 -16.77
C VAL B 1163 -49.42 -30.73 -16.06
N LEU B 1164 -49.15 -31.28 -14.87
CA LEU B 1164 -50.18 -31.96 -14.10
C LEU B 1164 -51.34 -31.01 -13.78
N LEU B 1165 -51.04 -29.75 -13.43
CA LEU B 1165 -52.06 -28.76 -13.13
C LEU B 1165 -52.83 -28.28 -14.37
N ASP B 1166 -52.14 -28.09 -15.49
CA ASP B 1166 -52.80 -27.78 -16.76
C ASP B 1166 -53.84 -28.86 -17.11
N ALA B 1167 -53.47 -30.13 -16.96
CA ALA B 1167 -54.38 -31.25 -17.16
C ALA B 1167 -55.46 -31.31 -16.05
N ALA B 1168 -55.11 -31.03 -14.79
CA ALA B 1168 -56.07 -30.95 -13.68
C ALA B 1168 -57.17 -29.95 -13.97
N ALA B 1169 -56.81 -28.72 -14.33
CA ALA B 1169 -57.71 -27.65 -14.74
C ALA B 1169 -58.32 -27.83 -16.14
N THR B 1170 -58.17 -29.02 -16.73
CA THR B 1170 -58.91 -29.47 -17.92
C THR B 1170 -59.88 -30.60 -17.60
N ARG B 1171 -59.61 -31.42 -16.56
CA ARG B 1171 -60.55 -32.44 -16.03
C ARG B 1171 -61.52 -31.86 -14.99
N LEU B 1172 -61.00 -31.08 -14.06
CA LEU B 1172 -61.74 -30.11 -13.27
C LEU B 1172 -62.06 -28.89 -14.18
N PRO B 1173 -63.18 -28.16 -13.98
CA PRO B 1173 -63.55 -27.07 -14.87
C PRO B 1173 -62.50 -25.95 -14.93
N GLU B 1174 -62.43 -25.23 -16.05
CA GLU B 1174 -61.42 -24.19 -16.36
C GLU B 1174 -61.52 -22.92 -15.49
N ARG B 1175 -62.67 -22.70 -14.85
CA ARG B 1175 -62.93 -21.63 -13.86
C ARG B 1175 -62.27 -21.87 -12.50
N ILE B 1176 -61.50 -22.95 -12.33
CA ILE B 1176 -60.69 -23.24 -11.15
C ILE B 1176 -59.23 -22.92 -11.53
N VAL B 1177 -58.57 -22.04 -10.77
CA VAL B 1177 -57.32 -21.40 -11.21
C VAL B 1177 -56.11 -22.33 -11.07
N VAL B 1178 -55.33 -22.47 -12.15
CA VAL B 1178 -54.00 -23.09 -12.10
C VAL B 1178 -53.02 -22.20 -11.32
N GLN B 1179 -52.29 -22.77 -10.38
CA GLN B 1179 -51.06 -22.17 -9.89
C GLN B 1179 -49.96 -23.21 -9.62
N ALA B 1180 -49.06 -23.36 -10.60
CA ALA B 1180 -47.86 -24.16 -10.40
C ALA B 1180 -47.02 -23.62 -9.24
N LEU B 1181 -46.66 -24.47 -8.29
CA LEU B 1181 -45.54 -24.24 -7.39
C LEU B 1181 -44.25 -24.54 -8.13
N ASP B 1182 -44.01 -23.84 -9.23
CA ASP B 1182 -43.00 -24.21 -10.21
C ASP B 1182 -41.62 -24.21 -9.57
N ASP B 1183 -40.94 -25.36 -9.55
CA ASP B 1183 -39.69 -25.53 -8.83
C ASP B 1183 -39.80 -25.20 -7.31
N GLY B 1184 -40.94 -25.58 -6.71
CA GLY B 1184 -41.28 -25.40 -5.30
C GLY B 1184 -41.99 -24.09 -4.89
N LEU B 1185 -42.23 -23.16 -5.82
CA LEU B 1185 -42.31 -21.72 -5.52
C LEU B 1185 -43.74 -21.12 -5.47
N LEU B 1186 -44.10 -20.36 -4.43
CA LEU B 1186 -45.46 -19.78 -4.27
C LEU B 1186 -45.50 -18.26 -4.54
N PRO B 1187 -46.26 -17.73 -5.54
CA PRO B 1187 -46.27 -16.29 -5.83
C PRO B 1187 -46.88 -15.38 -4.75
N ALA B 1188 -46.52 -14.09 -4.82
CA ALA B 1188 -47.02 -13.00 -3.97
C ALA B 1188 -48.56 -12.92 -3.91
N GLU B 1189 -49.18 -13.23 -5.04
CA GLU B 1189 -50.63 -13.31 -5.28
C GLU B 1189 -51.38 -14.15 -4.22
N HIS B 1190 -50.69 -15.03 -3.52
CA HIS B 1190 -51.25 -16.10 -2.70
C HIS B 1190 -50.89 -16.01 -1.22
N LEU B 1191 -49.95 -15.16 -0.84
CA LEU B 1191 -49.31 -15.27 0.46
C LEU B 1191 -50.28 -14.90 1.57
N GLY B 1192 -50.57 -15.84 2.46
CA GLY B 1192 -51.61 -15.68 3.48
C GLY B 1192 -53.01 -15.30 2.95
N ARG B 1193 -53.31 -15.55 1.67
CA ARG B 1193 -54.61 -15.22 1.06
C ARG B 1193 -55.74 -16.13 1.56
N TYR B 1194 -55.45 -17.33 2.04
CA TYR B 1194 -56.43 -18.43 2.00
C TYR B 1194 -57.08 -18.72 3.34
N ASP B 1195 -58.41 -18.66 3.36
CA ASP B 1195 -59.27 -18.95 4.51
C ASP B 1195 -59.23 -20.44 4.89
N ARG B 1196 -59.09 -21.30 3.87
CA ARG B 1196 -58.80 -22.72 4.03
C ARG B 1196 -57.71 -23.15 3.07
N VAL B 1197 -56.89 -24.07 3.55
CA VAL B 1197 -55.88 -24.74 2.74
C VAL B 1197 -56.09 -26.23 2.91
N ILE B 1198 -56.04 -26.99 1.81
CA ILE B 1198 -56.28 -28.42 1.78
C ILE B 1198 -54.98 -29.13 1.44
N SER B 1199 -54.62 -30.10 2.27
CA SER B 1199 -53.74 -31.21 1.87
C SER B 1199 -54.48 -32.53 2.02
N PHE B 1200 -54.71 -33.22 0.90
CA PHE B 1200 -55.40 -34.51 0.89
C PHE B 1200 -54.41 -35.67 0.80
N ALA B 1201 -54.28 -36.40 1.91
CA ALA B 1201 -53.41 -37.55 2.08
C ALA B 1201 -51.94 -37.22 1.76
N ALA B 1202 -51.46 -36.01 2.10
CA ALA B 1202 -50.31 -35.41 1.44
C ALA B 1202 -49.46 -34.40 2.25
N LEU B 1203 -49.41 -34.47 3.58
CA LEU B 1203 -48.31 -33.81 4.30
C LEU B 1203 -47.02 -34.63 4.20
N HIS B 1204 -47.10 -35.97 4.25
CA HIS B 1204 -45.99 -36.86 3.90
C HIS B 1204 -45.45 -36.58 2.47
N ALA B 1205 -46.28 -36.04 1.57
CA ALA B 1205 -45.86 -35.72 0.21
C ALA B 1205 -44.85 -34.56 0.15
N TYR B 1206 -44.82 -33.68 1.15
CA TYR B 1206 -43.67 -32.82 1.39
C TYR B 1206 -42.57 -33.65 2.04
N GLU B 1207 -41.37 -33.54 1.51
CA GLU B 1207 -40.28 -34.49 1.77
C GLU B 1207 -39.79 -34.46 3.23
N ALA B 1208 -40.22 -33.46 3.98
CA ALA B 1208 -40.40 -33.48 5.43
C ALA B 1208 -41.65 -32.67 5.78
N SER B 1209 -42.32 -32.97 6.89
CA SER B 1209 -43.55 -32.26 7.27
C SER B 1209 -43.32 -30.78 7.56
N ARG B 1210 -42.12 -30.39 8.02
CA ARG B 1210 -41.70 -28.99 8.18
C ARG B 1210 -41.67 -28.21 6.87
N GLU B 1211 -41.54 -28.87 5.73
CA GLU B 1211 -41.73 -28.21 4.44
C GLU B 1211 -43.22 -27.95 4.16
N GLY B 1212 -44.10 -28.94 4.34
CA GLY B 1212 -45.52 -28.79 4.02
C GLY B 1212 -46.30 -27.87 4.96
N LEU B 1213 -46.15 -28.06 6.27
CA LEU B 1213 -46.86 -27.24 7.29
C LEU B 1213 -46.48 -25.76 7.18
N ALA B 1214 -45.22 -25.49 6.84
CA ALA B 1214 -44.77 -24.14 6.60
C ALA B 1214 -45.34 -23.55 5.31
N LEU B 1215 -45.52 -24.32 4.24
CA LEU B 1215 -46.18 -23.80 3.03
C LEU B 1215 -47.64 -23.49 3.34
N ALA B 1216 -48.30 -24.30 4.15
CA ALA B 1216 -49.63 -23.97 4.66
C ALA B 1216 -49.61 -22.66 5.46
N ALA B 1217 -48.66 -22.49 6.40
CA ALA B 1217 -48.47 -21.22 7.08
C ALA B 1217 -48.21 -20.03 6.12
N ALA B 1218 -47.52 -20.24 5.00
CA ALA B 1218 -47.29 -19.21 3.98
C ALA B 1218 -48.53 -18.88 3.14
N LEU B 1219 -49.55 -19.75 3.15
CA LEU B 1219 -50.74 -19.66 2.31
C LEU B 1219 -51.98 -19.25 3.11
N LEU B 1220 -52.03 -19.61 4.40
CA LEU B 1220 -53.10 -19.34 5.35
C LEU B 1220 -53.24 -17.87 5.72
N ARG B 1221 -54.47 -17.37 5.60
CA ARG B 1221 -54.94 -16.12 6.22
C ARG B 1221 -55.10 -16.32 7.74
N PRO B 1222 -54.75 -15.36 8.62
CA PRO B 1222 -54.88 -15.50 10.08
C PRO B 1222 -56.28 -15.94 10.53
N GLN B 1223 -56.36 -16.88 11.47
CA GLN B 1223 -57.56 -17.63 11.87
C GLN B 1223 -58.18 -18.56 10.80
N GLY B 1224 -57.71 -18.52 9.55
CA GLY B 1224 -57.93 -19.56 8.56
C GLY B 1224 -57.38 -20.92 9.02
N ARG B 1225 -57.68 -22.00 8.30
CA ARG B 1225 -57.28 -23.36 8.72
C ARG B 1225 -56.67 -24.20 7.60
N LEU B 1226 -55.58 -24.89 7.89
CA LEU B 1226 -55.15 -26.05 7.10
C LEU B 1226 -56.05 -27.22 7.47
N LEU B 1227 -56.82 -27.72 6.51
CA LEU B 1227 -57.42 -29.02 6.55
C LEU B 1227 -56.43 -30.03 5.97
N LEU B 1228 -56.13 -31.05 6.75
CA LEU B 1228 -55.18 -32.07 6.41
C LEU B 1228 -55.73 -33.44 6.72
N VAL B 1229 -55.60 -34.35 5.76
CA VAL B 1229 -55.50 -35.76 6.07
C VAL B 1229 -54.14 -36.26 5.58
N ASP B 1230 -53.50 -37.15 6.33
CA ASP B 1230 -52.11 -37.55 6.07
C ASP B 1230 -51.99 -39.07 6.07
N LEU B 1231 -51.03 -39.63 5.32
CA LEU B 1231 -50.74 -41.06 5.34
C LEU B 1231 -50.02 -41.46 6.64
N LEU B 1232 -50.81 -41.98 7.60
CA LEU B 1232 -50.33 -42.38 8.93
C LEU B 1232 -49.83 -43.83 8.98
N CYS B 1233 -50.32 -44.69 8.07
CA CYS B 1233 -49.66 -45.93 7.65
C CYS B 1233 -49.92 -46.14 6.15
N GLU B 1234 -48.96 -46.69 5.41
CA GLU B 1234 -49.02 -46.78 3.94
C GLU B 1234 -50.11 -47.73 3.43
N SER B 1235 -50.77 -47.42 2.30
CA SER B 1235 -51.65 -48.38 1.61
C SER B 1235 -50.84 -49.43 0.84
N PRO B 1236 -51.16 -50.74 0.90
CA PRO B 1236 -50.48 -51.77 0.11
C PRO B 1236 -50.38 -51.48 -1.39
N LEU B 1237 -51.38 -50.81 -1.98
CA LEU B 1237 -51.34 -50.45 -3.41
C LEU B 1237 -50.66 -49.09 -3.65
N ALA B 1238 -50.84 -48.09 -2.78
CA ALA B 1238 -50.07 -46.85 -2.90
C ALA B 1238 -48.56 -47.08 -2.75
N LEU B 1239 -48.13 -48.11 -2.00
CA LEU B 1239 -46.76 -48.65 -2.04
C LEU B 1239 -46.32 -49.05 -3.46
N LEU B 1240 -47.19 -49.63 -4.29
CA LEU B 1240 -46.84 -49.92 -5.69
C LEU B 1240 -46.79 -48.65 -6.54
N GLY B 1241 -47.65 -47.66 -6.28
CA GLY B 1241 -47.47 -46.31 -6.83
C GLY B 1241 -46.06 -45.78 -6.51
N ALA B 1242 -45.66 -45.88 -5.24
CA ALA B 1242 -44.30 -45.64 -4.75
C ALA B 1242 -43.31 -46.80 -5.02
N ALA B 1243 -43.54 -47.60 -6.06
CA ALA B 1243 -42.57 -48.54 -6.63
C ALA B 1243 -42.34 -48.22 -8.11
N LEU B 1244 -43.42 -47.95 -8.83
CA LEU B 1244 -43.37 -47.40 -10.19
C LEU B 1244 -42.72 -46.01 -10.19
N LEU B 1245 -43.14 -45.18 -9.24
CA LEU B 1245 -42.53 -43.90 -8.86
C LEU B 1245 -41.69 -44.14 -7.59
N ASP B 1246 -40.68 -45.00 -7.69
CA ASP B 1246 -40.06 -45.71 -6.54
C ASP B 1246 -39.63 -44.82 -5.36
N ASP B 1247 -40.20 -45.06 -4.18
CA ASP B 1247 -39.89 -44.34 -2.94
C ASP B 1247 -40.24 -45.20 -1.71
N ARG B 1248 -39.39 -45.19 -0.69
CA ARG B 1248 -39.60 -45.90 0.58
C ARG B 1248 -40.59 -45.14 1.50
N PRO B 1249 -41.21 -45.79 2.50
CA PRO B 1249 -42.18 -45.16 3.43
C PRO B 1249 -41.63 -44.09 4.39
N LEU B 1250 -40.46 -43.51 4.11
CA LEU B 1250 -39.66 -42.69 5.05
C LEU B 1250 -40.41 -41.45 5.56
N ARG B 1251 -41.36 -40.92 4.78
CA ARG B 1251 -42.14 -39.69 5.08
C ARG B 1251 -43.16 -39.87 6.22
N LEU B 1252 -43.67 -41.09 6.41
CA LEU B 1252 -44.88 -41.38 7.20
C LEU B 1252 -44.61 -41.33 8.71
N ALA B 1253 -45.63 -40.96 9.51
CA ALA B 1253 -45.58 -41.00 10.97
C ALA B 1253 -46.99 -41.18 11.58
N GLU B 1254 -47.07 -41.59 12.84
CA GLU B 1254 -48.30 -41.80 13.62
C GLU B 1254 -49.12 -40.52 13.83
N LEU B 1255 -50.39 -40.62 14.23
CA LEU B 1255 -51.21 -39.43 14.55
C LEU B 1255 -50.58 -38.52 15.64
N PRO B 1256 -50.07 -39.03 16.77
CA PRO B 1256 -49.41 -38.18 17.77
C PRO B 1256 -48.20 -37.46 17.19
N SER B 1257 -47.45 -38.12 16.30
CA SER B 1257 -46.32 -37.55 15.58
C SER B 1257 -46.78 -36.47 14.59
N LEU B 1258 -47.91 -36.66 13.89
CA LEU B 1258 -48.51 -35.59 13.09
C LEU B 1258 -48.87 -34.38 13.98
N LEU B 1259 -49.56 -34.61 15.08
CA LEU B 1259 -49.96 -33.55 15.98
C LEU B 1259 -48.75 -32.82 16.57
N ALA B 1260 -47.67 -33.55 16.87
CA ALA B 1260 -46.42 -32.97 17.31
C ALA B 1260 -45.80 -32.10 16.21
N ASP B 1261 -45.76 -32.56 14.94
CA ASP B 1261 -45.22 -31.77 13.81
C ASP B 1261 -45.99 -30.48 13.60
N LEU B 1262 -47.31 -30.62 13.57
CA LEU B 1262 -48.26 -29.56 13.36
C LEU B 1262 -48.16 -28.51 14.46
N ALA B 1263 -48.13 -28.91 15.73
CA ALA B 1263 -47.96 -27.99 16.85
C ALA B 1263 -46.57 -27.31 16.87
N ALA B 1264 -45.51 -28.02 16.48
CA ALA B 1264 -44.20 -27.43 16.26
C ALA B 1264 -44.19 -26.38 15.14
N ALA B 1265 -44.97 -26.60 14.08
CA ALA B 1265 -45.18 -25.62 13.01
C ALA B 1265 -46.14 -24.47 13.37
N GLY B 1266 -46.49 -24.31 14.65
CA GLY B 1266 -47.19 -23.13 15.19
C GLY B 1266 -48.69 -23.09 14.95
N LEU B 1267 -49.21 -23.82 13.98
CA LEU B 1267 -50.66 -23.98 13.79
C LEU B 1267 -51.26 -24.74 14.99
N ALA B 1268 -52.49 -24.42 15.38
CA ALA B 1268 -53.12 -25.12 16.50
C ALA B 1268 -53.95 -26.31 16.00
N PRO B 1269 -53.69 -27.57 16.40
CA PRO B 1269 -54.47 -28.71 15.95
C PRO B 1269 -55.77 -28.95 16.73
N ARG B 1270 -56.83 -29.32 16.01
CA ARG B 1270 -57.93 -30.15 16.51
C ARG B 1270 -58.03 -31.39 15.62
N CYS B 1271 -57.73 -32.56 16.18
CA CYS B 1271 -58.06 -33.83 15.53
C CYS B 1271 -59.58 -33.99 15.48
N LEU B 1272 -60.13 -34.35 14.31
CA LEU B 1272 -61.57 -34.56 14.11
C LEU B 1272 -61.93 -36.06 14.10
N TRP B 1273 -61.48 -36.85 13.11
CA TRP B 1273 -61.82 -38.28 12.98
C TRP B 1273 -60.94 -39.03 11.96
N ARG B 1274 -61.15 -40.35 11.83
CA ARG B 1274 -60.61 -41.29 10.81
C ARG B 1274 -59.25 -41.93 11.07
N SER B 1275 -58.78 -41.83 12.31
CA SER B 1275 -57.86 -42.80 12.91
C SER B 1275 -56.56 -43.08 12.14
N GLU B 1276 -55.91 -44.22 12.39
CA GLU B 1276 -54.54 -44.59 12.01
C GLU B 1276 -54.27 -44.77 10.51
N ARG B 1277 -55.27 -44.55 9.66
CA ARG B 1277 -55.07 -44.50 8.20
C ARG B 1277 -54.75 -43.08 7.77
N ILE B 1278 -55.78 -42.22 7.84
CA ILE B 1278 -55.92 -40.97 7.11
C ILE B 1278 -56.70 -39.96 7.99
N ALA B 1279 -56.29 -39.75 9.25
CA ALA B 1279 -57.02 -38.87 10.15
C ALA B 1279 -57.14 -37.44 9.61
N LEU B 1280 -58.33 -36.84 9.75
CA LEU B 1280 -58.55 -35.42 9.55
C LEU B 1280 -58.15 -34.64 10.79
N VAL B 1281 -57.23 -33.71 10.63
CA VAL B 1281 -56.92 -32.66 11.61
C VAL B 1281 -57.17 -31.31 10.93
N GLU B 1282 -57.75 -30.36 11.66
CA GLU B 1282 -57.70 -28.95 11.27
C GLU B 1282 -56.61 -28.24 12.07
N ALA B 1283 -55.81 -27.44 11.40
CA ALA B 1283 -54.77 -26.64 11.99
C ALA B 1283 -55.10 -25.15 11.81
N LEU B 1284 -55.31 -24.44 12.91
CA LEU B 1284 -55.66 -23.01 12.94
C LEU B 1284 -54.43 -22.10 12.82
N ALA B 1285 -54.55 -21.08 11.98
CA ALA B 1285 -53.54 -20.06 11.80
C ALA B 1285 -53.58 -19.03 12.95
N PRO B 1286 -52.48 -18.83 13.71
CA PRO B 1286 -52.35 -17.64 14.54
C PRO B 1286 -52.11 -16.38 13.67
N GLY B 1287 -51.63 -15.29 14.27
CA GLY B 1287 -51.14 -14.11 13.55
C GLY B 1287 -49.81 -14.37 12.83
N LEU B 1288 -49.88 -15.07 11.70
CA LEU B 1288 -48.70 -15.55 10.97
C LEU B 1288 -47.89 -14.46 10.28
N GLY B 1289 -48.45 -13.25 10.09
CA GLY B 1289 -47.78 -12.08 9.54
C GLY B 1289 -47.55 -12.10 8.01
N LEU B 1290 -47.42 -13.27 7.39
CA LEU B 1290 -47.58 -13.39 5.93
C LEU B 1290 -49.06 -13.23 5.53
N ASP B 1291 -49.31 -12.21 4.73
CA ASP B 1291 -50.59 -11.78 4.20
C ASP B 1291 -50.29 -10.81 3.05
N ALA B 1292 -50.79 -11.04 1.84
CA ALA B 1292 -50.43 -10.26 0.66
C ALA B 1292 -50.68 -8.76 0.83
N ALA B 1293 -51.78 -8.38 1.49
CA ALA B 1293 -52.07 -6.97 1.76
C ALA B 1293 -51.07 -6.34 2.74
N ALA B 1294 -50.77 -7.00 3.86
CA ALA B 1294 -49.73 -6.54 4.78
C ALA B 1294 -48.34 -6.52 4.14
N LEU B 1295 -48.03 -7.51 3.28
CA LEU B 1295 -46.75 -7.65 2.60
C LEU B 1295 -46.55 -6.56 1.55
N GLN B 1296 -47.47 -6.41 0.60
CA GLN B 1296 -47.39 -5.38 -0.45
C GLN B 1296 -47.20 -3.97 0.12
N ALA B 1297 -47.97 -3.61 1.15
CA ALA B 1297 -47.79 -2.35 1.86
C ALA B 1297 -46.37 -2.21 2.45
N GLY B 1298 -45.83 -3.29 3.03
CA GLY B 1298 -44.46 -3.36 3.54
C GLY B 1298 -43.38 -3.18 2.48
N LEU B 1299 -43.63 -3.62 1.24
CA LEU B 1299 -42.75 -3.38 0.10
C LEU B 1299 -42.70 -1.89 -0.23
N GLU B 1300 -43.86 -1.28 -0.44
CA GLU B 1300 -43.93 0.15 -0.74
C GLU B 1300 -43.34 0.99 0.41
N GLN B 1301 -43.54 0.56 1.66
CA GLN B 1301 -42.98 1.20 2.84
C GLN B 1301 -41.45 1.12 2.88
N ARG B 1302 -40.92 -0.10 3.04
CA ARG B 1302 -39.52 -0.34 3.45
C ARG B 1302 -38.55 -0.48 2.28
N LEU B 1303 -39.04 -0.57 1.05
CA LEU B 1303 -38.25 -0.55 -0.17
C LEU B 1303 -38.58 0.73 -0.97
N PRO B 1304 -37.61 1.63 -1.24
CA PRO B 1304 -37.81 2.71 -2.22
C PRO B 1304 -37.98 2.15 -3.65
N GLN B 1305 -38.50 2.94 -4.59
CA GLN B 1305 -38.66 2.54 -6.00
C GLN B 1305 -37.32 2.24 -6.69
N ALA B 1306 -36.19 2.71 -6.14
CA ALA B 1306 -34.85 2.23 -6.50
C ALA B 1306 -34.70 0.69 -6.46
N MET B 1307 -35.52 0.01 -5.64
CA MET B 1307 -35.50 -1.43 -5.38
C MET B 1307 -36.91 -2.03 -5.24
N ARG B 1308 -37.88 -1.54 -6.02
CA ARG B 1308 -39.23 -2.15 -6.05
C ARG B 1308 -39.16 -3.65 -6.41
N PRO B 1309 -39.92 -4.53 -5.75
CA PRO B 1309 -40.04 -5.91 -6.18
C PRO B 1309 -40.85 -6.05 -7.47
N GLU B 1310 -40.18 -6.17 -8.61
CA GLU B 1310 -40.84 -6.40 -9.91
C GLU B 1310 -41.75 -7.65 -9.88
N ARG B 1311 -41.25 -8.73 -9.27
CA ARG B 1311 -41.95 -9.99 -9.03
C ARG B 1311 -41.58 -10.48 -7.62
N LEU B 1312 -42.47 -11.19 -6.94
CA LEU B 1312 -42.25 -11.70 -5.59
C LEU B 1312 -42.92 -13.06 -5.39
N TRP B 1313 -42.35 -13.88 -4.52
CA TRP B 1313 -42.81 -15.23 -4.16
C TRP B 1313 -42.53 -15.58 -2.67
N CYS B 1314 -42.71 -16.84 -2.29
CA CYS B 1314 -42.44 -17.40 -0.97
C CYS B 1314 -42.12 -18.91 -1.04
N LEU B 1315 -41.46 -19.43 -0.01
CA LEU B 1315 -41.10 -20.83 0.19
C LEU B 1315 -41.21 -21.20 1.68
N PRO B 1316 -41.40 -22.48 2.02
CA PRO B 1316 -41.41 -22.92 3.42
C PRO B 1316 -40.05 -22.80 4.12
N SER B 1317 -38.95 -22.73 3.38
CA SER B 1317 -37.57 -22.54 3.82
C SER B 1317 -36.74 -22.01 2.65
N LEU B 1318 -35.56 -21.44 2.89
CA LEU B 1318 -34.66 -21.13 1.77
C LEU B 1318 -33.88 -22.40 1.36
N PRO B 1319 -33.72 -22.65 0.05
CA PRO B 1319 -33.03 -23.83 -0.47
C PRO B 1319 -31.53 -23.74 -0.18
N LEU B 1320 -30.88 -24.89 -0.02
CA LEU B 1320 -29.45 -24.97 0.22
C LEU B 1320 -28.68 -25.62 -0.94
N ASN B 1321 -27.48 -25.11 -1.21
CA ASN B 1321 -26.49 -25.82 -2.00
C ASN B 1321 -25.71 -26.82 -1.12
N GLY B 1322 -24.88 -27.66 -1.71
CA GLY B 1322 -24.24 -28.77 -0.98
C GLY B 1322 -23.40 -28.32 0.21
N ASN B 1323 -22.77 -27.16 0.09
CA ASN B 1323 -22.02 -26.49 1.15
C ASN B 1323 -22.87 -25.98 2.33
N GLY B 1324 -24.19 -25.79 2.19
CA GLY B 1324 -25.02 -25.14 3.21
C GLY B 1324 -25.15 -23.60 3.09
N LYS B 1325 -24.68 -22.99 2.00
CA LYS B 1325 -25.15 -21.68 1.55
C LYS B 1325 -26.61 -21.76 1.12
N VAL B 1326 -27.34 -20.66 1.18
CA VAL B 1326 -28.58 -20.49 0.41
C VAL B 1326 -28.29 -20.52 -1.08
N ASP B 1327 -29.02 -21.34 -1.85
CA ASP B 1327 -28.78 -21.51 -3.28
C ASP B 1327 -29.41 -20.39 -4.11
N ARG B 1328 -28.73 -19.24 -4.16
CA ARG B 1328 -29.21 -18.04 -4.87
C ARG B 1328 -29.28 -18.22 -6.39
N ARG B 1329 -28.61 -19.21 -6.98
CA ARG B 1329 -28.86 -19.61 -8.38
C ARG B 1329 -30.13 -20.44 -8.52
N ARG B 1330 -30.37 -21.45 -7.68
CA ARG B 1330 -31.63 -22.20 -7.72
C ARG B 1330 -32.84 -21.32 -7.48
N LEU B 1331 -32.74 -20.32 -6.62
CA LEU B 1331 -33.80 -19.32 -6.52
C LEU B 1331 -34.00 -18.53 -7.81
N ALA B 1332 -32.92 -18.05 -8.44
CA ALA B 1332 -33.01 -17.35 -9.72
C ALA B 1332 -33.68 -18.21 -10.81
N GLU B 1333 -33.28 -19.47 -10.95
CA GLU B 1333 -33.90 -20.39 -11.91
C GLU B 1333 -35.35 -20.74 -11.54
N SER B 1334 -35.65 -20.91 -10.25
CA SER B 1334 -36.98 -21.25 -9.74
C SER B 1334 -37.96 -20.11 -10.05
N MET B 1335 -37.58 -18.89 -9.69
CA MET B 1335 -38.32 -17.70 -10.10
C MET B 1335 -38.37 -17.55 -11.63
N THR B 1336 -37.34 -17.95 -12.38
CA THR B 1336 -37.39 -17.89 -13.85
C THR B 1336 -38.42 -18.86 -14.41
N ARG B 1337 -38.42 -20.12 -13.97
CA ARG B 1337 -39.47 -21.09 -14.31
C ARG B 1337 -40.85 -20.56 -13.96
N ALA B 1338 -40.96 -19.82 -12.86
CA ALA B 1338 -42.18 -19.15 -12.43
C ALA B 1338 -42.57 -17.89 -13.24
N LEU B 1339 -41.69 -17.28 -14.03
CA LEU B 1339 -42.10 -16.33 -15.09
C LEU B 1339 -42.72 -17.06 -16.29
N GLY B 1340 -42.13 -18.17 -16.72
CA GLY B 1340 -42.55 -18.95 -17.89
C GLY B 1340 -41.69 -20.19 -18.14
N ALA B 1348 -52.01 -2.03 -20.28
CA ALA B 1348 -52.48 -2.83 -19.16
C ALA B 1348 -54.00 -2.72 -18.94
N GLU B 1349 -54.50 -3.22 -17.81
CA GLU B 1349 -55.92 -3.31 -17.47
C GLU B 1349 -56.58 -1.97 -17.05
N GLU B 1350 -57.89 -1.93 -17.14
CA GLU B 1350 -58.82 -0.79 -17.07
C GLU B 1350 -58.99 -0.10 -15.69
N PRO B 1351 -59.43 1.16 -15.64
CA PRO B 1351 -60.11 1.70 -14.46
C PRO B 1351 -61.40 0.90 -14.18
N LEU B 1352 -61.63 0.58 -12.91
CA LEU B 1352 -62.86 -0.02 -12.37
C LEU B 1352 -63.71 1.00 -11.60
N GLU B 1353 -63.07 2.01 -11.02
CA GLU B 1353 -63.67 2.96 -10.09
C GLU B 1353 -63.72 4.38 -10.69
N ALA B 1354 -64.73 5.17 -10.31
CA ALA B 1354 -64.87 6.55 -10.79
C ALA B 1354 -63.64 7.41 -10.47
N HIS B 1355 -62.99 7.19 -9.33
CA HIS B 1355 -61.70 7.82 -8.98
C HIS B 1355 -60.60 7.57 -10.03
N GLU B 1356 -60.51 6.35 -10.56
CA GLU B 1356 -59.52 5.97 -11.56
C GLU B 1356 -59.84 6.56 -12.94
N GLN B 1357 -61.11 6.53 -13.38
CA GLN B 1357 -61.50 7.25 -14.60
C GLN B 1357 -61.20 8.75 -14.46
N ALA B 1358 -61.49 9.34 -13.30
CA ALA B 1358 -61.28 10.75 -13.02
C ALA B 1358 -59.80 11.14 -12.87
N LEU B 1359 -58.94 10.23 -12.38
CA LEU B 1359 -57.51 10.43 -12.49
C LEU B 1359 -57.05 10.45 -13.94
N ALA B 1360 -57.55 9.57 -14.82
CA ALA B 1360 -57.17 9.61 -16.23
C ALA B 1360 -57.64 10.91 -16.91
N GLU B 1361 -58.82 11.43 -16.53
CA GLU B 1361 -59.25 12.80 -16.91
C GLU B 1361 -58.21 13.85 -16.48
N CYS B 1362 -57.85 13.90 -15.20
CA CYS B 1362 -56.92 14.90 -14.66
C CYS B 1362 -55.49 14.71 -15.19
N TRP B 1363 -55.03 13.48 -15.38
CA TRP B 1363 -53.75 13.17 -15.99
C TRP B 1363 -53.73 13.58 -17.46
N GLU B 1364 -54.76 13.32 -18.25
CA GLU B 1364 -54.80 13.86 -19.60
C GLU B 1364 -54.87 15.41 -19.58
N ALA B 1365 -55.54 16.00 -18.59
CA ALA B 1365 -55.54 17.44 -18.37
C ALA B 1365 -54.15 18.00 -17.94
N VAL B 1366 -53.18 17.15 -17.56
CA VAL B 1366 -51.83 17.53 -17.06
C VAL B 1366 -50.68 17.02 -17.93
N LEU B 1367 -50.61 15.72 -18.22
CA LEU B 1367 -49.66 15.07 -19.14
C LEU B 1367 -49.95 15.39 -20.63
N LYS B 1368 -51.17 15.83 -20.94
CA LYS B 1368 -51.72 16.21 -22.27
C LYS B 1368 -51.90 15.05 -23.26
N ARG B 1369 -50.87 14.22 -23.40
CA ARG B 1369 -50.88 12.88 -24.02
C ARG B 1369 -51.90 11.92 -23.36
N PRO B 1370 -52.41 10.92 -24.07
CA PRO B 1370 -53.50 10.04 -23.61
C PRO B 1370 -53.10 9.06 -22.49
N VAL B 1371 -54.08 8.65 -21.69
CA VAL B 1371 -53.95 7.77 -20.49
C VAL B 1371 -55.16 6.84 -20.40
N ARG B 1372 -54.98 5.51 -20.46
CA ARG B 1372 -56.12 4.56 -20.58
C ARG B 1372 -56.04 3.34 -19.64
N ARG B 1373 -55.13 3.34 -18.67
CA ARG B 1373 -54.70 2.17 -17.88
C ARG B 1373 -54.76 2.48 -16.39
N ARG B 1374 -55.27 1.56 -15.55
CA ARG B 1374 -55.10 1.69 -14.08
C ARG B 1374 -53.65 1.51 -13.64
N GLU B 1375 -52.82 0.83 -14.42
CA GLU B 1375 -51.36 0.73 -14.20
C GLU B 1375 -50.57 1.90 -14.83
N ALA B 1376 -51.22 2.89 -15.45
CA ALA B 1376 -50.54 4.05 -16.04
C ALA B 1376 -49.61 4.71 -15.03
N SER B 1377 -48.41 5.15 -15.45
CA SER B 1377 -47.40 5.70 -14.55
C SER B 1377 -46.95 7.10 -14.94
N PHE B 1378 -47.09 8.04 -14.01
CA PHE B 1378 -46.95 9.48 -14.21
C PHE B 1378 -45.58 9.88 -14.71
N PHE B 1379 -44.54 9.72 -13.88
CA PHE B 1379 -43.18 10.18 -14.20
C PHE B 1379 -42.62 9.51 -15.45
N SER B 1380 -42.88 8.22 -15.64
CA SER B 1380 -42.51 7.44 -16.81
C SER B 1380 -43.20 7.86 -18.10
N LEU B 1381 -44.49 8.18 -18.08
CA LEU B 1381 -45.25 8.48 -19.29
C LEU B 1381 -45.07 9.93 -19.77
N GLY B 1382 -44.91 10.89 -18.84
CA GLY B 1382 -44.80 12.30 -19.17
C GLY B 1382 -44.61 13.28 -18.01
N GLY B 1383 -44.70 12.82 -16.77
CA GLY B 1383 -44.77 13.66 -15.59
C GLY B 1383 -43.50 14.44 -15.26
N ASP B 1384 -43.69 15.59 -14.61
CA ASP B 1384 -42.69 16.42 -13.96
C ASP B 1384 -43.15 16.65 -12.52
N SER B 1385 -42.26 16.88 -11.57
CA SER B 1385 -42.64 17.41 -10.26
C SER B 1385 -43.48 18.69 -10.39
N LEU B 1386 -43.16 19.53 -11.37
CA LEU B 1386 -43.96 20.69 -11.77
C LEU B 1386 -45.39 20.29 -12.13
N LEU B 1387 -45.55 19.31 -13.00
CA LEU B 1387 -46.84 18.76 -13.37
C LEU B 1387 -47.54 18.09 -12.19
N ALA B 1388 -46.81 17.56 -11.21
CA ALA B 1388 -47.39 17.03 -9.99
C ALA B 1388 -48.04 18.15 -9.15
N THR B 1389 -47.50 19.38 -9.15
CA THR B 1389 -48.17 20.53 -8.55
C THR B 1389 -49.48 20.92 -9.26
N ARG B 1390 -49.56 20.69 -10.59
CA ARG B 1390 -50.80 20.91 -11.37
C ARG B 1390 -51.82 19.82 -11.03
N LEU B 1391 -51.37 18.56 -11.03
CA LEU B 1391 -52.14 17.36 -10.69
C LEU B 1391 -52.73 17.44 -9.28
N LEU B 1392 -51.95 17.86 -8.27
CA LEU B 1392 -52.43 18.11 -6.90
C LEU B 1392 -53.64 19.04 -6.87
N ALA B 1393 -53.59 20.16 -7.60
CA ALA B 1393 -54.74 21.08 -7.71
C ALA B 1393 -55.91 20.47 -8.51
N GLY B 1394 -55.63 19.71 -9.57
CA GLY B 1394 -56.64 18.94 -10.28
C GLY B 1394 -57.38 17.95 -9.38
N ILE B 1395 -56.68 17.29 -8.46
CA ILE B 1395 -57.26 16.39 -7.46
C ILE B 1395 -58.08 17.18 -6.41
N ARG B 1396 -57.56 18.29 -5.90
CA ARG B 1396 -58.34 19.23 -5.08
C ARG B 1396 -59.64 19.65 -5.77
N GLU B 1397 -59.60 19.94 -7.06
CA GLU B 1397 -60.74 20.40 -7.85
C GLU B 1397 -61.76 19.29 -8.18
N ARG B 1398 -61.29 18.07 -8.51
CA ARG B 1398 -62.13 16.92 -8.89
C ARG B 1398 -62.74 16.20 -7.68
N PHE B 1399 -62.07 16.18 -6.52
CA PHE B 1399 -62.49 15.37 -5.37
C PHE B 1399 -62.49 16.08 -4.01
N GLY B 1400 -61.97 17.30 -3.89
CA GLY B 1400 -61.81 18.02 -2.61
C GLY B 1400 -60.65 17.55 -1.72
N VAL B 1401 -60.13 16.35 -1.97
CA VAL B 1401 -58.97 15.78 -1.25
C VAL B 1401 -57.68 16.52 -1.62
N ARG B 1402 -56.76 16.64 -0.68
CA ARG B 1402 -55.38 17.08 -0.93
C ARG B 1402 -54.53 15.89 -1.34
N LEU B 1403 -53.27 16.13 -1.72
CA LEU B 1403 -52.34 15.07 -2.12
C LEU B 1403 -51.00 15.19 -1.37
N GLY B 1404 -50.55 14.10 -0.76
CA GLY B 1404 -49.17 13.96 -0.31
C GLY B 1404 -48.23 13.59 -1.45
N MET B 1405 -47.48 14.54 -2.01
CA MET B 1405 -46.47 14.23 -3.04
C MET B 1405 -45.32 13.35 -2.54
N ALA B 1406 -45.05 13.37 -1.23
CA ALA B 1406 -44.13 12.44 -0.56
C ALA B 1406 -44.50 10.96 -0.77
N ASP B 1407 -45.79 10.65 -0.88
CA ASP B 1407 -46.27 9.32 -1.28
C ASP B 1407 -46.17 9.14 -2.79
N PHE B 1408 -46.71 10.10 -3.55
CA PHE B 1408 -46.88 9.99 -5.00
C PHE B 1408 -45.56 9.81 -5.78
N TYR B 1409 -44.48 10.49 -5.39
CA TYR B 1409 -43.18 10.30 -6.05
C TYR B 1409 -42.62 8.88 -5.86
N ARG B 1410 -42.89 8.20 -4.74
CA ARG B 1410 -42.63 6.76 -4.56
C ARG B 1410 -43.64 5.88 -5.30
N GLN B 1411 -44.84 6.39 -5.59
CA GLN B 1411 -46.02 5.63 -6.01
C GLN B 1411 -46.61 6.24 -7.31
N PRO B 1412 -45.87 6.22 -8.44
CA PRO B 1412 -46.22 6.96 -9.66
C PRO B 1412 -47.40 6.38 -10.46
N THR B 1413 -47.93 5.22 -10.07
CA THR B 1413 -48.90 4.44 -10.85
C THR B 1413 -50.36 4.71 -10.43
N LEU B 1414 -51.27 4.83 -11.39
CA LEU B 1414 -52.60 5.43 -11.22
C LEU B 1414 -53.49 4.72 -10.19
N ALA B 1415 -53.51 3.39 -10.18
CA ALA B 1415 -54.21 2.59 -9.17
C ALA B 1415 -53.61 2.75 -7.76
N GLY B 1416 -52.33 3.13 -7.66
CA GLY B 1416 -51.69 3.52 -6.41
C GLY B 1416 -52.12 4.92 -5.97
N LEU B 1417 -52.12 5.89 -6.89
CA LEU B 1417 -52.58 7.26 -6.62
C LEU B 1417 -54.06 7.31 -6.19
N ALA B 1418 -54.90 6.46 -6.76
CA ALA B 1418 -56.33 6.43 -6.43
C ALA B 1418 -56.62 6.17 -4.94
N ARG B 1419 -55.66 5.60 -4.18
CA ARG B 1419 -55.78 5.41 -2.73
C ARG B 1419 -56.02 6.74 -2.01
N HIS B 1420 -55.35 7.83 -2.37
CA HIS B 1420 -55.54 9.15 -1.75
C HIS B 1420 -56.96 9.71 -1.91
N LEU B 1421 -57.64 9.34 -2.98
CA LEU B 1421 -59.01 9.75 -3.28
C LEU B 1421 -60.02 8.90 -2.49
N GLN B 1422 -59.76 7.59 -2.41
CA GLN B 1422 -60.53 6.62 -1.65
C GLN B 1422 -60.53 6.88 -0.13
N VAL B 1423 -59.40 7.31 0.44
CA VAL B 1423 -59.26 7.61 1.88
C VAL B 1423 -59.77 9.01 2.30
N GLN B 1424 -60.31 9.81 1.37
CA GLN B 1424 -60.73 11.20 1.58
C GLN B 1424 -59.61 12.11 2.14
N THR B 1425 -58.38 12.03 1.59
CA THR B 1425 -57.16 12.68 2.14
C THR B 1425 -57.38 14.14 2.52
#